data_4TWF
#
_entry.id   4TWF
#
_cell.length_a   106.505
_cell.length_b   266.092
_cell.length_c   112.175
_cell.angle_alpha   90.00
_cell.angle_beta   107.70
_cell.angle_gamma   90.00
#
_symmetry.space_group_name_H-M   'P 1 21 1'
#
loop_
_entity.id
_entity.type
_entity.pdbx_description
1 polymer 'Cys-loop ligand-gated ion channel'
2 non-polymer Bromomemantine
#
_entity_poly.entity_id   1
_entity_poly.type   'polypeptide(L)'
_entity_poly.pdbx_seq_one_letter_code
;PVDVSVSIFINKIYGVNTLEQTYKVDGYIVAQWTGKPRKTPGDKPLIVENTQIERWINNGLWVPALEFINVVGSPDTGNK
RLMLFPDGRVIYNARFLGSFSNDMDFRLFPFDRQQFVLELEPFSYNNQQLRFSDIQVYTENADNEEIDEWWIRGKASTHI
SDIRYDHLSSVQPNQNEFSRITVRIDAVRNPSYYLWSFILPLGLIIAASWSVFWLESFSERLQTSFTLMLTVVAYASYTS
NILPRLPYTTVIDQMIIAGYGSIFAAILLIIFAHHRQANGVEDDLLIQRCRLAFPLGFLAIGCVLVI
;
_entity_poly.pdbx_strand_id   A,B,C,D,E,F,G,H,I,J
#
# COMPACT_ATOMS: atom_id res chain seq x y z
N PRO A 1 53.69 -11.90 24.15
CA PRO A 1 52.31 -12.32 24.44
C PRO A 1 51.28 -11.29 23.95
N VAL A 2 50.75 -11.47 22.75
CA VAL A 2 49.87 -10.48 22.12
C VAL A 2 48.53 -10.33 22.81
N ASP A 3 48.22 -9.11 23.26
CA ASP A 3 46.96 -8.78 23.92
C ASP A 3 45.87 -8.62 22.87
N VAL A 4 44.82 -9.43 22.93
CA VAL A 4 43.82 -9.37 21.86
C VAL A 4 42.41 -9.02 22.31
N SER A 5 41.86 -7.96 21.73
CA SER A 5 40.46 -7.64 21.99
C SER A 5 39.53 -8.52 21.21
N VAL A 6 38.46 -8.95 21.85
CA VAL A 6 37.38 -9.69 21.22
C VAL A 6 36.04 -9.07 21.59
N SER A 7 35.12 -9.04 20.62
CA SER A 7 33.76 -8.61 20.86
C SER A 7 32.82 -9.43 20.01
N ILE A 8 31.76 -9.94 20.63
CA ILE A 8 30.80 -10.73 19.89
C ILE A 8 29.44 -10.03 19.85
N PHE A 9 28.92 -9.78 18.64
CA PHE A 9 27.61 -9.17 18.47
C PHE A 9 26.66 -10.27 18.07
N ILE A 10 25.75 -10.70 18.94
CA ILE A 10 24.83 -11.79 18.59
C ILE A 10 23.53 -11.26 17.96
N ASN A 11 23.19 -11.50 16.69
CA ASN A 11 21.87 -10.96 16.35
C ASN A 11 20.78 -12.02 16.31
N LYS A 12 21.12 -13.31 16.29
CA LYS A 12 20.06 -14.33 16.30
C LYS A 12 20.54 -15.64 16.90
N ILE A 13 19.70 -16.23 17.75
CA ILE A 13 19.91 -17.60 18.21
C ILE A 13 18.65 -18.36 17.80
N TYR A 14 18.80 -19.39 16.96
CA TYR A 14 17.63 -20.09 16.45
C TYR A 14 17.97 -21.52 16.07
N GLY A 15 16.94 -22.30 15.73
CA GLY A 15 17.11 -23.64 15.20
C GLY A 15 17.72 -24.64 16.17
N VAL A 16 17.10 -24.77 17.34
CA VAL A 16 17.55 -25.76 18.30
C VAL A 16 17.29 -27.15 17.72
N ASN A 17 18.37 -27.93 17.58
CA ASN A 17 18.30 -29.30 17.08
C ASN A 17 18.37 -30.25 18.26
N THR A 18 17.23 -30.79 18.65
CA THR A 18 17.14 -31.55 19.90
C THR A 18 17.99 -32.82 19.96
N LEU A 19 18.00 -33.61 18.90
CA LEU A 19 18.71 -34.89 18.97
C LEU A 19 20.21 -34.65 18.83
N GLU A 20 20.61 -33.70 17.98
CA GLU A 20 22.03 -33.42 17.74
C GLU A 20 22.73 -32.57 18.82
N GLN A 21 21.98 -32.02 19.77
CA GLN A 21 22.50 -31.05 20.76
C GLN A 21 23.15 -29.88 20.05
N THR A 22 22.32 -29.07 19.40
CA THR A 22 22.77 -28.12 18.40
C THR A 22 21.81 -26.94 18.32
N TYR A 23 22.37 -25.75 18.14
CA TYR A 23 21.59 -24.54 17.99
C TYR A 23 22.37 -23.61 17.06
N LYS A 24 21.70 -22.67 16.41
CA LYS A 24 22.40 -21.80 15.47
C LYS A 24 22.54 -20.39 15.99
N VAL A 25 23.63 -19.73 15.60
CA VAL A 25 24.00 -18.40 16.10
C VAL A 25 24.49 -17.51 14.96
N ASP A 26 23.79 -16.40 14.75
CA ASP A 26 24.18 -15.40 13.76
C ASP A 26 24.71 -14.15 14.47
N GLY A 27 25.82 -13.61 13.98
CA GLY A 27 26.39 -12.40 14.53
C GLY A 27 27.67 -11.97 13.87
N TYR A 28 28.42 -11.08 14.53
CA TYR A 28 29.73 -10.62 14.04
C TYR A 28 30.81 -10.78 15.11
N ILE A 29 32.03 -11.11 14.70
CA ILE A 29 33.16 -11.09 15.65
C ILE A 29 34.08 -9.93 15.39
N VAL A 30 34.60 -9.34 16.46
CA VAL A 30 35.56 -8.27 16.35
C VAL A 30 36.83 -8.50 17.17
N ALA A 31 37.95 -8.64 16.49
CA ALA A 31 39.22 -8.86 17.18
C ALA A 31 40.24 -7.79 16.82
N GLN A 32 40.87 -7.20 17.84
CA GLN A 32 41.91 -6.20 17.60
C GLN A 32 43.10 -6.38 18.52
N TRP A 33 44.26 -5.99 18.00
CA TRP A 33 45.53 -6.10 18.72
C TRP A 33 46.54 -5.10 18.15
N THR A 34 47.61 -4.85 18.87
CA THR A 34 48.58 -3.86 18.42
C THR A 34 49.81 -4.53 17.84
N GLY A 35 50.14 -4.17 16.61
CA GLY A 35 51.31 -4.70 15.94
C GLY A 35 52.38 -3.62 15.87
N LYS A 36 53.36 -3.79 14.98
CA LYS A 36 54.37 -2.76 14.85
C LYS A 36 53.88 -1.71 13.88
N PRO A 37 54.18 -0.43 14.16
CA PRO A 37 53.73 0.74 13.41
C PRO A 37 53.91 0.60 11.90
N ARG A 38 52.92 1.05 11.13
CA ARG A 38 52.91 0.86 9.69
C ARG A 38 52.72 2.19 8.95
N LYS A 39 53.09 2.18 7.68
CA LYS A 39 52.94 3.31 6.78
C LYS A 39 51.66 3.08 6.00
N THR A 40 50.66 3.92 6.23
CA THR A 40 49.38 3.76 5.54
C THR A 40 49.21 4.87 4.52
N PRO A 41 48.33 4.65 3.51
CA PRO A 41 47.93 5.75 2.63
C PRO A 41 47.50 6.99 3.41
N GLY A 42 48.15 8.12 3.13
CA GLY A 42 47.96 9.32 3.91
C GLY A 42 48.53 9.13 5.30
N ASP A 43 47.66 9.08 6.31
CA ASP A 43 48.06 8.75 7.67
C ASP A 43 46.87 8.30 8.50
N LYS A 44 45.70 8.36 7.89
CA LYS A 44 44.51 7.78 8.49
C LYS A 44 44.39 6.30 8.12
N PRO A 45 43.69 5.52 8.97
CA PRO A 45 43.67 4.07 8.76
C PRO A 45 43.10 3.64 7.41
N LEU A 46 43.60 2.51 6.94
CA LEU A 46 43.17 1.93 5.68
C LEU A 46 42.24 0.77 5.96
N ILE A 47 41.17 0.67 5.19
CA ILE A 47 40.20 -0.39 5.33
C ILE A 47 40.42 -1.40 4.21
N VAL A 48 40.43 -2.67 4.59
CA VAL A 48 40.66 -3.76 3.66
C VAL A 48 39.48 -4.73 3.74
N GLU A 49 38.68 -4.80 2.68
CA GLU A 49 37.51 -5.67 2.71
C GLU A 49 37.74 -6.93 1.88
N ASN A 50 37.19 -8.05 2.33
CA ASN A 50 37.17 -9.33 1.59
C ASN A 50 38.43 -9.72 0.81
N THR A 51 38.31 -9.67 -0.51
CA THR A 51 39.31 -10.12 -1.48
C THR A 51 40.74 -9.63 -1.19
N GLN A 52 40.87 -8.37 -0.83
CA GLN A 52 42.19 -7.76 -0.69
C GLN A 52 42.98 -8.22 0.52
N ILE A 53 42.35 -8.99 1.39
CA ILE A 53 43.04 -9.50 2.58
C ILE A 53 44.10 -10.54 2.23
N GLU A 54 43.79 -11.45 1.31
CA GLU A 54 44.76 -12.46 0.91
C GLU A 54 46.03 -11.78 0.42
N ARG A 55 45.86 -10.67 -0.27
CA ARG A 55 47.00 -9.94 -0.79
C ARG A 55 47.86 -9.38 0.34
N TRP A 56 47.21 -8.99 1.42
CA TRP A 56 47.91 -8.43 2.57
C TRP A 56 48.70 -9.43 3.39
N ILE A 57 48.20 -10.65 3.46
CA ILE A 57 48.87 -11.69 4.22
C ILE A 57 50.13 -12.15 3.48
N ASN A 58 50.03 -12.27 2.16
CA ASN A 58 51.18 -12.61 1.31
C ASN A 58 52.33 -11.63 1.45
N ASN A 59 52.06 -10.40 1.88
CA ASN A 59 53.13 -9.44 2.09
C ASN A 59 53.67 -9.57 3.51
N GLY A 60 53.23 -10.62 4.21
CA GLY A 60 53.79 -11.01 5.49
C GLY A 60 53.01 -10.54 6.70
N LEU A 61 51.72 -10.25 6.53
CA LEU A 61 50.90 -9.79 7.65
C LEU A 61 50.38 -10.91 8.53
N TRP A 62 50.59 -10.73 9.82
CA TRP A 62 50.16 -11.68 10.82
C TRP A 62 48.69 -11.43 11.16
N VAL A 63 47.82 -12.30 10.67
CA VAL A 63 46.42 -12.26 11.06
C VAL A 63 46.01 -13.62 11.65
N PRO A 64 45.88 -13.66 12.98
CA PRO A 64 45.62 -14.94 13.67
C PRO A 64 44.21 -15.50 13.45
N ALA A 65 44.16 -16.82 13.28
CA ALA A 65 42.91 -17.56 13.15
C ALA A 65 42.32 -17.86 14.52
N LEU A 66 41.12 -17.36 14.77
CA LEU A 66 40.41 -17.67 16.01
C LEU A 66 39.29 -18.67 15.77
N GLU A 67 39.40 -19.83 16.42
CA GLU A 67 38.46 -20.93 16.20
C GLU A 67 37.36 -21.04 17.25
N PHE A 68 36.13 -21.25 16.78
CA PHE A 68 35.04 -21.62 17.66
C PHE A 68 35.08 -23.12 17.99
N ILE A 69 35.53 -23.44 19.20
CA ILE A 69 35.70 -24.84 19.61
C ILE A 69 34.40 -25.64 19.52
N ASN A 70 33.30 -25.05 19.96
CA ASN A 70 32.05 -25.78 20.07
C ASN A 70 31.13 -25.63 18.87
N VAL A 71 31.72 -25.30 17.72
CA VAL A 71 30.97 -25.30 16.47
C VAL A 71 30.98 -26.69 15.81
N VAL A 72 29.89 -27.03 15.13
CA VAL A 72 29.81 -28.24 14.33
C VAL A 72 29.96 -27.91 12.85
N GLY A 73 31.11 -28.26 12.30
CA GLY A 73 31.46 -27.87 10.95
C GLY A 73 31.92 -26.42 10.93
N SER A 74 32.29 -25.93 9.76
CA SER A 74 32.77 -24.56 9.62
C SER A 74 31.62 -23.54 9.44
N PRO A 75 31.79 -22.34 10.02
CA PRO A 75 30.72 -21.33 10.02
C PRO A 75 30.50 -20.66 8.66
N ASP A 76 29.26 -20.28 8.37
CA ASP A 76 28.94 -19.55 7.15
C ASP A 76 29.40 -18.11 7.37
N THR A 77 30.49 -17.75 6.70
CA THR A 77 31.09 -16.45 6.91
C THR A 77 30.69 -15.41 5.86
N GLY A 78 30.20 -14.27 6.34
CA GLY A 78 29.84 -13.16 5.47
C GLY A 78 31.03 -12.28 5.18
N ASN A 79 30.86 -10.96 5.27
CA ASN A 79 31.93 -10.04 4.91
C ASN A 79 33.02 -9.94 5.96
N LYS A 80 34.26 -9.78 5.52
CA LYS A 80 35.35 -9.59 6.46
C LYS A 80 36.00 -8.24 6.20
N ARG A 81 36.47 -7.61 7.27
CA ARG A 81 37.04 -6.27 7.26
C ARG A 81 38.31 -6.21 8.09
N LEU A 82 39.38 -5.69 7.51
CA LEU A 82 40.54 -5.38 8.33
C LEU A 82 40.63 -3.88 8.58
N MET A 83 40.72 -3.49 9.86
CA MET A 83 40.96 -2.08 10.13
C MET A 83 42.39 -1.90 10.60
N LEU A 84 43.22 -1.36 9.71
CA LEU A 84 44.64 -1.13 9.92
C LEU A 84 44.95 0.32 10.18
N PHE A 85 45.32 0.62 11.42
CA PHE A 85 45.66 1.96 11.87
C PHE A 85 47.17 2.11 11.76
N PRO A 86 47.66 3.34 11.62
CA PRO A 86 49.10 3.60 11.44
C PRO A 86 50.01 3.25 12.62
N ASP A 87 49.50 3.37 13.84
CA ASP A 87 50.29 3.10 15.05
C ASP A 87 50.63 1.64 15.33
N GLY A 88 50.07 0.73 14.54
CA GLY A 88 50.36 -0.69 14.71
C GLY A 88 49.11 -1.54 14.84
N ARG A 89 48.12 -1.00 15.54
CA ARG A 89 46.91 -1.75 15.85
C ARG A 89 46.16 -2.21 14.59
N VAL A 90 45.46 -3.34 14.73
CA VAL A 90 44.75 -4.02 13.66
C VAL A 90 43.38 -4.46 14.16
N ILE A 91 42.30 -4.24 13.41
CA ILE A 91 40.99 -4.70 13.89
C ILE A 91 40.26 -5.58 12.88
N TYR A 92 40.01 -6.84 13.25
CA TYR A 92 39.37 -7.81 12.38
C TYR A 92 37.85 -7.82 12.61
N ASN A 93 37.08 -7.84 11.53
CA ASN A 93 35.61 -7.76 11.60
C ASN A 93 34.95 -8.76 10.64
N ALA A 94 34.07 -9.62 11.13
CA ALA A 94 33.50 -10.63 10.23
C ALA A 94 32.11 -11.12 10.64
N ARG A 95 31.25 -11.36 9.65
CA ARG A 95 29.93 -11.94 9.94
C ARG A 95 30.01 -13.45 9.93
N PHE A 96 29.24 -14.09 10.80
CA PHE A 96 29.22 -15.53 10.85
C PHE A 96 27.85 -16.06 11.21
N LEU A 97 27.58 -17.25 10.69
CA LEU A 97 26.41 -18.02 11.03
C LEU A 97 26.93 -19.40 11.34
N GLY A 98 26.72 -19.90 12.54
CA GLY A 98 27.29 -21.20 12.86
C GLY A 98 26.40 -22.11 13.67
N SER A 99 26.60 -23.40 13.45
CA SER A 99 25.87 -24.41 14.21
C SER A 99 26.75 -24.82 15.40
N PHE A 100 26.25 -24.59 16.59
CA PHE A 100 27.05 -24.83 17.79
C PHE A 100 26.48 -25.96 18.63
N SER A 101 27.35 -26.59 19.40
CA SER A 101 26.95 -27.72 20.22
C SER A 101 27.16 -27.42 21.71
N ASN A 102 26.34 -28.03 22.54
CA ASN A 102 26.45 -27.93 23.99
C ASN A 102 25.62 -29.01 24.64
N ASP A 103 26.02 -29.44 25.83
CA ASP A 103 25.25 -30.42 26.58
C ASP A 103 23.85 -29.87 26.85
N MET A 104 22.81 -30.59 26.41
CA MET A 104 21.44 -30.09 26.53
C MET A 104 20.44 -31.14 27.04
N ASP A 105 19.96 -30.92 28.27
CA ASP A 105 18.97 -31.80 28.91
C ASP A 105 17.58 -31.36 28.49
N PHE A 106 16.82 -32.27 27.90
CA PHE A 106 15.47 -31.97 27.47
C PHE A 106 14.42 -32.79 28.21
N ARG A 107 14.80 -33.38 29.34
CA ARG A 107 13.87 -34.23 30.09
C ARG A 107 12.64 -33.48 30.61
N LEU A 108 12.83 -32.24 31.06
CA LEU A 108 11.78 -31.47 31.73
C LEU A 108 10.95 -30.69 30.72
N PHE A 109 10.98 -31.13 29.47
CA PHE A 109 10.18 -30.57 28.40
C PHE A 109 8.70 -30.61 28.78
N PRO A 110 7.94 -29.54 28.47
CA PRO A 110 8.35 -28.31 27.81
C PRO A 110 8.72 -27.21 28.78
N PHE A 111 9.35 -27.56 29.90
CA PHE A 111 9.64 -26.59 30.94
C PHE A 111 11.15 -26.44 31.17
N ASP A 112 11.91 -26.86 30.17
CA ASP A 112 13.38 -26.90 30.21
C ASP A 112 14.06 -25.53 30.25
N ARG A 113 15.17 -25.43 30.96
CA ARG A 113 16.01 -24.24 30.83
C ARG A 113 17.37 -24.64 30.30
N GLN A 114 17.84 -23.90 29.30
CA GLN A 114 19.07 -24.22 28.58
C GLN A 114 20.05 -23.06 28.64
N GLN A 115 21.30 -23.29 28.26
CA GLN A 115 22.19 -22.16 28.08
C GLN A 115 23.03 -22.36 26.82
N PHE A 116 22.96 -21.37 25.95
CA PHE A 116 23.69 -21.35 24.68
C PHE A 116 25.11 -20.89 24.88
N VAL A 117 26.07 -21.68 24.41
CA VAL A 117 27.47 -21.43 24.73
C VAL A 117 28.30 -21.20 23.49
N LEU A 118 29.18 -20.21 23.58
CA LEU A 118 30.17 -19.98 22.55
C LEU A 118 31.55 -20.08 23.21
N GLU A 119 32.45 -20.79 22.56
CA GLU A 119 33.81 -20.96 23.05
C GLU A 119 34.83 -20.58 21.99
N LEU A 120 35.64 -19.56 22.28
CA LEU A 120 36.57 -19.07 21.28
C LEU A 120 38.00 -19.33 21.76
N GLU A 121 38.82 -19.90 20.88
CA GLU A 121 40.17 -20.33 21.24
C GLU A 121 41.07 -20.33 20.01
N PRO A 122 42.24 -19.67 20.13
CA PRO A 122 43.24 -19.61 19.06
C PRO A 122 43.62 -21.00 18.57
N PHE A 123 43.90 -21.13 17.28
CA PHE A 123 44.11 -22.45 16.68
C PHE A 123 45.56 -22.90 16.80
N SER A 124 46.49 -21.95 16.75
CA SER A 124 47.89 -22.32 16.64
C SER A 124 48.76 -21.56 17.64
N TYR A 125 48.14 -20.66 18.38
CA TYR A 125 48.92 -19.83 19.28
C TYR A 125 48.57 -20.08 20.72
N ASN A 126 49.56 -20.56 21.45
CA ASN A 126 49.44 -20.85 22.87
C ASN A 126 49.50 -19.58 23.72
N ASN A 127 49.36 -19.70 25.05
CA ASN A 127 49.08 -18.52 25.86
C ASN A 127 50.18 -17.47 25.94
N GLN A 128 51.45 -17.84 25.79
CA GLN A 128 52.47 -16.81 25.91
C GLN A 128 52.67 -16.06 24.59
N GLN A 129 52.07 -16.51 23.48
CA GLN A 129 52.16 -15.77 22.20
C GLN A 129 50.91 -14.93 22.00
N LEU A 130 49.76 -15.59 22.08
CA LEU A 130 48.49 -14.92 21.88
C LEU A 130 47.63 -15.17 23.10
N ARG A 131 47.18 -14.08 23.68
CA ARG A 131 46.38 -14.08 24.90
C ARG A 131 45.12 -13.27 24.71
N PHE A 132 44.02 -13.74 25.30
CA PHE A 132 42.78 -13.00 25.26
C PHE A 132 42.74 -12.00 26.41
N SER A 133 42.80 -10.71 26.09
CA SER A 133 42.87 -9.67 27.10
C SER A 133 41.51 -9.40 27.77
N ASP A 134 40.47 -9.21 26.97
CA ASP A 134 39.12 -8.97 27.51
C ASP A 134 38.03 -9.23 26.47
N ILE A 135 36.78 -9.26 26.92
CA ILE A 135 35.65 -9.65 26.10
C ILE A 135 34.32 -9.02 26.52
N GLN A 136 33.69 -8.26 25.62
CA GLN A 136 32.31 -7.82 25.80
C GLN A 136 31.39 -8.55 24.83
N VAL A 137 30.19 -8.86 25.28
CA VAL A 137 29.20 -9.54 24.42
C VAL A 137 27.96 -8.67 24.29
N TYR A 138 27.61 -8.35 23.05
CA TYR A 138 26.49 -7.46 22.82
C TYR A 138 25.26 -8.25 22.40
N THR A 139 24.33 -8.33 23.32
CA THR A 139 23.08 -9.00 23.08
C THR A 139 22.02 -7.97 22.68
N GLU A 140 21.96 -7.69 21.37
CA GLU A 140 21.03 -6.67 20.87
C GLU A 140 19.63 -7.27 20.82
N ASN A 141 19.24 -7.90 21.94
CA ASN A 141 17.98 -8.58 22.03
C ASN A 141 17.16 -7.85 23.09
N ALA A 142 15.84 -7.87 22.96
CA ALA A 142 14.99 -7.21 23.93
C ALA A 142 13.51 -7.45 23.67
N ASP A 143 12.75 -7.47 24.76
CA ASP A 143 11.30 -7.46 24.72
C ASP A 143 10.70 -8.61 23.92
N ASN A 144 9.41 -8.47 23.63
CA ASN A 144 8.60 -9.38 22.80
C ASN A 144 8.87 -10.89 22.93
N GLU A 145 9.07 -11.38 24.14
CA GLU A 145 9.25 -12.81 24.34
C GLU A 145 7.90 -13.45 23.94
N GLU A 146 6.82 -12.65 24.02
CA GLU A 146 5.43 -13.07 23.72
C GLU A 146 5.30 -14.08 22.57
N ILE A 147 6.26 -14.03 21.65
CA ILE A 147 6.09 -14.53 20.29
C ILE A 147 7.23 -15.47 19.83
N ASP A 148 8.37 -15.37 20.50
CA ASP A 148 9.57 -16.15 20.14
C ASP A 148 9.70 -17.43 20.94
N GLU A 149 10.39 -18.41 20.36
CA GLU A 149 10.51 -19.76 20.90
C GLU A 149 11.20 -19.80 22.27
N TRP A 150 12.21 -18.96 22.44
CA TRP A 150 13.02 -18.95 23.66
C TRP A 150 12.98 -17.62 24.41
N TRP A 151 12.95 -17.69 25.73
CA TRP A 151 13.00 -16.49 26.53
C TRP A 151 14.37 -16.29 27.12
N ILE A 152 15.15 -15.37 26.55
CA ILE A 152 16.43 -15.03 27.16
C ILE A 152 16.17 -14.46 28.53
N ARG A 153 16.98 -14.86 29.51
CA ARG A 153 16.78 -14.29 30.82
C ARG A 153 18.01 -13.53 31.32
N GLY A 154 19.19 -14.12 31.12
CA GLY A 154 20.41 -13.43 31.49
C GLY A 154 20.80 -12.32 30.55
N LYS A 155 21.98 -11.75 30.79
CA LYS A 155 22.58 -10.80 29.87
C LYS A 155 23.93 -11.39 29.42
N ALA A 156 23.95 -12.72 29.33
CA ALA A 156 25.12 -13.50 28.94
C ALA A 156 26.23 -13.37 29.96
N SER A 157 26.78 -14.51 30.38
CA SER A 157 27.89 -14.49 31.31
C SER A 157 29.16 -14.66 30.49
N THR A 158 30.29 -14.34 31.08
CA THR A 158 31.53 -14.33 30.35
C THR A 158 32.67 -14.79 31.26
N HIS A 159 33.50 -15.69 30.75
CA HIS A 159 34.56 -16.24 31.55
C HIS A 159 35.75 -16.63 30.67
N ILE A 160 36.79 -15.81 30.73
CA ILE A 160 38.07 -16.16 30.10
C ILE A 160 38.88 -16.95 31.09
N SER A 161 39.35 -18.11 30.65
CA SER A 161 40.13 -18.99 31.51
C SER A 161 41.27 -19.59 30.70
N ASP A 162 42.20 -20.24 31.37
CA ASP A 162 43.27 -20.90 30.64
C ASP A 162 43.03 -22.39 30.63
N ILE A 163 43.00 -22.92 29.41
CA ILE A 163 42.70 -24.31 29.16
C ILE A 163 44.04 -24.94 28.81
N ARG A 164 44.48 -25.92 29.58
CA ARG A 164 45.70 -26.60 29.20
C ARG A 164 45.41 -28.02 28.82
N TYR A 165 46.05 -28.44 27.74
CA TYR A 165 45.86 -29.76 27.19
C TYR A 165 46.99 -30.64 27.70
N ASP A 166 46.60 -31.77 28.28
CA ASP A 166 47.51 -32.63 29.02
C ASP A 166 48.73 -33.11 28.25
N HIS A 167 48.54 -33.61 27.02
CA HIS A 167 49.68 -34.13 26.28
C HIS A 167 49.69 -33.77 24.80
N LEU A 168 50.86 -33.94 24.23
CA LEU A 168 51.52 -32.92 23.43
C LEU A 168 51.98 -33.22 22.00
N SER A 169 52.86 -32.34 21.48
CA SER A 169 54.04 -32.82 20.74
C SER A 169 55.19 -32.49 21.73
N SER A 170 56.26 -33.31 21.78
CA SER A 170 57.24 -33.29 22.89
C SER A 170 58.03 -32.01 23.20
N VAL A 171 57.35 -30.97 23.71
CA VAL A 171 58.01 -29.87 24.43
C VAL A 171 57.27 -29.72 25.78
N GLN A 172 58.02 -29.65 26.88
CA GLN A 172 57.45 -29.75 28.23
C GLN A 172 57.20 -28.43 28.98
N PRO A 173 58.19 -27.49 28.92
CA PRO A 173 58.21 -26.36 29.86
C PRO A 173 56.91 -25.63 30.02
N ASN A 174 56.42 -25.05 28.95
CA ASN A 174 55.18 -24.35 29.06
C ASN A 174 54.35 -24.24 27.80
N GLN A 175 54.68 -24.97 26.74
CA GLN A 175 53.89 -24.87 25.51
C GLN A 175 52.69 -25.83 25.41
N ASN A 176 51.83 -25.79 26.42
CA ASN A 176 50.61 -26.60 26.48
C ASN A 176 49.42 -25.75 26.98
N GLU A 177 49.45 -24.51 26.51
CA GLU A 177 48.77 -23.37 27.08
C GLU A 177 47.79 -22.72 26.12
N PHE A 178 46.50 -22.71 26.40
CA PHE A 178 45.63 -21.93 25.50
C PHE A 178 44.62 -21.06 26.23
N SER A 179 44.45 -19.84 25.73
CA SER A 179 43.47 -18.93 26.30
C SER A 179 42.12 -19.12 25.65
N ARG A 180 41.07 -19.25 26.46
CA ARG A 180 39.74 -19.56 25.95
C ARG A 180 38.67 -18.60 26.46
N ILE A 181 37.91 -18.05 25.52
CA ILE A 181 36.74 -17.25 25.86
C ILE A 181 35.51 -18.14 25.91
N THR A 182 34.78 -18.08 27.02
CA THR A 182 33.55 -18.84 27.13
C THR A 182 32.39 -17.89 27.37
N VAL A 183 31.43 -17.90 26.46
CA VAL A 183 30.26 -17.05 26.60
C VAL A 183 29.03 -17.90 26.85
N ARG A 184 28.28 -17.56 27.89
CA ARG A 184 27.10 -18.34 28.26
C ARG A 184 25.86 -17.46 28.17
N ILE A 185 24.78 -18.01 27.63
CA ILE A 185 23.53 -17.27 27.53
C ILE A 185 22.36 -18.10 28.05
N ASP A 186 21.76 -17.67 29.15
CA ASP A 186 20.70 -18.44 29.77
C ASP A 186 19.36 -18.18 29.08
N ALA A 187 18.60 -19.24 28.84
CA ALA A 187 17.31 -19.15 28.15
C ALA A 187 16.30 -20.20 28.65
N VAL A 188 15.02 -19.85 28.59
CA VAL A 188 13.94 -20.74 29.02
C VAL A 188 12.93 -20.94 27.89
N ARG A 189 12.33 -22.12 27.82
CA ARG A 189 11.34 -22.39 26.78
C ARG A 189 9.99 -21.78 27.10
N ASN A 190 9.34 -21.24 26.06
CA ASN A 190 7.96 -20.74 26.13
C ASN A 190 6.99 -21.92 26.08
N PRO A 191 6.38 -22.25 27.23
CA PRO A 191 5.60 -23.49 27.32
C PRO A 191 4.17 -23.33 26.81
N SER A 192 3.78 -22.10 26.48
CA SER A 192 2.39 -21.76 26.20
C SER A 192 1.65 -22.70 25.25
N TYR A 193 2.18 -22.95 24.05
CA TYR A 193 1.45 -23.78 23.10
C TYR A 193 1.29 -25.21 23.60
N TYR A 194 2.35 -25.74 24.20
CA TYR A 194 2.38 -27.14 24.62
C TYR A 194 1.48 -27.35 25.84
N LEU A 195 1.32 -26.30 26.64
CA LEU A 195 0.42 -26.39 27.78
C LEU A 195 -1.01 -26.50 27.30
N TRP A 196 -1.41 -25.54 26.48
CA TRP A 196 -2.81 -25.40 26.08
C TRP A 196 -3.32 -26.37 25.02
N SER A 197 -2.46 -26.80 24.11
CA SER A 197 -2.91 -27.71 23.07
C SER A 197 -2.49 -29.17 23.30
N PHE A 198 -1.64 -29.42 24.29
CA PHE A 198 -1.24 -30.79 24.60
C PHE A 198 -1.62 -31.20 26.02
N ILE A 199 -1.15 -30.47 27.01
CA ILE A 199 -1.41 -30.83 28.39
C ILE A 199 -2.91 -30.82 28.71
N LEU A 200 -3.57 -29.69 28.41
CA LEU A 200 -4.98 -29.52 28.73
C LEU A 200 -5.88 -30.58 28.09
N PRO A 201 -5.80 -30.78 26.77
CA PRO A 201 -6.73 -31.79 26.24
C PRO A 201 -6.41 -33.18 26.79
N LEU A 202 -5.13 -33.45 27.00
CA LEU A 202 -4.71 -34.73 27.56
C LEU A 202 -5.42 -34.97 28.87
N GLY A 203 -5.40 -33.96 29.72
CA GLY A 203 -6.06 -34.05 31.01
C GLY A 203 -7.54 -34.35 30.94
N LEU A 204 -8.24 -33.69 30.02
CA LEU A 204 -9.68 -33.91 29.88
C LEU A 204 -9.98 -35.34 29.43
N ILE A 205 -9.07 -35.90 28.64
CA ILE A 205 -9.18 -37.31 28.28
C ILE A 205 -9.07 -38.16 29.55
N ILE A 206 -8.01 -37.92 30.33
CA ILE A 206 -7.76 -38.67 31.55
C ILE A 206 -8.89 -38.48 32.53
N ALA A 207 -9.41 -37.26 32.57
CA ALA A 207 -10.57 -36.99 33.38
C ALA A 207 -11.70 -37.85 32.87
N ALA A 208 -12.05 -37.64 31.60
CA ALA A 208 -13.14 -38.39 30.96
C ALA A 208 -12.84 -39.89 30.94
N SER A 209 -11.58 -40.26 31.12
CA SER A 209 -11.25 -41.66 31.26
C SER A 209 -12.00 -42.27 32.43
N TRP A 210 -11.99 -41.54 33.53
CA TRP A 210 -12.59 -41.99 34.78
C TRP A 210 -14.11 -42.02 34.58
N SER A 211 -14.60 -41.36 33.53
CA SER A 211 -16.04 -41.21 33.27
C SER A 211 -16.74 -42.50 32.83
N VAL A 212 -16.00 -43.62 32.84
CA VAL A 212 -16.62 -44.89 32.51
C VAL A 212 -17.46 -45.48 33.67
N PHE A 213 -17.17 -45.11 34.91
CA PHE A 213 -17.81 -45.76 36.07
C PHE A 213 -19.23 -45.27 36.36
N TRP A 214 -19.64 -44.17 35.75
CA TRP A 214 -21.03 -43.76 35.91
C TRP A 214 -21.91 -44.43 34.84
N LEU A 215 -21.31 -45.44 34.17
CA LEU A 215 -22.03 -46.33 33.30
C LEU A 215 -22.76 -47.37 34.12
N GLU A 216 -23.94 -47.76 33.65
CA GLU A 216 -24.81 -48.59 34.44
C GLU A 216 -24.48 -50.09 34.35
N SER A 217 -24.48 -50.61 33.13
CA SER A 217 -24.20 -52.01 32.86
C SER A 217 -22.71 -52.31 32.95
N PHE A 218 -22.39 -53.60 33.04
CA PHE A 218 -21.00 -54.03 33.02
C PHE A 218 -20.45 -54.11 31.59
N SER A 219 -21.25 -54.66 30.68
CA SER A 219 -20.81 -54.84 29.31
C SER A 219 -20.44 -53.51 28.70
N GLU A 220 -21.31 -52.53 28.90
CA GLU A 220 -21.03 -51.16 28.48
C GLU A 220 -19.85 -50.59 29.27
N ARG A 221 -19.77 -50.91 30.56
CA ARG A 221 -18.64 -50.44 31.37
C ARG A 221 -17.35 -50.96 30.78
N LEU A 222 -17.38 -52.18 30.26
CA LEU A 222 -16.18 -52.77 29.69
C LEU A 222 -16.01 -52.42 28.19
N GLN A 223 -17.08 -52.53 27.41
CA GLN A 223 -17.00 -52.24 25.98
C GLN A 223 -16.52 -50.81 25.69
N THR A 224 -17.04 -49.86 26.47
CA THR A 224 -16.67 -48.45 26.30
C THR A 224 -15.20 -48.31 26.56
N SER A 225 -14.72 -49.00 27.58
CA SER A 225 -13.38 -48.81 28.10
C SER A 225 -12.31 -49.10 27.06
N PHE A 226 -12.66 -49.87 26.05
CA PHE A 226 -11.72 -50.17 24.97
C PHE A 226 -11.59 -48.97 24.02
N THR A 227 -12.67 -48.22 23.89
CA THR A 227 -12.69 -46.99 23.10
C THR A 227 -11.73 -45.95 23.68
N LEU A 228 -11.63 -45.90 25.00
CA LEU A 228 -10.74 -44.96 25.69
C LEU A 228 -9.28 -45.31 25.46
N MET A 229 -9.01 -46.61 25.35
CA MET A 229 -7.67 -47.06 25.04
C MET A 229 -7.27 -46.56 23.65
N LEU A 230 -8.19 -46.71 22.71
CA LEU A 230 -7.98 -46.30 21.32
C LEU A 230 -7.74 -44.80 21.22
N THR A 231 -8.47 -44.07 22.04
CA THR A 231 -8.40 -42.61 22.07
C THR A 231 -7.07 -42.14 22.63
N VAL A 232 -6.60 -42.79 23.68
CA VAL A 232 -5.28 -42.44 24.22
C VAL A 232 -4.18 -42.76 23.19
N VAL A 233 -4.33 -43.88 22.50
CA VAL A 233 -3.40 -44.23 21.43
C VAL A 233 -3.42 -43.16 20.35
N ALA A 234 -4.63 -42.75 19.98
CA ALA A 234 -4.84 -41.75 18.96
C ALA A 234 -4.15 -40.43 19.29
N TYR A 235 -4.19 -40.09 20.56
CA TYR A 235 -3.58 -38.88 21.08
C TYR A 235 -2.06 -39.01 21.14
N ALA A 236 -1.59 -40.24 21.29
CA ALA A 236 -0.16 -40.48 21.29
C ALA A 236 0.43 -40.06 19.95
N SER A 237 -0.16 -40.58 18.87
CA SER A 237 0.32 -40.31 17.52
C SER A 237 0.29 -38.81 17.22
N TYR A 238 -0.83 -38.18 17.54
CA TYR A 238 -0.97 -36.74 17.40
C TYR A 238 0.14 -35.97 18.12
N THR A 239 0.42 -36.35 19.36
CA THR A 239 1.49 -35.75 20.13
C THR A 239 2.88 -36.01 19.55
N SER A 240 3.17 -37.29 19.31
CA SER A 240 4.48 -37.74 18.84
C SER A 240 4.87 -37.25 17.44
N ASN A 241 3.89 -37.05 16.57
CA ASN A 241 4.14 -36.60 15.21
C ASN A 241 4.77 -35.21 15.25
N ILE A 242 4.34 -34.44 16.24
CA ILE A 242 4.61 -33.02 16.36
C ILE A 242 5.75 -32.70 17.35
N LEU A 243 5.77 -33.41 18.46
CA LEU A 243 6.83 -33.25 19.46
C LEU A 243 8.22 -33.56 18.91
N PRO A 244 9.24 -32.85 19.42
CA PRO A 244 10.62 -33.08 18.97
C PRO A 244 11.15 -34.46 19.39
N ARG A 245 11.74 -35.19 18.44
CA ARG A 245 12.29 -36.51 18.73
C ARG A 245 13.51 -36.48 19.65
N LEU A 246 13.43 -37.28 20.71
CA LEU A 246 14.44 -37.37 21.75
C LEU A 246 14.77 -38.82 22.12
N PRO A 247 15.87 -39.04 22.87
CA PRO A 247 16.19 -40.40 23.33
C PRO A 247 15.76 -40.72 24.78
N TYR A 248 14.90 -39.89 25.37
CA TYR A 248 14.40 -40.11 26.74
C TYR A 248 12.99 -39.54 26.91
N THR A 249 12.35 -39.90 28.02
CA THR A 249 10.99 -39.45 28.29
C THR A 249 10.89 -37.97 28.73
N THR A 250 9.88 -37.29 28.19
CA THR A 250 9.53 -35.91 28.54
C THR A 250 8.44 -35.91 29.63
N VAL A 251 7.94 -34.75 30.01
CA VAL A 251 6.79 -34.71 30.92
C VAL A 251 5.54 -35.21 30.20
N ILE A 252 5.30 -34.70 28.98
CA ILE A 252 4.10 -35.05 28.23
C ILE A 252 3.93 -36.56 27.98
N ASP A 253 4.98 -37.22 27.49
CA ASP A 253 4.95 -38.66 27.21
C ASP A 253 4.59 -39.44 28.47
N GLN A 254 5.14 -39.02 29.61
CA GLN A 254 4.82 -39.67 30.88
C GLN A 254 3.33 -39.56 31.13
N MET A 255 2.78 -38.38 30.87
CA MET A 255 1.35 -38.15 31.01
C MET A 255 0.58 -39.14 30.14
N ILE A 256 1.12 -39.42 28.96
CA ILE A 256 0.50 -40.38 28.06
C ILE A 256 0.55 -41.79 28.67
N ILE A 257 1.70 -42.15 29.23
CA ILE A 257 1.88 -43.44 29.90
C ILE A 257 0.87 -43.58 31.03
N ALA A 258 0.79 -42.56 31.87
CA ALA A 258 -0.16 -42.53 32.97
C ALA A 258 -1.58 -42.64 32.41
N GLY A 259 -1.77 -42.08 31.22
CA GLY A 259 -3.04 -42.20 30.54
C GLY A 259 -3.36 -43.64 30.23
N TYR A 260 -2.42 -44.34 29.60
CA TYR A 260 -2.58 -45.76 29.32
C TYR A 260 -2.80 -46.55 30.62
N GLY A 261 -1.99 -46.25 31.63
CA GLY A 261 -2.04 -46.94 32.91
C GLY A 261 -3.35 -46.77 33.66
N SER A 262 -3.81 -45.53 33.73
CA SER A 262 -5.07 -45.20 34.39
C SER A 262 -6.21 -46.02 33.78
N ILE A 263 -6.18 -46.19 32.46
CA ILE A 263 -7.21 -46.96 31.76
C ILE A 263 -7.07 -48.45 32.05
N PHE A 264 -5.85 -48.95 31.98
CA PHE A 264 -5.60 -50.37 32.20
C PHE A 264 -6.02 -50.87 33.58
N ALA A 265 -5.81 -50.06 34.62
CA ALA A 265 -6.21 -50.42 35.96
C ALA A 265 -7.73 -50.45 36.10
N ALA A 266 -8.38 -49.46 35.47
CA ALA A 266 -9.84 -49.40 35.46
C ALA A 266 -10.40 -50.63 34.77
N ILE A 267 -9.74 -51.08 33.72
CA ILE A 267 -10.11 -52.31 33.03
C ILE A 267 -10.09 -53.47 34.01
N LEU A 268 -9.01 -53.55 34.79
CA LEU A 268 -8.86 -54.60 35.80
C LEU A 268 -9.99 -54.54 36.82
N LEU A 269 -10.31 -53.34 37.31
CA LEU A 269 -11.43 -53.17 38.24
C LEU A 269 -12.78 -53.65 37.69
N ILE A 270 -13.12 -53.21 36.48
CA ILE A 270 -14.42 -53.53 35.90
C ILE A 270 -14.61 -55.05 35.83
N ILE A 271 -13.55 -55.76 35.46
CA ILE A 271 -13.56 -57.21 35.54
C ILE A 271 -13.56 -57.68 36.98
N PHE A 272 -12.72 -57.09 37.82
CA PHE A 272 -12.60 -57.48 39.22
C PHE A 272 -13.96 -57.37 39.92
N ALA A 273 -14.63 -56.25 39.65
CA ALA A 273 -15.94 -55.99 40.23
C ALA A 273 -16.96 -57.07 39.96
N HIS A 274 -17.05 -57.49 38.71
CA HIS A 274 -18.15 -58.33 38.27
C HIS A 274 -18.03 -59.79 38.70
N HIS A 275 -16.84 -60.37 38.57
CA HIS A 275 -16.76 -61.80 38.71
C HIS A 275 -16.19 -62.39 40.00
N ARG A 276 -15.79 -61.57 40.97
CA ARG A 276 -15.61 -62.13 42.29
C ARG A 276 -17.00 -61.99 42.92
N GLN A 277 -17.64 -63.10 43.31
CA GLN A 277 -19.06 -63.01 43.59
C GLN A 277 -19.74 -64.11 44.43
N ALA A 278 -21.05 -63.95 44.66
CA ALA A 278 -21.89 -65.00 45.26
C ALA A 278 -23.08 -65.37 44.36
N ASN A 279 -23.02 -64.96 43.10
CA ASN A 279 -24.03 -65.28 42.08
C ASN A 279 -23.44 -65.37 40.68
N GLY A 280 -22.99 -64.21 40.20
CA GLY A 280 -22.43 -64.04 38.87
C GLY A 280 -22.44 -62.54 38.61
N VAL A 281 -23.54 -61.92 39.03
CA VAL A 281 -23.78 -60.53 38.68
C VAL A 281 -23.71 -59.52 39.87
N GLU A 282 -23.44 -59.96 41.11
CA GLU A 282 -23.51 -58.97 42.20
C GLU A 282 -22.27 -58.07 42.05
N ASP A 283 -22.47 -57.02 41.28
CA ASP A 283 -21.51 -55.94 41.09
C ASP A 283 -21.20 -55.37 42.45
N ASP A 284 -19.95 -55.36 42.87
CA ASP A 284 -19.64 -54.70 44.13
C ASP A 284 -20.15 -53.28 44.00
N LEU A 285 -21.30 -53.01 44.60
CA LEU A 285 -21.93 -51.69 44.54
C LEU A 285 -21.02 -50.65 45.13
N LEU A 286 -19.98 -51.09 45.85
CA LEU A 286 -19.03 -50.14 46.43
C LEU A 286 -17.82 -49.84 45.53
N ILE A 287 -17.38 -50.81 44.70
CA ILE A 287 -16.16 -50.59 43.88
C ILE A 287 -16.42 -49.84 42.56
N GLN A 288 -17.60 -49.92 41.94
CA GLN A 288 -17.80 -49.01 40.82
C GLN A 288 -18.18 -47.66 41.48
N ARG A 289 -18.38 -47.63 42.80
CA ARG A 289 -18.44 -46.35 43.51
C ARG A 289 -17.03 -45.85 43.81
N CYS A 290 -16.01 -46.36 43.12
CA CYS A 290 -14.64 -45.85 43.26
C CYS A 290 -14.50 -44.74 42.24
N ARG A 291 -15.64 -44.14 41.97
CA ARG A 291 -15.81 -43.14 40.95
C ARG A 291 -14.95 -41.86 41.13
N LEU A 292 -14.80 -41.38 42.37
CA LEU A 292 -13.88 -40.29 42.68
C LEU A 292 -12.80 -40.78 43.65
N ALA A 293 -12.80 -42.09 43.91
CA ALA A 293 -11.80 -42.70 44.78
C ALA A 293 -10.40 -42.52 44.22
N PHE A 294 -10.07 -43.22 43.14
CA PHE A 294 -8.71 -43.11 42.61
C PHE A 294 -8.45 -42.06 41.51
N PRO A 295 -9.46 -41.25 41.12
CA PRO A 295 -9.00 -40.04 40.43
C PRO A 295 -8.21 -39.12 41.36
N LEU A 296 -8.57 -39.10 42.64
CA LEU A 296 -7.82 -38.34 43.65
C LEU A 296 -6.55 -39.09 44.03
N GLY A 297 -6.62 -40.42 43.91
CA GLY A 297 -5.48 -41.27 44.25
C GLY A 297 -4.47 -41.15 43.12
N PHE A 298 -4.95 -40.75 41.95
CA PHE A 298 -4.10 -40.42 40.82
C PHE A 298 -3.57 -39.00 40.94
N LEU A 299 -4.38 -38.12 41.53
CA LEU A 299 -3.99 -36.74 41.77
C LEU A 299 -3.05 -36.63 42.96
N ALA A 300 -3.17 -37.57 43.89
CA ALA A 300 -2.26 -37.62 45.04
C ALA A 300 -0.88 -38.03 44.56
N ILE A 301 -0.86 -39.02 43.68
CA ILE A 301 0.36 -39.46 43.00
C ILE A 301 0.88 -38.33 42.10
N GLY A 302 -0.04 -37.51 41.59
CA GLY A 302 0.30 -36.36 40.77
C GLY A 302 1.01 -35.28 41.57
N CYS A 303 0.58 -35.13 42.82
CA CYS A 303 1.17 -34.17 43.76
C CYS A 303 2.50 -34.70 44.25
N VAL A 304 2.52 -35.99 44.56
CA VAL A 304 3.70 -36.67 45.07
C VAL A 304 4.76 -36.91 43.99
N LEU A 305 4.36 -37.20 42.75
CA LEU A 305 5.39 -37.46 41.73
C LEU A 305 6.18 -36.22 41.34
N VAL A 306 5.77 -35.06 41.86
CA VAL A 306 6.54 -33.83 41.69
C VAL A 306 7.74 -33.77 42.67
N ILE A 307 7.66 -34.45 43.83
CA ILE A 307 8.76 -34.43 44.80
C ILE A 307 9.90 -35.35 44.35
N PRO B 1 32.12 12.31 1.96
CA PRO B 1 30.80 11.71 2.21
C PRO B 1 30.16 11.21 0.91
N VAL B 2 30.45 9.97 0.55
CA VAL B 2 30.03 9.45 -0.75
C VAL B 2 28.54 9.21 -0.83
N ASP B 3 27.88 9.92 -1.73
CA ASP B 3 26.46 9.74 -1.94
C ASP B 3 26.18 8.55 -2.85
N VAL B 4 25.46 7.55 -2.33
CA VAL B 4 25.16 6.33 -3.10
C VAL B 4 23.67 6.11 -3.30
N SER B 5 23.25 6.08 -4.57
CA SER B 5 21.87 5.74 -4.91
C SER B 5 21.74 4.23 -5.04
N VAL B 6 20.67 3.68 -4.48
CA VAL B 6 20.45 2.24 -4.49
C VAL B 6 19.07 1.91 -5.06
N SER B 7 18.95 0.79 -5.75
CA SER B 7 17.64 0.32 -6.19
C SER B 7 17.50 -1.20 -6.13
N ILE B 8 16.41 -1.65 -5.52
CA ILE B 8 16.14 -3.08 -5.38
C ILE B 8 14.97 -3.52 -6.24
N PHE B 9 15.20 -4.52 -7.08
CA PHE B 9 14.16 -5.09 -7.94
C PHE B 9 13.73 -6.39 -7.31
N ILE B 10 12.49 -6.44 -6.83
CA ILE B 10 11.97 -7.63 -6.16
C ILE B 10 11.37 -8.66 -7.14
N ASN B 11 11.98 -9.84 -7.21
CA ASN B 11 11.52 -10.87 -8.15
C ASN B 11 10.53 -11.87 -7.60
N LYS B 12 10.83 -12.42 -6.43
CA LYS B 12 9.88 -13.33 -5.80
C LYS B 12 10.15 -13.43 -4.31
N ILE B 13 9.06 -13.44 -3.53
CA ILE B 13 9.13 -13.65 -2.09
C ILE B 13 8.44 -14.96 -1.75
N TYR B 14 9.18 -15.87 -1.12
CA TYR B 14 8.64 -17.20 -0.87
C TYR B 14 9.30 -17.88 0.33
N GLY B 15 8.73 -19.02 0.75
CA GLY B 15 9.32 -19.84 1.77
C GLY B 15 9.33 -19.26 3.18
N VAL B 16 8.16 -18.93 3.68
CA VAL B 16 8.06 -18.44 5.06
C VAL B 16 8.41 -19.57 6.03
N ASN B 17 9.46 -19.37 6.83
CA ASN B 17 9.78 -20.37 7.85
C ASN B 17 9.29 -19.86 9.20
N THR B 18 8.14 -20.40 9.59
CA THR B 18 7.35 -19.91 10.70
C THR B 18 8.07 -19.97 12.04
N LEU B 19 8.81 -21.04 12.28
CA LEU B 19 9.46 -21.15 13.57
C LEU B 19 10.74 -20.28 13.62
N GLU B 20 11.49 -20.20 12.51
CA GLU B 20 12.72 -19.40 12.45
C GLU B 20 12.44 -17.92 12.22
N GLN B 21 11.21 -17.64 11.80
CA GLN B 21 10.79 -16.30 11.38
C GLN B 21 11.72 -15.77 10.28
N THR B 22 11.60 -16.35 9.08
CA THR B 22 12.46 -16.08 7.90
C THR B 22 11.73 -16.38 6.57
N TYR B 23 12.01 -15.55 5.57
CA TYR B 23 11.40 -15.67 4.24
C TYR B 23 12.49 -15.41 3.22
N LYS B 24 12.40 -15.99 2.02
CA LYS B 24 13.52 -15.83 1.09
C LYS B 24 13.09 -14.91 -0.05
N VAL B 25 14.05 -14.19 -0.61
CA VAL B 25 13.76 -13.13 -1.56
C VAL B 25 14.69 -13.22 -2.76
N ASP B 26 14.12 -13.24 -3.96
CA ASP B 26 14.92 -13.22 -5.17
C ASP B 26 14.81 -11.79 -5.72
N GLY B 27 15.95 -11.25 -6.16
CA GLY B 27 15.94 -9.95 -6.77
C GLY B 27 17.32 -9.49 -7.17
N TYR B 28 17.44 -8.20 -7.46
CA TYR B 28 18.70 -7.56 -7.83
C TYR B 28 19.02 -6.33 -6.95
N ILE B 29 20.29 -6.06 -6.70
CA ILE B 29 20.66 -4.79 -6.09
C ILE B 29 21.29 -3.92 -7.16
N VAL B 30 20.98 -2.62 -7.16
CA VAL B 30 21.65 -1.68 -8.05
C VAL B 30 22.16 -0.48 -7.24
N ALA B 31 23.47 -0.33 -7.16
CA ALA B 31 24.07 0.75 -6.39
C ALA B 31 24.93 1.60 -7.30
N GLN B 32 24.79 2.92 -7.18
CA GLN B 32 25.60 3.82 -7.97
C GLN B 32 26.16 4.98 -7.15
N TRP B 33 27.37 5.39 -7.51
CA TRP B 33 28.11 6.45 -6.84
C TRP B 33 29.10 7.01 -7.86
N THR B 34 29.68 8.17 -7.57
CA THR B 34 30.63 8.81 -8.49
C THR B 34 32.08 8.70 -8.01
N GLY B 35 32.95 8.17 -8.86
CA GLY B 35 34.35 8.05 -8.50
C GLY B 35 35.14 9.06 -9.29
N LYS B 36 36.45 8.91 -9.32
CA LYS B 36 37.29 9.87 -10.07
C LYS B 36 37.42 9.45 -11.53
N PRO B 37 37.37 10.44 -12.45
CA PRO B 37 37.38 10.24 -13.91
C PRO B 37 38.46 9.27 -14.35
N ARG B 38 38.09 8.37 -15.24
CA ARG B 38 38.95 7.26 -15.61
C ARG B 38 39.07 7.19 -17.12
N LYS B 39 40.04 6.42 -17.60
CA LYS B 39 40.19 6.22 -19.04
C LYS B 39 39.57 4.91 -19.50
N THR B 40 38.57 5.00 -20.37
CA THR B 40 37.90 3.83 -20.92
C THR B 40 38.36 3.63 -22.35
N PRO B 41 38.24 2.39 -22.85
CA PRO B 41 38.40 2.10 -24.28
C PRO B 41 37.51 3.01 -25.13
N GLY B 42 38.11 3.73 -26.07
CA GLY B 42 37.39 4.73 -26.84
C GLY B 42 36.99 5.88 -25.93
N ASP B 43 35.68 5.98 -25.67
CA ASP B 43 35.17 6.94 -24.70
C ASP B 43 33.82 6.47 -24.22
N LYS B 44 33.36 5.37 -24.80
CA LYS B 44 32.16 4.68 -24.34
C LYS B 44 32.33 4.03 -22.97
N PRO B 45 31.20 3.74 -22.29
CA PRO B 45 31.31 3.08 -21.00
C PRO B 45 31.94 1.69 -21.12
N LEU B 46 32.61 1.29 -20.04
CA LEU B 46 33.27 0.00 -19.93
C LEU B 46 32.47 -0.94 -19.05
N ILE B 47 32.33 -2.18 -19.49
CA ILE B 47 31.59 -3.18 -18.71
C ILE B 47 32.54 -4.23 -18.14
N VAL B 48 32.35 -4.50 -16.84
CA VAL B 48 33.15 -5.47 -16.11
C VAL B 48 32.23 -6.49 -15.42
N GLU B 49 32.29 -7.74 -15.88
CA GLU B 49 31.45 -8.82 -15.34
C GLU B 49 32.24 -9.75 -14.43
N ASN B 50 31.57 -10.21 -13.36
CA ASN B 50 32.05 -11.31 -12.51
C ASN B 50 33.55 -11.40 -12.26
N THR B 51 34.17 -12.42 -12.87
CA THR B 51 35.57 -12.75 -12.67
C THR B 51 36.53 -11.55 -12.72
N GLN B 52 36.31 -10.63 -13.66
CA GLN B 52 37.23 -9.51 -13.82
C GLN B 52 37.11 -8.42 -12.76
N ILE B 53 36.02 -8.44 -12.00
CA ILE B 53 35.82 -7.43 -10.96
C ILE B 53 36.85 -7.54 -9.87
N GLU B 54 37.12 -8.79 -9.49
CA GLU B 54 38.07 -9.10 -8.43
C GLU B 54 39.42 -8.43 -8.66
N ARG B 55 39.86 -8.52 -9.93
CA ARG B 55 41.14 -7.96 -10.41
C ARG B 55 41.16 -6.43 -10.46
N TRP B 56 40.00 -5.80 -10.69
CA TRP B 56 39.95 -4.34 -10.73
C TRP B 56 40.23 -3.80 -9.34
N ILE B 57 39.81 -4.57 -8.34
CA ILE B 57 40.00 -4.18 -6.96
C ILE B 57 41.47 -4.33 -6.54
N ASN B 58 42.13 -5.41 -6.97
CA ASN B 58 43.56 -5.58 -6.64
C ASN B 58 44.42 -4.40 -7.09
N ASN B 59 43.98 -3.76 -8.18
CA ASN B 59 44.67 -2.59 -8.70
C ASN B 59 44.10 -1.29 -8.13
N GLY B 60 43.28 -1.43 -7.10
CA GLY B 60 42.88 -0.30 -6.28
C GLY B 60 41.52 0.35 -6.50
N LEU B 61 40.57 -0.36 -7.08
CA LEU B 61 39.24 0.22 -7.27
C LEU B 61 38.41 0.14 -5.99
N TRP B 62 37.85 1.28 -5.60
CA TRP B 62 37.03 1.36 -4.41
C TRP B 62 35.62 0.84 -4.69
N VAL B 63 35.38 -0.38 -4.23
CA VAL B 63 34.06 -0.99 -4.30
C VAL B 63 33.57 -1.28 -2.90
N PRO B 64 32.65 -0.43 -2.40
CA PRO B 64 32.19 -0.53 -1.01
C PRO B 64 31.32 -1.75 -0.76
N ALA B 65 31.55 -2.38 0.38
CA ALA B 65 30.76 -3.53 0.76
C ALA B 65 29.43 -3.07 1.35
N LEU B 66 28.35 -3.44 0.69
CA LEU B 66 27.02 -3.14 1.21
C LEU B 66 26.43 -4.41 1.80
N GLU B 67 26.24 -4.42 3.12
CA GLU B 67 25.81 -5.63 3.82
C GLU B 67 24.33 -5.67 4.12
N PHE B 68 23.72 -6.83 3.88
CA PHE B 68 22.37 -7.04 4.37
C PHE B 68 22.39 -7.33 5.86
N ILE B 69 21.94 -6.37 6.65
CA ILE B 69 21.93 -6.50 8.11
C ILE B 69 21.15 -7.72 8.59
N ASN B 70 19.97 -7.90 7.99
CA ASN B 70 18.99 -8.89 8.43
C ASN B 70 18.95 -10.17 7.60
N VAL B 71 20.03 -10.47 6.89
CA VAL B 71 20.13 -11.75 6.20
C VAL B 71 20.64 -12.82 7.17
N VAL B 72 20.20 -14.06 6.98
CA VAL B 72 20.69 -15.18 7.78
C VAL B 72 21.72 -15.99 6.96
N GLY B 73 22.99 -15.85 7.31
CA GLY B 73 24.07 -16.40 6.51
C GLY B 73 24.27 -15.48 5.31
N SER B 74 25.27 -15.75 4.49
CA SER B 74 25.52 -14.92 3.32
C SER B 74 24.65 -15.39 2.14
N PRO B 75 24.16 -14.44 1.32
CA PRO B 75 23.20 -14.67 0.24
C PRO B 75 23.79 -15.33 -1.00
N ASP B 76 22.96 -16.02 -1.76
CA ASP B 76 23.39 -16.63 -3.01
C ASP B 76 23.64 -15.55 -4.04
N THR B 77 24.91 -15.38 -4.40
CA THR B 77 25.30 -14.33 -5.31
C THR B 77 25.30 -14.83 -6.76
N GLY B 78 24.49 -14.18 -7.60
CA GLY B 78 24.38 -14.53 -8.99
C GLY B 78 25.46 -13.83 -9.79
N ASN B 79 25.09 -13.21 -10.91
CA ASN B 79 26.07 -12.47 -11.71
C ASN B 79 26.38 -11.08 -11.16
N LYS B 80 27.62 -10.63 -11.29
CA LYS B 80 27.95 -9.29 -10.83
C LYS B 80 28.40 -8.46 -12.04
N ARG B 81 28.11 -7.17 -12.03
CA ARG B 81 28.47 -6.29 -13.14
C ARG B 81 28.94 -4.91 -12.69
N LEU B 82 30.08 -4.49 -13.19
CA LEU B 82 30.48 -3.11 -13.00
C LEU B 82 30.32 -2.40 -14.32
N MET B 83 29.58 -1.29 -14.33
CA MET B 83 29.53 -0.46 -15.53
C MET B 83 30.31 0.83 -15.23
N LEU B 84 31.51 0.93 -15.82
CA LEU B 84 32.42 2.04 -15.51
C LEU B 84 32.35 3.15 -16.56
N PHE B 85 31.95 4.33 -16.12
CA PHE B 85 31.82 5.47 -17.02
C PHE B 85 33.13 6.26 -17.01
N PRO B 86 33.42 7.01 -18.09
CA PRO B 86 34.67 7.78 -18.25
C PRO B 86 34.82 8.96 -17.29
N ASP B 87 33.71 9.59 -16.94
CA ASP B 87 33.72 10.72 -16.00
C ASP B 87 33.96 10.24 -14.57
N GLY B 88 33.92 8.93 -14.35
CA GLY B 88 34.22 8.36 -13.07
C GLY B 88 33.18 7.48 -12.41
N ARG B 89 31.90 7.86 -12.53
CA ARG B 89 30.85 7.20 -11.77
C ARG B 89 30.79 5.70 -12.05
N VAL B 90 30.27 4.97 -11.07
CA VAL B 90 30.31 3.51 -11.04
C VAL B 90 28.95 2.89 -10.71
N ILE B 91 28.57 1.84 -11.45
CA ILE B 91 27.31 1.14 -11.21
C ILE B 91 27.51 -0.35 -10.86
N TYR B 92 27.13 -0.73 -9.63
CA TYR B 92 27.24 -2.12 -9.19
C TYR B 92 25.87 -2.82 -9.33
N ASN B 93 25.90 -4.04 -9.88
CA ASN B 93 24.70 -4.82 -10.17
C ASN B 93 24.88 -6.29 -9.80
N ALA B 94 23.97 -6.80 -8.99
CA ALA B 94 24.09 -8.18 -8.54
C ALA B 94 22.73 -8.81 -8.30
N ARG B 95 22.59 -10.07 -8.68
CA ARG B 95 21.41 -10.85 -8.35
C ARG B 95 21.65 -11.56 -7.04
N PHE B 96 20.59 -11.68 -6.24
CA PHE B 96 20.68 -12.35 -4.95
C PHE B 96 19.44 -13.14 -4.62
N LEU B 97 19.66 -14.20 -3.87
CA LEU B 97 18.61 -14.97 -3.26
C LEU B 97 19.06 -15.03 -1.82
N GLY B 98 18.30 -14.48 -0.88
CA GLY B 98 18.81 -14.40 0.47
C GLY B 98 17.82 -14.76 1.57
N SER B 99 18.35 -15.23 2.68
CA SER B 99 17.55 -15.66 3.80
C SER B 99 17.38 -14.52 4.74
N PHE B 100 16.16 -14.03 4.91
CA PHE B 100 16.01 -12.83 5.71
C PHE B 100 15.22 -12.99 6.99
N SER B 101 15.53 -12.15 7.95
CA SER B 101 14.97 -12.22 9.30
C SER B 101 14.11 -11.02 9.57
N ASN B 102 13.02 -11.22 10.32
CA ASN B 102 12.14 -10.15 10.76
C ASN B 102 11.16 -10.69 11.80
N ASP B 103 10.75 -9.85 12.74
CA ASP B 103 9.74 -10.23 13.74
C ASP B 103 8.38 -10.54 13.07
N MET B 104 7.75 -11.68 13.39
CA MET B 104 6.50 -12.09 12.73
C MET B 104 5.41 -12.67 13.65
N ASP B 105 4.27 -11.99 13.75
CA ASP B 105 3.16 -12.48 14.60
C ASP B 105 2.20 -13.42 13.87
N PHE B 106 2.05 -14.64 14.42
CA PHE B 106 1.19 -15.68 13.84
C PHE B 106 0.02 -16.12 14.72
N ARG B 107 -0.27 -15.38 15.78
CA ARG B 107 -1.32 -15.83 16.71
C ARG B 107 -2.66 -15.88 16.01
N LEU B 108 -2.89 -14.95 15.10
CA LEU B 108 -4.17 -14.84 14.42
C LEU B 108 -4.21 -15.58 13.07
N PHE B 109 -3.30 -16.53 12.92
CA PHE B 109 -3.28 -17.49 11.80
C PHE B 109 -4.64 -18.18 11.69
N PRO B 110 -5.09 -18.47 10.45
CA PRO B 110 -4.42 -18.23 9.18
C PRO B 110 -4.83 -16.91 8.58
N PHE B 111 -5.05 -15.92 9.42
CA PHE B 111 -5.57 -14.65 8.95
C PHE B 111 -4.48 -13.61 9.12
N ASP B 112 -3.26 -14.08 9.33
CA ASP B 112 -2.13 -13.21 9.62
C ASP B 112 -1.73 -12.36 8.43
N ARG B 113 -1.34 -11.12 8.67
CA ARG B 113 -0.64 -10.36 7.66
C ARG B 113 0.66 -9.82 8.24
N GLN B 114 1.67 -9.86 7.37
CA GLN B 114 3.05 -9.73 7.74
C GLN B 114 3.73 -8.64 6.91
N GLN B 115 4.93 -8.20 7.27
CA GLN B 115 5.65 -7.30 6.36
C GLN B 115 7.09 -7.78 6.15
N PHE B 116 7.42 -8.01 4.88
CA PHE B 116 8.73 -8.48 4.49
C PHE B 116 9.70 -7.29 4.43
N VAL B 117 10.85 -7.45 5.10
CA VAL B 117 11.76 -6.34 5.31
C VAL B 117 13.20 -6.57 4.84
N LEU B 118 13.76 -5.56 4.20
CA LEU B 118 15.17 -5.55 3.82
C LEU B 118 15.87 -4.37 4.49
N GLU B 119 17.02 -4.63 5.11
CA GLU B 119 17.82 -3.56 5.65
C GLU B 119 19.24 -3.65 5.14
N LEU B 120 19.65 -2.58 4.46
CA LEU B 120 20.94 -2.52 3.81
C LEU B 120 21.78 -1.43 4.48
N GLU B 121 23.02 -1.77 4.79
CA GLU B 121 23.90 -0.91 5.56
C GLU B 121 25.34 -1.25 5.26
N PRO B 122 26.14 -0.24 4.87
CA PRO B 122 27.55 -0.47 4.57
C PRO B 122 28.28 -1.19 5.70
N PHE B 123 29.24 -2.03 5.33
CA PHE B 123 29.91 -2.89 6.28
C PHE B 123 31.08 -2.17 6.95
N SER B 124 31.69 -1.23 6.24
CA SER B 124 32.93 -0.62 6.73
C SER B 124 32.96 0.92 6.69
N TYR B 125 31.93 1.53 6.13
CA TYR B 125 31.93 2.98 5.95
C TYR B 125 30.77 3.70 6.63
N ASN B 126 31.09 4.62 7.53
CA ASN B 126 30.06 5.37 8.24
C ASN B 126 29.45 6.40 7.30
N ASN B 127 28.44 7.12 7.77
CA ASN B 127 27.67 8.02 6.91
C ASN B 127 28.46 9.22 6.36
N GLN B 128 29.53 9.60 7.05
CA GLN B 128 30.39 10.69 6.61
C GLN B 128 31.38 10.24 5.57
N GLN B 129 31.50 8.93 5.47
CA GLN B 129 32.34 8.28 4.48
C GLN B 129 31.40 7.86 3.35
N LEU B 130 30.36 7.10 3.71
CA LEU B 130 29.37 6.64 2.74
C LEU B 130 27.95 6.93 3.22
N ARG B 131 27.20 7.69 2.41
CA ARG B 131 25.84 8.09 2.76
C ARG B 131 24.87 7.70 1.67
N PHE B 132 23.73 7.16 2.08
CA PHE B 132 22.72 6.64 1.15
C PHE B 132 21.85 7.76 0.66
N SER B 133 21.97 8.10 -0.61
CA SER B 133 21.27 9.27 -1.10
C SER B 133 19.80 9.03 -1.21
N ASP B 134 19.45 7.94 -1.86
CA ASP B 134 18.05 7.64 -2.11
C ASP B 134 17.87 6.19 -2.50
N ILE B 135 16.64 5.72 -2.41
CA ILE B 135 16.38 4.34 -2.75
C ILE B 135 15.01 4.16 -3.35
N GLN B 136 15.01 3.60 -4.55
CA GLN B 136 13.80 3.15 -5.18
C GLN B 136 13.77 1.62 -5.10
N VAL B 137 12.59 1.05 -4.83
CA VAL B 137 12.40 -0.41 -4.81
C VAL B 137 11.29 -0.82 -5.76
N TYR B 138 11.65 -1.55 -6.83
CA TYR B 138 10.67 -1.86 -7.87
C TYR B 138 10.18 -3.29 -7.78
N THR B 139 8.96 -3.44 -7.27
CA THR B 139 8.35 -4.74 -7.12
C THR B 139 7.41 -5.13 -8.28
N GLU B 140 8.00 -5.84 -9.23
CA GLU B 140 7.36 -6.26 -10.49
C GLU B 140 6.03 -6.99 -10.29
N ASN B 141 5.06 -6.35 -9.64
CA ASN B 141 3.85 -7.07 -9.22
C ASN B 141 2.54 -6.71 -9.91
N ALA B 142 1.64 -7.70 -9.96
CA ALA B 142 0.29 -7.59 -10.50
C ALA B 142 -0.49 -8.91 -10.39
N ASP B 143 -1.82 -8.81 -10.35
CA ASP B 143 -2.75 -9.94 -10.58
C ASP B 143 -2.76 -11.22 -9.75
N ASN B 144 -3.45 -12.21 -10.32
CA ASN B 144 -3.80 -13.51 -9.73
C ASN B 144 -3.28 -13.86 -8.32
N GLU B 145 -3.80 -13.16 -7.32
CA GLU B 145 -3.46 -13.45 -5.93
C GLU B 145 -4.02 -14.80 -5.52
N GLU B 146 -5.14 -15.16 -6.14
CA GLU B 146 -5.89 -16.34 -5.76
C GLU B 146 -5.09 -17.61 -6.02
N ILE B 147 -4.01 -17.51 -6.78
CA ILE B 147 -3.22 -18.69 -7.07
C ILE B 147 -1.98 -18.68 -6.19
N ASP B 148 -1.60 -17.50 -5.69
CA ASP B 148 -0.39 -17.40 -4.91
C ASP B 148 -0.69 -17.53 -3.42
N GLU B 149 0.32 -17.94 -2.66
CA GLU B 149 0.21 -18.17 -1.22
C GLU B 149 -0.08 -16.89 -0.44
N TRP B 150 0.50 -15.79 -0.92
CA TRP B 150 0.43 -14.49 -0.26
C TRP B 150 -0.21 -13.42 -1.11
N TRP B 151 -1.02 -12.57 -0.49
CA TRP B 151 -1.54 -11.47 -1.25
C TRP B 151 -0.80 -10.23 -0.81
N ILE B 152 0.17 -9.79 -1.60
CA ILE B 152 0.77 -8.46 -1.38
C ILE B 152 -0.36 -7.51 -1.68
N ARG B 153 -0.57 -6.53 -0.79
CA ARG B 153 -1.61 -5.56 -1.06
C ARG B 153 -1.00 -4.15 -1.11
N GLY B 154 0.05 -3.92 -0.32
CA GLY B 154 0.76 -2.65 -0.39
C GLY B 154 1.57 -2.50 -1.66
N LYS B 155 2.35 -1.44 -1.78
CA LYS B 155 3.23 -1.29 -2.93
C LYS B 155 4.70 -0.99 -2.54
N ALA B 156 5.18 -1.65 -1.49
CA ALA B 156 6.56 -1.50 -1.00
C ALA B 156 6.80 -0.12 -0.36
N SER B 157 7.33 -0.15 0.86
CA SER B 157 7.66 1.04 1.62
C SER B 157 9.18 1.33 1.68
N THR B 158 9.53 2.54 2.13
CA THR B 158 10.93 3.00 2.13
C THR B 158 11.29 3.80 3.37
N HIS B 159 12.46 3.51 3.93
CA HIS B 159 12.96 4.18 5.12
C HIS B 159 14.49 4.26 5.15
N ILE B 160 15.03 5.44 4.88
CA ILE B 160 16.45 5.74 5.11
C ILE B 160 16.66 6.45 6.45
N SER B 161 17.54 5.92 7.29
CA SER B 161 17.83 6.57 8.57
C SER B 161 19.30 6.42 8.86
N ASP B 162 19.75 7.05 9.94
CA ASP B 162 21.11 6.90 10.40
C ASP B 162 21.09 6.08 11.68
N ILE B 163 21.94 5.08 11.74
CA ILE B 163 21.93 4.17 12.86
C ILE B 163 23.15 4.44 13.72
N ARG B 164 22.92 4.62 15.02
CA ARG B 164 24.04 4.89 15.92
C ARG B 164 24.38 3.75 16.84
N TYR B 165 25.66 3.40 16.86
CA TYR B 165 26.17 2.33 17.69
C TYR B 165 26.93 2.97 18.84
N ASP B 166 26.47 2.67 20.04
CA ASP B 166 27.01 3.24 21.25
C ASP B 166 28.34 2.63 21.63
N HIS B 167 28.51 1.35 21.31
CA HIS B 167 29.63 0.58 21.82
C HIS B 167 30.49 0.08 20.69
N LEU B 168 31.76 -0.16 20.98
CA LEU B 168 32.75 0.37 20.09
C LEU B 168 33.67 -0.54 19.33
N SER B 169 34.21 0.14 18.31
CA SER B 169 35.52 -0.07 17.77
C SER B 169 36.44 0.19 18.96
N SER B 170 37.47 0.98 18.67
CA SER B 170 37.89 2.17 19.43
C SER B 170 38.72 3.11 18.52
N VAL B 171 38.05 3.56 17.44
CA VAL B 171 38.28 4.78 16.66
C VAL B 171 36.98 5.48 17.01
N GLN B 172 37.13 6.63 17.63
CA GLN B 172 36.05 7.31 18.34
C GLN B 172 35.35 8.54 17.73
N PRO B 173 36.06 9.35 16.89
CA PRO B 173 35.49 10.64 16.45
C PRO B 173 34.00 10.57 16.14
N ASN B 174 33.61 9.85 15.09
CA ASN B 174 32.22 9.44 14.91
C ASN B 174 32.02 8.27 13.93
N GLN B 175 33.04 7.42 13.88
CA GLN B 175 32.79 5.98 14.05
C GLN B 175 31.37 5.41 13.89
N ASN B 176 30.39 6.05 14.55
CA ASN B 176 29.30 5.35 15.22
C ASN B 176 27.94 5.47 14.57
N GLU B 177 27.84 6.22 13.50
CA GLU B 177 26.57 6.32 12.78
C GLU B 177 26.76 5.85 11.34
N PHE B 178 26.08 4.75 11.03
CA PHE B 178 26.05 4.22 9.67
C PHE B 178 24.71 4.52 9.04
N SER B 179 24.74 4.79 7.74
CA SER B 179 23.52 5.11 7.00
C SER B 179 22.85 3.81 6.58
N ARG B 180 21.55 3.70 6.89
CA ARG B 180 20.85 2.44 6.71
C ARG B 180 19.56 2.56 5.89
N ILE B 181 19.48 1.76 4.84
CA ILE B 181 18.26 1.64 4.06
C ILE B 181 17.38 0.51 4.59
N THR B 182 16.11 0.82 4.85
CA THR B 182 15.14 -0.17 5.32
C THR B 182 13.96 -0.27 4.34
N VAL B 183 13.73 -1.46 3.81
CA VAL B 183 12.62 -1.66 2.87
C VAL B 183 11.53 -2.58 3.40
N ARG B 184 10.28 -2.15 3.35
CA ARG B 184 9.17 -2.96 3.85
C ARG B 184 8.10 -3.31 2.80
N ILE B 185 7.60 -4.55 2.81
CA ILE B 185 6.50 -4.97 1.93
C ILE B 185 5.36 -5.68 2.68
N ASP B 186 4.19 -5.06 2.72
CA ASP B 186 3.05 -5.61 3.47
C ASP B 186 2.28 -6.67 2.67
N ALA B 187 1.96 -7.78 3.33
CA ALA B 187 1.28 -8.93 2.69
C ALA B 187 0.32 -9.68 3.62
N VAL B 188 -0.71 -10.30 3.04
CA VAL B 188 -1.69 -11.04 3.83
C VAL B 188 -1.66 -12.49 3.39
N ARG B 189 -1.88 -13.41 4.31
CA ARG B 189 -1.91 -14.83 3.99
C ARG B 189 -3.22 -15.17 3.28
N ASN B 190 -3.13 -16.01 2.25
CA ASN B 190 -4.31 -16.46 1.53
C ASN B 190 -5.05 -17.50 2.36
N PRO B 191 -6.18 -17.10 2.98
CA PRO B 191 -6.85 -17.93 3.97
C PRO B 191 -7.79 -18.93 3.33
N SER B 192 -7.96 -18.84 2.02
CA SER B 192 -8.96 -19.62 1.29
C SER B 192 -8.94 -21.11 1.63
N TYR B 193 -7.77 -21.75 1.52
CA TYR B 193 -7.71 -23.19 1.78
C TYR B 193 -7.94 -23.54 3.23
N TYR B 194 -7.39 -22.76 4.14
CA TYR B 194 -7.54 -23.09 5.55
C TYR B 194 -8.98 -22.89 6.02
N LEU B 195 -9.71 -22.02 5.35
CA LEU B 195 -11.12 -21.84 5.69
C LEU B 195 -12.00 -23.03 5.34
N TRP B 196 -11.99 -23.45 4.09
CA TRP B 196 -12.94 -24.45 3.61
C TRP B 196 -12.58 -25.89 3.98
N SER B 197 -11.29 -26.18 4.10
CA SER B 197 -10.83 -27.52 4.40
C SER B 197 -10.47 -27.77 5.87
N PHE B 198 -10.42 -26.71 6.68
CA PHE B 198 -10.20 -26.85 8.13
C PHE B 198 -11.32 -26.23 8.99
N ILE B 199 -11.58 -24.95 8.79
CA ILE B 199 -12.58 -24.26 9.61
C ILE B 199 -13.98 -24.87 9.45
N LEU B 200 -14.45 -25.02 8.21
CA LEU B 200 -15.78 -25.57 7.95
C LEU B 200 -15.97 -26.97 8.56
N PRO B 201 -15.07 -27.92 8.25
CA PRO B 201 -15.37 -29.23 8.83
C PRO B 201 -15.31 -29.23 10.35
N LEU B 202 -14.38 -28.50 10.94
CA LEU B 202 -14.26 -28.48 12.39
C LEU B 202 -15.61 -28.06 12.96
N GLY B 203 -16.21 -27.03 12.37
CA GLY B 203 -17.51 -26.58 12.77
C GLY B 203 -18.62 -27.62 12.68
N LEU B 204 -18.64 -28.38 11.59
CA LEU B 204 -19.65 -29.43 11.42
C LEU B 204 -19.47 -30.52 12.46
N ILE B 205 -18.22 -30.78 12.82
CA ILE B 205 -17.89 -31.72 13.88
C ILE B 205 -18.47 -31.21 15.19
N ILE B 206 -18.13 -29.98 15.56
CA ILE B 206 -18.62 -29.42 16.82
C ILE B 206 -20.13 -29.32 16.80
N ALA B 207 -20.68 -28.97 15.64
CA ALA B 207 -22.13 -28.91 15.47
C ALA B 207 -22.72 -30.27 15.72
N ALA B 208 -22.24 -31.27 14.98
CA ALA B 208 -22.72 -32.64 15.16
C ALA B 208 -22.41 -33.15 16.57
N SER B 209 -21.48 -32.51 17.28
CA SER B 209 -21.23 -32.86 18.68
C SER B 209 -22.49 -32.65 19.48
N TRP B 210 -23.16 -31.54 19.21
CA TRP B 210 -24.35 -31.16 19.94
C TRP B 210 -25.51 -32.08 19.59
N SER B 211 -25.37 -32.82 18.50
CA SER B 211 -26.43 -33.72 18.07
C SER B 211 -26.49 -34.98 18.94
N VAL B 212 -25.66 -35.02 19.98
CA VAL B 212 -25.68 -36.13 20.93
C VAL B 212 -26.88 -36.10 21.87
N PHE B 213 -27.46 -34.91 22.06
CA PHE B 213 -28.54 -34.74 23.02
C PHE B 213 -29.93 -35.18 22.54
N TRP B 214 -30.11 -35.34 21.23
CA TRP B 214 -31.41 -35.81 20.71
C TRP B 214 -31.51 -37.34 20.76
N LEU B 215 -30.57 -37.98 21.43
CA LEU B 215 -30.66 -39.42 21.65
C LEU B 215 -31.62 -39.71 22.79
N GLU B 216 -32.35 -40.81 22.70
CA GLU B 216 -33.38 -41.08 23.70
C GLU B 216 -32.80 -41.68 24.97
N SER B 217 -31.99 -42.73 24.81
CA SER B 217 -31.36 -43.40 25.95
C SER B 217 -30.20 -42.60 26.54
N PHE B 218 -29.79 -42.98 27.76
CA PHE B 218 -28.62 -42.40 28.42
C PHE B 218 -27.34 -43.04 27.93
N SER B 219 -27.36 -44.37 27.84
CA SER B 219 -26.19 -45.12 27.40
C SER B 219 -25.79 -44.69 25.99
N GLU B 220 -26.79 -44.50 25.14
CA GLU B 220 -26.58 -43.99 23.79
C GLU B 220 -25.94 -42.62 23.84
N ARG B 221 -26.49 -41.77 24.69
CA ARG B 221 -26.02 -40.41 24.87
C ARG B 221 -24.60 -40.32 25.41
N LEU B 222 -24.24 -41.18 26.35
CA LEU B 222 -22.91 -41.08 26.94
C LEU B 222 -21.84 -41.77 26.12
N GLN B 223 -22.11 -43.00 25.68
CA GLN B 223 -21.16 -43.77 24.89
C GLN B 223 -20.81 -43.06 23.58
N THR B 224 -21.82 -42.49 22.94
CA THR B 224 -21.63 -41.78 21.69
C THR B 224 -20.64 -40.64 21.87
N SER B 225 -20.75 -39.92 22.99
CA SER B 225 -19.91 -38.76 23.25
C SER B 225 -18.42 -39.10 23.33
N PHE B 226 -18.11 -40.38 23.51
CA PHE B 226 -16.72 -40.84 23.50
C PHE B 226 -16.16 -40.87 22.10
N THR B 227 -17.03 -41.22 21.16
CA THR B 227 -16.70 -41.23 19.74
C THR B 227 -16.39 -39.82 19.26
N LEU B 228 -17.12 -38.85 19.78
CA LEU B 228 -16.87 -37.47 19.40
C LEU B 228 -15.57 -36.97 20.02
N MET B 229 -15.22 -37.51 21.18
CA MET B 229 -13.92 -37.20 21.76
C MET B 229 -12.82 -37.74 20.85
N LEU B 230 -13.07 -38.94 20.34
CA LEU B 230 -12.14 -39.60 19.42
C LEU B 230 -12.06 -38.83 18.10
N THR B 231 -13.20 -38.27 17.68
CA THR B 231 -13.30 -37.51 16.44
C THR B 231 -12.52 -36.17 16.53
N VAL B 232 -12.70 -35.44 17.62
CA VAL B 232 -11.94 -34.21 17.78
C VAL B 232 -10.45 -34.53 17.92
N VAL B 233 -10.12 -35.58 18.66
CA VAL B 233 -8.72 -36.00 18.75
C VAL B 233 -8.20 -36.40 17.37
N ALA B 234 -9.01 -37.13 16.61
CA ALA B 234 -8.61 -37.54 15.26
C ALA B 234 -8.38 -36.32 14.38
N TYR B 235 -9.21 -35.31 14.55
CA TYR B 235 -9.13 -34.08 13.81
C TYR B 235 -7.90 -33.29 14.26
N ALA B 236 -7.48 -33.51 15.50
CA ALA B 236 -6.29 -32.86 16.02
C ALA B 236 -5.06 -33.30 15.25
N SER B 237 -4.85 -34.61 15.15
CA SER B 237 -3.68 -35.15 14.48
C SER B 237 -3.70 -34.72 13.01
N TYR B 238 -4.86 -34.86 12.39
CA TYR B 238 -5.07 -34.47 10.99
C TYR B 238 -4.66 -33.03 10.72
N THR B 239 -5.04 -32.12 11.61
CA THR B 239 -4.65 -30.71 11.54
C THR B 239 -3.16 -30.47 11.75
N SER B 240 -2.61 -31.09 12.79
CA SER B 240 -1.22 -30.85 13.21
C SER B 240 -0.13 -31.25 12.22
N ASN B 241 -0.41 -32.24 11.40
CA ASN B 241 0.56 -32.66 10.42
C ASN B 241 0.77 -31.55 9.39
N ILE B 242 -0.30 -30.79 9.14
CA ILE B 242 -0.38 -29.87 8.01
C ILE B 242 0.06 -28.48 8.43
N LEU B 243 -0.52 -28.02 9.54
CA LEU B 243 -0.28 -26.68 10.06
C LEU B 243 1.18 -26.40 10.40
N PRO B 244 1.59 -25.13 10.29
CA PRO B 244 2.96 -24.69 10.60
C PRO B 244 3.31 -24.88 12.08
N ARG B 245 4.43 -25.51 12.40
CA ARG B 245 4.80 -25.70 13.80
C ARG B 245 5.13 -24.32 14.38
N LEU B 246 4.48 -23.99 15.50
CA LEU B 246 4.64 -22.71 16.16
C LEU B 246 4.84 -22.87 17.66
N PRO B 247 5.29 -21.81 18.34
CA PRO B 247 5.38 -21.83 19.80
C PRO B 247 4.21 -21.13 20.52
N TYR B 248 3.09 -20.92 19.83
CA TYR B 248 1.86 -20.38 20.46
C TYR B 248 0.59 -20.86 19.73
N THR B 249 -0.57 -20.77 20.39
CA THR B 249 -1.81 -21.24 19.76
C THR B 249 -2.34 -20.28 18.71
N THR B 250 -2.82 -20.83 17.60
CA THR B 250 -3.45 -20.04 16.53
C THR B 250 -4.95 -20.02 16.75
N VAL B 251 -5.68 -19.35 15.86
CA VAL B 251 -7.14 -19.36 15.90
C VAL B 251 -7.69 -20.78 15.83
N ILE B 252 -7.18 -21.56 14.88
CA ILE B 252 -7.57 -22.95 14.76
C ILE B 252 -7.26 -23.77 16.02
N ASP B 253 -6.07 -23.59 16.58
CA ASP B 253 -5.64 -24.35 17.76
C ASP B 253 -6.66 -24.28 18.88
N GLN B 254 -7.16 -23.07 19.07
CA GLN B 254 -8.24 -22.82 20.00
C GLN B 254 -9.58 -23.40 19.60
N MET B 255 -9.93 -23.22 18.34
CA MET B 255 -11.15 -23.76 17.78
C MET B 255 -11.25 -25.27 18.07
N ILE B 256 -10.10 -25.92 18.05
CA ILE B 256 -10.02 -27.34 18.42
C ILE B 256 -10.36 -27.56 19.88
N ILE B 257 -9.76 -26.74 20.74
CA ILE B 257 -10.00 -26.78 22.17
C ILE B 257 -11.49 -26.56 22.46
N ALA B 258 -12.08 -25.63 21.73
CA ALA B 258 -13.51 -25.36 21.82
C ALA B 258 -14.32 -26.62 21.54
N GLY B 259 -13.80 -27.46 20.66
CA GLY B 259 -14.40 -28.76 20.42
C GLY B 259 -14.33 -29.67 21.63
N TYR B 260 -13.11 -29.81 22.16
CA TYR B 260 -12.86 -30.62 23.35
C TYR B 260 -13.75 -30.19 24.49
N GLY B 261 -13.84 -28.88 24.70
CA GLY B 261 -14.63 -28.34 25.78
C GLY B 261 -16.11 -28.62 25.60
N SER B 262 -16.63 -28.37 24.40
CA SER B 262 -18.04 -28.58 24.10
C SER B 262 -18.43 -30.02 24.42
N ILE B 263 -17.56 -30.95 24.08
CA ILE B 263 -17.81 -32.36 24.35
C ILE B 263 -17.65 -32.71 25.83
N PHE B 264 -16.55 -32.25 26.44
CA PHE B 264 -16.26 -32.52 27.84
C PHE B 264 -17.33 -31.93 28.77
N ALA B 265 -17.85 -30.77 28.42
CA ALA B 265 -18.92 -30.14 29.19
C ALA B 265 -20.20 -30.95 29.07
N ALA B 266 -20.43 -31.45 27.87
CA ALA B 266 -21.58 -32.31 27.59
C ALA B 266 -21.52 -33.58 28.42
N ILE B 267 -20.32 -34.12 28.59
CA ILE B 267 -20.14 -35.30 29.42
C ILE B 267 -20.62 -35.05 30.84
N LEU B 268 -20.18 -33.93 31.42
CA LEU B 268 -20.58 -33.60 32.78
C LEU B 268 -22.10 -33.42 32.89
N LEU B 269 -22.71 -32.72 31.94
CA LEU B 269 -24.16 -32.58 31.91
C LEU B 269 -24.84 -33.94 31.92
N ILE B 270 -24.41 -34.80 30.99
CA ILE B 270 -24.99 -36.12 30.80
C ILE B 270 -24.85 -36.98 32.06
N ILE B 271 -23.69 -36.91 32.70
CA ILE B 271 -23.51 -37.62 33.95
C ILE B 271 -24.39 -37.04 35.05
N PHE B 272 -24.32 -35.71 35.18
CA PHE B 272 -25.10 -34.99 36.18
C PHE B 272 -26.57 -35.27 36.00
N ALA B 273 -26.99 -35.26 34.74
CA ALA B 273 -28.39 -35.45 34.41
C ALA B 273 -28.95 -36.71 35.03
N HIS B 274 -28.23 -37.82 34.92
CA HIS B 274 -28.82 -39.10 35.30
C HIS B 274 -28.78 -39.45 36.80
N HIS B 275 -27.65 -39.25 37.48
CA HIS B 275 -27.53 -39.80 38.82
C HIS B 275 -27.64 -38.88 40.01
N ARG B 276 -27.72 -37.57 39.81
CA ARG B 276 -28.10 -36.80 40.98
C ARG B 276 -29.61 -36.67 40.87
N GLN B 277 -30.27 -37.13 41.92
CA GLN B 277 -31.56 -37.76 41.78
C GLN B 277 -32.49 -37.63 42.98
N ALA B 278 -33.75 -38.01 42.78
CA ALA B 278 -34.70 -38.20 43.87
C ALA B 278 -35.32 -39.58 43.74
N ASN B 279 -34.69 -40.41 42.90
CA ASN B 279 -35.23 -41.73 42.59
C ASN B 279 -34.16 -42.79 42.22
N GLY B 280 -33.49 -42.54 41.10
CA GLY B 280 -32.53 -43.47 40.52
C GLY B 280 -32.39 -43.05 39.07
N VAL B 281 -33.55 -42.63 38.54
CA VAL B 281 -33.78 -42.33 37.14
C VAL B 281 -33.92 -40.80 36.89
N GLU B 282 -33.54 -39.95 37.86
CA GLU B 282 -33.89 -38.53 37.72
C GLU B 282 -33.03 -37.77 36.68
N ASP B 283 -33.25 -38.04 35.40
CA ASP B 283 -32.87 -37.11 34.34
C ASP B 283 -33.81 -35.92 34.51
N ASP B 284 -33.27 -34.74 34.78
CA ASP B 284 -34.12 -33.56 35.01
C ASP B 284 -35.00 -33.30 33.79
N LEU B 285 -36.31 -33.33 34.01
CA LEU B 285 -37.29 -33.53 32.96
C LEU B 285 -37.14 -32.55 31.79
N LEU B 286 -36.54 -31.40 32.04
CA LEU B 286 -36.29 -30.41 30.99
C LEU B 286 -34.80 -30.27 30.67
N ILE B 287 -33.93 -30.73 31.59
CA ILE B 287 -32.50 -30.66 31.34
C ILE B 287 -32.03 -31.59 30.21
N GLN B 288 -32.74 -32.68 29.92
CA GLN B 288 -32.24 -33.52 28.84
C GLN B 288 -32.56 -32.92 27.48
N ARG B 289 -33.53 -31.99 27.44
CA ARG B 289 -33.77 -31.26 26.21
C ARG B 289 -32.96 -29.93 26.32
N CYS B 290 -31.76 -30.07 26.87
CA CYS B 290 -30.75 -29.00 26.85
C CYS B 290 -30.04 -29.10 25.49
N ARG B 291 -30.74 -29.72 24.55
CA ARG B 291 -30.32 -29.87 23.15
C ARG B 291 -30.22 -28.53 22.43
N LEU B 292 -31.01 -27.55 22.83
CA LEU B 292 -30.99 -26.25 22.16
C LEU B 292 -30.43 -25.14 23.04
N ALA B 293 -30.18 -25.45 24.31
CA ALA B 293 -29.54 -24.52 25.24
C ALA B 293 -28.06 -24.35 24.93
N PHE B 294 -27.35 -25.47 25.12
CA PHE B 294 -25.91 -25.61 24.99
C PHE B 294 -25.29 -25.23 23.63
N PRO B 295 -26.00 -25.48 22.52
CA PRO B 295 -25.43 -25.01 21.25
C PRO B 295 -25.39 -23.50 21.07
N LEU B 296 -26.43 -22.81 21.50
CA LEU B 296 -26.42 -21.35 21.47
C LEU B 296 -25.61 -20.84 22.66
N GLY B 297 -25.49 -21.69 23.68
CA GLY B 297 -24.72 -21.37 24.87
C GLY B 297 -23.23 -21.45 24.58
N PHE B 298 -22.88 -22.19 23.54
CA PHE B 298 -21.52 -22.26 23.00
C PHE B 298 -21.24 -21.08 22.06
N LEU B 299 -22.30 -20.61 21.42
CA LEU B 299 -22.23 -19.49 20.49
C LEU B 299 -22.14 -18.13 21.20
N ALA B 300 -22.70 -18.02 22.40
CA ALA B 300 -22.57 -16.80 23.17
C ALA B 300 -21.14 -16.69 23.67
N ILE B 301 -20.64 -17.81 24.18
CA ILE B 301 -19.26 -17.95 24.64
C ILE B 301 -18.28 -17.86 23.46
N GLY B 302 -18.73 -18.30 22.28
CA GLY B 302 -17.90 -18.24 21.09
C GLY B 302 -17.76 -16.80 20.64
N CYS B 303 -18.87 -16.08 20.73
CA CYS B 303 -18.87 -14.66 20.42
C CYS B 303 -18.29 -13.88 21.56
N VAL B 304 -17.92 -14.52 22.66
CA VAL B 304 -17.24 -13.82 23.76
C VAL B 304 -15.75 -13.56 23.50
N LEU B 305 -15.02 -14.51 22.93
CA LEU B 305 -13.59 -14.24 22.67
C LEU B 305 -13.39 -13.25 21.51
N VAL B 306 -14.30 -12.27 21.49
CA VAL B 306 -14.28 -11.05 20.67
C VAL B 306 -12.96 -10.34 20.82
N ILE B 307 -12.49 -10.42 22.05
CA ILE B 307 -11.83 -9.33 22.73
C ILE B 307 -10.35 -9.12 22.38
N PRO C 1 26.07 -4.96 -33.11
CA PRO C 1 25.02 -5.87 -32.60
C PRO C 1 25.36 -7.33 -32.86
N VAL C 2 26.01 -8.00 -31.90
CA VAL C 2 26.49 -9.39 -32.08
C VAL C 2 25.35 -10.39 -32.15
N ASP C 3 25.22 -11.10 -33.27
CA ASP C 3 24.18 -12.12 -33.41
C ASP C 3 24.63 -13.40 -32.72
N VAL C 4 23.85 -13.85 -31.74
CA VAL C 4 24.18 -15.04 -30.95
C VAL C 4 23.13 -16.14 -31.14
N SER C 5 23.58 -17.28 -31.63
CA SER C 5 22.74 -18.46 -31.73
C SER C 5 22.83 -19.24 -30.43
N VAL C 6 21.69 -19.71 -29.94
CA VAL C 6 21.68 -20.49 -28.69
C VAL C 6 20.95 -21.82 -28.90
N SER C 7 21.33 -22.82 -28.10
CA SER C 7 20.65 -24.11 -28.08
C SER C 7 20.54 -24.64 -26.66
N ILE C 8 19.35 -25.09 -26.28
CA ILE C 8 19.15 -25.67 -24.95
C ILE C 8 18.82 -27.15 -25.05
N PHE C 9 19.55 -27.95 -24.31
CA PHE C 9 19.31 -29.39 -24.27
C PHE C 9 18.62 -29.73 -22.96
N ILE C 10 17.35 -30.12 -23.02
CA ILE C 10 16.58 -30.45 -21.83
C ILE C 10 16.83 -31.90 -21.43
N ASN C 11 17.46 -32.12 -20.29
CA ASN C 11 17.81 -33.47 -19.86
C ASN C 11 16.80 -34.13 -18.96
N LYS C 12 16.30 -33.38 -17.98
CA LYS C 12 15.32 -33.91 -17.04
C LYS C 12 14.51 -32.77 -16.41
N ILE C 13 13.20 -32.91 -16.34
CA ILE C 13 12.41 -31.96 -15.58
C ILE C 13 11.74 -32.69 -14.44
N TYR C 14 12.06 -32.24 -13.22
CA TYR C 14 11.58 -32.93 -12.04
C TYR C 14 11.49 -32.05 -10.80
N GLY C 15 10.91 -32.63 -9.76
CA GLY C 15 10.87 -32.00 -8.46
C GLY C 15 10.02 -30.74 -8.46
N VAL C 16 8.79 -30.87 -8.92
CA VAL C 16 7.89 -29.74 -8.83
C VAL C 16 7.58 -29.46 -7.38
N ASN C 17 7.94 -28.25 -6.98
CA ASN C 17 7.64 -27.73 -5.67
C ASN C 17 6.44 -26.80 -5.74
N THR C 18 5.29 -27.31 -5.32
CA THR C 18 4.02 -26.66 -5.61
C THR C 18 3.82 -25.31 -4.98
N LEU C 19 4.26 -25.17 -3.75
CA LEU C 19 4.08 -23.90 -3.05
C LEU C 19 5.03 -22.88 -3.61
N GLU C 20 6.28 -23.29 -3.87
CA GLU C 20 7.27 -22.35 -4.37
C GLU C 20 7.01 -22.12 -5.85
N GLN C 21 6.17 -22.98 -6.41
CA GLN C 21 5.87 -22.98 -7.84
C GLN C 21 7.20 -23.02 -8.59
N THR C 22 7.82 -24.20 -8.51
CA THR C 22 9.23 -24.38 -8.75
C THR C 22 9.42 -25.79 -9.26
N TYR C 23 10.35 -25.97 -10.18
CA TYR C 23 10.66 -27.27 -10.74
C TYR C 23 12.12 -27.30 -11.08
N LYS C 24 12.71 -28.48 -11.22
CA LYS C 24 14.11 -28.51 -11.59
C LYS C 24 14.33 -28.98 -13.02
N VAL C 25 15.40 -28.43 -13.61
CA VAL C 25 15.73 -28.62 -15.01
C VAL C 25 17.23 -28.82 -15.12
N ASP C 26 17.63 -29.95 -15.70
CA ASP C 26 19.03 -30.23 -15.98
C ASP C 26 19.27 -30.03 -17.45
N GLY C 27 20.43 -29.48 -17.82
CA GLY C 27 20.74 -29.35 -19.24
C GLY C 27 22.07 -28.76 -19.67
N TYR C 28 22.12 -28.36 -20.93
CA TYR C 28 23.28 -27.66 -21.50
C TYR C 28 22.86 -26.39 -22.22
N ILE C 29 23.71 -25.36 -22.14
CA ILE C 29 23.54 -24.20 -23.00
C ILE C 29 24.63 -24.23 -24.04
N VAL C 30 24.24 -23.82 -25.25
CA VAL C 30 25.19 -23.68 -26.33
C VAL C 30 25.08 -22.27 -26.86
N ALA C 31 26.16 -21.51 -26.74
CA ALA C 31 26.15 -20.14 -27.23
C ALA C 31 27.18 -20.05 -28.32
N GLN C 32 26.76 -19.53 -29.46
CA GLN C 32 27.69 -19.39 -30.56
C GLN C 32 27.46 -18.07 -31.27
N TRP C 33 28.57 -17.42 -31.58
CA TRP C 33 28.54 -16.11 -32.21
C TRP C 33 29.84 -15.99 -32.96
N THR C 34 29.92 -15.01 -33.85
CA THR C 34 31.13 -14.88 -34.64
C THR C 34 31.95 -13.71 -34.13
N GLY C 35 33.22 -13.99 -33.85
CA GLY C 35 34.13 -12.98 -33.33
C GLY C 35 35.10 -12.54 -34.41
N LYS C 36 36.19 -11.89 -34.01
CA LYS C 36 37.14 -11.40 -34.98
C LYS C 36 38.16 -12.52 -35.18
N PRO C 37 38.60 -12.75 -36.44
CA PRO C 37 39.51 -13.85 -36.80
C PRO C 37 40.76 -13.95 -35.93
N ARG C 38 41.08 -15.18 -35.57
CA ARG C 38 42.20 -15.48 -34.70
C ARG C 38 43.04 -16.49 -35.46
N LYS C 39 44.31 -16.55 -35.15
CA LYS C 39 45.14 -17.58 -35.74
C LYS C 39 45.31 -18.63 -34.67
N THR C 40 44.87 -19.85 -34.97
CA THR C 40 44.84 -20.92 -33.99
C THR C 40 45.99 -21.92 -34.18
N PRO C 41 46.31 -22.65 -33.10
CA PRO C 41 47.22 -23.80 -33.15
C PRO C 41 46.86 -24.78 -34.27
N GLY C 42 47.83 -25.07 -35.13
CA GLY C 42 47.56 -25.84 -36.32
C GLY C 42 46.69 -24.99 -37.23
N ASP C 43 45.43 -25.39 -37.41
CA ASP C 43 44.46 -24.56 -38.11
C ASP C 43 43.03 -24.96 -37.74
N LYS C 44 42.89 -26.19 -37.25
CA LYS C 44 41.65 -26.63 -36.63
C LYS C 44 41.43 -25.96 -35.25
N PRO C 45 40.17 -25.91 -34.78
CA PRO C 45 39.78 -25.16 -33.58
C PRO C 45 40.47 -25.55 -32.28
N LEU C 46 40.58 -24.57 -31.40
CA LEU C 46 41.17 -24.78 -30.09
C LEU C 46 40.04 -24.93 -29.10
N ILE C 47 40.16 -25.92 -28.23
CA ILE C 47 39.16 -26.18 -27.22
C ILE C 47 39.68 -25.78 -25.85
N VAL C 48 38.84 -25.07 -25.11
CA VAL C 48 39.19 -24.62 -23.77
C VAL C 48 38.12 -25.10 -22.79
N GLU C 49 38.52 -25.99 -21.89
CA GLU C 49 37.58 -26.56 -20.92
C GLU C 49 37.78 -25.91 -19.56
N ASN C 50 36.67 -25.72 -18.83
CA ASN C 50 36.70 -25.32 -17.42
C ASN C 50 37.79 -24.33 -17.01
N THR C 51 38.75 -24.83 -16.24
CA THR C 51 39.78 -23.99 -15.62
C THR C 51 40.38 -22.96 -16.56
N GLN C 52 40.72 -23.41 -17.76
CA GLN C 52 41.47 -22.56 -18.66
C GLN C 52 40.61 -21.47 -19.30
N ILE C 53 39.28 -21.58 -19.19
CA ILE C 53 38.41 -20.56 -19.75
C ILE C 53 38.58 -19.25 -19.00
N GLU C 54 38.71 -19.33 -17.69
CA GLU C 54 38.88 -18.13 -16.90
C GLU C 54 40.11 -17.34 -17.32
N ARG C 55 41.24 -18.01 -17.58
CA ARG C 55 42.44 -17.28 -17.94
C ARG C 55 42.34 -16.59 -19.31
N TRP C 56 41.55 -17.17 -20.21
CA TRP C 56 41.32 -16.59 -21.53
C TRP C 56 40.50 -15.30 -21.49
N ILE C 57 39.60 -15.21 -20.52
CA ILE C 57 38.78 -14.03 -20.34
C ILE C 57 39.63 -12.89 -19.79
N ASN C 58 40.50 -13.22 -18.83
CA ASN C 58 41.39 -12.22 -18.24
C ASN C 58 42.29 -11.53 -19.24
N ASN C 59 42.64 -12.23 -20.31
CA ASN C 59 43.44 -11.62 -21.35
C ASN C 59 42.56 -11.04 -22.45
N GLY C 60 41.26 -10.93 -22.17
CA GLY C 60 40.40 -10.17 -23.04
C GLY C 60 39.50 -10.88 -24.03
N LEU C 61 39.15 -12.12 -23.76
CA LEU C 61 38.21 -12.76 -24.66
C LEU C 61 36.83 -12.32 -24.18
N TRP C 62 36.03 -11.83 -25.09
CA TRP C 62 34.68 -11.44 -24.75
C TRP C 62 33.77 -12.64 -24.74
N VAL C 63 33.43 -13.08 -23.55
CA VAL C 63 32.42 -14.11 -23.41
C VAL C 63 31.29 -13.52 -22.56
N PRO C 64 30.16 -13.18 -23.22
CA PRO C 64 29.08 -12.46 -22.56
C PRO C 64 28.38 -13.34 -21.55
N ALA C 65 27.97 -12.74 -20.44
CA ALA C 65 27.21 -13.48 -19.43
C ALA C 65 25.74 -13.62 -19.83
N LEU C 66 25.28 -14.87 -19.98
CA LEU C 66 23.87 -15.13 -20.25
C LEU C 66 23.16 -15.68 -19.03
N GLU C 67 22.22 -14.91 -18.49
CA GLU C 67 21.54 -15.26 -17.26
C GLU C 67 20.15 -15.85 -17.52
N PHE C 68 19.81 -16.87 -16.75
CA PHE C 68 18.46 -17.42 -16.73
C PHE C 68 17.56 -16.52 -15.90
N ILE C 69 16.65 -15.79 -16.54
CA ILE C 69 15.75 -14.88 -15.81
C ILE C 69 14.92 -15.56 -14.73
N ASN C 70 14.34 -16.71 -15.04
CA ASN C 70 13.39 -17.35 -14.14
C ASN C 70 13.99 -18.47 -13.27
N VAL C 71 15.31 -18.43 -13.06
CA VAL C 71 15.97 -19.35 -12.14
C VAL C 71 15.87 -18.81 -10.71
N VAL C 72 15.76 -19.72 -9.74
CA VAL C 72 15.74 -19.34 -8.33
C VAL C 72 17.11 -19.57 -7.73
N GLY C 73 17.85 -18.49 -7.51
CA GLY C 73 19.22 -18.60 -7.09
C GLY C 73 20.05 -18.95 -8.30
N SER C 74 21.35 -19.12 -8.10
CA SER C 74 22.26 -19.45 -9.20
C SER C 74 22.27 -20.95 -9.44
N PRO C 75 22.37 -21.38 -10.73
CA PRO C 75 22.38 -22.78 -11.16
C PRO C 75 23.72 -23.48 -10.95
N ASP C 76 23.66 -24.81 -10.72
CA ASP C 76 24.85 -25.63 -10.60
C ASP C 76 25.46 -25.84 -11.99
N THR C 77 26.60 -25.21 -12.21
CA THR C 77 27.25 -25.24 -13.52
C THR C 77 28.26 -26.36 -13.57
N GLY C 78 28.11 -27.21 -14.58
CA GLY C 78 28.97 -28.37 -14.77
C GLY C 78 30.24 -28.07 -15.52
N ASN C 79 30.53 -28.87 -16.54
CA ASN C 79 31.74 -28.62 -17.29
C ASN C 79 31.49 -27.40 -18.19
N LYS C 80 32.54 -26.62 -18.40
CA LYS C 80 32.47 -25.47 -19.28
C LYS C 80 33.47 -25.67 -20.41
N ARG C 81 33.09 -25.24 -21.61
CA ARG C 81 33.96 -25.41 -22.78
C ARG C 81 33.94 -24.19 -23.68
N LEU C 82 35.13 -23.68 -23.99
CA LEU C 82 35.23 -22.67 -25.04
C LEU C 82 35.88 -23.28 -26.24
N MET C 83 35.16 -23.28 -27.35
CA MET C 83 35.68 -23.73 -28.63
C MET C 83 35.91 -22.54 -29.56
N LEU C 84 37.17 -22.22 -29.80
CA LEU C 84 37.57 -21.03 -30.54
C LEU C 84 37.92 -21.35 -31.97
N PHE C 85 37.20 -20.73 -32.90
CA PHE C 85 37.43 -20.94 -34.32
C PHE C 85 38.36 -19.92 -34.97
N PRO C 86 39.03 -20.35 -36.07
CA PRO C 86 39.95 -19.49 -36.82
C PRO C 86 39.25 -18.37 -37.58
N ASP C 87 38.05 -18.60 -38.09
CA ASP C 87 37.34 -17.54 -38.81
C ASP C 87 36.84 -16.48 -37.82
N GLY C 88 36.97 -16.76 -36.53
CA GLY C 88 36.63 -15.78 -35.51
C GLY C 88 35.63 -16.27 -34.49
N ARG C 89 34.65 -17.04 -34.97
CA ARG C 89 33.53 -17.45 -34.13
C ARG C 89 33.92 -18.28 -32.92
N VAL C 90 33.10 -18.17 -31.88
CA VAL C 90 33.41 -18.78 -30.59
C VAL C 90 32.18 -19.53 -30.12
N ILE C 91 32.39 -20.76 -29.64
CA ILE C 91 31.27 -21.55 -29.15
C ILE C 91 31.45 -21.93 -27.69
N TYR C 92 30.52 -21.44 -26.89
CA TYR C 92 30.49 -21.73 -25.46
C TYR C 92 29.50 -22.84 -25.08
N ASN C 93 29.99 -23.77 -24.27
CA ASN C 93 29.20 -24.92 -23.82
C ASN C 93 29.39 -25.21 -22.34
N ALA C 94 28.26 -25.28 -21.66
CA ALA C 94 28.26 -25.46 -20.21
C ALA C 94 27.07 -26.31 -19.80
N ARG C 95 27.31 -27.21 -18.86
CA ARG C 95 26.23 -27.99 -18.33
C ARG C 95 25.68 -27.27 -17.11
N PHE C 96 24.37 -27.37 -16.91
CA PHE C 96 23.73 -26.71 -15.78
C PHE C 96 22.58 -27.53 -15.18
N LEU C 97 22.35 -27.32 -13.90
CA LEU C 97 21.15 -27.81 -13.22
C LEU C 97 20.59 -26.72 -12.32
N GLY C 98 19.35 -26.33 -12.53
CA GLY C 98 18.79 -25.24 -11.74
C GLY C 98 17.31 -25.34 -11.43
N SER C 99 16.91 -24.70 -10.32
CA SER C 99 15.50 -24.65 -9.92
C SER C 99 14.86 -23.43 -10.54
N PHE C 100 13.80 -23.64 -11.32
CA PHE C 100 13.14 -22.54 -12.05
C PHE C 100 11.73 -22.18 -11.54
N SER C 101 11.34 -20.94 -11.79
CA SER C 101 10.07 -20.43 -11.27
C SER C 101 9.09 -20.14 -12.40
N ASN C 102 7.80 -20.28 -12.11
CA ASN C 102 6.73 -19.91 -13.03
C ASN C 102 5.38 -19.98 -12.34
N ASP C 103 4.42 -19.19 -12.81
CA ASP C 103 3.06 -19.28 -12.30
C ASP C 103 2.50 -20.67 -12.55
N MET C 104 2.10 -21.35 -11.49
CA MET C 104 1.63 -22.73 -11.61
C MET C 104 0.32 -22.97 -10.85
N ASP C 105 -0.76 -23.07 -11.61
CA ASP C 105 -2.08 -23.27 -11.05
C ASP C 105 -2.31 -24.77 -10.82
N PHE C 106 -2.58 -25.13 -9.58
CA PHE C 106 -2.76 -26.53 -9.23
C PHE C 106 -4.18 -26.81 -8.77
N ARG C 107 -5.10 -25.90 -9.07
CA ARG C 107 -6.46 -26.04 -8.58
C ARG C 107 -7.17 -27.30 -9.10
N LEU C 108 -6.90 -27.68 -10.34
CA LEU C 108 -7.62 -28.79 -10.96
C LEU C 108 -6.94 -30.11 -10.64
N PHE C 109 -6.06 -30.09 -9.64
CA PHE C 109 -5.31 -31.27 -9.22
C PHE C 109 -6.25 -32.42 -8.92
N PRO C 110 -5.88 -33.64 -9.34
CA PRO C 110 -4.62 -34.04 -9.98
C PRO C 110 -4.65 -34.03 -11.51
N PHE C 111 -5.36 -33.07 -12.10
CA PHE C 111 -5.47 -33.00 -13.55
C PHE C 111 -4.83 -31.71 -14.07
N ASP C 112 -3.97 -31.12 -13.26
CA ASP C 112 -3.39 -29.83 -13.62
C ASP C 112 -2.48 -30.00 -14.83
N ARG C 113 -2.49 -29.03 -15.72
CA ARG C 113 -1.52 -29.03 -16.80
C ARG C 113 -0.66 -27.81 -16.62
N GLN C 114 0.64 -28.00 -16.82
CA GLN C 114 1.62 -26.97 -16.53
C GLN C 114 2.46 -26.65 -17.76
N GLN C 115 3.24 -25.58 -17.66
CA GLN C 115 4.30 -25.42 -18.63
C GLN C 115 5.61 -25.03 -17.95
N PHE C 116 6.61 -25.86 -18.14
CA PHE C 116 7.92 -25.62 -17.58
C PHE C 116 8.62 -24.64 -18.51
N VAL C 117 9.13 -23.55 -17.96
CA VAL C 117 9.59 -22.43 -18.79
C VAL C 117 11.05 -22.05 -18.58
N LEU C 118 11.75 -21.81 -19.67
CA LEU C 118 13.12 -21.28 -19.63
C LEU C 118 13.13 -19.96 -20.34
N GLU C 119 13.68 -18.94 -19.69
CA GLU C 119 13.78 -17.59 -20.26
C GLU C 119 15.22 -17.10 -20.16
N LEU C 120 15.82 -16.83 -21.31
CA LEU C 120 17.23 -16.49 -21.33
C LEU C 120 17.37 -15.06 -21.83
N GLU C 121 18.21 -14.29 -21.13
CA GLU C 121 18.37 -12.87 -21.44
C GLU C 121 19.73 -12.38 -20.95
N PRO C 122 20.50 -11.74 -21.84
CA PRO C 122 21.84 -11.20 -21.55
C PRO C 122 21.84 -10.29 -20.34
N PHE C 123 22.94 -10.32 -19.59
CA PHE C 123 23.01 -9.62 -18.31
C PHE C 123 23.49 -8.17 -18.45
N SER C 124 24.36 -7.93 -19.42
CA SER C 124 25.02 -6.64 -19.49
C SER C 124 24.94 -6.04 -20.89
N TYR C 125 24.41 -6.81 -21.82
CA TYR C 125 24.37 -6.32 -23.19
C TYR C 125 22.94 -6.32 -23.72
N ASN C 126 22.45 -5.13 -24.04
CA ASN C 126 21.12 -4.98 -24.60
C ASN C 126 21.16 -5.33 -26.10
N ASN C 127 20.02 -5.29 -26.78
CA ASN C 127 19.95 -5.72 -28.19
C ASN C 127 20.70 -4.83 -29.17
N GLN C 128 21.12 -3.64 -28.75
CA GLN C 128 21.95 -2.83 -29.61
C GLN C 128 23.33 -3.46 -29.65
N GLN C 129 23.63 -4.20 -28.60
CA GLN C 129 24.93 -4.79 -28.42
C GLN C 129 24.94 -6.28 -28.71
N LEU C 130 24.04 -7.02 -28.05
CA LEU C 130 23.96 -8.47 -28.18
C LEU C 130 22.54 -8.89 -28.55
N ARG C 131 22.42 -9.65 -29.63
CA ARG C 131 21.11 -9.99 -30.12
C ARG C 131 21.02 -11.50 -30.35
N PHE C 132 19.87 -12.07 -30.04
CA PHE C 132 19.64 -13.50 -30.20
C PHE C 132 19.14 -13.82 -31.60
N SER C 133 19.97 -14.48 -32.40
CA SER C 133 19.66 -14.71 -33.81
C SER C 133 18.61 -15.81 -33.99
N ASP C 134 18.81 -16.94 -33.33
CA ASP C 134 17.85 -18.05 -33.42
C ASP C 134 18.06 -19.09 -32.30
N ILE C 135 17.03 -19.90 -32.06
CA ILE C 135 17.11 -20.94 -31.02
C ILE C 135 16.24 -22.16 -31.23
N GLN C 136 16.90 -23.31 -31.25
CA GLN C 136 16.23 -24.61 -31.22
C GLN C 136 16.43 -25.26 -29.85
N VAL C 137 15.41 -25.95 -29.37
CA VAL C 137 15.53 -26.70 -28.13
C VAL C 137 15.17 -28.16 -28.33
N TYR C 138 16.13 -29.01 -27.96
CA TYR C 138 16.07 -30.43 -28.17
C TYR C 138 15.70 -31.14 -26.90
N THR C 139 14.46 -31.60 -26.83
CA THR C 139 13.99 -32.32 -25.67
C THR C 139 14.23 -33.80 -25.92
N GLU C 140 14.84 -34.46 -24.95
CA GLU C 140 15.21 -35.87 -25.01
C GLU C 140 13.91 -36.70 -24.82
N ASN C 141 12.99 -36.47 -25.74
CA ASN C 141 11.63 -36.96 -25.72
C ASN C 141 11.41 -38.45 -26.05
N ALA C 142 10.26 -38.95 -25.56
CA ALA C 142 9.53 -40.17 -25.97
C ALA C 142 9.25 -41.22 -24.88
N ASP C 143 8.09 -41.84 -25.06
CA ASP C 143 7.59 -43.11 -24.47
C ASP C 143 7.63 -43.12 -22.92
N ASN C 144 7.31 -44.26 -22.30
CA ASN C 144 7.27 -44.43 -20.84
C ASN C 144 6.65 -43.29 -20.02
N GLU C 145 5.58 -42.69 -20.52
CA GLU C 145 4.92 -41.61 -19.79
C GLU C 145 4.34 -42.21 -18.52
N GLU C 146 3.89 -43.46 -18.66
CA GLU C 146 3.20 -44.22 -17.63
C GLU C 146 4.05 -44.58 -16.41
N ILE C 147 5.37 -44.49 -16.55
CA ILE C 147 6.29 -44.80 -15.47
C ILE C 147 6.74 -43.48 -14.84
N ASP C 148 6.58 -42.40 -15.61
CA ASP C 148 7.00 -41.06 -15.22
C ASP C 148 5.87 -40.25 -14.61
N GLU C 149 6.22 -39.33 -13.72
CA GLU C 149 5.27 -38.48 -13.02
C GLU C 149 4.58 -37.48 -13.97
N TRP C 150 5.34 -36.99 -14.93
CA TRP C 150 4.87 -35.98 -15.88
C TRP C 150 4.88 -36.45 -17.33
N TRP C 151 3.82 -36.16 -18.07
CA TRP C 151 3.76 -36.50 -19.48
C TRP C 151 3.93 -35.25 -20.33
N ILE C 152 5.15 -35.04 -20.84
CA ILE C 152 5.40 -33.95 -21.77
C ILE C 152 4.56 -34.25 -23.00
N ARG C 153 3.81 -33.28 -23.51
CA ARG C 153 3.00 -33.58 -24.68
C ARG C 153 3.28 -32.67 -25.88
N GLY C 154 3.54 -31.39 -25.65
CA GLY C 154 4.03 -30.56 -26.75
C GLY C 154 5.48 -30.97 -26.94
N LYS C 155 6.18 -30.41 -27.92
CA LYS C 155 7.62 -30.64 -28.03
C LYS C 155 8.24 -29.23 -27.90
N ALA C 156 7.62 -28.48 -27.00
CA ALA C 156 8.09 -27.15 -26.63
C ALA C 156 7.97 -26.05 -27.70
N SER C 157 7.48 -24.87 -27.30
CA SER C 157 7.45 -23.71 -28.18
C SER C 157 8.64 -22.81 -27.88
N THR C 158 8.94 -21.91 -28.82
CA THR C 158 10.09 -21.04 -28.72
C THR C 158 9.84 -19.72 -29.39
N HIS C 159 10.16 -18.61 -28.73
CA HIS C 159 9.99 -17.32 -29.39
C HIS C 159 10.90 -16.27 -28.73
N ILE C 160 11.77 -15.80 -29.63
CA ILE C 160 12.69 -14.70 -29.44
C ILE C 160 11.90 -13.45 -29.64
N SER C 161 11.96 -12.61 -28.63
CA SER C 161 11.23 -11.38 -28.60
C SER C 161 12.19 -10.36 -28.03
N ASP C 162 11.82 -9.09 -28.13
CA ASP C 162 12.62 -8.06 -27.52
C ASP C 162 11.81 -7.46 -26.38
N ILE C 163 12.43 -7.41 -25.20
CA ILE C 163 11.78 -6.99 -23.97
C ILE C 163 12.26 -5.60 -23.54
N ARG C 164 11.33 -4.68 -23.30
CA ARG C 164 11.74 -3.32 -22.95
C ARG C 164 11.40 -2.86 -21.53
N TYR C 165 12.41 -2.24 -20.90
CA TYR C 165 12.37 -1.76 -19.52
C TYR C 165 12.28 -0.23 -19.53
N ASP C 166 11.22 0.32 -18.94
CA ASP C 166 10.94 1.76 -18.92
C ASP C 166 11.75 2.59 -17.89
N HIS C 167 12.25 1.88 -16.87
CA HIS C 167 12.76 2.29 -15.56
C HIS C 167 14.25 1.92 -15.44
N LEU C 168 15.17 2.87 -15.55
CA LEU C 168 16.54 2.38 -15.69
C LEU C 168 17.59 3.02 -14.76
N SER C 169 18.85 2.92 -15.17
CA SER C 169 19.98 3.60 -14.56
C SER C 169 20.16 4.91 -15.29
N SER C 170 21.40 5.41 -15.29
CA SER C 170 21.70 6.65 -15.98
C SER C 170 22.17 6.35 -17.39
N VAL C 171 21.49 5.43 -18.08
CA VAL C 171 21.70 5.27 -19.51
C VAL C 171 20.42 5.56 -20.30
N GLN C 172 20.60 6.35 -21.35
CA GLN C 172 19.56 7.15 -22.00
C GLN C 172 18.91 6.71 -23.33
N PRO C 173 19.67 6.83 -24.45
CA PRO C 173 19.05 6.88 -25.79
C PRO C 173 18.06 5.77 -26.14
N ASN C 174 18.50 4.52 -26.18
CA ASN C 174 17.58 3.43 -26.48
C ASN C 174 18.02 2.11 -25.85
N GLN C 175 18.87 2.19 -24.84
CA GLN C 175 19.36 0.98 -24.16
C GLN C 175 18.39 0.45 -23.13
N ASN C 176 17.16 0.22 -23.58
CA ASN C 176 16.11 -0.24 -22.68
C ASN C 176 15.39 -1.44 -23.28
N GLU C 177 15.92 -1.96 -24.38
CA GLU C 177 15.34 -3.11 -25.08
C GLU C 177 16.33 -4.27 -25.08
N PHE C 178 15.99 -5.38 -24.43
CA PHE C 178 16.80 -6.61 -24.46
C PHE C 178 16.14 -7.73 -25.26
N SER C 179 16.94 -8.51 -25.98
CA SER C 179 16.40 -9.62 -26.75
C SER C 179 16.28 -10.84 -25.85
N ARG C 180 15.09 -11.46 -25.85
CA ARG C 180 14.79 -12.54 -24.91
C ARG C 180 14.23 -13.80 -25.55
N ILE C 181 14.82 -14.91 -25.13
CA ILE C 181 14.42 -16.25 -25.50
C ILE C 181 13.39 -16.83 -24.54
N THR C 182 12.27 -17.31 -25.05
CA THR C 182 11.29 -17.97 -24.18
C THR C 182 11.00 -19.40 -24.62
N VAL C 183 11.27 -20.34 -23.72
CA VAL C 183 11.02 -21.74 -24.01
C VAL C 183 9.88 -22.27 -23.14
N ARG C 184 8.85 -22.79 -23.79
CA ARG C 184 7.70 -23.34 -23.09
C ARG C 184 7.56 -24.81 -23.40
N ILE C 185 7.23 -25.60 -22.39
CA ILE C 185 7.04 -27.06 -22.56
C ILE C 185 5.69 -27.47 -22.01
N ASP C 186 4.79 -27.93 -22.86
CA ASP C 186 3.46 -28.26 -22.35
C ASP C 186 3.52 -29.62 -21.69
N ALA C 187 2.99 -29.71 -20.47
CA ALA C 187 3.05 -30.94 -19.69
C ALA C 187 1.84 -31.17 -18.77
N VAL C 188 1.43 -32.42 -18.62
CA VAL C 188 0.27 -32.79 -17.81
C VAL C 188 0.70 -33.74 -16.70
N ARG C 189 0.01 -33.67 -15.56
CA ARG C 189 0.28 -34.54 -14.43
C ARG C 189 -0.31 -35.93 -14.67
N ASN C 190 0.45 -36.96 -14.29
CA ASN C 190 0.01 -38.35 -14.35
C ASN C 190 -1.00 -38.67 -13.24
N PRO C 191 -2.29 -38.81 -13.63
CA PRO C 191 -3.40 -38.91 -12.66
C PRO C 191 -3.67 -40.31 -12.11
N SER C 192 -2.99 -41.33 -12.63
CA SER C 192 -3.29 -42.72 -12.28
C SER C 192 -3.35 -42.98 -10.78
N TYR C 193 -2.27 -42.66 -10.08
CA TYR C 193 -2.16 -42.97 -8.66
C TYR C 193 -3.21 -42.24 -7.83
N TYR C 194 -3.43 -40.98 -8.18
CA TYR C 194 -4.34 -40.14 -7.43
C TYR C 194 -5.79 -40.56 -7.69
N LEU C 195 -6.04 -41.15 -8.85
CA LEU C 195 -7.37 -41.70 -9.10
C LEU C 195 -7.68 -42.90 -8.23
N TRP C 196 -6.85 -43.93 -8.34
CA TRP C 196 -7.20 -45.21 -7.74
C TRP C 196 -6.98 -45.35 -6.24
N SER C 197 -6.01 -44.66 -5.67
CA SER C 197 -5.78 -44.78 -4.24
C SER C 197 -6.40 -43.63 -3.45
N PHE C 198 -6.87 -42.59 -4.12
CA PHE C 198 -7.47 -41.46 -3.42
C PHE C 198 -8.91 -41.19 -3.82
N ILE C 199 -9.17 -40.96 -5.10
CA ILE C 199 -10.55 -40.69 -5.53
C ILE C 199 -11.50 -41.87 -5.30
N LEU C 200 -11.11 -43.03 -5.82
CA LEU C 200 -11.95 -44.22 -5.81
C LEU C 200 -12.37 -44.66 -4.40
N PRO C 201 -11.39 -44.82 -3.48
CA PRO C 201 -11.88 -45.26 -2.17
C PRO C 201 -12.77 -44.21 -1.52
N LEU C 202 -12.44 -42.94 -1.73
CA LEU C 202 -13.22 -41.84 -1.16
C LEU C 202 -14.68 -41.90 -1.63
N GLY C 203 -14.89 -42.16 -2.92
CA GLY C 203 -16.24 -42.27 -3.46
C GLY C 203 -17.06 -43.34 -2.75
N LEU C 204 -16.45 -44.49 -2.48
CA LEU C 204 -17.13 -45.58 -1.78
C LEU C 204 -17.45 -45.24 -0.32
N ILE C 205 -16.59 -44.46 0.32
CA ILE C 205 -16.85 -43.97 1.67
C ILE C 205 -18.13 -43.13 1.70
N ILE C 206 -18.22 -42.16 0.80
CA ILE C 206 -19.38 -41.28 0.71
C ILE C 206 -20.66 -42.06 0.36
N ALA C 207 -20.50 -43.06 -0.51
CA ALA C 207 -21.58 -43.97 -0.86
C ALA C 207 -22.05 -44.78 0.35
N ALA C 208 -21.13 -45.52 0.96
CA ALA C 208 -21.42 -46.34 2.12
C ALA C 208 -21.96 -45.49 3.27
N SER C 209 -21.64 -44.22 3.24
CA SER C 209 -22.20 -43.29 4.19
C SER C 209 -23.73 -43.35 4.13
N TRP C 210 -24.26 -43.37 2.90
CA TRP C 210 -25.71 -43.30 2.68
C TRP C 210 -26.46 -44.54 3.14
N SER C 211 -25.73 -45.64 3.35
CA SER C 211 -26.37 -46.87 3.76
C SER C 211 -26.74 -46.82 5.25
N VAL C 212 -26.49 -45.67 5.88
CA VAL C 212 -26.88 -45.46 7.27
C VAL C 212 -28.41 -45.38 7.32
N PHE C 213 -29.02 -45.08 6.18
CA PHE C 213 -30.45 -44.91 6.10
C PHE C 213 -31.21 -46.22 6.06
N TRP C 214 -30.52 -47.32 5.77
CA TRP C 214 -31.15 -48.64 5.82
C TRP C 214 -31.09 -49.25 7.21
N LEU C 215 -30.72 -48.46 8.22
CA LEU C 215 -30.79 -48.95 9.59
C LEU C 215 -32.22 -48.83 10.12
N GLU C 216 -32.62 -49.79 10.96
CA GLU C 216 -34.00 -49.86 11.43
C GLU C 216 -34.29 -48.94 12.61
N SER C 217 -33.49 -49.04 13.66
CA SER C 217 -33.67 -48.21 14.84
C SER C 217 -33.20 -46.77 14.59
N PHE C 218 -33.70 -45.83 15.38
CA PHE C 218 -33.23 -44.45 15.28
C PHE C 218 -31.91 -44.35 15.97
N SER C 219 -31.83 -45.00 17.13
CA SER C 219 -30.66 -44.92 17.95
C SER C 219 -29.48 -45.38 17.14
N GLU C 220 -29.64 -46.51 16.45
CA GLU C 220 -28.59 -47.04 15.58
C GLU C 220 -28.20 -46.06 14.49
N ARG C 221 -29.20 -45.49 13.84
CA ARG C 221 -29.00 -44.58 12.71
C ARG C 221 -28.10 -43.41 13.08
N LEU C 222 -28.29 -42.89 14.28
CA LEU C 222 -27.55 -41.71 14.71
C LEU C 222 -26.19 -42.03 15.36
N GLN C 223 -26.10 -43.00 16.28
CA GLN C 223 -24.79 -43.32 16.85
C GLN C 223 -23.88 -43.81 15.72
N THR C 224 -24.47 -44.45 14.71
CA THR C 224 -23.72 -44.92 13.55
C THR C 224 -23.05 -43.81 12.77
N SER C 225 -23.81 -42.78 12.40
CA SER C 225 -23.28 -41.72 11.56
C SER C 225 -22.12 -40.98 12.24
N PHE C 226 -21.95 -41.16 13.54
CA PHE C 226 -20.79 -40.59 14.21
C PHE C 226 -19.54 -41.35 13.86
N THR C 227 -19.68 -42.65 13.64
CA THR C 227 -18.56 -43.48 13.17
C THR C 227 -18.14 -43.04 11.77
N LEU C 228 -19.12 -42.67 10.96
CA LEU C 228 -18.86 -42.21 9.60
C LEU C 228 -18.20 -40.85 9.53
N MET C 229 -18.59 -39.97 10.45
CA MET C 229 -17.96 -38.66 10.53
C MET C 229 -16.52 -38.88 10.96
N LEU C 230 -16.33 -39.88 11.81
CA LEU C 230 -15.00 -40.26 12.26
C LEU C 230 -14.15 -40.74 11.07
N THR C 231 -14.80 -41.39 10.10
CA THR C 231 -14.11 -41.92 8.92
C THR C 231 -13.63 -40.84 7.94
N VAL C 232 -14.47 -39.87 7.65
CA VAL C 232 -14.07 -38.78 6.75
C VAL C 232 -12.91 -37.98 7.34
N VAL C 233 -12.88 -37.79 8.67
CA VAL C 233 -11.70 -37.22 9.33
C VAL C 233 -10.50 -38.13 9.09
N ALA C 234 -10.75 -39.42 9.22
CA ALA C 234 -9.72 -40.40 8.98
C ALA C 234 -9.22 -40.37 7.54
N TYR C 235 -10.13 -40.25 6.59
CA TYR C 235 -9.72 -40.29 5.19
C TYR C 235 -8.98 -39.04 4.79
N ALA C 236 -9.33 -37.94 5.44
CA ALA C 236 -8.71 -36.64 5.16
C ALA C 236 -7.23 -36.67 5.48
N SER C 237 -6.89 -37.08 6.70
CA SER C 237 -5.50 -37.10 7.14
C SER C 237 -4.64 -38.01 6.27
N TYR C 238 -5.17 -39.16 5.90
CA TYR C 238 -4.50 -40.06 4.97
C TYR C 238 -4.17 -39.36 3.65
N THR C 239 -5.13 -38.62 3.08
CA THR C 239 -4.92 -37.76 1.91
C THR C 239 -3.97 -36.62 2.23
N SER C 240 -4.20 -36.03 3.39
CA SER C 240 -3.40 -34.93 3.88
C SER C 240 -1.91 -35.22 4.10
N ASN C 241 -1.51 -36.45 4.44
CA ASN C 241 -0.09 -36.64 4.63
C ASN C 241 0.63 -36.46 3.33
N ILE C 242 -0.07 -36.89 2.29
CA ILE C 242 0.49 -37.21 0.99
C ILE C 242 0.39 -36.14 -0.06
N LEU C 243 -0.80 -35.58 -0.17
CA LEU C 243 -1.05 -34.59 -1.18
C LEU C 243 -0.15 -33.37 -1.03
N PRO C 244 0.19 -32.75 -2.16
CA PRO C 244 1.08 -31.60 -2.15
C PRO C 244 0.44 -30.42 -1.44
N ARG C 245 1.27 -29.77 -0.64
CA ARG C 245 0.94 -28.58 0.11
C ARG C 245 0.54 -27.50 -0.93
N LEU C 246 -0.60 -26.84 -0.71
CA LEU C 246 -1.13 -25.71 -1.49
C LEU C 246 -1.80 -24.66 -0.59
N PRO C 247 -2.00 -23.44 -1.10
CA PRO C 247 -2.76 -22.37 -0.45
C PRO C 247 -4.18 -22.27 -0.98
N TYR C 248 -4.62 -23.30 -1.69
CA TYR C 248 -5.99 -23.32 -2.19
C TYR C 248 -6.52 -24.75 -2.21
N THR C 249 -7.84 -24.87 -2.31
CA THR C 249 -8.49 -26.17 -2.29
C THR C 249 -8.25 -26.90 -3.60
N THR C 250 -7.97 -28.19 -3.49
CA THR C 250 -7.78 -29.04 -4.65
C THR C 250 -9.12 -29.68 -5.00
N VAL C 251 -9.16 -30.53 -6.02
CA VAL C 251 -10.37 -31.31 -6.29
C VAL C 251 -10.69 -32.34 -5.21
N ILE C 252 -9.68 -33.10 -4.81
CA ILE C 252 -9.84 -34.06 -3.73
C ILE C 252 -10.32 -33.37 -2.46
N ASP C 253 -9.66 -32.26 -2.10
CA ASP C 253 -10.03 -31.47 -0.92
C ASP C 253 -11.50 -31.10 -0.92
N GLN C 254 -12.04 -30.83 -2.11
CA GLN C 254 -13.45 -30.56 -2.25
C GLN C 254 -14.30 -31.80 -1.93
N MET C 255 -13.89 -32.94 -2.47
CA MET C 255 -14.57 -34.21 -2.26
C MET C 255 -14.72 -34.55 -0.77
N ILE C 256 -13.67 -34.23 -0.01
CA ILE C 256 -13.69 -34.45 1.43
C ILE C 256 -14.71 -33.56 2.14
N ILE C 257 -14.81 -32.30 1.73
CA ILE C 257 -15.80 -31.40 2.31
C ILE C 257 -17.21 -31.96 2.14
N ALA C 258 -17.53 -32.36 0.90
CA ALA C 258 -18.82 -32.97 0.57
C ALA C 258 -19.06 -34.21 1.41
N GLY C 259 -17.98 -34.92 1.74
CA GLY C 259 -18.06 -36.06 2.63
C GLY C 259 -18.52 -35.63 4.01
N TYR C 260 -17.81 -34.67 4.60
CA TYR C 260 -18.19 -34.12 5.90
C TYR C 260 -19.63 -33.64 5.81
N GLY C 261 -19.91 -32.91 4.74
CA GLY C 261 -21.21 -32.32 4.52
C GLY C 261 -22.30 -33.37 4.39
N SER C 262 -22.03 -34.41 3.62
CA SER C 262 -23.03 -35.44 3.40
C SER C 262 -23.54 -36.05 4.69
N ILE C 263 -22.63 -36.33 5.62
CA ILE C 263 -23.01 -36.96 6.87
C ILE C 263 -23.71 -35.96 7.78
N PHE C 264 -23.17 -34.74 7.87
CA PHE C 264 -23.80 -33.73 8.71
C PHE C 264 -25.22 -33.45 8.22
N ALA C 265 -25.44 -33.59 6.91
CA ALA C 265 -26.76 -33.45 6.32
C ALA C 265 -27.64 -34.63 6.73
N ALA C 266 -27.04 -35.81 6.73
CA ALA C 266 -27.70 -37.03 7.17
C ALA C 266 -28.11 -36.95 8.64
N ILE C 267 -27.22 -36.41 9.48
CA ILE C 267 -27.48 -36.23 10.92
C ILE C 267 -28.76 -35.42 11.10
N LEU C 268 -28.83 -34.32 10.36
CA LEU C 268 -29.99 -33.47 10.44
C LEU C 268 -31.26 -34.19 9.98
N LEU C 269 -31.21 -34.84 8.81
CA LEU C 269 -32.37 -35.59 8.34
C LEU C 269 -32.82 -36.66 9.34
N ILE C 270 -31.86 -37.42 9.87
CA ILE C 270 -32.14 -38.50 10.81
C ILE C 270 -32.87 -38.00 12.05
N ILE C 271 -32.39 -36.89 12.60
CA ILE C 271 -33.08 -36.29 13.74
C ILE C 271 -34.41 -35.69 13.34
N PHE C 272 -34.44 -34.99 12.20
CA PHE C 272 -35.66 -34.39 11.71
C PHE C 272 -36.78 -35.38 11.57
N ALA C 273 -36.49 -36.52 10.95
CA ALA C 273 -37.48 -37.56 10.78
C ALA C 273 -38.03 -37.96 12.14
N HIS C 274 -37.12 -38.14 13.10
CA HIS C 274 -37.45 -38.71 14.39
C HIS C 274 -38.17 -37.80 15.39
N HIS C 275 -37.67 -36.60 15.61
CA HIS C 275 -38.23 -35.80 16.69
C HIS C 275 -39.11 -34.62 16.32
N ARG C 276 -39.29 -34.31 15.05
CA ARG C 276 -40.44 -33.48 14.77
C ARG C 276 -41.51 -34.34 14.11
N GLN C 277 -42.69 -34.10 14.64
CA GLN C 277 -43.39 -35.13 15.37
C GLN C 277 -44.91 -34.90 15.41
N ALA C 278 -45.63 -35.91 15.89
CA ALA C 278 -47.03 -35.82 16.28
C ALA C 278 -47.15 -36.81 17.42
N ASN C 279 -45.98 -37.20 17.93
CA ASN C 279 -45.80 -38.52 18.50
C ASN C 279 -44.57 -38.64 19.42
N GLY C 280 -43.47 -39.09 18.82
CA GLY C 280 -42.24 -39.40 19.53
C GLY C 280 -41.60 -40.37 18.59
N VAL C 281 -42.47 -41.15 17.96
CA VAL C 281 -42.04 -42.29 17.15
C VAL C 281 -42.20 -41.97 15.65
N GLU C 282 -42.76 -40.80 15.33
CA GLU C 282 -43.08 -40.51 13.94
C GLU C 282 -41.87 -40.12 13.08
N ASP C 283 -40.99 -41.08 12.81
CA ASP C 283 -40.06 -40.90 11.71
C ASP C 283 -40.94 -41.03 10.48
N ASP C 284 -41.06 -39.99 9.66
CA ASP C 284 -41.83 -40.14 8.43
C ASP C 284 -41.12 -41.24 7.69
N LEU C 285 -41.74 -42.43 7.69
CA LEU C 285 -41.10 -43.59 7.10
C LEU C 285 -40.78 -43.41 5.60
N LEU C 286 -41.37 -42.42 4.94
CA LEU C 286 -40.99 -42.12 3.55
C LEU C 286 -39.88 -41.05 3.50
N ILE C 287 -39.81 -40.15 4.48
CA ILE C 287 -38.69 -39.21 4.51
C ILE C 287 -37.44 -39.97 4.91
N GLN C 288 -37.59 -41.04 5.70
CA GLN C 288 -36.41 -41.83 6.01
C GLN C 288 -36.21 -42.73 4.81
N ARG C 289 -37.24 -42.87 3.96
CA ARG C 289 -37.10 -43.58 2.69
C ARG C 289 -36.48 -42.67 1.63
N CYS C 290 -35.56 -41.84 2.10
CA CYS C 290 -34.63 -41.11 1.27
C CYS C 290 -33.35 -41.93 1.13
N ARG C 291 -33.44 -43.24 1.32
CA ARG C 291 -32.27 -44.11 1.17
C ARG C 291 -31.72 -44.08 -0.23
N LEU C 292 -32.61 -43.99 -1.22
CA LEU C 292 -32.16 -43.99 -2.60
C LEU C 292 -32.43 -42.65 -3.26
N ALA C 293 -33.13 -41.78 -2.54
CA ALA C 293 -33.35 -40.40 -2.97
C ALA C 293 -32.02 -39.64 -2.89
N PHE C 294 -31.55 -39.43 -1.66
CA PHE C 294 -30.36 -38.65 -1.36
C PHE C 294 -29.08 -39.06 -2.12
N PRO C 295 -28.94 -40.34 -2.51
CA PRO C 295 -27.90 -40.68 -3.49
C PRO C 295 -28.10 -40.12 -4.92
N LEU C 296 -29.33 -39.86 -5.38
CA LEU C 296 -29.53 -39.30 -6.73
C LEU C 296 -29.12 -37.84 -6.75
N GLY C 297 -29.39 -37.17 -5.64
CA GLY C 297 -29.16 -35.74 -5.52
C GLY C 297 -27.70 -35.40 -5.28
N PHE C 298 -26.93 -36.38 -4.82
CA PHE C 298 -25.52 -36.13 -4.55
C PHE C 298 -24.79 -36.10 -5.89
N LEU C 299 -25.34 -36.80 -6.88
CA LEU C 299 -24.80 -36.73 -8.24
C LEU C 299 -25.27 -35.46 -8.95
N ALA C 300 -26.44 -34.94 -8.56
CA ALA C 300 -26.96 -33.71 -9.12
C ALA C 300 -26.18 -32.49 -8.64
N ILE C 301 -26.02 -32.40 -7.33
CA ILE C 301 -25.21 -31.36 -6.72
C ILE C 301 -23.73 -31.59 -7.06
N GLY C 302 -23.36 -32.85 -7.29
CA GLY C 302 -21.98 -33.19 -7.62
C GLY C 302 -21.56 -32.77 -9.01
N CYS C 303 -22.43 -33.04 -9.98
CA CYS C 303 -22.18 -32.69 -11.38
C CYS C 303 -22.46 -31.22 -11.69
N VAL C 304 -23.08 -30.46 -10.79
CA VAL C 304 -23.20 -29.04 -11.06
C VAL C 304 -21.83 -28.43 -10.76
N LEU C 305 -21.13 -28.87 -9.70
CA LEU C 305 -19.84 -28.28 -9.36
C LEU C 305 -18.79 -28.45 -10.47
N VAL C 306 -19.20 -29.11 -11.55
CA VAL C 306 -18.43 -29.14 -12.78
C VAL C 306 -18.63 -27.80 -13.51
N ILE C 307 -19.74 -27.12 -13.22
CA ILE C 307 -20.11 -25.83 -13.83
C ILE C 307 -18.94 -24.86 -13.87
N PRO D 1 43.98 -40.29 -32.58
CA PRO D 1 42.84 -40.82 -31.81
C PRO D 1 43.30 -41.46 -30.50
N VAL D 2 43.32 -40.69 -29.42
CA VAL D 2 43.89 -41.13 -28.15
C VAL D 2 43.11 -42.24 -27.44
N ASP D 3 43.76 -43.38 -27.25
CA ASP D 3 43.18 -44.52 -26.52
C ASP D 3 43.24 -44.29 -25.03
N VAL D 4 42.08 -44.30 -24.39
CA VAL D 4 41.98 -44.08 -22.95
C VAL D 4 41.36 -45.26 -22.22
N SER D 5 42.14 -45.88 -21.33
CA SER D 5 41.64 -46.96 -20.49
C SER D 5 40.98 -46.40 -19.25
N VAL D 6 39.84 -46.97 -18.88
CA VAL D 6 39.08 -46.50 -17.75
C VAL D 6 38.84 -47.62 -16.77
N SER D 7 38.78 -47.27 -15.49
CA SER D 7 38.41 -48.23 -14.44
C SER D 7 37.54 -47.51 -13.42
N ILE D 8 36.39 -48.12 -13.11
CA ILE D 8 35.43 -47.58 -12.15
C ILE D 8 35.37 -48.45 -10.90
N PHE D 9 35.58 -47.87 -9.73
CA PHE D 9 35.49 -48.63 -8.50
C PHE D 9 34.18 -48.27 -7.80
N ILE D 10 33.20 -49.16 -7.77
CA ILE D 10 31.94 -48.85 -7.09
C ILE D 10 32.12 -49.12 -5.61
N ASN D 11 31.98 -48.09 -4.78
CA ASN D 11 32.17 -48.21 -3.33
C ASN D 11 30.90 -48.43 -2.49
N LYS D 12 29.85 -47.71 -2.83
CA LYS D 12 28.57 -47.86 -2.16
C LYS D 12 27.48 -47.39 -3.10
N ILE D 13 26.40 -48.14 -3.21
CA ILE D 13 25.23 -47.64 -3.94
C ILE D 13 24.07 -47.55 -2.96
N TYR D 14 23.56 -46.34 -2.78
CA TYR D 14 22.56 -46.11 -1.76
C TYR D 14 21.66 -44.92 -2.09
N GLY D 15 20.60 -44.75 -1.29
CA GLY D 15 19.73 -43.61 -1.40
C GLY D 15 18.92 -43.53 -2.68
N VAL D 16 18.17 -44.59 -2.97
CA VAL D 16 17.28 -44.59 -4.11
C VAL D 16 16.17 -43.57 -3.87
N ASN D 17 16.04 -42.59 -4.76
CA ASN D 17 14.96 -41.63 -4.64
C ASN D 17 13.88 -42.04 -5.64
N THR D 18 12.82 -42.66 -5.14
CA THR D 18 11.83 -43.32 -6.00
C THR D 18 11.16 -42.36 -7.01
N LEU D 19 10.79 -41.16 -6.56
CA LEU D 19 10.18 -40.18 -7.45
C LEU D 19 11.16 -39.59 -8.47
N GLU D 20 12.36 -39.24 -8.03
CA GLU D 20 13.29 -38.57 -8.92
C GLU D 20 13.93 -39.54 -9.90
N GLN D 21 13.75 -40.84 -9.63
CA GLN D 21 14.37 -41.91 -10.41
C GLN D 21 15.85 -41.61 -10.39
N THR D 22 16.41 -41.82 -9.20
CA THR D 22 17.67 -41.25 -8.76
C THR D 22 18.29 -42.19 -7.75
N TYR D 23 19.61 -42.35 -7.80
CA TYR D 23 20.30 -43.15 -6.78
C TYR D 23 21.69 -42.58 -6.54
N LYS D 24 22.27 -42.81 -5.37
CA LYS D 24 23.59 -42.23 -5.11
C LYS D 24 24.68 -43.27 -5.19
N VAL D 25 25.84 -42.84 -5.70
CA VAL D 25 26.95 -43.72 -5.99
C VAL D 25 28.30 -43.13 -5.58
N ASP D 26 28.97 -43.84 -4.69
CA ASP D 26 30.31 -43.46 -4.24
C ASP D 26 31.29 -44.37 -4.93
N GLY D 27 32.38 -43.78 -5.41
CA GLY D 27 33.42 -44.55 -6.04
C GLY D 27 34.58 -43.77 -6.58
N TYR D 28 35.37 -44.42 -7.43
CA TYR D 28 36.50 -43.74 -8.07
C TYR D 28 36.47 -43.92 -9.59
N ILE D 29 36.92 -42.91 -10.34
CA ILE D 29 37.24 -43.13 -11.75
C ILE D 29 38.73 -43.13 -11.88
N VAL D 30 39.21 -44.00 -12.76
CA VAL D 30 40.60 -44.04 -13.12
C VAL D 30 40.69 -43.95 -14.63
N ALA D 31 41.37 -42.93 -15.12
CA ALA D 31 41.58 -42.76 -16.56
C ALA D 31 43.09 -42.77 -16.84
N GLN D 32 43.48 -43.54 -17.85
CA GLN D 32 44.87 -43.58 -18.27
C GLN D 32 44.97 -43.56 -19.80
N TRP D 33 45.99 -42.85 -20.29
CA TRP D 33 46.26 -42.67 -21.71
C TRP D 33 47.75 -42.40 -21.92
N THR D 34 48.21 -42.52 -23.15
CA THR D 34 49.64 -42.37 -23.39
C THR D 34 49.93 -41.01 -23.98
N GLY D 35 50.78 -40.25 -23.31
CA GLY D 35 51.13 -38.92 -23.79
C GLY D 35 52.54 -38.89 -24.31
N LYS D 36 53.09 -37.69 -24.43
CA LYS D 36 54.46 -37.57 -24.87
C LYS D 36 55.40 -37.67 -23.69
N PRO D 37 56.44 -38.49 -23.83
CA PRO D 37 57.43 -38.81 -22.79
C PRO D 37 58.11 -37.57 -22.19
N ARG D 38 58.24 -37.59 -20.86
CA ARG D 38 58.73 -36.46 -20.07
C ARG D 38 59.91 -36.78 -19.16
N LYS D 39 60.52 -35.73 -18.63
CA LYS D 39 61.60 -35.80 -17.66
C LYS D 39 61.03 -35.61 -16.25
N THR D 40 61.15 -36.62 -15.41
CA THR D 40 60.69 -36.52 -14.03
C THR D 40 61.90 -36.44 -13.10
N PRO D 41 61.71 -35.88 -11.88
CA PRO D 41 62.72 -35.89 -10.82
C PRO D 41 63.32 -37.27 -10.60
N GLY D 42 64.64 -37.38 -10.68
CA GLY D 42 65.29 -38.68 -10.67
C GLY D 42 64.96 -39.36 -11.98
N ASP D 43 64.14 -40.40 -11.92
CA ASP D 43 63.63 -41.03 -13.13
C ASP D 43 62.38 -41.82 -12.74
N LYS D 44 62.06 -41.74 -11.46
CA LYS D 44 60.84 -42.25 -10.87
C LYS D 44 59.62 -41.53 -11.44
N PRO D 45 58.45 -42.17 -11.47
CA PRO D 45 57.27 -41.43 -11.93
C PRO D 45 57.00 -40.30 -10.95
N LEU D 46 56.47 -39.18 -11.42
CA LEU D 46 56.24 -38.06 -10.52
C LEU D 46 54.76 -37.99 -10.14
N ILE D 47 54.50 -37.73 -8.86
CA ILE D 47 53.14 -37.65 -8.34
C ILE D 47 52.72 -36.20 -8.08
N VAL D 48 51.52 -35.85 -8.56
CA VAL D 48 50.94 -34.52 -8.41
C VAL D 48 49.52 -34.58 -7.84
N GLU D 49 49.32 -34.00 -6.67
CA GLU D 49 48.03 -34.06 -5.98
C GLU D 49 47.23 -32.76 -6.07
N ASN D 50 45.92 -32.87 -6.21
CA ASN D 50 44.95 -31.77 -6.08
C ASN D 50 45.37 -30.37 -6.55
N THR D 51 45.73 -29.51 -5.61
CA THR D 51 46.07 -28.12 -5.95
C THR D 51 47.05 -27.99 -7.13
N GLN D 52 48.16 -28.73 -7.14
CA GLN D 52 49.12 -28.58 -8.25
C GLN D 52 48.71 -29.20 -9.55
N ILE D 53 47.60 -29.91 -9.57
CA ILE D 53 47.17 -30.44 -10.84
C ILE D 53 46.80 -29.25 -11.74
N GLU D 54 46.07 -28.29 -11.17
CA GLU D 54 45.66 -27.10 -11.91
C GLU D 54 46.88 -26.37 -12.44
N ARG D 55 47.95 -26.33 -11.65
CA ARG D 55 49.20 -25.70 -12.07
C ARG D 55 49.82 -26.41 -13.26
N TRP D 56 49.68 -27.73 -13.29
CA TRP D 56 50.19 -28.54 -14.38
C TRP D 56 49.35 -28.39 -15.64
N ILE D 57 48.05 -28.22 -15.45
CA ILE D 57 47.14 -28.04 -16.58
C ILE D 57 47.34 -26.66 -17.19
N ASN D 58 47.48 -25.66 -16.31
CA ASN D 58 47.74 -24.29 -16.73
C ASN D 58 49.03 -24.13 -17.54
N ASN D 59 50.02 -24.99 -17.29
CA ASN D 59 51.24 -24.96 -18.10
C ASN D 59 51.18 -25.97 -19.24
N GLY D 60 49.98 -26.45 -19.54
CA GLY D 60 49.73 -27.21 -20.75
C GLY D 60 49.62 -28.72 -20.69
N LEU D 61 49.28 -29.28 -19.53
CA LEU D 61 49.10 -30.72 -19.49
C LEU D 61 47.68 -31.00 -19.95
N TRP D 62 47.55 -31.89 -20.93
CA TRP D 62 46.23 -32.23 -21.45
C TRP D 62 45.60 -33.28 -20.56
N VAL D 63 44.62 -32.84 -19.80
CA VAL D 63 43.79 -33.73 -18.99
C VAL D 63 42.36 -33.55 -19.48
N PRO D 64 41.83 -34.54 -20.20
CA PRO D 64 40.50 -34.36 -20.78
C PRO D 64 39.40 -34.40 -19.73
N ALA D 65 38.39 -33.57 -19.91
CA ALA D 65 37.28 -33.58 -18.99
C ALA D 65 36.39 -34.77 -19.33
N LEU D 66 36.25 -35.69 -18.39
CA LEU D 66 35.33 -36.81 -18.58
C LEU D 66 34.05 -36.63 -17.77
N GLU D 67 32.94 -36.46 -18.48
CA GLU D 67 31.67 -36.14 -17.87
C GLU D 67 30.80 -37.36 -17.63
N PHE D 68 30.21 -37.47 -16.45
CA PHE D 68 29.18 -38.48 -16.23
C PHE D 68 27.85 -38.03 -16.83
N ILE D 69 27.43 -38.66 -17.92
CA ILE D 69 26.23 -38.22 -18.65
C ILE D 69 24.95 -38.19 -17.82
N ASN D 70 24.70 -39.23 -17.02
CA ASN D 70 23.42 -39.32 -16.32
C ASN D 70 23.49 -38.92 -14.84
N VAL D 71 24.49 -38.11 -14.49
CA VAL D 71 24.56 -37.54 -13.15
C VAL D 71 23.67 -36.28 -13.03
N VAL D 72 23.09 -36.08 -11.86
CA VAL D 72 22.25 -34.91 -11.63
C VAL D 72 23.03 -33.81 -10.87
N GLY D 73 23.39 -32.77 -11.60
CA GLY D 73 24.24 -31.71 -11.10
C GLY D 73 25.66 -32.22 -11.05
N SER D 74 26.61 -31.35 -10.73
CA SER D 74 27.98 -31.82 -10.69
C SER D 74 28.20 -32.44 -9.30
N PRO D 75 28.86 -33.61 -9.27
CA PRO D 75 29.13 -34.52 -8.15
C PRO D 75 30.24 -34.08 -7.21
N ASP D 76 30.16 -34.55 -5.97
CA ASP D 76 31.16 -34.26 -4.95
C ASP D 76 32.42 -35.03 -5.25
N THR D 77 33.41 -34.31 -5.73
CA THR D 77 34.68 -34.88 -6.12
C THR D 77 35.69 -34.72 -5.00
N GLY D 78 36.25 -35.83 -4.57
CA GLY D 78 37.23 -35.87 -3.50
C GLY D 78 38.61 -35.56 -4.03
N ASN D 79 39.58 -36.42 -3.69
CA ASN D 79 40.96 -36.18 -4.11
C ASN D 79 41.24 -36.49 -5.57
N LYS D 80 42.13 -35.70 -6.16
CA LYS D 80 42.55 -35.91 -7.52
C LYS D 80 44.05 -36.17 -7.53
N ARG D 81 44.49 -37.03 -8.42
CA ARG D 81 45.89 -37.39 -8.48
C ARG D 81 46.32 -37.50 -9.92
N LEU D 82 47.40 -36.82 -10.28
CA LEU D 82 48.01 -37.09 -11.55
C LEU D 82 49.30 -37.86 -11.30
N MET D 83 49.41 -39.03 -11.91
CA MET D 83 50.65 -39.79 -11.87
C MET D 83 51.30 -39.67 -13.24
N LEU D 84 52.40 -38.94 -13.31
CA LEU D 84 53.04 -38.69 -14.58
C LEU D 84 54.25 -39.57 -14.78
N PHE D 85 54.19 -40.37 -15.84
CA PHE D 85 55.25 -41.30 -16.20
C PHE D 85 56.24 -40.71 -17.21
N PRO D 86 57.52 -41.11 -17.12
CA PRO D 86 58.60 -40.65 -18.02
C PRO D 86 58.47 -41.22 -19.43
N ASP D 87 57.89 -42.41 -19.52
CA ASP D 87 57.65 -43.07 -20.81
C ASP D 87 56.48 -42.43 -21.56
N GLY D 88 55.74 -41.57 -20.88
CA GLY D 88 54.69 -40.82 -21.53
C GLY D 88 53.31 -40.95 -20.94
N ARG D 89 52.94 -42.16 -20.54
CA ARG D 89 51.57 -42.41 -20.08
C ARG D 89 51.21 -41.62 -18.84
N VAL D 90 49.92 -41.33 -18.71
CA VAL D 90 49.41 -40.44 -17.69
C VAL D 90 48.30 -41.14 -16.94
N ILE D 91 48.36 -41.10 -15.62
CA ILE D 91 47.35 -41.81 -14.83
C ILE D 91 46.57 -40.84 -13.99
N TYR D 92 45.27 -40.75 -14.29
CA TYR D 92 44.35 -39.87 -13.58
C TYR D 92 43.60 -40.66 -12.51
N ASN D 93 43.54 -40.11 -11.31
CA ASN D 93 42.94 -40.79 -10.19
C ASN D 93 42.08 -39.82 -9.37
N ALA D 94 40.79 -40.11 -9.24
CA ALA D 94 39.93 -39.19 -8.52
C ALA D 94 38.74 -39.91 -7.87
N ARG D 95 38.42 -39.52 -6.64
CA ARG D 95 37.25 -40.05 -5.92
C ARG D 95 36.00 -39.22 -6.14
N PHE D 96 34.84 -39.87 -6.24
CA PHE D 96 33.60 -39.14 -6.48
C PHE D 96 32.39 -39.71 -5.77
N LEU D 97 31.44 -38.83 -5.49
CA LEU D 97 30.11 -39.21 -5.00
C LEU D 97 29.07 -38.41 -5.76
N GLY D 98 28.12 -39.09 -6.37
CA GLY D 98 27.13 -38.42 -7.21
C GLY D 98 25.74 -38.98 -7.25
N SER D 99 24.78 -38.13 -7.60
CA SER D 99 23.40 -38.55 -7.84
C SER D 99 23.22 -38.93 -9.30
N PHE D 100 22.86 -40.18 -9.56
CA PHE D 100 22.74 -40.64 -10.92
C PHE D 100 21.29 -40.97 -11.29
N SER D 101 20.97 -40.85 -12.58
CA SER D 101 19.61 -41.02 -13.05
C SER D 101 19.43 -42.21 -13.99
N ASN D 102 18.25 -42.80 -13.95
CA ASN D 102 17.86 -43.89 -14.85
C ASN D 102 16.37 -44.12 -14.77
N ASP D 103 15.76 -44.55 -15.88
CA ASP D 103 14.36 -44.92 -15.85
C ASP D 103 14.20 -46.11 -14.93
N MET D 104 13.37 -45.96 -13.92
CA MET D 104 13.20 -46.99 -12.90
C MET D 104 11.74 -47.25 -12.69
N ASP D 105 11.31 -48.43 -13.10
CA ASP D 105 9.93 -48.86 -12.97
C ASP D 105 9.71 -49.50 -11.60
N PHE D 106 8.75 -48.96 -10.86
CA PHE D 106 8.47 -49.44 -9.51
C PHE D 106 7.07 -50.02 -9.35
N ARG D 107 6.39 -50.29 -10.46
CA ARG D 107 5.01 -50.76 -10.39
C ARG D 107 4.85 -52.10 -9.66
N LEU D 108 5.84 -52.99 -9.80
CA LEU D 108 5.76 -54.32 -9.21
C LEU D 108 6.32 -54.33 -7.80
N PHE D 109 6.44 -53.15 -7.20
CA PHE D 109 6.90 -53.01 -5.83
C PHE D 109 6.02 -53.80 -4.85
N PRO D 110 6.64 -54.45 -3.84
CA PRO D 110 8.06 -54.46 -3.51
C PRO D 110 8.79 -55.64 -4.14
N PHE D 111 8.37 -56.00 -5.34
CA PHE D 111 8.92 -57.16 -6.02
C PHE D 111 9.66 -56.67 -7.25
N ASP D 112 10.02 -55.39 -7.20
CA ASP D 112 10.63 -54.70 -8.33
C ASP D 112 12.04 -55.23 -8.62
N ARG D 113 12.39 -55.25 -9.90
CA ARG D 113 13.74 -55.57 -10.33
C ARG D 113 14.33 -54.36 -11.04
N GLN D 114 15.52 -53.95 -10.63
CA GLN D 114 16.10 -52.72 -11.15
C GLN D 114 17.48 -52.90 -11.74
N GLN D 115 17.94 -51.90 -12.50
CA GLN D 115 19.35 -51.87 -12.90
C GLN D 115 19.92 -50.48 -12.70
N PHE D 116 20.98 -50.42 -11.92
CA PHE D 116 21.70 -49.19 -11.65
C PHE D 116 22.64 -48.95 -12.82
N VAL D 117 22.62 -47.73 -13.37
CA VAL D 117 23.34 -47.44 -14.60
C VAL D 117 24.33 -46.31 -14.44
N LEU D 118 25.51 -46.43 -15.04
CA LEU D 118 26.45 -45.31 -15.16
C LEU D 118 26.81 -45.02 -16.62
N GLU D 119 26.80 -43.75 -17.00
CA GLU D 119 27.24 -43.37 -18.35
C GLU D 119 28.29 -42.25 -18.37
N LEU D 120 29.45 -42.59 -18.93
CA LEU D 120 30.60 -41.69 -19.01
C LEU D 120 30.90 -41.38 -20.47
N GLU D 121 31.10 -40.10 -20.76
CA GLU D 121 31.34 -39.61 -22.12
C GLU D 121 32.09 -38.27 -22.08
N PRO D 122 33.22 -38.19 -22.79
CA PRO D 122 34.04 -36.98 -22.87
C PRO D 122 33.23 -35.74 -23.25
N PHE D 123 33.59 -34.60 -22.66
CA PHE D 123 32.78 -33.40 -22.78
C PHE D 123 33.07 -32.63 -24.08
N SER D 124 34.33 -32.66 -24.53
CA SER D 124 34.73 -31.81 -25.66
C SER D 124 35.48 -32.53 -26.78
N TYR D 125 35.80 -33.80 -26.57
CA TYR D 125 36.60 -34.53 -27.54
C TYR D 125 35.85 -35.73 -28.13
N ASN D 126 35.67 -35.71 -29.45
CA ASN D 126 34.95 -36.76 -30.15
C ASN D 126 35.80 -38.03 -30.32
N ASN D 127 35.21 -39.06 -30.92
CA ASN D 127 35.86 -40.36 -31.01
C ASN D 127 37.12 -40.33 -31.84
N GLN D 128 37.20 -39.40 -32.79
CA GLN D 128 38.41 -39.30 -33.61
C GLN D 128 39.54 -38.63 -32.84
N GLN D 129 39.20 -37.96 -31.75
CA GLN D 129 40.20 -37.31 -30.89
C GLN D 129 40.50 -38.15 -29.61
N LEU D 130 39.44 -38.54 -28.89
CA LEU D 130 39.57 -39.31 -27.66
C LEU D 130 38.72 -40.55 -27.76
N ARG D 131 39.35 -41.71 -27.56
CA ARG D 131 38.68 -43.00 -27.72
C ARG D 131 38.80 -43.89 -26.47
N PHE D 132 37.70 -44.57 -26.12
CA PHE D 132 37.70 -45.44 -24.95
C PHE D 132 38.18 -46.83 -25.33
N SER D 133 39.37 -47.18 -24.86
CA SER D 133 40.03 -48.40 -25.27
C SER D 133 39.43 -49.65 -24.64
N ASP D 134 39.27 -49.63 -23.32
CA ASP D 134 38.76 -50.77 -22.57
C ASP D 134 38.22 -50.31 -21.24
N ILE D 135 37.43 -51.15 -20.59
CA ILE D 135 36.77 -50.77 -19.36
C ILE D 135 36.58 -51.93 -18.39
N GLN D 136 37.25 -51.90 -17.25
CA GLN D 136 36.88 -52.83 -16.20
C GLN D 136 36.29 -52.05 -15.05
N VAL D 137 35.27 -52.64 -14.44
CA VAL D 137 34.59 -52.06 -13.30
C VAL D 137 34.75 -52.99 -12.11
N TYR D 138 35.38 -52.49 -11.04
CA TYR D 138 35.66 -53.31 -9.86
C TYR D 138 34.61 -53.05 -8.80
N THR D 139 33.70 -54.00 -8.71
CA THR D 139 32.59 -53.90 -7.78
C THR D 139 32.82 -54.81 -6.55
N GLU D 140 33.41 -54.21 -5.52
CA GLU D 140 33.82 -54.90 -4.30
C GLU D 140 32.60 -55.33 -3.48
N ASN D 141 31.78 -56.18 -4.11
CA ASN D 141 30.52 -56.63 -3.54
C ASN D 141 30.49 -58.11 -3.20
N ALA D 142 29.71 -58.47 -2.17
CA ALA D 142 29.38 -59.85 -1.81
C ALA D 142 28.51 -59.94 -0.55
N ASP D 143 27.74 -61.02 -0.49
CA ASP D 143 27.08 -61.50 0.72
C ASP D 143 26.02 -60.59 1.35
N ASN D 144 25.63 -60.91 2.58
CA ASN D 144 24.64 -60.16 3.37
C ASN D 144 23.38 -59.70 2.60
N GLU D 145 22.87 -60.60 1.77
CA GLU D 145 21.66 -60.38 0.96
C GLU D 145 20.49 -60.27 1.94
N GLU D 146 20.12 -61.44 2.44
CA GLU D 146 19.46 -61.65 3.72
C GLU D 146 19.12 -60.38 4.52
N ILE D 147 20.15 -59.61 4.85
CA ILE D 147 20.03 -58.49 5.78
C ILE D 147 19.93 -57.07 5.21
N ASP D 148 20.55 -56.76 4.07
CA ASP D 148 20.41 -55.38 3.55
C ASP D 148 19.63 -55.37 2.23
N GLU D 149 19.18 -54.17 1.87
CA GLU D 149 17.96 -53.92 1.09
C GLU D 149 17.92 -54.45 -0.35
N TRP D 150 19.06 -54.43 -1.03
CA TRP D 150 19.14 -54.84 -2.44
C TRP D 150 20.02 -56.05 -2.64
N TRP D 151 19.55 -56.98 -3.46
CA TRP D 151 20.31 -58.18 -3.78
C TRP D 151 20.92 -58.04 -5.18
N ILE D 152 22.22 -57.78 -5.24
CA ILE D 152 22.92 -57.78 -6.52
C ILE D 152 22.88 -59.16 -7.14
N ARG D 153 22.58 -59.28 -8.42
CA ARG D 153 22.60 -60.59 -9.05
C ARG D 153 23.64 -60.62 -10.16
N GLY D 154 23.79 -59.50 -10.86
CA GLY D 154 24.82 -59.37 -11.89
C GLY D 154 26.20 -59.22 -11.28
N LYS D 155 27.20 -58.98 -12.11
CA LYS D 155 28.52 -58.70 -11.57
C LYS D 155 28.96 -57.31 -11.99
N ALA D 156 28.88 -57.04 -13.28
CA ALA D 156 29.17 -55.72 -13.86
C ALA D 156 28.98 -55.89 -15.34
N SER D 157 27.93 -55.30 -15.91
CA SER D 157 27.72 -55.44 -17.33
C SER D 157 28.28 -54.20 -18.03
N THR D 158 28.62 -54.31 -19.30
CA THR D 158 29.40 -53.27 -19.97
C THR D 158 29.13 -53.18 -21.46
N HIS D 159 29.07 -51.95 -21.97
CA HIS D 159 28.89 -51.72 -23.40
C HIS D 159 29.54 -50.41 -23.82
N ILE D 160 30.69 -50.52 -24.49
CA ILE D 160 31.34 -49.35 -25.09
C ILE D 160 30.78 -49.14 -26.50
N SER D 161 30.36 -47.90 -26.78
CA SER D 161 29.74 -47.58 -28.06
C SER D 161 30.10 -46.21 -28.62
N ASP D 162 29.66 -45.96 -29.84
CA ASP D 162 29.78 -44.65 -30.46
C ASP D 162 28.41 -44.02 -30.51
N ILE D 163 28.34 -42.76 -30.08
CA ILE D 163 27.09 -42.04 -30.08
C ILE D 163 27.13 -41.03 -31.22
N ARG D 164 26.07 -41.00 -32.02
CA ARG D 164 26.00 -40.05 -33.13
C ARG D 164 25.09 -38.90 -32.74
N TYR D 165 25.61 -37.68 -32.85
CA TYR D 165 24.78 -36.52 -32.62
C TYR D 165 24.50 -35.93 -33.98
N ASP D 166 23.22 -35.76 -34.25
CA ASP D 166 22.69 -35.25 -35.51
C ASP D 166 22.85 -33.73 -35.73
N HIS D 167 22.80 -32.94 -34.66
CA HIS D 167 22.75 -31.48 -34.78
C HIS D 167 23.95 -30.90 -34.04
N LEU D 168 24.78 -30.16 -34.76
CA LEU D 168 26.10 -29.78 -34.26
C LEU D 168 26.52 -28.31 -34.23
N SER D 169 27.84 -28.18 -34.13
CA SER D 169 28.61 -26.94 -34.29
C SER D 169 28.45 -26.33 -35.68
N SER D 170 29.59 -25.84 -36.18
CA SER D 170 29.83 -25.70 -37.60
C SER D 170 31.01 -26.62 -37.87
N VAL D 171 30.80 -27.90 -37.52
CA VAL D 171 31.71 -29.00 -37.87
C VAL D 171 31.05 -30.06 -38.75
N GLN D 172 31.82 -30.46 -39.75
CA GLN D 172 31.35 -31.10 -40.98
C GLN D 172 31.50 -32.61 -41.16
N PRO D 173 32.74 -33.11 -41.27
CA PRO D 173 32.94 -34.41 -41.90
C PRO D 173 32.48 -35.65 -41.14
N ASN D 174 33.02 -35.82 -39.93
CA ASN D 174 32.77 -37.02 -39.14
C ASN D 174 32.86 -36.72 -37.63
N GLN D 175 32.89 -35.44 -37.27
CA GLN D 175 33.00 -35.06 -35.85
C GLN D 175 31.66 -34.90 -35.12
N ASN D 176 30.89 -35.98 -35.12
CA ASN D 176 29.60 -36.04 -34.44
C ASN D 176 29.59 -37.32 -33.63
N GLU D 177 30.77 -37.89 -33.44
CA GLU D 177 30.92 -39.20 -32.82
C GLU D 177 31.62 -39.17 -31.45
N PHE D 178 30.92 -39.48 -30.37
CA PHE D 178 31.58 -39.57 -29.07
C PHE D 178 31.60 -40.99 -28.53
N SER D 179 32.70 -41.40 -27.92
CA SER D 179 32.77 -42.75 -27.36
C SER D 179 32.24 -42.73 -25.94
N ARG D 180 31.32 -43.65 -25.63
CA ARG D 180 30.62 -43.66 -24.35
C ARG D 180 30.70 -45.00 -23.63
N ILE D 181 31.11 -44.98 -22.36
CA ILE D 181 31.09 -46.18 -21.55
C ILE D 181 29.76 -46.24 -20.82
N THR D 182 29.06 -47.36 -20.92
CA THR D 182 27.83 -47.52 -20.18
C THR D 182 28.00 -48.71 -19.26
N VAL D 183 27.86 -48.48 -17.96
CA VAL D 183 28.05 -49.57 -17.00
C VAL D 183 26.74 -49.95 -16.31
N ARG D 184 26.42 -51.24 -16.33
CA ARG D 184 25.18 -51.74 -15.74
C ARG D 184 25.36 -52.75 -14.60
N ILE D 185 24.49 -52.63 -13.61
CA ILE D 185 24.44 -53.56 -12.48
C ILE D 185 23.00 -54.00 -12.28
N ASP D 186 22.68 -55.26 -12.49
CA ASP D 186 21.30 -55.72 -12.33
C ASP D 186 21.06 -56.06 -10.86
N ALA D 187 19.94 -55.60 -10.30
CA ALA D 187 19.67 -55.76 -8.87
C ALA D 187 18.20 -56.03 -8.50
N VAL D 188 18.00 -56.76 -7.40
CA VAL D 188 16.66 -57.11 -6.92
C VAL D 188 16.42 -56.65 -5.48
N ARG D 189 15.18 -56.26 -5.21
CA ARG D 189 14.78 -55.82 -3.87
C ARG D 189 14.49 -56.98 -2.91
N ASN D 190 14.95 -56.80 -1.67
CA ASN D 190 14.71 -57.70 -0.55
C ASN D 190 13.27 -57.51 -0.01
N PRO D 191 12.34 -58.39 -0.42
CA PRO D 191 10.91 -58.16 -0.14
C PRO D 191 10.48 -58.64 1.24
N SER D 192 11.43 -59.19 1.99
CA SER D 192 11.13 -59.76 3.31
C SER D 192 10.37 -58.78 4.20
N TYR D 193 10.89 -57.57 4.36
CA TYR D 193 10.33 -56.61 5.30
C TYR D 193 8.90 -56.19 4.97
N TYR D 194 8.63 -56.00 3.68
CA TYR D 194 7.31 -55.58 3.22
C TYR D 194 6.30 -56.74 3.25
N LEU D 195 6.83 -57.95 3.11
CA LEU D 195 6.03 -59.18 3.12
C LEU D 195 5.42 -59.44 4.48
N TRP D 196 6.28 -59.49 5.48
CA TRP D 196 5.93 -59.85 6.85
C TRP D 196 5.22 -58.72 7.60
N SER D 197 5.62 -57.48 7.35
CA SER D 197 5.09 -56.34 8.09
C SER D 197 4.03 -55.52 7.39
N PHE D 198 3.81 -55.75 6.10
CA PHE D 198 2.78 -54.98 5.41
C PHE D 198 1.74 -55.92 4.81
N ILE D 199 2.19 -56.86 3.99
CA ILE D 199 1.27 -57.77 3.32
C ILE D 199 0.52 -58.63 4.34
N LEU D 200 1.26 -59.21 5.28
CA LEU D 200 0.67 -60.13 6.26
C LEU D 200 -0.47 -59.50 7.07
N PRO D 201 -0.22 -58.36 7.74
CA PRO D 201 -1.35 -57.85 8.53
C PRO D 201 -2.56 -57.47 7.67
N LEU D 202 -2.35 -56.95 6.47
CA LEU D 202 -3.46 -56.60 5.58
C LEU D 202 -4.33 -57.83 5.39
N GLY D 203 -3.70 -58.97 5.14
CA GLY D 203 -4.39 -60.24 4.96
C GLY D 203 -5.27 -60.62 6.14
N LEU D 204 -4.76 -60.40 7.35
CA LEU D 204 -5.52 -60.70 8.56
C LEU D 204 -6.74 -59.81 8.64
N ILE D 205 -6.59 -58.57 8.17
CA ILE D 205 -7.68 -57.60 8.10
C ILE D 205 -8.77 -58.06 7.16
N ILE D 206 -8.37 -58.38 5.93
CA ILE D 206 -9.28 -58.87 4.91
C ILE D 206 -9.89 -60.20 5.35
N ALA D 207 -9.10 -61.01 6.06
CA ALA D 207 -9.63 -62.22 6.67
C ALA D 207 -10.74 -61.82 7.62
N ALA D 208 -10.40 -60.94 8.57
CA ALA D 208 -11.37 -60.42 9.53
C ALA D 208 -12.51 -59.65 8.85
N SER D 209 -12.26 -59.13 7.65
CA SER D 209 -13.30 -58.45 6.87
C SER D 209 -14.48 -59.38 6.73
N TRP D 210 -14.14 -60.61 6.39
CA TRP D 210 -15.10 -61.65 6.13
C TRP D 210 -15.79 -62.16 7.38
N SER D 211 -15.18 -61.92 8.54
CA SER D 211 -15.70 -62.50 9.78
C SER D 211 -16.96 -61.80 10.26
N VAL D 212 -17.43 -60.82 9.50
CA VAL D 212 -18.69 -60.16 9.83
C VAL D 212 -19.85 -61.09 9.52
N PHE D 213 -19.61 -62.08 8.68
CA PHE D 213 -20.66 -62.97 8.24
C PHE D 213 -21.02 -64.03 9.27
N TRP D 214 -20.16 -64.24 10.25
CA TRP D 214 -20.52 -65.11 11.36
C TRP D 214 -21.16 -64.34 12.50
N LEU D 215 -21.50 -63.07 12.27
CA LEU D 215 -22.32 -62.34 13.25
C LEU D 215 -23.78 -62.69 13.07
N GLU D 216 -24.50 -62.75 14.20
CA GLU D 216 -25.87 -63.24 14.22
C GLU D 216 -26.95 -62.21 13.82
N SER D 217 -27.02 -61.08 14.52
CA SER D 217 -28.05 -60.10 14.20
C SER D 217 -27.77 -59.28 12.94
N PHE D 218 -28.81 -58.67 12.36
CA PHE D 218 -28.63 -57.82 11.17
C PHE D 218 -28.03 -56.48 11.58
N SER D 219 -28.53 -55.90 12.65
CA SER D 219 -28.04 -54.60 13.09
C SER D 219 -26.57 -54.86 13.35
N GLU D 220 -26.25 -55.93 14.08
CA GLU D 220 -24.85 -56.32 14.33
C GLU D 220 -24.00 -56.45 13.07
N ARG D 221 -24.60 -56.96 11.99
CA ARG D 221 -23.90 -57.17 10.73
C ARG D 221 -23.43 -55.89 10.03
N LEU D 222 -24.25 -54.84 10.04
CA LEU D 222 -23.94 -53.61 9.33
C LEU D 222 -23.09 -52.63 10.20
N GLN D 223 -23.42 -52.46 11.49
CA GLN D 223 -22.65 -51.54 12.33
C GLN D 223 -21.18 -51.94 12.32
N THR D 224 -20.99 -53.25 12.39
CA THR D 224 -19.68 -53.85 12.46
C THR D 224 -18.82 -53.56 11.24
N SER D 225 -19.42 -53.68 10.06
CA SER D 225 -18.68 -53.47 8.81
C SER D 225 -18.21 -52.03 8.62
N PHE D 226 -18.84 -51.10 9.33
CA PHE D 226 -18.42 -49.71 9.25
C PHE D 226 -17.12 -49.50 10.00
N THR D 227 -17.03 -50.13 11.16
CA THR D 227 -15.82 -50.10 11.96
C THR D 227 -14.71 -50.77 11.17
N LEU D 228 -15.12 -51.75 10.38
CA LEU D 228 -14.19 -52.52 9.58
C LEU D 228 -13.65 -51.71 8.39
N MET D 229 -14.48 -50.87 7.79
CA MET D 229 -14.02 -49.98 6.72
C MET D 229 -13.12 -48.89 7.30
N LEU D 230 -13.49 -48.41 8.48
CA LEU D 230 -12.70 -47.41 9.19
C LEU D 230 -11.30 -47.97 9.44
N THR D 231 -11.24 -49.27 9.68
CA THR D 231 -10.00 -49.97 9.97
C THR D 231 -9.06 -50.04 8.75
N VAL D 232 -9.60 -50.33 7.57
CA VAL D 232 -8.80 -50.38 6.35
C VAL D 232 -8.24 -48.98 6.05
N VAL D 233 -9.08 -47.97 6.26
CA VAL D 233 -8.66 -46.58 6.12
C VAL D 233 -7.51 -46.26 7.08
N ALA D 234 -7.63 -46.73 8.32
CA ALA D 234 -6.57 -46.54 9.31
C ALA D 234 -5.28 -47.17 8.81
N TYR D 235 -5.41 -48.30 8.15
CA TYR D 235 -4.24 -49.01 7.63
C TYR D 235 -3.61 -48.29 6.45
N ALA D 236 -4.43 -47.60 5.67
CA ALA D 236 -3.91 -46.91 4.51
C ALA D 236 -2.90 -45.87 4.97
N SER D 237 -3.28 -45.03 5.94
CA SER D 237 -2.38 -43.96 6.40
C SER D 237 -1.09 -44.52 6.99
N TYR D 238 -1.21 -45.54 7.84
CA TYR D 238 -0.03 -46.20 8.39
C TYR D 238 0.87 -46.67 7.26
N THR D 239 0.25 -47.26 6.23
CA THR D 239 0.98 -47.70 5.04
C THR D 239 1.60 -46.55 4.24
N SER D 240 0.79 -45.57 3.87
CA SER D 240 1.24 -44.51 2.95
C SER D 240 2.35 -43.60 3.48
N ASN D 241 2.30 -43.26 4.76
CA ASN D 241 3.29 -42.39 5.36
C ASN D 241 4.66 -43.08 5.39
N ILE D 242 4.63 -44.41 5.26
CA ILE D 242 5.85 -45.23 5.34
C ILE D 242 6.43 -45.64 3.97
N LEU D 243 5.54 -46.10 3.09
CA LEU D 243 5.88 -46.53 1.73
C LEU D 243 6.51 -45.48 0.82
N PRO D 244 7.29 -45.93 -0.19
CA PRO D 244 7.91 -44.93 -1.08
C PRO D 244 6.92 -44.17 -1.94
N ARG D 245 7.18 -42.86 -2.03
CA ARG D 245 6.53 -41.91 -2.93
C ARG D 245 6.60 -42.41 -4.36
N LEU D 246 5.45 -42.46 -5.05
CA LEU D 246 5.31 -42.85 -6.47
C LEU D 246 4.13 -42.15 -7.14
N PRO D 247 4.09 -42.17 -8.50
CA PRO D 247 2.97 -41.69 -9.32
C PRO D 247 2.04 -42.77 -9.87
N TYR D 248 2.15 -43.99 -9.36
CA TYR D 248 1.29 -45.09 -9.80
C TYR D 248 1.06 -46.09 -8.67
N THR D 249 0.06 -46.95 -8.81
CA THR D 249 -0.26 -47.92 -7.77
C THR D 249 0.80 -49.02 -7.67
N THR D 250 1.11 -49.42 -6.45
CA THR D 250 2.01 -50.55 -6.22
C THR D 250 1.13 -51.78 -6.04
N VAL D 251 1.76 -52.94 -5.81
CA VAL D 251 0.98 -54.14 -5.51
C VAL D 251 0.20 -53.93 -4.21
N ILE D 252 0.90 -53.40 -3.21
CA ILE D 252 0.30 -53.11 -1.92
C ILE D 252 -0.92 -52.21 -2.05
N ASP D 253 -0.78 -51.11 -2.77
CA ASP D 253 -1.86 -50.15 -2.96
C ASP D 253 -3.12 -50.82 -3.46
N GLN D 254 -2.94 -51.77 -4.38
CA GLN D 254 -4.06 -52.54 -4.90
C GLN D 254 -4.71 -53.41 -3.83
N MET D 255 -3.90 -54.06 -2.99
CA MET D 255 -4.42 -54.87 -1.89
C MET D 255 -5.36 -54.04 -1.03
N ILE D 256 -5.00 -52.77 -0.84
CA ILE D 256 -5.82 -51.83 -0.12
C ILE D 256 -7.12 -51.54 -0.85
N ILE D 257 -7.04 -51.32 -2.17
CA ILE D 257 -8.24 -51.14 -2.98
C ILE D 257 -9.12 -52.35 -2.86
N ALA D 258 -8.49 -53.53 -2.89
CA ALA D 258 -9.18 -54.79 -2.70
C ALA D 258 -9.85 -54.90 -1.34
N GLY D 259 -9.22 -54.31 -0.33
CA GLY D 259 -9.80 -54.29 1.00
C GLY D 259 -11.11 -53.54 1.04
N TYR D 260 -11.10 -52.31 0.56
CA TYR D 260 -12.29 -51.46 0.52
C TYR D 260 -13.43 -52.15 -0.23
N GLY D 261 -13.10 -52.74 -1.38
CA GLY D 261 -14.07 -53.42 -2.22
C GLY D 261 -14.67 -54.58 -1.48
N SER D 262 -13.82 -55.32 -0.78
CA SER D 262 -14.26 -56.45 0.01
C SER D 262 -15.38 -56.04 0.97
N ILE D 263 -15.16 -54.93 1.66
CA ILE D 263 -16.08 -54.46 2.68
C ILE D 263 -17.32 -53.88 2.02
N PHE D 264 -17.09 -53.04 1.01
CA PHE D 264 -18.20 -52.40 0.31
C PHE D 264 -19.09 -53.44 -0.32
N ALA D 265 -18.50 -54.52 -0.82
CA ALA D 265 -19.27 -55.61 -1.39
C ALA D 265 -20.04 -56.31 -0.27
N ALA D 266 -19.39 -56.48 0.87
CA ALA D 266 -20.03 -57.08 2.05
C ALA D 266 -21.22 -56.24 2.51
N ILE D 267 -21.08 -54.92 2.45
CA ILE D 267 -22.16 -54.01 2.81
C ILE D 267 -23.37 -54.29 1.92
N LEU D 268 -23.13 -54.39 0.61
CA LEU D 268 -24.21 -54.60 -0.36
C LEU D 268 -24.98 -55.89 -0.10
N LEU D 269 -24.26 -56.96 0.16
CA LEU D 269 -24.89 -58.24 0.50
C LEU D 269 -25.79 -58.14 1.72
N ILE D 270 -25.24 -57.59 2.80
CA ILE D 270 -25.94 -57.51 4.07
C ILE D 270 -27.24 -56.71 3.95
N ILE D 271 -27.19 -55.60 3.24
CA ILE D 271 -28.39 -54.82 2.99
C ILE D 271 -29.29 -55.59 2.03
N PHE D 272 -28.71 -56.19 1.00
CA PHE D 272 -29.50 -56.98 0.05
C PHE D 272 -30.22 -58.14 0.75
N ALA D 273 -29.51 -58.83 1.63
CA ALA D 273 -30.07 -59.97 2.35
C ALA D 273 -31.35 -59.62 3.09
N HIS D 274 -31.35 -58.44 3.70
CA HIS D 274 -32.39 -58.06 4.64
C HIS D 274 -33.73 -57.65 4.01
N HIS D 275 -33.69 -56.87 2.93
CA HIS D 275 -34.94 -56.30 2.40
C HIS D 275 -35.50 -56.95 1.14
N ARG D 276 -34.83 -57.98 0.61
CA ARG D 276 -35.46 -58.78 -0.46
C ARG D 276 -36.24 -59.96 0.10
N GLN D 277 -37.42 -60.19 -0.49
CA GLN D 277 -38.60 -60.57 0.27
C GLN D 277 -39.31 -61.83 -0.23
N ALA D 278 -40.37 -62.15 0.53
CA ALA D 278 -41.35 -63.18 0.23
C ALA D 278 -42.27 -63.30 1.44
N ASN D 279 -42.03 -62.46 2.45
CA ASN D 279 -42.92 -62.31 3.60
C ASN D 279 -42.69 -60.89 4.09
N GLY D 280 -41.45 -60.59 4.45
CA GLY D 280 -41.05 -59.29 4.97
C GLY D 280 -39.71 -59.38 5.67
N VAL D 281 -39.53 -60.42 6.47
CA VAL D 281 -38.34 -60.57 7.29
C VAL D 281 -37.49 -61.71 6.70
N GLU D 282 -37.51 -61.84 5.38
CA GLU D 282 -36.92 -62.98 4.69
C GLU D 282 -35.39 -62.97 4.74
N ASP D 283 -34.79 -63.52 5.79
CA ASP D 283 -33.34 -63.71 5.77
C ASP D 283 -33.02 -64.78 4.74
N ASP D 284 -32.30 -64.42 3.68
CA ASP D 284 -31.86 -65.43 2.72
C ASP D 284 -30.91 -66.38 3.44
N LEU D 285 -31.41 -67.56 3.77
CA LEU D 285 -30.70 -68.55 4.57
C LEU D 285 -29.36 -69.00 3.98
N LEU D 286 -29.21 -68.90 2.66
CA LEU D 286 -27.96 -69.30 2.00
C LEU D 286 -26.99 -68.16 1.77
N ILE D 287 -27.54 -67.02 1.41
CA ILE D 287 -26.71 -65.92 0.96
C ILE D 287 -25.92 -65.35 2.10
N GLN D 288 -26.43 -65.46 3.32
CA GLN D 288 -25.70 -64.94 4.45
C GLN D 288 -24.66 -65.94 4.94
N ARG D 289 -24.88 -67.20 4.57
CA ARG D 289 -23.94 -68.26 4.87
C ARG D 289 -23.00 -68.40 3.65
N CYS D 290 -22.71 -67.25 3.05
CA CYS D 290 -21.64 -67.17 2.07
C CYS D 290 -20.38 -66.81 2.86
N ARG D 291 -20.37 -67.24 4.12
CA ARG D 291 -19.35 -66.89 5.09
C ARG D 291 -17.94 -67.24 4.65
N LEU D 292 -17.81 -68.31 3.89
CA LEU D 292 -16.51 -68.63 3.32
C LEU D 292 -16.70 -69.01 1.85
N ALA D 293 -17.75 -68.45 1.26
CA ALA D 293 -17.99 -68.55 -0.18
C ALA D 293 -16.95 -67.72 -0.94
N PHE D 294 -17.10 -66.40 -0.84
CA PHE D 294 -16.18 -65.47 -1.51
C PHE D 294 -14.91 -65.05 -0.73
N PRO D 295 -14.74 -65.48 0.53
CA PRO D 295 -13.35 -65.33 1.01
C PRO D 295 -12.35 -66.16 0.21
N LEU D 296 -12.77 -67.34 -0.23
CA LEU D 296 -11.98 -68.14 -1.17
C LEU D 296 -12.18 -67.52 -2.55
N GLY D 297 -13.25 -66.75 -2.68
CA GLY D 297 -13.58 -66.05 -3.90
C GLY D 297 -12.64 -64.86 -4.05
N PHE D 298 -12.05 -64.41 -2.95
CA PHE D 298 -10.99 -63.40 -3.00
C PHE D 298 -9.67 -64.11 -3.31
N LEU D 299 -9.56 -65.35 -2.82
CA LEU D 299 -8.36 -66.14 -3.05
C LEU D 299 -8.33 -66.64 -4.48
N ALA D 300 -9.52 -66.81 -5.08
CA ALA D 300 -9.61 -67.18 -6.48
C ALA D 300 -9.27 -66.00 -7.39
N ILE D 301 -9.92 -64.87 -7.15
CA ILE D 301 -9.68 -63.61 -7.88
C ILE D 301 -8.29 -63.00 -7.61
N GLY D 302 -7.79 -63.18 -6.40
CA GLY D 302 -6.48 -62.63 -6.05
C GLY D 302 -5.40 -63.37 -6.82
N CYS D 303 -5.59 -64.68 -6.91
CA CYS D 303 -4.70 -65.55 -7.67
C CYS D 303 -5.02 -65.47 -9.16
N VAL D 304 -6.07 -64.71 -9.52
CA VAL D 304 -6.39 -64.38 -10.92
C VAL D 304 -5.64 -63.16 -11.46
N LEU D 305 -5.48 -62.11 -10.65
CA LEU D 305 -4.79 -60.90 -11.10
C LEU D 305 -3.33 -61.24 -11.34
N VAL D 306 -3.01 -62.50 -11.03
CA VAL D 306 -1.75 -63.16 -11.38
C VAL D 306 -1.06 -62.78 -12.73
N ILE D 307 -1.81 -62.63 -13.82
CA ILE D 307 -1.25 -62.46 -15.18
C ILE D 307 -2.22 -61.83 -16.18
N PRO E 1 61.09 -44.50 2.73
CA PRO E 1 59.85 -44.97 3.38
C PRO E 1 59.52 -44.12 4.62
N VAL E 2 58.71 -43.08 4.42
CA VAL E 2 58.42 -42.11 5.50
C VAL E 2 57.53 -42.64 6.62
N ASP E 3 58.06 -42.68 7.84
CA ASP E 3 57.27 -43.05 8.99
C ASP E 3 56.42 -41.84 9.35
N VAL E 4 55.11 -42.04 9.35
CA VAL E 4 54.15 -40.98 9.60
C VAL E 4 53.34 -41.26 10.88
N SER E 5 53.45 -40.35 11.85
CA SER E 5 52.64 -40.46 13.05
C SER E 5 51.28 -39.81 12.83
N VAL E 6 50.23 -40.46 13.32
CA VAL E 6 48.89 -39.92 13.23
C VAL E 6 48.22 -39.89 14.59
N SER E 7 47.38 -38.90 14.82
CA SER E 7 46.57 -38.84 16.02
C SER E 7 45.19 -38.26 15.67
N ILE E 8 44.13 -38.93 16.10
CA ILE E 8 42.76 -38.51 15.84
C ILE E 8 42.04 -38.06 17.11
N PHE E 9 41.51 -36.84 17.09
CA PHE E 9 40.78 -36.32 18.25
C PHE E 9 39.30 -36.37 17.98
N ILE E 10 38.58 -37.28 18.61
CA ILE E 10 37.13 -37.38 18.37
C ILE E 10 36.38 -36.42 19.30
N ASN E 11 35.70 -35.45 18.70
CA ASN E 11 35.00 -34.43 19.46
C ASN E 11 33.54 -34.79 19.68
N LYS E 12 32.92 -35.30 18.63
CA LYS E 12 31.52 -35.68 18.70
C LYS E 12 31.23 -36.77 17.66
N ILE E 13 30.50 -37.79 18.09
CA ILE E 13 29.96 -38.78 17.17
C ILE E 13 28.46 -38.66 17.33
N TYR E 14 27.77 -38.26 16.27
CA TYR E 14 26.34 -37.97 16.34
C TYR E 14 25.70 -38.16 14.99
N GLY E 15 24.37 -38.03 14.96
CA GLY E 15 23.63 -38.01 13.72
C GLY E 15 23.73 -39.30 12.91
N VAL E 16 23.45 -40.42 13.56
CA VAL E 16 23.39 -41.69 12.87
C VAL E 16 22.18 -41.73 11.94
N ASN E 17 22.44 -41.99 10.67
CA ASN E 17 21.40 -42.12 9.66
C ASN E 17 21.12 -43.59 9.39
N THR E 18 19.99 -44.08 9.91
CA THR E 18 19.69 -45.51 9.91
C THR E 18 19.58 -46.19 8.55
N LEU E 19 18.95 -45.54 7.56
CA LEU E 19 18.80 -46.22 6.28
C LEU E 19 20.16 -46.25 5.54
N GLU E 20 20.88 -45.13 5.50
CA GLU E 20 22.11 -45.07 4.71
C GLU E 20 23.26 -45.84 5.37
N GLN E 21 23.08 -46.20 6.64
CA GLN E 21 24.14 -46.82 7.44
C GLN E 21 25.34 -45.86 7.44
N THR E 22 25.13 -44.75 8.15
CA THR E 22 25.88 -43.51 8.05
C THR E 22 25.88 -42.77 9.37
N TYR E 23 26.99 -42.16 9.76
CA TYR E 23 26.99 -41.35 10.97
C TYR E 23 27.99 -40.21 10.79
N LYS E 24 27.83 -39.12 11.55
CA LYS E 24 28.77 -38.02 11.41
C LYS E 24 29.69 -37.93 12.60
N VAL E 25 30.93 -37.53 12.33
CA VAL E 25 31.98 -37.53 13.32
C VAL E 25 32.79 -36.26 13.20
N ASP E 26 32.85 -35.51 14.30
CA ASP E 26 33.60 -34.27 14.33
C ASP E 26 34.89 -34.49 15.10
N GLY E 27 35.98 -33.91 14.58
CA GLY E 27 37.26 -33.97 15.26
C GLY E 27 38.42 -33.28 14.56
N TYR E 28 39.63 -33.62 14.98
CA TYR E 28 40.84 -33.11 14.36
C TYR E 28 41.77 -34.25 13.96
N ILE E 29 42.50 -34.11 12.86
CA ILE E 29 43.60 -35.04 12.56
C ILE E 29 44.93 -34.37 12.80
N VAL E 30 45.88 -35.13 13.31
CA VAL E 30 47.23 -34.64 13.47
C VAL E 30 48.17 -35.61 12.78
N ALA E 31 48.90 -35.14 11.78
CA ALA E 31 49.85 -35.99 11.08
C ALA E 31 51.24 -35.42 11.22
N GLN E 32 52.18 -36.27 11.59
CA GLN E 32 53.57 -35.83 11.58
C GLN E 32 54.53 -36.82 11.01
N TRP E 33 55.54 -36.22 10.40
CA TRP E 33 56.59 -36.99 9.80
C TRP E 33 57.85 -36.14 9.80
N THR E 34 58.99 -36.79 9.66
CA THR E 34 60.24 -36.07 9.66
C THR E 34 60.69 -36.04 8.20
N GLY E 35 60.89 -34.83 7.70
CA GLY E 35 61.41 -34.68 6.36
C GLY E 35 62.80 -34.27 6.76
N LYS E 36 63.57 -33.67 5.87
CA LYS E 36 64.92 -33.27 6.27
C LYS E 36 65.12 -31.75 6.19
N PRO E 37 65.83 -31.18 7.19
CA PRO E 37 65.69 -29.84 7.76
C PRO E 37 65.54 -28.65 6.82
N ARG E 38 64.80 -27.64 7.29
CA ARG E 38 64.51 -26.44 6.52
C ARG E 38 65.02 -25.19 7.29
N LYS E 39 65.24 -24.09 6.56
CA LYS E 39 65.70 -22.83 7.13
C LYS E 39 64.53 -21.91 7.35
N THR E 40 64.69 -21.05 8.35
CA THR E 40 63.53 -20.44 8.92
C THR E 40 63.98 -19.39 9.94
N PRO E 41 63.27 -18.24 10.04
CA PRO E 41 63.66 -17.18 11.00
C PRO E 41 63.99 -17.67 12.40
N GLY E 42 65.17 -17.28 12.82
CA GLY E 42 65.79 -17.64 14.08
C GLY E 42 66.19 -19.08 14.25
N ASP E 43 65.48 -19.75 15.14
CA ASP E 43 65.70 -21.16 15.45
C ASP E 43 64.33 -21.62 15.91
N LYS E 44 63.34 -20.76 15.69
CA LYS E 44 61.92 -21.06 15.86
C LYS E 44 61.46 -22.27 15.11
N PRO E 45 60.28 -22.77 15.46
CA PRO E 45 59.42 -23.52 14.53
C PRO E 45 58.34 -22.59 13.92
N LEU E 46 57.87 -22.84 12.69
CA LEU E 46 56.81 -22.01 12.09
C LEU E 46 55.39 -22.52 12.16
N ILE E 47 54.51 -21.54 12.24
CA ILE E 47 53.08 -21.78 12.20
C ILE E 47 52.63 -21.27 10.83
N VAL E 48 51.89 -22.09 10.09
CA VAL E 48 51.37 -21.73 8.77
C VAL E 48 49.87 -21.96 8.76
N GLU E 49 49.08 -20.90 8.66
CA GLU E 49 47.63 -21.08 8.74
C GLU E 49 46.92 -21.02 7.39
N ASN E 50 45.93 -21.91 7.25
CA ASN E 50 44.99 -21.97 6.11
C ASN E 50 45.51 -21.62 4.72
N THR E 51 44.98 -20.54 4.15
CA THR E 51 45.30 -20.12 2.79
C THR E 51 46.81 -20.03 2.53
N GLN E 52 47.63 -19.69 3.52
CA GLN E 52 49.06 -19.57 3.23
C GLN E 52 49.77 -20.91 3.02
N ILE E 53 49.08 -22.03 3.22
CA ILE E 53 49.72 -23.34 3.05
C ILE E 53 50.08 -23.77 1.61
N GLU E 54 49.13 -23.66 0.67
CA GLU E 54 49.38 -24.04 -0.73
C GLU E 54 50.51 -23.17 -1.30
N ARG E 55 50.71 -21.99 -0.71
CA ARG E 55 51.80 -21.08 -1.11
C ARG E 55 53.09 -21.80 -0.86
N TRP E 56 53.11 -22.57 0.22
CA TRP E 56 54.26 -23.38 0.57
C TRP E 56 54.41 -24.59 -0.31
N ILE E 57 53.31 -25.19 -0.73
CA ILE E 57 53.41 -26.39 -1.55
C ILE E 57 53.85 -25.99 -2.99
N ASN E 58 53.36 -24.85 -3.49
CA ASN E 58 53.75 -24.35 -4.83
C ASN E 58 55.25 -24.25 -5.01
N ASN E 59 55.95 -24.09 -3.89
CA ASN E 59 57.41 -24.03 -3.90
C ASN E 59 58.01 -25.41 -3.71
N GLY E 60 57.17 -26.45 -3.82
CA GLY E 60 57.65 -27.81 -3.88
C GLY E 60 57.59 -28.56 -2.56
N LEU E 61 56.69 -28.14 -1.68
CA LEU E 61 56.61 -28.78 -0.38
C LEU E 61 55.84 -30.08 -0.49
N TRP E 62 56.38 -31.17 0.02
CA TRP E 62 55.62 -32.41 -0.02
C TRP E 62 54.73 -32.55 1.21
N VAL E 63 53.43 -32.30 1.03
CA VAL E 63 52.46 -32.58 2.07
C VAL E 63 51.48 -33.59 1.50
N PRO E 64 51.58 -34.84 1.94
CA PRO E 64 50.82 -35.98 1.41
C PRO E 64 49.34 -35.96 1.76
N ALA E 65 48.51 -36.37 0.82
CA ALA E 65 47.08 -36.47 1.06
C ALA E 65 46.77 -37.75 1.84
N LEU E 66 46.20 -37.61 3.02
CA LEU E 66 45.78 -38.75 3.84
C LEU E 66 44.26 -38.86 3.75
N GLU E 67 43.76 -39.95 3.16
CA GLU E 67 42.31 -40.05 2.89
C GLU E 67 41.50 -40.88 3.89
N PHE E 68 40.34 -40.35 4.29
CA PHE E 68 39.37 -41.13 5.04
C PHE E 68 38.64 -42.07 4.09
N ILE E 69 38.97 -43.35 4.16
CA ILE E 69 38.41 -44.33 3.22
C ILE E 69 36.89 -44.43 3.28
N ASN E 70 36.35 -44.47 4.50
CA ASN E 70 34.92 -44.77 4.70
C ASN E 70 34.01 -43.56 4.89
N VAL E 71 34.48 -42.40 4.48
CA VAL E 71 33.67 -41.18 4.52
C VAL E 71 32.75 -41.10 3.29
N VAL E 72 31.56 -40.51 3.48
CA VAL E 72 30.59 -40.26 2.41
C VAL E 72 30.67 -38.83 1.93
N GLY E 73 31.23 -38.61 0.75
CA GLY E 73 31.46 -37.27 0.25
C GLY E 73 32.68 -36.66 0.93
N SER E 74 33.03 -35.43 0.55
CA SER E 74 34.21 -34.78 1.12
C SER E 74 33.89 -34.13 2.45
N PRO E 75 34.80 -34.24 3.41
CA PRO E 75 34.56 -33.75 4.77
C PRO E 75 34.69 -32.25 4.88
N ASP E 76 33.91 -31.64 5.77
CA ASP E 76 34.00 -30.20 6.01
C ASP E 76 35.24 -29.92 6.83
N THR E 77 36.22 -29.30 6.20
CA THR E 77 37.48 -29.01 6.87
C THR E 77 37.51 -27.58 7.39
N GLY E 78 37.77 -27.44 8.68
CA GLY E 78 37.88 -26.15 9.32
C GLY E 78 39.27 -25.59 9.14
N ASN E 79 39.88 -25.13 10.21
CA ASN E 79 41.21 -24.54 10.11
C ASN E 79 42.30 -25.60 9.95
N LYS E 80 43.30 -25.30 9.14
CA LYS E 80 44.44 -26.17 8.89
C LYS E 80 45.74 -25.52 9.28
N ARG E 81 46.68 -26.31 9.78
CA ARG E 81 47.92 -25.79 10.34
C ARG E 81 49.13 -26.62 9.91
N LEU E 82 50.16 -25.97 9.40
CA LEU E 82 51.43 -26.63 9.19
C LEU E 82 52.43 -26.12 10.21
N MET E 83 52.99 -27.03 11.00
CA MET E 83 54.08 -26.62 11.88
C MET E 83 55.40 -27.23 11.41
N LEU E 84 56.26 -26.34 10.90
CA LEU E 84 57.53 -26.74 10.30
C LEU E 84 58.68 -26.55 11.30
N PHE E 85 59.37 -27.63 11.64
CA PHE E 85 60.45 -27.57 12.62
C PHE E 85 61.82 -27.34 11.98
N PRO E 86 62.76 -26.78 12.75
CA PRO E 86 64.11 -26.58 12.21
C PRO E 86 64.86 -27.89 12.01
N ASP E 87 64.58 -28.89 12.84
CA ASP E 87 65.23 -30.20 12.71
C ASP E 87 64.71 -31.00 11.51
N GLY E 88 63.60 -30.55 10.92
CA GLY E 88 63.04 -31.22 9.76
C GLY E 88 61.59 -31.64 9.86
N ARG E 89 61.19 -32.16 11.02
CA ARG E 89 59.85 -32.72 11.20
C ARG E 89 58.73 -31.68 10.95
N VAL E 90 57.54 -32.15 10.55
CA VAL E 90 56.47 -31.28 10.07
C VAL E 90 55.06 -31.61 10.61
N ILE E 91 54.45 -30.75 11.43
CA ILE E 91 53.06 -31.04 11.88
C ILE E 91 51.92 -30.55 10.98
N TYR E 92 51.09 -31.48 10.48
CA TYR E 92 49.86 -31.11 9.79
C TYR E 92 48.69 -31.22 10.80
N ASN E 93 47.80 -30.21 10.83
CA ASN E 93 46.67 -30.17 11.76
C ASN E 93 45.41 -29.65 11.10
N ALA E 94 44.31 -30.37 11.25
CA ALA E 94 43.06 -29.92 10.65
C ALA E 94 41.85 -30.41 11.42
N ARG E 95 40.84 -29.54 11.54
CA ARG E 95 39.57 -29.97 12.12
C ARG E 95 38.70 -30.51 11.00
N PHE E 96 37.92 -31.53 11.29
CA PHE E 96 37.07 -32.13 10.26
C PHE E 96 35.72 -32.58 10.78
N LEU E 97 34.74 -32.51 9.89
CA LEU E 97 33.43 -33.07 10.12
C LEU E 97 33.00 -33.78 8.87
N GLY E 98 32.73 -35.07 8.99
CA GLY E 98 32.35 -35.85 7.83
C GLY E 98 31.35 -36.93 8.16
N SER E 99 30.57 -37.33 7.17
CA SER E 99 29.64 -38.45 7.30
C SER E 99 30.32 -39.76 6.89
N PHE E 100 30.34 -40.73 7.81
CA PHE E 100 31.03 -41.99 7.56
C PHE E 100 30.06 -43.16 7.39
N SER E 101 30.54 -44.20 6.70
CA SER E 101 29.73 -45.38 6.40
C SER E 101 30.29 -46.64 7.08
N ASN E 102 29.38 -47.55 7.42
CA ASN E 102 29.73 -48.84 8.00
C ASN E 102 28.51 -49.77 8.04
N ASP E 103 28.73 -51.08 7.94
CA ASP E 103 27.63 -52.05 8.09
C ASP E 103 27.02 -52.01 9.48
N MET E 104 25.71 -51.81 9.52
CA MET E 104 25.00 -51.65 10.78
C MET E 104 23.73 -52.50 10.82
N ASP E 105 23.77 -53.56 11.63
CA ASP E 105 22.64 -54.44 11.80
C ASP E 105 21.75 -53.85 12.87
N PHE E 106 20.50 -53.60 12.52
CA PHE E 106 19.59 -52.99 13.47
C PHE E 106 18.44 -53.93 13.79
N ARG E 107 18.57 -55.21 13.45
CA ARG E 107 17.42 -56.12 13.60
C ARG E 107 16.89 -56.19 15.04
N LEU E 108 17.79 -56.12 16.02
CA LEU E 108 17.39 -56.25 17.41
C LEU E 108 17.19 -54.87 18.13
N PHE E 109 16.95 -53.83 17.33
CA PHE E 109 16.61 -52.49 17.81
C PHE E 109 15.40 -52.56 18.74
N PRO E 110 15.39 -51.79 19.84
CA PRO E 110 16.38 -50.78 20.25
C PRO E 110 17.47 -51.31 21.18
N PHE E 111 17.92 -52.54 20.98
CA PHE E 111 18.91 -53.08 21.89
C PHE E 111 20.20 -53.30 21.12
N ASP E 112 20.30 -52.62 19.97
CA ASP E 112 21.39 -52.88 19.03
C ASP E 112 22.76 -52.51 19.58
N ARG E 113 23.74 -53.28 19.12
CA ARG E 113 25.12 -53.00 19.41
C ARG E 113 25.75 -52.60 18.10
N GLN E 114 26.34 -51.40 18.07
CA GLN E 114 26.96 -50.91 16.85
C GLN E 114 28.36 -50.44 17.19
N GLN E 115 29.18 -50.24 16.15
CA GLN E 115 30.48 -49.63 16.36
C GLN E 115 30.77 -48.56 15.31
N PHE E 116 31.16 -47.37 15.77
CA PHE E 116 31.53 -46.27 14.90
C PHE E 116 32.96 -46.45 14.43
N VAL E 117 33.17 -46.38 13.11
CA VAL E 117 34.44 -46.76 12.52
C VAL E 117 35.08 -45.63 11.70
N LEU E 118 36.39 -45.47 11.85
CA LEU E 118 37.20 -44.59 11.01
C LEU E 118 38.27 -45.38 10.26
N GLU E 119 38.42 -45.16 8.96
CA GLU E 119 39.53 -45.78 8.23
C GLU E 119 40.31 -44.79 7.36
N LEU E 120 41.60 -44.70 7.65
CA LEU E 120 42.50 -43.73 7.03
C LEU E 120 43.59 -44.44 6.20
N GLU E 121 43.84 -43.97 4.98
CA GLU E 121 44.80 -44.59 4.08
C GLU E 121 45.28 -43.55 3.05
N PRO E 122 46.61 -43.37 2.94
CA PRO E 122 47.15 -42.41 1.97
C PRO E 122 46.61 -42.63 0.56
N PHE E 123 46.42 -41.54 -0.16
CA PHE E 123 45.76 -41.56 -1.45
C PHE E 123 46.70 -41.87 -2.63
N SER E 124 47.97 -41.52 -2.50
CA SER E 124 48.85 -41.59 -3.65
C SER E 124 50.15 -42.31 -3.40
N TYR E 125 50.43 -42.64 -2.14
CA TYR E 125 51.71 -43.22 -1.77
C TYR E 125 51.59 -44.60 -1.09
N ASN E 126 52.20 -45.62 -1.68
CA ASN E 126 52.11 -46.96 -1.11
C ASN E 126 52.99 -47.08 0.12
N ASN E 127 52.97 -48.26 0.73
CA ASN E 127 53.64 -48.50 2.02
C ASN E 127 55.17 -48.35 1.97
N GLN E 128 55.74 -48.53 0.80
CA GLN E 128 57.19 -48.35 0.66
C GLN E 128 57.56 -46.88 0.63
N GLN E 129 56.59 -46.02 0.34
CA GLN E 129 56.86 -44.59 0.26
C GLN E 129 56.39 -43.91 1.54
N LEU E 130 55.13 -44.11 1.88
CA LEU E 130 54.55 -43.52 3.08
C LEU E 130 53.85 -44.56 3.94
N ARG E 131 54.35 -44.77 5.15
CA ARG E 131 53.70 -45.72 6.05
C ARG E 131 53.61 -45.14 7.46
N PHE E 132 52.57 -45.55 8.18
CA PHE E 132 52.17 -45.01 9.48
C PHE E 132 52.93 -45.60 10.67
N SER E 133 53.73 -44.77 11.36
CA SER E 133 54.64 -45.28 12.39
C SER E 133 53.93 -45.72 13.67
N ASP E 134 53.04 -44.86 14.18
CA ASP E 134 52.24 -45.14 15.38
C ASP E 134 51.05 -44.19 15.44
N ILE E 135 50.02 -44.54 16.25
CA ILE E 135 48.73 -43.81 16.24
C ILE E 135 47.99 -43.72 17.59
N GLN E 136 47.71 -42.50 18.04
CA GLN E 136 46.93 -42.33 19.24
C GLN E 136 45.51 -41.85 18.87
N VAL E 137 44.49 -42.29 19.61
CA VAL E 137 43.11 -41.82 19.43
C VAL E 137 42.60 -41.19 20.72
N TYR E 138 42.27 -39.90 20.67
CA TYR E 138 41.83 -39.20 21.88
C TYR E 138 40.34 -38.84 21.91
N THR E 139 39.58 -39.62 22.65
CA THR E 139 38.15 -39.43 22.84
C THR E 139 37.87 -38.67 24.13
N GLU E 140 37.80 -37.34 24.03
CA GLU E 140 37.65 -36.50 25.22
C GLU E 140 36.23 -36.54 25.82
N ASN E 141 35.73 -37.73 26.10
CA ASN E 141 34.36 -37.81 26.60
C ASN E 141 34.29 -38.61 27.90
N ALA E 142 33.29 -38.32 28.72
CA ALA E 142 33.12 -38.99 30.00
C ALA E 142 31.81 -38.61 30.67
N ASP E 143 31.30 -39.54 31.47
CA ASP E 143 30.16 -39.30 32.35
C ASP E 143 28.94 -38.93 31.48
N ASN E 144 27.86 -38.43 32.09
CA ASN E 144 26.63 -37.98 31.43
C ASN E 144 26.10 -38.86 30.30
N GLU E 145 26.23 -40.18 30.48
CA GLU E 145 25.79 -41.14 29.47
C GLU E 145 24.28 -41.19 29.33
N GLU E 146 23.60 -41.00 30.45
CA GLU E 146 22.15 -41.07 30.57
C GLU E 146 21.40 -39.95 29.85
N ILE E 147 22.15 -38.97 29.33
CA ILE E 147 21.57 -37.90 28.49
C ILE E 147 21.81 -38.17 27.00
N ASP E 148 22.83 -38.97 26.68
CA ASP E 148 23.16 -39.16 25.28
C ASP E 148 22.45 -40.38 24.69
N GLU E 149 22.25 -40.33 23.37
CA GLU E 149 21.56 -41.39 22.66
C GLU E 149 22.42 -42.63 22.60
N TRP E 150 23.73 -42.42 22.51
CA TRP E 150 24.65 -43.52 22.42
C TRP E 150 25.62 -43.55 23.59
N TRP E 151 25.80 -44.73 24.17
CA TRP E 151 26.73 -44.92 25.27
C TRP E 151 27.99 -45.58 24.78
N ILE E 152 29.04 -44.78 24.62
CA ILE E 152 30.35 -45.30 24.31
C ILE E 152 30.70 -46.16 25.50
N ARG E 153 31.14 -47.38 25.24
CA ARG E 153 31.46 -48.27 26.34
C ARG E 153 32.91 -48.66 26.30
N GLY E 154 33.41 -48.97 25.12
CA GLY E 154 34.82 -49.23 24.96
C GLY E 154 35.51 -47.89 25.05
N LYS E 155 36.79 -47.87 24.75
CA LYS E 155 37.45 -46.58 24.70
C LYS E 155 37.72 -46.24 23.24
N ALA E 156 38.60 -46.98 22.56
CA ALA E 156 38.88 -46.72 21.15
C ALA E 156 39.78 -47.81 20.62
N SER E 157 39.53 -48.26 19.40
CA SER E 157 40.40 -49.24 18.77
C SER E 157 41.42 -48.59 17.85
N THR E 158 42.52 -49.29 17.62
CA THR E 158 43.59 -48.77 16.78
C THR E 158 44.23 -49.96 16.10
N HIS E 159 44.38 -49.90 14.78
CA HIS E 159 45.02 -51.02 14.07
C HIS E 159 45.70 -50.56 12.78
N ILE E 160 47.03 -50.55 12.81
CA ILE E 160 47.84 -50.28 11.63
C ILE E 160 48.00 -51.56 10.84
N SER E 161 47.70 -51.52 9.55
CA SER E 161 47.84 -52.72 8.73
C SER E 161 48.36 -52.42 7.34
N ASP E 162 48.68 -53.46 6.58
CA ASP E 162 49.01 -53.29 5.17
C ASP E 162 47.89 -53.92 4.34
N ILE E 163 47.34 -53.15 3.41
CA ILE E 163 46.28 -53.64 2.55
C ILE E 163 46.83 -53.80 1.16
N ARG E 164 46.67 -54.95 0.53
CA ARG E 164 47.16 -55.01 -0.83
C ARG E 164 46.02 -55.26 -1.81
N TYR E 165 46.15 -54.60 -2.94
CA TYR E 165 45.22 -54.69 -4.04
C TYR E 165 45.91 -55.57 -5.07
N ASP E 166 45.23 -56.60 -5.58
CA ASP E 166 45.83 -57.41 -6.62
C ASP E 166 45.30 -56.98 -8.00
N HIS E 167 44.23 -56.19 -8.02
CA HIS E 167 43.68 -55.70 -9.28
C HIS E 167 44.03 -54.24 -9.37
N LEU E 168 44.89 -53.88 -10.33
CA LEU E 168 45.39 -52.51 -10.33
C LEU E 168 45.29 -51.72 -11.60
N SER E 169 45.88 -50.53 -11.45
CA SER E 169 46.66 -49.77 -12.42
C SER E 169 46.99 -50.56 -13.68
N SER E 170 48.24 -50.41 -14.08
CA SER E 170 49.13 -51.51 -14.45
C SER E 170 50.56 -51.01 -14.25
N VAL E 171 50.85 -50.74 -12.98
CA VAL E 171 52.14 -50.64 -12.33
C VAL E 171 51.90 -51.70 -11.27
N GLN E 172 52.82 -52.64 -11.09
CA GLN E 172 52.52 -53.79 -10.21
C GLN E 172 53.64 -54.26 -9.31
N PRO E 173 54.92 -54.14 -9.75
CA PRO E 173 56.03 -54.71 -8.98
C PRO E 173 55.80 -54.52 -7.50
N ASN E 174 55.49 -53.33 -7.00
CA ASN E 174 55.10 -53.26 -5.60
C ASN E 174 54.17 -52.13 -5.18
N GLN E 175 53.52 -51.49 -6.15
CA GLN E 175 52.55 -50.45 -5.78
C GLN E 175 51.24 -51.16 -5.47
N ASN E 176 51.26 -52.11 -4.53
CA ASN E 176 50.10 -52.90 -4.21
C ASN E 176 49.71 -52.69 -2.77
N GLU E 177 50.66 -52.25 -1.95
CA GLU E 177 50.42 -52.21 -0.51
C GLU E 177 50.42 -50.81 0.11
N PHE E 178 49.27 -50.39 0.62
CA PHE E 178 49.13 -49.13 1.35
C PHE E 178 48.92 -49.36 2.85
N SER E 179 49.55 -48.54 3.68
CA SER E 179 49.39 -48.75 5.12
C SER E 179 48.12 -48.07 5.59
N ARG E 180 47.28 -48.78 6.35
CA ARG E 180 45.97 -48.26 6.71
C ARG E 180 45.67 -48.19 8.22
N ILE E 181 45.26 -47.01 8.66
CA ILE E 181 44.85 -46.78 10.05
C ILE E 181 43.37 -47.04 10.21
N THR E 182 42.99 -47.90 11.13
CA THR E 182 41.56 -48.14 11.34
C THR E 182 41.19 -47.86 12.80
N VAL E 183 40.22 -46.97 13.02
CA VAL E 183 39.77 -46.66 14.37
C VAL E 183 38.32 -47.15 14.61
N ARG E 184 38.13 -47.94 15.67
CA ARG E 184 36.80 -48.42 16.05
C ARG E 184 36.36 -48.00 17.45
N ILE E 185 35.08 -47.68 17.57
CA ILE E 185 34.47 -47.28 18.83
C ILE E 185 33.16 -48.01 19.10
N ASP E 186 33.11 -48.84 20.14
CA ASP E 186 31.86 -49.55 20.46
C ASP E 186 30.93 -48.66 21.25
N ALA E 187 29.67 -48.70 20.86
CA ALA E 187 28.67 -47.87 21.50
C ALA E 187 27.39 -48.67 21.59
N VAL E 188 26.63 -48.41 22.64
CA VAL E 188 25.38 -49.14 22.87
C VAL E 188 24.27 -48.14 22.84
N ARG E 189 23.12 -48.58 22.37
CA ARG E 189 21.98 -47.69 22.32
C ARG E 189 21.33 -47.53 23.68
N ASN E 190 20.96 -46.27 23.94
CA ASN E 190 20.21 -45.90 25.10
C ASN E 190 18.75 -46.32 24.86
N PRO E 191 18.35 -47.45 25.46
CA PRO E 191 17.07 -48.08 25.09
C PRO E 191 15.89 -47.52 25.86
N SER E 192 16.20 -46.65 26.82
CA SER E 192 15.23 -46.16 27.78
C SER E 192 13.93 -45.63 27.17
N TYR E 193 14.04 -44.68 26.23
CA TYR E 193 12.84 -44.02 25.71
C TYR E 193 11.89 -45.00 25.02
N TYR E 194 12.46 -45.95 24.28
CA TYR E 194 11.64 -46.89 23.55
C TYR E 194 11.02 -47.92 24.49
N LEU E 195 11.70 -48.19 25.60
CA LEU E 195 11.18 -49.16 26.57
C LEU E 195 9.90 -48.69 27.21
N TRP E 196 9.97 -47.54 27.84
CA TRP E 196 8.87 -47.04 28.66
C TRP E 196 7.74 -46.43 27.83
N SER E 197 8.06 -45.89 26.66
CA SER E 197 7.01 -45.31 25.82
C SER E 197 6.55 -46.13 24.62
N PHE E 198 7.26 -47.21 24.28
CA PHE E 198 6.83 -48.03 23.13
C PHE E 198 6.56 -49.48 23.50
N ILE E 199 7.54 -50.11 24.14
CA ILE E 199 7.39 -51.50 24.55
C ILE E 199 6.25 -51.62 25.57
N LEU E 200 6.33 -50.82 26.62
CA LEU E 200 5.41 -50.87 27.77
C LEU E 200 3.93 -50.66 27.39
N PRO E 201 3.59 -49.57 26.68
CA PRO E 201 2.17 -49.45 26.34
C PRO E 201 1.69 -50.58 25.42
N LEU E 202 2.57 -51.06 24.55
CA LEU E 202 2.24 -52.18 23.66
C LEU E 202 1.74 -53.38 24.45
N GLY E 203 2.48 -53.75 25.49
CA GLY E 203 2.13 -54.89 26.33
C GLY E 203 0.74 -54.73 26.90
N LEU E 204 0.46 -53.51 27.35
CA LEU E 204 -0.82 -53.15 27.93
C LEU E 204 -1.92 -53.25 26.87
N ILE E 205 -1.58 -52.94 25.61
CA ILE E 205 -2.51 -53.13 24.52
C ILE E 205 -2.84 -54.62 24.37
N ILE E 206 -1.80 -55.44 24.25
CA ILE E 206 -1.97 -56.88 24.05
C ILE E 206 -2.66 -57.56 25.22
N ALA E 207 -2.30 -57.19 26.43
CA ALA E 207 -2.94 -57.76 27.61
C ALA E 207 -4.43 -57.44 27.60
N ALA E 208 -4.75 -56.16 27.55
CA ALA E 208 -6.14 -55.70 27.54
C ALA E 208 -6.91 -56.23 26.35
N SER E 209 -6.21 -56.59 25.28
CA SER E 209 -6.84 -57.26 24.16
C SER E 209 -7.51 -58.55 24.60
N TRP E 210 -6.80 -59.32 25.40
CA TRP E 210 -7.24 -60.64 25.82
C TRP E 210 -8.44 -60.60 26.74
N SER E 211 -8.64 -59.47 27.37
CA SER E 211 -9.72 -59.32 28.32
C SER E 211 -11.05 -59.13 27.59
N VAL E 212 -11.03 -59.25 26.27
CA VAL E 212 -12.25 -59.22 25.47
C VAL E 212 -13.05 -60.44 25.85
N PHE E 213 -12.34 -61.42 26.41
CA PHE E 213 -12.91 -62.72 26.76
C PHE E 213 -13.80 -62.69 28.00
N TRP E 214 -13.55 -61.78 28.92
CA TRP E 214 -14.39 -61.79 30.12
C TRP E 214 -15.64 -60.97 29.83
N LEU E 215 -15.86 -60.72 28.55
CA LEU E 215 -17.15 -60.20 28.10
C LEU E 215 -18.13 -61.36 28.09
N GLU E 216 -19.38 -61.04 28.41
CA GLU E 216 -20.38 -62.08 28.62
C GLU E 216 -20.95 -62.61 27.31
N SER E 217 -21.48 -61.72 26.49
CA SER E 217 -22.12 -62.11 25.24
C SER E 217 -21.11 -62.50 24.15
N PHE E 218 -21.60 -63.13 23.09
CA PHE E 218 -20.79 -63.47 21.93
C PHE E 218 -20.60 -62.28 21.01
N SER E 219 -21.70 -61.56 20.75
CA SER E 219 -21.66 -60.40 19.88
C SER E 219 -20.68 -59.40 20.44
N GLU E 220 -20.73 -59.23 21.75
CA GLU E 220 -19.77 -58.38 22.44
C GLU E 220 -18.35 -58.89 22.26
N ARG E 221 -18.16 -60.19 22.41
CA ARG E 221 -16.84 -60.77 22.29
C ARG E 221 -16.22 -60.53 20.91
N LEU E 222 -17.06 -60.62 19.88
CA LEU E 222 -16.60 -60.51 18.50
C LEU E 222 -16.50 -59.06 18.02
N GLN E 223 -17.55 -58.29 18.27
CA GLN E 223 -17.60 -56.91 17.84
C GLN E 223 -16.49 -56.07 18.43
N THR E 224 -16.30 -56.27 19.73
CA THR E 224 -15.30 -55.60 20.53
C THR E 224 -13.92 -55.92 20.03
N SER E 225 -13.74 -57.17 19.62
CA SER E 225 -12.43 -57.56 19.13
C SER E 225 -12.05 -56.78 17.87
N PHE E 226 -13.02 -56.23 17.16
CA PHE E 226 -12.69 -55.45 15.98
C PHE E 226 -12.13 -54.09 16.35
N THR E 227 -12.73 -53.51 17.38
CA THR E 227 -12.32 -52.25 17.98
C THR E 227 -10.91 -52.40 18.47
N LEU E 228 -10.57 -53.62 18.85
CA LEU E 228 -9.21 -53.88 19.27
C LEU E 228 -8.24 -53.85 18.05
N MET E 229 -8.72 -54.14 16.83
CA MET E 229 -7.78 -54.12 15.68
C MET E 229 -7.44 -52.78 15.20
N LEU E 230 -8.50 -52.03 15.27
CA LEU E 230 -8.52 -50.68 14.97
C LEU E 230 -7.45 -50.12 15.92
N THR E 231 -7.38 -50.67 17.13
CA THR E 231 -6.39 -50.22 18.10
C THR E 231 -4.96 -50.59 17.75
N VAL E 232 -4.70 -51.83 17.38
CA VAL E 232 -3.33 -52.19 17.03
C VAL E 232 -2.82 -51.42 15.81
N VAL E 233 -3.67 -51.30 14.78
CA VAL E 233 -3.32 -50.53 13.58
C VAL E 233 -2.97 -49.09 13.95
N ALA E 234 -3.78 -48.51 14.82
CA ALA E 234 -3.52 -47.17 15.32
C ALA E 234 -2.15 -47.12 16.01
N TYR E 235 -1.83 -48.17 16.77
CA TYR E 235 -0.56 -48.25 17.47
C TYR E 235 0.58 -48.49 16.50
N ALA E 236 0.27 -49.09 15.37
CA ALA E 236 1.28 -49.28 14.35
C ALA E 236 1.74 -47.93 13.81
N SER E 237 0.79 -47.10 13.40
CA SER E 237 1.11 -45.80 12.79
C SER E 237 1.90 -44.92 13.74
N TYR E 238 1.40 -44.81 14.97
CA TYR E 238 2.07 -44.04 16.03
C TYR E 238 3.52 -44.51 16.16
N THR E 239 3.73 -45.81 16.12
CA THR E 239 5.08 -46.35 16.13
C THR E 239 5.85 -45.93 14.87
N SER E 240 5.24 -46.20 13.72
CA SER E 240 5.90 -46.11 12.42
C SER E 240 6.31 -44.73 11.88
N ASN E 241 5.52 -43.70 12.18
CA ASN E 241 5.85 -42.35 11.74
C ASN E 241 7.14 -41.96 12.44
N ILE E 242 7.33 -42.55 13.62
CA ILE E 242 8.34 -42.13 14.58
C ILE E 242 9.63 -42.95 14.61
N LEU E 243 9.50 -44.26 14.59
CA LEU E 243 10.68 -45.10 14.58
C LEU E 243 11.47 -44.96 13.27
N PRO E 244 12.82 -45.10 13.34
CA PRO E 244 13.68 -44.93 12.16
C PRO E 244 13.41 -45.98 11.08
N ARG E 245 13.34 -45.51 9.85
CA ARG E 245 13.16 -46.31 8.65
C ARG E 245 14.31 -47.32 8.40
N LEU E 246 13.92 -48.58 8.17
CA LEU E 246 14.82 -49.70 7.88
C LEU E 246 14.26 -50.62 6.77
N PRO E 247 15.11 -51.49 6.19
CA PRO E 247 14.71 -52.49 5.20
C PRO E 247 14.55 -53.90 5.76
N TYR E 248 14.50 -54.02 7.09
CA TYR E 248 14.27 -55.29 7.75
C TYR E 248 13.55 -55.05 9.06
N THR E 249 12.89 -56.07 9.61
CA THR E 249 12.13 -55.87 10.85
C THR E 249 13.01 -55.79 12.10
N THR E 250 12.61 -54.91 13.01
CA THR E 250 13.27 -54.78 14.29
C THR E 250 12.52 -55.64 15.29
N VAL E 251 12.90 -55.58 16.57
CA VAL E 251 12.18 -56.27 17.64
C VAL E 251 10.72 -55.80 17.72
N ILE E 252 10.58 -54.48 17.81
CA ILE E 252 9.30 -53.83 17.91
C ILE E 252 8.41 -54.15 16.71
N ASP E 253 9.00 -54.15 15.52
CA ASP E 253 8.27 -54.45 14.30
C ASP E 253 7.51 -55.77 14.43
N GLN E 254 8.17 -56.79 14.99
CA GLN E 254 7.58 -58.10 15.23
C GLN E 254 6.48 -58.07 16.27
N MET E 255 6.71 -57.34 17.35
CA MET E 255 5.75 -57.22 18.43
C MET E 255 4.39 -56.80 17.90
N ILE E 256 4.40 -55.91 16.92
CA ILE E 256 3.19 -55.43 16.26
C ILE E 256 2.50 -56.53 15.48
N ILE E 257 3.28 -57.30 14.75
CA ILE E 257 2.74 -58.44 14.04
C ILE E 257 2.13 -59.36 15.09
N ALA E 258 2.88 -59.58 16.17
CA ALA E 258 2.43 -60.40 17.28
C ALA E 258 1.12 -59.89 17.84
N GLY E 259 0.93 -58.59 17.81
CA GLY E 259 -0.32 -57.99 18.20
C GLY E 259 -1.43 -58.46 17.27
N TYR E 260 -1.18 -58.32 15.98
CA TYR E 260 -2.16 -58.70 14.98
C TYR E 260 -2.58 -60.15 15.14
N GLY E 261 -1.60 -61.03 15.27
CA GLY E 261 -1.86 -62.47 15.39
C GLY E 261 -2.63 -62.84 16.63
N SER E 262 -2.21 -62.28 17.78
CA SER E 262 -2.81 -62.53 19.10
C SER E 262 -4.28 -62.47 18.99
N ILE E 263 -4.65 -61.52 18.19
CA ILE E 263 -6.02 -61.26 17.99
C ILE E 263 -6.73 -62.06 16.96
N PHE E 264 -6.14 -62.12 15.77
CA PHE E 264 -6.75 -62.88 14.71
C PHE E 264 -7.02 -64.28 15.26
N ALA E 265 -6.13 -64.71 16.15
CA ALA E 265 -6.28 -65.96 16.87
C ALA E 265 -7.51 -65.88 17.80
N ALA E 266 -7.66 -64.77 18.49
CA ALA E 266 -8.82 -64.55 19.36
C ALA E 266 -10.14 -64.54 18.59
N ILE E 267 -10.16 -63.93 17.40
CA ILE E 267 -11.36 -63.90 16.57
C ILE E 267 -11.81 -65.30 16.21
N LEU E 268 -10.88 -66.12 15.74
CA LEU E 268 -11.17 -67.50 15.37
C LEU E 268 -11.64 -68.28 16.59
N LEU E 269 -10.94 -68.12 17.72
CA LEU E 269 -11.34 -68.77 18.95
C LEU E 269 -12.78 -68.43 19.31
N ILE E 270 -13.09 -67.13 19.32
CA ILE E 270 -14.42 -66.65 19.69
C ILE E 270 -15.52 -67.24 18.83
N ILE E 271 -15.26 -67.34 17.52
CA ILE E 271 -16.21 -67.97 16.63
C ILE E 271 -16.27 -69.48 16.89
N PHE E 272 -15.11 -70.10 17.07
CA PHE E 272 -15.08 -71.52 17.35
C PHE E 272 -15.83 -71.88 18.64
N ALA E 273 -15.62 -71.10 19.70
CA ALA E 273 -16.29 -71.34 20.99
C ALA E 273 -17.77 -71.45 20.76
N HIS E 274 -18.26 -70.54 19.92
CA HIS E 274 -19.69 -70.41 19.68
C HIS E 274 -20.17 -71.54 18.79
N HIS E 275 -19.37 -71.90 17.79
CA HIS E 275 -19.84 -72.85 16.79
C HIS E 275 -19.31 -74.30 16.87
N ARG E 276 -18.51 -74.64 17.87
CA ARG E 276 -18.29 -76.06 18.15
C ARG E 276 -19.37 -76.49 19.12
N GLN E 277 -20.29 -77.35 18.67
CA GLN E 277 -21.51 -77.62 19.45
C GLN E 277 -22.20 -78.97 19.24
N ALA E 278 -23.24 -79.21 20.04
CA ALA E 278 -24.15 -80.35 19.82
C ALA E 278 -25.59 -79.85 19.75
N ASN E 279 -25.73 -78.54 19.62
CA ASN E 279 -27.02 -77.86 19.53
C ASN E 279 -26.87 -76.60 18.68
N GLY E 280 -25.95 -75.74 19.08
CA GLY E 280 -25.68 -74.50 18.37
C GLY E 280 -24.83 -73.57 19.22
N VAL E 281 -25.22 -73.42 20.49
CA VAL E 281 -24.57 -72.47 21.37
C VAL E 281 -23.76 -73.24 22.43
N GLU E 282 -23.25 -74.42 22.09
CA GLU E 282 -22.47 -75.14 23.08
C GLU E 282 -21.13 -74.42 23.11
N ASP E 283 -21.10 -73.31 23.84
CA ASP E 283 -19.86 -72.63 24.08
C ASP E 283 -19.01 -73.57 24.88
N ASP E 284 -17.86 -73.98 24.34
CA ASP E 284 -16.96 -74.79 25.14
C ASP E 284 -16.63 -73.88 26.32
N LEU E 285 -17.33 -74.10 27.44
CA LEU E 285 -17.18 -73.27 28.63
C LEU E 285 -15.75 -73.33 29.18
N LEU E 286 -14.93 -74.27 28.72
CA LEU E 286 -13.51 -74.24 29.07
C LEU E 286 -12.68 -73.52 28.00
N ILE E 287 -13.10 -73.60 26.72
CA ILE E 287 -12.39 -72.83 25.69
C ILE E 287 -12.77 -71.37 25.79
N GLN E 288 -13.96 -71.08 26.29
CA GLN E 288 -14.26 -69.69 26.52
C GLN E 288 -13.51 -69.42 27.81
N ARG E 289 -13.20 -70.45 28.58
CA ARG E 289 -12.40 -70.19 29.79
C ARG E 289 -10.90 -70.34 29.44
N CYS E 290 -10.55 -69.88 28.23
CA CYS E 290 -9.15 -69.68 27.90
C CYS E 290 -8.84 -68.26 28.36
N ARG E 291 -9.61 -67.86 29.36
CA ARG E 291 -9.54 -66.57 30.02
C ARG E 291 -8.14 -66.32 30.56
N LEU E 292 -7.56 -67.36 31.15
CA LEU E 292 -6.21 -67.29 31.71
C LEU E 292 -5.28 -68.30 31.07
N ALA E 293 -5.83 -69.12 30.19
CA ALA E 293 -5.04 -70.08 29.40
C ALA E 293 -4.16 -69.38 28.37
N PHE E 294 -4.81 -68.87 27.33
CA PHE E 294 -4.23 -68.18 26.17
C PHE E 294 -3.42 -66.87 26.40
N PRO E 295 -3.70 -66.12 27.48
CA PRO E 295 -2.76 -65.03 27.82
C PRO E 295 -1.40 -65.60 28.16
N LEU E 296 -1.39 -66.75 28.80
CA LEU E 296 -0.13 -67.41 29.05
C LEU E 296 0.34 -68.25 27.83
N GLY E 297 -0.60 -68.70 27.00
CA GLY E 297 -0.25 -69.51 25.85
C GLY E 297 0.44 -68.61 24.84
N PHE E 298 0.29 -67.31 25.05
CA PHE E 298 0.98 -66.28 24.27
C PHE E 298 2.43 -66.16 24.73
N LEU E 299 2.70 -66.51 25.98
CA LEU E 299 4.06 -66.47 26.51
C LEU E 299 4.90 -67.62 25.99
N ALA E 300 4.23 -68.70 25.59
CA ALA E 300 4.92 -69.85 25.03
C ALA E 300 5.56 -69.43 23.72
N ILE E 301 4.79 -68.75 22.89
CA ILE E 301 5.29 -68.23 21.62
C ILE E 301 6.36 -67.14 21.82
N GLY E 302 6.24 -66.37 22.90
CA GLY E 302 7.20 -65.31 23.16
C GLY E 302 8.59 -65.73 23.62
N CYS E 303 8.67 -66.66 24.56
CA CYS E 303 9.97 -67.13 25.06
C CYS E 303 10.59 -68.26 24.25
N VAL E 304 9.83 -68.89 23.37
CA VAL E 304 10.41 -69.87 22.46
C VAL E 304 11.18 -69.08 21.41
N LEU E 305 10.60 -67.93 21.03
CA LEU E 305 11.19 -67.03 20.04
C LEU E 305 12.40 -66.27 20.59
N VAL E 306 12.67 -66.43 21.88
CA VAL E 306 13.89 -65.93 22.48
C VAL E 306 15.09 -66.90 22.25
N ILE E 307 14.77 -68.19 22.01
CA ILE E 307 15.79 -69.21 21.81
C ILE E 307 16.47 -69.08 20.45
N PRO F 1 -33.06 41.84 39.31
CA PRO F 1 -33.38 41.93 37.88
C PRO F 1 -32.73 43.13 37.19
N VAL F 2 -31.53 42.94 36.62
CA VAL F 2 -30.76 44.02 35.95
C VAL F 2 -31.32 44.47 34.60
N ASP F 3 -31.66 45.75 34.50
CA ASP F 3 -32.17 46.35 33.26
C ASP F 3 -31.11 46.74 32.26
N VAL F 4 -31.22 46.23 31.05
CA VAL F 4 -30.26 46.61 30.04
C VAL F 4 -30.95 47.29 28.86
N SER F 5 -30.57 48.55 28.65
CA SER F 5 -30.96 49.31 27.48
C SER F 5 -29.96 49.02 26.40
N VAL F 6 -30.45 48.77 25.19
CA VAL F 6 -29.57 48.52 24.07
C VAL F 6 -29.99 49.38 22.87
N SER F 7 -29.04 49.72 22.00
CA SER F 7 -29.33 50.43 20.76
C SER F 7 -28.49 49.85 19.62
N ILE F 8 -29.13 49.59 18.48
CA ILE F 8 -28.43 49.02 17.32
C ILE F 8 -28.38 50.04 16.18
N PHE F 9 -27.17 50.33 15.70
CA PHE F 9 -26.97 51.23 14.57
C PHE F 9 -26.66 50.39 13.33
N ILE F 10 -27.57 50.36 12.36
CA ILE F 10 -27.36 49.62 11.09
C ILE F 10 -26.69 50.44 10.00
N ASN F 11 -25.43 50.21 9.60
CA ASN F 11 -24.99 51.09 8.52
C ASN F 11 -25.04 50.42 7.16
N LYS F 12 -24.77 49.13 7.07
CA LYS F 12 -24.89 48.51 5.77
C LYS F 12 -25.33 47.06 5.88
N ILE F 13 -26.31 46.71 5.05
CA ILE F 13 -26.73 45.32 4.90
C ILE F 13 -26.45 44.94 3.47
N TYR F 14 -25.56 43.95 3.30
CA TYR F 14 -25.06 43.62 1.99
C TYR F 14 -24.63 42.17 1.93
N GLY F 15 -24.27 41.71 0.73
CA GLY F 15 -23.66 40.41 0.56
C GLY F 15 -24.60 39.28 0.94
N VAL F 16 -25.77 39.26 0.33
CA VAL F 16 -26.69 38.14 0.48
C VAL F 16 -26.14 36.88 -0.24
N ASN F 17 -25.95 35.80 0.51
CA ASN F 17 -25.57 34.50 -0.08
C ASN F 17 -26.83 33.66 -0.16
N THR F 18 -27.41 33.58 -1.35
CA THR F 18 -28.75 33.01 -1.49
C THR F 18 -28.90 31.56 -1.04
N LEU F 19 -27.92 30.72 -1.31
CA LEU F 19 -28.03 29.32 -0.95
C LEU F 19 -27.84 29.15 0.55
N GLU F 20 -26.89 29.87 1.13
CA GLU F 20 -26.62 29.69 2.55
C GLU F 20 -27.72 30.37 3.37
N GLN F 21 -28.54 31.19 2.72
CA GLN F 21 -29.54 32.01 3.40
C GLN F 21 -28.83 32.80 4.50
N THR F 22 -28.05 33.76 4.03
CA THR F 22 -27.00 34.43 4.78
C THR F 22 -26.81 35.84 4.20
N TYR F 23 -26.54 36.80 5.07
CA TYR F 23 -26.26 38.15 4.62
C TYR F 23 -25.30 38.80 5.61
N LYS F 24 -24.65 39.87 5.19
CA LYS F 24 -23.74 40.59 6.07
C LYS F 24 -24.36 41.90 6.53
N VAL F 25 -24.07 42.28 7.77
CA VAL F 25 -24.61 43.49 8.39
C VAL F 25 -23.50 44.15 9.19
N ASP F 26 -23.21 45.40 8.87
CA ASP F 26 -22.22 46.19 9.59
C ASP F 26 -22.97 47.19 10.45
N GLY F 27 -22.51 47.39 11.68
CA GLY F 27 -23.13 48.37 12.56
C GLY F 27 -22.54 48.55 13.94
N TYR F 28 -23.30 49.18 14.84
CA TYR F 28 -22.85 49.34 16.21
C TYR F 28 -23.86 48.81 17.23
N ILE F 29 -23.39 48.24 18.34
CA ILE F 29 -24.27 47.95 19.49
C ILE F 29 -23.95 48.86 20.67
N VAL F 30 -25.01 49.31 21.34
CA VAL F 30 -24.89 50.13 22.53
C VAL F 30 -25.66 49.48 23.65
N ALA F 31 -25.01 49.09 24.74
CA ALA F 31 -25.74 48.50 25.87
C ALA F 31 -25.54 49.38 27.09
N GLN F 32 -26.64 49.67 27.77
CA GLN F 32 -26.57 50.46 28.98
C GLN F 32 -27.42 49.88 30.08
N TRP F 33 -26.89 49.91 31.29
CA TRP F 33 -27.51 49.36 32.48
C TRP F 33 -26.95 50.14 33.65
N THR F 34 -27.60 50.09 34.81
CA THR F 34 -27.12 50.85 35.95
C THR F 34 -26.45 49.91 36.93
N GLY F 35 -25.20 50.22 37.29
CA GLY F 35 -24.39 49.44 38.20
C GLY F 35 -24.15 50.10 39.55
N LYS F 36 -23.11 49.67 40.26
CA LYS F 36 -22.79 50.22 41.55
C LYS F 36 -21.93 51.47 41.29
N PRO F 37 -22.25 52.58 41.99
CA PRO F 37 -21.61 53.89 41.94
C PRO F 37 -20.12 53.75 42.16
N ARG F 38 -19.31 54.49 41.43
CA ARG F 38 -17.87 54.20 41.38
C ARG F 38 -17.04 55.44 41.68
N LYS F 39 -15.74 55.23 41.79
CA LYS F 39 -14.84 56.35 42.01
C LYS F 39 -14.23 56.77 40.65
N THR F 40 -14.51 58.02 40.29
CA THR F 40 -14.03 58.62 39.07
C THR F 40 -13.09 59.76 39.40
N PRO F 41 -12.14 60.04 38.51
CA PRO F 41 -11.37 61.29 38.53
C PRO F 41 -12.27 62.54 38.41
N GLY F 42 -12.28 63.38 39.44
CA GLY F 42 -13.25 64.47 39.53
C GLY F 42 -14.67 63.99 39.82
N ASP F 43 -15.54 64.08 38.81
CA ASP F 43 -16.90 63.52 38.88
C ASP F 43 -17.28 63.32 37.42
N LYS F 44 -16.28 63.45 36.57
CA LYS F 44 -16.40 63.24 35.12
C LYS F 44 -16.85 61.83 34.77
N PRO F 45 -17.55 61.65 33.64
CA PRO F 45 -17.60 60.21 33.34
C PRO F 45 -16.21 59.77 32.89
N LEU F 46 -15.78 58.55 33.22
CA LEU F 46 -14.47 58.07 32.76
C LEU F 46 -14.64 57.07 31.62
N ILE F 47 -13.83 57.27 30.59
CA ILE F 47 -13.92 56.48 29.37
C ILE F 47 -12.81 55.45 29.34
N VAL F 48 -13.19 54.23 28.97
CA VAL F 48 -12.27 53.12 28.83
C VAL F 48 -12.40 52.52 27.43
N GLU F 49 -11.33 52.59 26.64
CA GLU F 49 -11.32 52.07 25.27
C GLU F 49 -10.55 50.76 25.14
N ASN F 50 -11.04 49.87 24.27
CA ASN F 50 -10.37 48.63 23.84
C ASN F 50 -9.54 47.86 24.88
N THR F 51 -8.22 47.89 24.71
CA THR F 51 -7.26 47.13 25.50
C THR F 51 -7.51 47.19 27.00
N GLN F 52 -7.82 48.38 27.50
CA GLN F 52 -7.94 48.56 28.93
C GLN F 52 -9.24 47.99 29.53
N ILE F 53 -10.19 47.59 28.69
CA ILE F 53 -11.44 47.05 29.20
C ILE F 53 -11.26 45.71 29.90
N GLU F 54 -10.45 44.84 29.28
CA GLU F 54 -10.15 43.55 29.87
C GLU F 54 -9.54 43.72 31.24
N ARG F 55 -8.72 44.77 31.40
CA ARG F 55 -8.09 45.03 32.69
C ARG F 55 -9.09 45.36 33.79
N TRP F 56 -10.18 46.01 33.41
CA TRP F 56 -11.24 46.40 34.34
C TRP F 56 -12.07 45.22 34.81
N ILE F 57 -12.25 44.26 33.90
CA ILE F 57 -13.01 43.04 34.18
C ILE F 57 -12.24 42.13 35.12
N ASN F 58 -10.92 42.06 34.89
CA ASN F 58 -10.02 41.31 35.74
C ASN F 58 -10.11 41.78 37.19
N ASN F 59 -10.48 43.04 37.41
CA ASN F 59 -10.70 43.50 38.78
C ASN F 59 -12.15 43.34 39.20
N GLY F 60 -12.90 42.56 38.42
CA GLY F 60 -14.22 42.15 38.85
C GLY F 60 -15.37 42.95 38.25
N LEU F 61 -15.14 43.58 37.11
CA LEU F 61 -16.20 44.34 36.47
C LEU F 61 -17.17 43.43 35.74
N TRP F 62 -18.45 43.60 36.06
CA TRP F 62 -19.49 42.81 35.43
C TRP F 62 -19.85 43.45 34.09
N VAL F 63 -19.37 42.86 33.01
CA VAL F 63 -19.81 43.29 31.70
C VAL F 63 -20.39 42.07 30.99
N PRO F 64 -21.71 42.00 30.92
CA PRO F 64 -22.36 40.81 30.35
C PRO F 64 -22.19 40.69 28.83
N ALA F 65 -22.01 39.44 28.42
CA ALA F 65 -21.91 39.07 27.02
C ALA F 65 -23.29 38.95 26.41
N LEU F 66 -23.57 39.80 25.43
CA LEU F 66 -24.84 39.76 24.71
C LEU F 66 -24.61 39.11 23.35
N GLU F 67 -25.24 37.97 23.10
CA GLU F 67 -24.97 37.20 21.88
C GLU F 67 -25.94 37.43 20.71
N PHE F 68 -25.40 37.53 19.51
CA PHE F 68 -26.24 37.51 18.33
C PHE F 68 -26.70 36.07 18.08
N ILE F 69 -27.98 35.79 18.32
CA ILE F 69 -28.48 34.44 18.16
C ILE F 69 -28.28 33.91 16.76
N ASN F 70 -28.62 34.74 15.76
CA ASN F 70 -28.66 34.28 14.36
C ASN F 70 -27.46 34.63 13.49
N VAL F 71 -26.33 34.91 14.14
CA VAL F 71 -25.07 35.13 13.43
C VAL F 71 -24.42 33.79 13.06
N VAL F 72 -23.74 33.78 11.93
CA VAL F 72 -22.99 32.61 11.53
C VAL F 72 -21.51 32.85 11.81
N GLY F 73 -21.01 32.15 12.84
CA GLY F 73 -19.64 32.37 13.32
C GLY F 73 -19.59 33.59 14.20
N SER F 74 -18.39 33.93 14.68
CA SER F 74 -18.25 35.11 15.51
C SER F 74 -18.06 36.34 14.62
N PRO F 75 -18.65 37.48 15.04
CA PRO F 75 -18.64 38.70 14.25
C PRO F 75 -17.27 39.39 14.30
N ASP F 76 -16.96 40.16 13.26
CA ASP F 76 -15.74 40.98 13.28
C ASP F 76 -16.00 42.19 14.19
N THR F 77 -15.37 42.20 15.35
CA THR F 77 -15.58 43.26 16.31
C THR F 77 -14.48 44.32 16.18
N GLY F 78 -14.91 45.56 15.96
CA GLY F 78 -14.02 46.71 15.82
C GLY F 78 -13.64 47.29 17.17
N ASN F 79 -13.85 48.59 17.36
CA ASN F 79 -13.52 49.24 18.63
C ASN F 79 -14.51 48.97 19.77
N LYS F 80 -13.95 48.94 20.96
CA LYS F 80 -14.76 48.70 22.13
C LYS F 80 -14.67 49.88 23.09
N ARG F 81 -15.79 50.21 23.71
CA ARG F 81 -15.82 51.34 24.62
C ARG F 81 -16.68 51.07 25.84
N LEU F 82 -16.08 51.30 27.00
CA LEU F 82 -16.82 51.35 28.24
C LEU F 82 -16.85 52.80 28.68
N MET F 83 -18.05 53.31 28.90
CA MET F 83 -18.18 54.62 29.51
C MET F 83 -18.68 54.38 30.93
N LEU F 84 -17.79 54.57 31.91
CA LEU F 84 -18.11 54.30 33.30
C LEU F 84 -18.49 55.59 34.01
N PHE F 85 -19.73 55.63 34.48
CA PHE F 85 -20.22 56.82 35.15
C PHE F 85 -20.00 56.73 36.65
N PRO F 86 -19.86 57.89 37.31
CA PRO F 86 -19.60 57.96 38.76
C PRO F 86 -20.79 57.53 39.59
N ASP F 87 -22.00 57.81 39.12
CA ASP F 87 -23.18 57.38 39.86
C ASP F 87 -23.44 55.89 39.68
N GLY F 88 -22.68 55.27 38.76
CA GLY F 88 -22.75 53.83 38.58
C GLY F 88 -23.02 53.26 37.20
N ARG F 89 -23.98 53.83 36.47
CA ARG F 89 -24.40 53.23 35.20
C ARG F 89 -23.29 53.13 34.19
N VAL F 90 -23.44 52.16 33.30
CA VAL F 90 -22.41 51.76 32.36
C VAL F 90 -22.94 51.67 30.93
N ILE F 91 -22.17 52.23 29.98
CA ILE F 91 -22.56 52.25 28.58
C ILE F 91 -21.51 51.50 27.74
N TYR F 92 -21.95 50.41 27.12
CA TYR F 92 -21.08 49.57 26.31
C TYR F 92 -21.29 49.83 24.82
N ASN F 93 -20.19 50.02 24.09
CA ASN F 93 -20.25 50.48 22.70
C ASN F 93 -19.33 49.71 21.76
N ALA F 94 -19.90 49.18 20.67
CA ALA F 94 -19.16 48.30 19.77
C ALA F 94 -19.50 48.38 18.34
N ARG F 95 -18.48 48.36 17.48
CA ARG F 95 -18.77 48.21 16.07
C ARG F 95 -18.72 46.73 15.80
N PHE F 96 -19.60 46.26 14.93
CA PHE F 96 -19.62 44.85 14.59
C PHE F 96 -19.93 44.67 13.12
N LEU F 97 -19.34 43.65 12.53
CA LEU F 97 -19.68 43.23 11.19
C LEU F 97 -19.84 41.74 11.24
N GLY F 98 -21.03 41.29 10.85
CA GLY F 98 -21.32 39.87 10.94
C GLY F 98 -22.18 39.32 9.81
N SER F 99 -22.02 38.03 9.58
CA SER F 99 -22.85 37.29 8.67
C SER F 99 -24.03 36.71 9.45
N PHE F 100 -25.24 37.12 9.11
CA PHE F 100 -26.41 36.69 9.86
C PHE F 100 -27.30 35.74 9.05
N SER F 101 -28.08 34.92 9.76
CA SER F 101 -28.93 33.94 9.10
C SER F 101 -30.40 34.24 9.32
N ASN F 102 -31.22 33.88 8.33
CA ASN F 102 -32.68 34.04 8.38
C ASN F 102 -33.31 33.26 7.24
N ASP F 103 -34.55 32.82 7.44
CA ASP F 103 -35.31 32.14 6.37
C ASP F 103 -35.54 33.06 5.17
N MET F 104 -35.16 32.60 3.98
CA MET F 104 -35.28 33.43 2.77
C MET F 104 -35.86 32.64 1.59
N ASP F 105 -37.12 32.91 1.27
CA ASP F 105 -37.81 32.23 0.17
C ASP F 105 -37.59 32.98 -1.14
N PHE F 106 -37.02 32.31 -2.14
CA PHE F 106 -36.65 32.98 -3.40
C PHE F 106 -37.44 32.53 -4.62
N ARG F 107 -38.55 31.84 -4.44
CA ARG F 107 -39.31 31.30 -5.58
C ARG F 107 -39.83 32.38 -6.54
N LEU F 108 -40.20 33.53 -6.00
CA LEU F 108 -40.83 34.58 -6.79
C LEU F 108 -39.78 35.56 -7.37
N PHE F 109 -38.53 35.10 -7.38
CA PHE F 109 -37.39 35.85 -7.93
C PHE F 109 -37.62 36.30 -9.37
N PRO F 110 -37.16 37.50 -9.75
CA PRO F 110 -36.41 38.50 -8.99
C PRO F 110 -37.29 39.56 -8.33
N PHE F 111 -38.46 39.14 -7.86
CA PHE F 111 -39.43 40.06 -7.28
C PHE F 111 -39.60 39.72 -5.81
N ASP F 112 -38.64 38.96 -5.29
CA ASP F 112 -38.74 38.40 -3.95
C ASP F 112 -38.70 39.49 -2.90
N ARG F 113 -39.44 39.28 -1.82
CA ARG F 113 -39.40 40.21 -0.71
C ARG F 113 -38.86 39.52 0.54
N GLN F 114 -37.93 40.21 1.16
CA GLN F 114 -37.08 39.60 2.17
C GLN F 114 -37.08 40.42 3.45
N GLN F 115 -36.72 39.81 4.57
CA GLN F 115 -36.58 40.61 5.79
C GLN F 115 -35.33 40.23 6.52
N PHE F 116 -34.46 41.22 6.69
CA PHE F 116 -33.20 41.03 7.36
C PHE F 116 -33.42 41.10 8.87
N VAL F 117 -32.90 40.10 9.58
CA VAL F 117 -33.23 39.92 11.00
C VAL F 117 -32.01 39.94 11.91
N LEU F 118 -32.16 40.60 13.05
CA LEU F 118 -31.19 40.54 14.13
C LEU F 118 -31.83 39.99 15.39
N GLU F 119 -31.15 39.07 16.08
CA GLU F 119 -31.65 38.57 17.36
C GLU F 119 -30.59 38.60 18.45
N LEU F 120 -30.84 39.38 19.49
CA LEU F 120 -29.89 39.54 20.58
C LEU F 120 -30.47 38.98 21.88
N GLU F 121 -29.65 38.21 22.58
CA GLU F 121 -30.06 37.46 23.78
C GLU F 121 -28.86 37.15 24.68
N PRO F 122 -28.97 37.44 25.98
CA PRO F 122 -27.88 37.15 26.92
C PRO F 122 -27.38 35.70 26.86
N PHE F 123 -26.09 35.53 27.09
CA PHE F 123 -25.46 34.23 26.91
C PHE F 123 -25.57 33.36 28.18
N SER F 124 -25.53 34.01 29.33
CA SER F 124 -25.42 33.30 30.61
C SER F 124 -26.44 33.78 31.66
N TYR F 125 -27.14 34.87 31.34
CA TYR F 125 -28.01 35.50 32.31
C TYR F 125 -29.45 35.57 31.84
N ASN F 126 -30.30 34.83 32.52
CA ASN F 126 -31.72 34.76 32.21
C ASN F 126 -32.52 35.91 32.78
N ASN F 127 -33.84 35.88 32.59
CA ASN F 127 -34.71 36.99 32.98
C ASN F 127 -34.94 37.23 34.49
N GLN F 128 -34.29 36.43 35.32
CA GLN F 128 -34.07 36.79 36.72
C GLN F 128 -32.74 37.54 36.97
N GLN F 129 -31.80 37.42 36.05
CA GLN F 129 -30.51 38.06 36.18
C GLN F 129 -30.38 39.29 35.27
N LEU F 130 -30.65 39.12 33.97
CA LEU F 130 -30.54 40.23 33.02
C LEU F 130 -31.76 40.36 32.09
N ARG F 131 -32.36 41.54 32.08
CA ARG F 131 -33.55 41.78 31.28
C ARG F 131 -33.45 43.01 30.37
N PHE F 132 -34.02 42.87 29.19
CA PHE F 132 -33.95 43.90 28.17
C PHE F 132 -35.08 44.93 28.34
N SER F 133 -34.70 46.15 28.75
CA SER F 133 -35.68 47.19 29.10
C SER F 133 -36.36 47.83 27.88
N ASP F 134 -35.56 48.28 26.94
CA ASP F 134 -36.06 48.89 25.71
C ASP F 134 -34.98 48.97 24.63
N ILE F 135 -35.40 49.12 23.37
CA ILE F 135 -34.46 49.19 22.24
C ILE F 135 -34.96 50.05 21.09
N GLN F 136 -34.14 51.04 20.72
CA GLN F 136 -34.38 51.75 19.46
C GLN F 136 -33.29 51.27 18.48
N VAL F 137 -33.67 51.09 17.22
CA VAL F 137 -32.73 50.72 16.18
C VAL F 137 -32.70 51.80 15.14
N TYR F 138 -31.52 52.39 14.97
CA TYR F 138 -31.35 53.56 14.13
C TYR F 138 -30.80 53.13 12.78
N THR F 139 -31.67 53.16 11.78
CA THR F 139 -31.24 52.88 10.43
C THR F 139 -30.85 54.20 9.75
N GLU F 140 -29.55 54.48 9.80
CA GLU F 140 -29.00 55.74 9.29
C GLU F 140 -29.04 55.76 7.75
N ASN F 141 -30.23 55.48 7.24
CA ASN F 141 -30.51 55.27 5.82
C ASN F 141 -31.47 56.31 5.23
N ALA F 142 -31.33 56.55 3.92
CA ALA F 142 -32.21 57.46 3.16
C ALA F 142 -31.89 57.52 1.65
N ASP F 143 -32.92 57.76 0.83
CA ASP F 143 -32.80 58.12 -0.60
C ASP F 143 -32.07 57.15 -1.53
N ASN F 144 -31.78 57.64 -2.74
CA ASN F 144 -31.01 56.92 -3.77
C ASN F 144 -31.28 55.44 -4.00
N GLU F 145 -32.53 55.02 -4.09
CA GLU F 145 -32.78 53.57 -4.19
C GLU F 145 -32.30 52.87 -5.47
N GLU F 146 -32.31 53.55 -6.61
CA GLU F 146 -31.93 52.92 -7.89
C GLU F 146 -30.46 52.49 -8.01
N ILE F 147 -29.63 52.81 -7.02
CA ILE F 147 -28.21 52.44 -7.09
C ILE F 147 -27.97 51.15 -6.30
N ASP F 148 -28.80 50.89 -5.29
CA ASP F 148 -28.58 49.75 -4.42
C ASP F 148 -29.37 48.51 -4.85
N GLU F 149 -28.84 47.34 -4.51
CA GLU F 149 -29.43 46.06 -4.90
C GLU F 149 -30.76 45.85 -4.19
N TRP F 150 -30.85 46.35 -2.97
CA TRP F 150 -32.06 46.20 -2.16
C TRP F 150 -32.69 47.54 -1.88
N TRP F 151 -34.01 47.59 -1.99
CA TRP F 151 -34.75 48.79 -1.63
C TRP F 151 -35.39 48.55 -0.27
N ILE F 152 -34.84 49.13 0.78
CA ILE F 152 -35.49 49.04 2.09
C ILE F 152 -36.86 49.67 1.93
N ARG F 153 -37.91 49.03 2.44
CA ARG F 153 -39.24 49.63 2.32
C ARG F 153 -39.88 49.93 3.67
N GLY F 154 -39.73 49.01 4.61
CA GLY F 154 -40.27 49.25 5.93
C GLY F 154 -39.46 50.23 6.75
N LYS F 155 -39.83 50.33 8.02
CA LYS F 155 -39.05 51.07 8.97
C LYS F 155 -38.60 50.00 9.96
N ALA F 156 -37.45 50.16 10.60
CA ALA F 156 -36.98 49.14 11.54
C ALA F 156 -38.07 48.75 12.56
N SER F 157 -38.34 47.45 12.66
CA SER F 157 -39.32 46.97 13.63
C SER F 157 -38.63 46.42 14.86
N THR F 158 -39.32 46.40 15.99
CA THR F 158 -38.68 45.99 17.23
C THR F 158 -39.69 45.34 18.15
N HIS F 159 -39.28 44.21 18.71
CA HIS F 159 -40.12 43.49 19.67
C HIS F 159 -39.26 42.68 20.62
N ILE F 160 -39.23 43.12 21.88
CA ILE F 160 -38.57 42.39 22.95
C ILE F 160 -39.54 41.35 23.48
N SER F 161 -39.06 40.12 23.61
CA SER F 161 -39.87 39.03 24.09
C SER F 161 -39.08 38.14 25.02
N ASP F 162 -39.76 37.21 25.68
CA ASP F 162 -39.10 36.21 26.52
C ASP F 162 -39.13 34.85 25.86
N ILE F 163 -37.94 34.26 25.77
CA ILE F 163 -37.79 32.95 25.19
C ILE F 163 -37.53 31.95 26.31
N ARG F 164 -38.31 30.87 26.23
CA ARG F 164 -38.33 29.83 27.24
C ARG F 164 -37.67 28.57 26.73
N TYR F 165 -36.73 28.04 27.50
CA TYR F 165 -36.03 26.84 27.06
C TYR F 165 -36.46 25.56 27.78
N ASP F 166 -36.87 24.56 27.01
CA ASP F 166 -37.38 23.31 27.57
C ASP F 166 -36.29 22.45 28.20
N HIS F 167 -35.07 22.55 27.68
CA HIS F 167 -34.03 21.62 28.11
C HIS F 167 -32.87 22.34 28.77
N LEU F 168 -32.32 21.67 29.76
CA LEU F 168 -31.95 22.33 31.00
C LEU F 168 -30.49 22.15 31.45
N SER F 169 -30.20 22.63 32.66
CA SER F 169 -28.94 22.39 33.39
C SER F 169 -29.18 21.37 34.53
N SER F 170 -28.42 21.49 35.62
CA SER F 170 -28.68 20.72 36.84
C SER F 170 -29.36 21.76 37.74
N VAL F 171 -30.06 22.66 37.02
CA VAL F 171 -31.44 23.18 37.26
C VAL F 171 -31.88 23.54 38.68
N GLN F 172 -32.99 24.28 38.78
CA GLN F 172 -34.17 24.04 39.64
C GLN F 172 -35.19 25.23 39.60
N PRO F 173 -34.91 26.36 40.29
CA PRO F 173 -35.95 27.36 40.54
C PRO F 173 -36.74 27.91 39.31
N ASN F 174 -36.11 28.77 38.48
CA ASN F 174 -36.73 29.32 37.25
C ASN F 174 -35.73 29.80 36.19
N GLN F 175 -34.50 29.30 36.26
CA GLN F 175 -33.42 29.68 35.32
C GLN F 175 -33.61 29.09 33.89
N ASN F 176 -34.75 29.41 33.23
CA ASN F 176 -35.12 28.81 31.98
C ASN F 176 -35.66 29.70 30.94
N GLU F 177 -35.72 30.99 31.29
CA GLU F 177 -36.30 32.05 30.45
C GLU F 177 -35.33 33.17 30.17
N PHE F 178 -34.96 33.37 28.92
CA PHE F 178 -34.10 34.52 28.58
C PHE F 178 -34.83 35.63 27.79
N SER F 179 -34.50 36.89 28.03
CA SER F 179 -35.15 37.99 27.30
C SER F 179 -34.44 38.27 25.99
N ARG F 180 -35.22 38.40 24.92
CA ARG F 180 -34.67 38.50 23.57
C ARG F 180 -35.18 39.69 22.78
N ILE F 181 -34.22 40.42 22.20
CA ILE F 181 -34.52 41.52 21.31
C ILE F 181 -34.59 41.02 19.86
N THR F 182 -35.67 41.31 19.17
CA THR F 182 -35.76 40.88 17.78
C THR F 182 -35.92 42.08 16.86
N VAL F 183 -34.96 42.27 15.96
CA VAL F 183 -34.99 43.41 15.07
C VAL F 183 -35.30 42.96 13.65
N ARG F 184 -36.35 43.54 13.08
CA ARG F 184 -36.74 43.20 11.73
C ARG F 184 -36.67 44.42 10.80
N ILE F 185 -36.13 44.18 9.61
CA ILE F 185 -36.00 45.19 8.57
C ILE F 185 -36.52 44.64 7.26
N ASP F 186 -37.63 45.19 6.78
CA ASP F 186 -38.21 44.69 5.54
C ASP F 186 -37.51 45.27 4.33
N ALA F 187 -37.30 44.43 3.32
CA ALA F 187 -36.50 44.81 2.15
C ALA F 187 -37.04 44.23 0.81
N VAL F 188 -36.72 44.95 -0.27
CA VAL F 188 -37.12 44.64 -1.65
C VAL F 188 -35.97 44.49 -2.63
N ARG F 189 -36.11 43.57 -3.57
CA ARG F 189 -35.10 43.38 -4.59
C ARG F 189 -35.34 44.37 -5.71
N ASN F 190 -34.26 45.01 -6.14
CA ASN F 190 -34.26 45.88 -7.30
C ASN F 190 -34.24 45.03 -8.55
N PRO F 191 -35.41 44.89 -9.21
CA PRO F 191 -35.61 43.94 -10.32
C PRO F 191 -35.20 44.47 -11.70
N SER F 192 -34.80 45.73 -11.78
CA SER F 192 -34.51 46.41 -13.04
C SER F 192 -33.60 45.65 -13.99
N TYR F 193 -32.44 45.23 -13.47
CA TYR F 193 -31.43 44.61 -14.32
C TYR F 193 -31.91 43.29 -14.91
N TYR F 194 -32.60 42.51 -14.09
CA TYR F 194 -33.06 41.18 -14.51
C TYR F 194 -34.23 41.33 -15.48
N LEU F 195 -34.93 42.44 -15.38
CA LEU F 195 -36.02 42.76 -16.30
C LEU F 195 -35.51 43.09 -17.69
N TRP F 196 -34.60 44.06 -17.79
CA TRP F 196 -34.18 44.53 -19.11
C TRP F 196 -33.26 43.56 -19.84
N SER F 197 -32.36 42.91 -19.11
CA SER F 197 -31.32 42.10 -19.74
C SER F 197 -31.61 40.61 -19.77
N PHE F 198 -32.66 40.18 -19.08
CA PHE F 198 -33.00 38.76 -19.10
C PHE F 198 -34.40 38.50 -19.63
N ILE F 199 -35.40 39.07 -18.98
CA ILE F 199 -36.79 38.82 -19.36
C ILE F 199 -37.07 39.29 -20.80
N LEU F 200 -36.72 40.55 -21.08
CA LEU F 200 -36.98 41.16 -22.37
C LEU F 200 -36.34 40.39 -23.53
N PRO F 201 -35.03 40.10 -23.44
CA PRO F 201 -34.51 39.31 -24.57
C PRO F 201 -35.13 37.92 -24.63
N LEU F 202 -35.36 37.30 -23.47
CA LEU F 202 -35.99 35.98 -23.44
C LEU F 202 -37.35 35.99 -24.11
N GLY F 203 -38.16 37.00 -23.79
CA GLY F 203 -39.48 37.14 -24.39
C GLY F 203 -39.38 37.18 -25.90
N LEU F 204 -38.42 37.95 -26.41
CA LEU F 204 -38.19 38.07 -27.86
C LEU F 204 -37.73 36.74 -28.44
N ILE F 205 -37.02 35.96 -27.65
CA ILE F 205 -36.64 34.61 -28.07
C ILE F 205 -37.93 33.82 -28.27
N ILE F 206 -38.78 33.81 -27.25
CA ILE F 206 -40.07 33.10 -27.30
C ILE F 206 -40.97 33.67 -28.40
N ALA F 207 -40.89 34.99 -28.58
CA ALA F 207 -41.60 35.67 -29.65
C ALA F 207 -41.14 35.17 -31.02
N ALA F 208 -39.84 35.29 -31.29
CA ALA F 208 -39.25 34.85 -32.54
C ALA F 208 -39.46 33.36 -32.77
N SER F 209 -39.69 32.63 -31.68
CA SER F 209 -40.02 31.22 -31.77
C SER F 209 -41.29 31.03 -32.60
N TRP F 210 -42.29 31.87 -32.34
CA TRP F 210 -43.59 31.72 -32.99
C TRP F 210 -43.53 32.03 -34.48
N SER F 211 -42.48 32.70 -34.94
CA SER F 211 -42.41 33.11 -36.34
C SER F 211 -42.11 31.94 -37.25
N VAL F 212 -41.97 30.75 -36.67
CA VAL F 212 -41.74 29.55 -37.46
C VAL F 212 -43.00 29.09 -38.21
N PHE F 213 -44.16 29.49 -37.72
CA PHE F 213 -45.42 29.06 -38.33
C PHE F 213 -45.71 29.83 -39.62
N TRP F 214 -45.01 30.95 -39.82
CA TRP F 214 -45.12 31.72 -41.05
C TRP F 214 -44.14 31.31 -42.15
N LEU F 215 -43.41 30.21 -41.95
CA LEU F 215 -42.59 29.66 -43.03
C LEU F 215 -43.42 28.83 -43.97
N GLU F 216 -43.11 28.87 -45.27
CA GLU F 216 -43.96 28.20 -46.24
C GLU F 216 -43.69 26.70 -46.39
N SER F 217 -42.46 26.31 -46.74
CA SER F 217 -42.16 24.90 -46.93
C SER F 217 -41.95 24.21 -45.59
N PHE F 218 -42.04 22.89 -45.60
CA PHE F 218 -41.93 22.08 -44.38
C PHE F 218 -40.50 21.86 -43.89
N SER F 219 -39.60 21.55 -44.81
CA SER F 219 -38.20 21.31 -44.46
C SER F 219 -37.56 22.55 -43.82
N GLU F 220 -37.93 23.71 -44.31
CA GLU F 220 -37.48 24.97 -43.73
C GLU F 220 -37.89 25.15 -42.28
N ARG F 221 -39.16 24.85 -42.03
CA ARG F 221 -39.80 25.02 -40.73
C ARG F 221 -39.12 24.20 -39.65
N LEU F 222 -38.69 23.00 -40.01
CA LEU F 222 -38.19 22.09 -39.00
C LEU F 222 -36.73 22.34 -38.62
N GLN F 223 -35.82 22.51 -39.56
CA GLN F 223 -34.42 22.64 -39.16
C GLN F 223 -34.24 23.95 -38.32
N THR F 224 -35.03 24.97 -38.68
CA THR F 224 -34.98 26.29 -38.05
C THR F 224 -35.16 26.17 -36.54
N SER F 225 -36.14 25.34 -36.18
CA SER F 225 -36.49 25.10 -34.79
C SER F 225 -35.36 24.42 -34.01
N PHE F 226 -34.43 23.80 -34.73
CA PHE F 226 -33.27 23.19 -34.08
C PHE F 226 -32.29 24.26 -33.65
N THR F 227 -32.16 25.29 -34.48
CA THR F 227 -31.35 26.48 -34.19
C THR F 227 -31.97 27.27 -33.04
N LEU F 228 -33.30 27.27 -33.05
CA LEU F 228 -34.11 27.95 -32.04
C LEU F 228 -34.08 27.18 -30.70
N MET F 229 -33.96 25.86 -30.80
CA MET F 229 -33.70 24.97 -29.68
C MET F 229 -32.30 25.26 -29.16
N LEU F 230 -31.39 25.37 -30.13
CA LEU F 230 -29.99 25.68 -29.92
C LEU F 230 -29.84 27.06 -29.29
N THR F 231 -30.71 27.99 -29.69
CA THR F 231 -30.70 29.34 -29.16
C THR F 231 -31.17 29.39 -27.71
N VAL F 232 -32.22 28.64 -27.39
CA VAL F 232 -32.71 28.60 -26.01
C VAL F 232 -31.71 27.97 -25.06
N VAL F 233 -31.14 26.83 -25.47
CA VAL F 233 -30.10 26.20 -24.67
C VAL F 233 -28.93 27.15 -24.52
N ALA F 234 -28.62 27.85 -25.61
CA ALA F 234 -27.59 28.87 -25.61
C ALA F 234 -27.90 29.97 -24.60
N TYR F 235 -29.20 30.30 -24.49
CA TYR F 235 -29.66 31.32 -23.56
C TYR F 235 -29.59 30.83 -22.12
N ALA F 236 -29.75 29.53 -21.93
CA ALA F 236 -29.67 28.95 -20.59
C ALA F 236 -28.30 29.15 -19.98
N SER F 237 -27.26 28.72 -20.69
CA SER F 237 -25.89 28.79 -20.18
C SER F 237 -25.48 30.22 -19.84
N TYR F 238 -25.83 31.16 -20.74
CA TYR F 238 -25.62 32.59 -20.51
C TYR F 238 -26.28 33.07 -19.21
N THR F 239 -27.55 32.67 -19.02
CA THR F 239 -28.33 32.97 -17.81
C THR F 239 -27.76 32.33 -16.56
N SER F 240 -27.46 31.04 -16.68
CA SER F 240 -27.06 30.21 -15.56
C SER F 240 -25.78 30.67 -14.87
N ASN F 241 -24.91 31.31 -15.62
CA ASN F 241 -23.66 31.78 -15.04
C ASN F 241 -23.94 32.91 -14.05
N ILE F 242 -24.97 33.70 -14.33
CA ILE F 242 -25.21 34.93 -13.60
C ILE F 242 -26.22 34.76 -12.46
N LEU F 243 -27.32 34.08 -12.73
CA LEU F 243 -28.34 33.88 -11.72
C LEU F 243 -27.79 33.12 -10.52
N PRO F 244 -28.25 33.44 -9.30
CA PRO F 244 -27.77 32.74 -8.11
C PRO F 244 -28.17 31.28 -8.08
N ARG F 245 -27.23 30.40 -7.73
CA ARG F 245 -27.52 28.97 -7.64
C ARG F 245 -28.53 28.74 -6.50
N LEU F 246 -29.61 28.03 -6.80
CA LEU F 246 -30.67 27.77 -5.85
C LEU F 246 -31.06 26.30 -5.89
N PRO F 247 -31.79 25.83 -4.87
CA PRO F 247 -32.31 24.46 -4.93
C PRO F 247 -33.76 24.39 -5.39
N TYR F 248 -34.26 25.47 -5.99
CA TYR F 248 -35.63 25.49 -6.54
C TYR F 248 -35.75 26.40 -7.77
N THR F 249 -36.83 26.23 -8.53
CA THR F 249 -37.03 26.98 -9.76
C THR F 249 -37.36 28.43 -9.47
N THR F 250 -36.85 29.35 -10.28
CA THR F 250 -37.21 30.75 -10.18
C THR F 250 -38.35 31.06 -11.16
N VAL F 251 -38.79 32.31 -11.19
CA VAL F 251 -39.76 32.73 -12.21
C VAL F 251 -39.08 32.66 -13.58
N ILE F 252 -37.85 33.17 -13.65
CA ILE F 252 -37.05 33.12 -14.86
C ILE F 252 -36.87 31.69 -15.34
N ASP F 253 -36.50 30.81 -14.41
CA ASP F 253 -36.32 29.39 -14.69
C ASP F 253 -37.57 28.78 -15.32
N GLN F 254 -38.75 29.18 -14.83
CA GLN F 254 -40.00 28.71 -15.40
C GLN F 254 -40.18 29.22 -16.83
N MET F 255 -39.89 30.50 -17.04
CA MET F 255 -39.97 31.11 -18.37
C MET F 255 -39.13 30.34 -19.39
N ILE F 256 -37.98 29.84 -18.93
CA ILE F 256 -37.07 29.04 -19.74
C ILE F 256 -37.74 27.73 -20.16
N ILE F 257 -38.41 27.10 -19.21
CA ILE F 257 -39.16 25.88 -19.47
C ILE F 257 -40.25 26.11 -20.49
N ALA F 258 -41.01 27.17 -20.30
CA ALA F 258 -42.05 27.52 -21.25
C ALA F 258 -41.42 27.75 -22.62
N GLY F 259 -40.20 28.28 -22.62
CA GLY F 259 -39.46 28.47 -23.85
C GLY F 259 -39.22 27.13 -24.50
N TYR F 260 -38.59 26.23 -23.75
CA TYR F 260 -38.35 24.88 -24.23
C TYR F 260 -39.67 24.23 -24.65
N GLY F 261 -40.70 24.44 -23.82
CA GLY F 261 -42.01 23.84 -24.05
C GLY F 261 -42.77 24.26 -25.30
N SER F 262 -42.86 25.58 -25.51
CA SER F 262 -43.56 26.10 -26.69
C SER F 262 -42.91 25.57 -27.98
N ILE F 263 -41.58 25.51 -27.96
CA ILE F 263 -40.79 25.08 -29.11
C ILE F 263 -40.98 23.61 -29.43
N PHE F 264 -40.83 22.79 -28.39
CA PHE F 264 -41.00 21.34 -28.51
C PHE F 264 -42.42 21.00 -28.92
N ALA F 265 -43.37 21.82 -28.43
CA ALA F 265 -44.77 21.65 -28.76
C ALA F 265 -45.05 21.97 -30.23
N ALA F 266 -44.39 23.01 -30.72
CA ALA F 266 -44.51 23.40 -32.13
C ALA F 266 -44.01 22.30 -33.06
N ILE F 267 -42.91 21.64 -32.66
CA ILE F 267 -42.34 20.54 -33.43
C ILE F 267 -43.35 19.43 -33.66
N LEU F 268 -43.99 19.01 -32.58
CA LEU F 268 -45.00 17.97 -32.62
C LEU F 268 -46.16 18.41 -33.52
N LEU F 269 -46.59 19.66 -33.34
CA LEU F 269 -47.64 20.25 -34.19
C LEU F 269 -47.28 20.19 -35.66
N ILE F 270 -46.06 20.58 -36.01
CA ILE F 270 -45.62 20.58 -37.40
C ILE F 270 -45.74 19.19 -38.02
N ILE F 271 -45.33 18.20 -37.26
CA ILE F 271 -45.40 16.81 -37.68
C ILE F 271 -46.85 16.31 -37.79
N PHE F 272 -47.66 16.62 -36.78
CA PHE F 272 -49.07 16.25 -36.79
C PHE F 272 -49.72 16.88 -38.01
N ALA F 273 -49.39 18.15 -38.22
CA ALA F 273 -49.88 18.93 -39.36
C ALA F 273 -49.55 18.25 -40.67
N HIS F 274 -48.35 17.66 -40.73
CA HIS F 274 -47.83 17.11 -41.98
C HIS F 274 -48.49 15.77 -42.36
N HIS F 275 -48.77 14.91 -41.39
CA HIS F 275 -49.24 13.56 -41.72
C HIS F 275 -50.77 13.40 -41.59
N ARG F 276 -51.44 14.44 -41.11
CA ARG F 276 -52.90 14.43 -41.15
C ARG F 276 -53.25 15.01 -42.51
N GLN F 277 -53.96 14.20 -43.29
CA GLN F 277 -53.91 14.29 -44.74
C GLN F 277 -55.19 13.97 -45.50
N ALA F 278 -55.15 14.21 -46.81
CA ALA F 278 -56.08 13.57 -47.73
C ALA F 278 -55.34 13.05 -48.98
N ASN F 279 -54.00 13.15 -48.98
CA ASN F 279 -53.15 12.68 -50.11
C ASN F 279 -51.77 12.28 -49.56
N GLY F 280 -51.20 13.21 -48.80
CA GLY F 280 -49.89 13.12 -48.21
C GLY F 280 -49.42 14.50 -47.78
N VAL F 281 -49.70 15.51 -48.62
CA VAL F 281 -49.11 16.84 -48.41
C VAL F 281 -50.09 17.97 -47.97
N GLU F 282 -51.40 17.74 -47.85
CA GLU F 282 -52.26 18.87 -47.45
C GLU F 282 -52.06 19.14 -45.97
N ASP F 283 -51.11 20.01 -45.73
CA ASP F 283 -50.89 20.61 -44.45
C ASP F 283 -52.19 21.31 -44.14
N ASP F 284 -52.78 20.99 -42.98
CA ASP F 284 -54.02 21.65 -42.56
C ASP F 284 -53.83 23.15 -42.60
N LEU F 285 -54.43 23.80 -43.61
CA LEU F 285 -54.26 25.24 -43.85
C LEU F 285 -54.67 26.06 -42.62
N LEU F 286 -55.48 25.45 -41.76
CA LEU F 286 -55.88 26.08 -40.51
C LEU F 286 -54.96 25.64 -39.35
N ILE F 287 -54.55 24.38 -39.34
CA ILE F 287 -53.63 23.94 -38.29
C ILE F 287 -52.20 24.41 -38.62
N GLN F 288 -51.86 24.58 -39.90
CA GLN F 288 -50.49 25.02 -40.20
C GLN F 288 -50.39 26.50 -39.90
N ARG F 289 -51.50 27.21 -40.07
CA ARG F 289 -51.59 28.56 -39.57
C ARG F 289 -52.30 28.49 -38.24
N CYS F 290 -51.77 27.69 -37.34
CA CYS F 290 -52.25 27.72 -35.97
C CYS F 290 -51.44 28.84 -35.31
N ARG F 291 -51.10 29.82 -36.17
CA ARG F 291 -51.63 31.18 -36.01
C ARG F 291 -50.93 32.22 -35.16
N LEU F 292 -51.37 32.21 -33.93
CA LEU F 292 -51.72 33.39 -33.19
C LEU F 292 -52.62 32.81 -32.12
N ALA F 293 -52.95 31.55 -32.39
CA ALA F 293 -53.64 30.67 -31.47
C ALA F 293 -52.65 30.36 -30.38
N PHE F 294 -51.60 29.66 -30.80
CA PHE F 294 -50.52 29.23 -29.95
C PHE F 294 -49.78 30.43 -29.31
N PRO F 295 -49.69 31.57 -30.02
CA PRO F 295 -49.29 32.79 -29.29
C PRO F 295 -50.31 33.37 -28.30
N LEU F 296 -51.60 33.38 -28.57
CA LEU F 296 -52.53 33.81 -27.53
C LEU F 296 -52.77 32.66 -26.57
N GLY F 297 -52.63 31.43 -27.06
CA GLY F 297 -52.84 30.25 -26.25
C GLY F 297 -51.67 30.07 -25.29
N PHE F 298 -50.54 30.67 -25.65
CA PHE F 298 -49.38 30.73 -24.77
C PHE F 298 -49.63 31.88 -23.80
N LEU F 299 -50.38 32.87 -24.29
CA LEU F 299 -50.82 33.97 -23.45
C LEU F 299 -51.98 33.48 -22.62
N ALA F 300 -52.69 32.47 -23.12
CA ALA F 300 -53.75 31.83 -22.37
C ALA F 300 -53.11 31.05 -21.23
N ILE F 301 -52.08 30.27 -21.57
CA ILE F 301 -51.29 29.56 -20.57
C ILE F 301 -50.54 30.54 -19.66
N GLY F 302 -50.18 31.69 -20.22
CA GLY F 302 -49.46 32.72 -19.49
C GLY F 302 -50.31 33.34 -18.40
N CYS F 303 -51.58 33.57 -18.70
CA CYS F 303 -52.51 34.08 -17.69
C CYS F 303 -52.97 32.94 -16.79
N VAL F 304 -52.89 31.72 -17.32
CA VAL F 304 -53.18 30.48 -16.58
C VAL F 304 -52.04 30.17 -15.61
N LEU F 305 -50.81 30.47 -16.00
CA LEU F 305 -49.66 30.18 -15.14
C LEU F 305 -49.67 31.14 -13.94
N VAL F 306 -50.49 32.19 -14.07
CA VAL F 306 -50.81 33.10 -12.97
C VAL F 306 -51.95 32.54 -12.12
N ILE F 307 -52.77 31.69 -12.72
CA ILE F 307 -53.94 31.13 -12.05
C ILE F 307 -53.53 30.07 -11.03
N PRO G 1 -10.32 70.73 24.87
CA PRO G 1 -10.52 70.46 23.43
C PRO G 1 -9.19 70.26 22.71
N VAL G 2 -8.71 69.01 22.68
CA VAL G 2 -7.37 68.69 22.16
C VAL G 2 -7.20 68.85 20.67
N ASP G 3 -6.20 69.63 20.27
CA ASP G 3 -5.87 69.87 18.87
C ASP G 3 -5.13 68.67 18.28
N VAL G 4 -5.71 68.02 17.28
CA VAL G 4 -5.08 66.84 16.66
C VAL G 4 -4.81 67.02 15.16
N SER G 5 -3.55 66.94 14.78
CA SER G 5 -3.15 66.96 13.37
C SER G 5 -3.18 65.57 12.77
N VAL G 6 -3.66 65.46 11.54
CA VAL G 6 -3.73 64.17 10.88
C VAL G 6 -3.00 64.25 9.56
N SER G 7 -2.39 63.14 9.17
CA SER G 7 -1.76 63.03 7.88
C SER G 7 -1.99 61.63 7.32
N ILE G 8 -2.49 61.55 6.10
CA ILE G 8 -2.75 60.29 5.45
C ILE G 8 -1.89 60.10 4.21
N PHE G 9 -1.15 58.99 4.14
CA PHE G 9 -0.35 58.72 2.95
C PHE G 9 -1.05 57.63 2.16
N ILE G 10 -1.56 57.94 0.97
CA ILE G 10 -2.26 56.92 0.17
C ILE G 10 -1.28 56.12 -0.72
N ASN G 11 -1.22 54.81 -0.47
CA ASN G 11 -0.28 53.89 -1.14
C ASN G 11 -0.83 53.12 -2.33
N LYS G 12 -2.02 52.56 -2.18
CA LYS G 12 -2.66 51.85 -3.27
C LYS G 12 -4.16 51.82 -3.09
N ILE G 13 -4.87 52.10 -4.17
CA ILE G 13 -6.32 51.95 -4.18
C ILE G 13 -6.61 50.91 -5.24
N TYR G 14 -7.28 49.84 -4.85
CA TYR G 14 -7.54 48.71 -5.74
C TYR G 14 -8.75 47.89 -5.30
N GLY G 15 -9.12 46.93 -6.14
CA GLY G 15 -10.12 45.92 -5.80
C GLY G 15 -11.53 46.42 -5.59
N VAL G 16 -12.04 47.15 -6.57
CA VAL G 16 -13.40 47.66 -6.54
C VAL G 16 -14.40 46.52 -6.59
N ASN G 17 -15.22 46.41 -5.55
CA ASN G 17 -16.25 45.39 -5.57
C ASN G 17 -17.56 46.06 -5.90
N THR G 18 -17.99 45.91 -7.15
CA THR G 18 -19.12 46.67 -7.66
C THR G 18 -20.40 46.39 -6.88
N LEU G 19 -20.63 45.15 -6.47
CA LEU G 19 -21.88 44.88 -5.77
C LEU G 19 -21.86 45.38 -4.31
N GLU G 20 -20.74 45.23 -3.61
CA GLU G 20 -20.67 45.68 -2.21
C GLU G 20 -20.47 47.18 -2.12
N GLN G 21 -20.17 47.80 -3.26
CA GLN G 21 -19.80 49.21 -3.30
C GLN G 21 -18.64 49.42 -2.34
N THR G 22 -17.50 48.88 -2.73
CA THR G 22 -16.37 48.65 -1.85
C THR G 22 -15.07 48.64 -2.65
N TYR G 23 -14.04 49.23 -2.05
CA TYR G 23 -12.69 49.26 -2.63
C TYR G 23 -11.69 49.19 -1.49
N LYS G 24 -10.49 48.70 -1.77
CA LYS G 24 -9.50 48.54 -0.70
C LYS G 24 -8.44 49.60 -0.85
N VAL G 25 -7.90 50.00 0.28
CA VAL G 25 -6.96 51.11 0.33
C VAL G 25 -5.81 50.78 1.29
N ASP G 26 -4.59 50.89 0.77
CA ASP G 26 -3.38 50.66 1.55
C ASP G 26 -2.81 52.03 1.86
N GLY G 27 -2.32 52.22 3.09
CA GLY G 27 -1.69 53.48 3.44
C GLY G 27 -1.15 53.64 4.86
N TYR G 28 -0.90 54.89 5.24
CA TYR G 28 -0.47 55.25 6.58
C TYR G 28 -1.32 56.36 7.20
N ILE G 29 -1.57 56.30 8.51
CA ILE G 29 -2.03 57.50 9.23
C ILE G 29 -0.98 58.02 10.23
N VAL G 30 -0.91 59.35 10.31
CA VAL G 30 -0.04 60.04 11.25
C VAL G 30 -0.88 60.98 12.11
N ALA G 31 -0.84 60.76 13.42
CA ALA G 31 -1.59 61.59 14.36
C ALA G 31 -0.61 62.28 15.29
N GLN G 32 -0.81 63.57 15.50
CA GLN G 32 0.04 64.32 16.41
C GLN G 32 -0.79 65.25 17.29
N TRP G 33 -0.35 65.37 18.54
CA TRP G 33 -1.02 66.22 19.50
C TRP G 33 0.01 66.55 20.57
N THR G 34 -0.27 67.56 21.39
CA THR G 34 0.71 67.98 22.38
C THR G 34 0.30 67.49 23.75
N GLY G 35 1.23 66.83 24.42
CA GLY G 35 0.95 66.25 25.72
C GLY G 35 1.57 66.94 26.92
N LYS G 36 1.66 66.18 27.99
CA LYS G 36 2.16 66.64 29.27
C LYS G 36 3.66 66.48 29.19
N PRO G 37 4.42 67.49 29.62
CA PRO G 37 5.89 67.38 29.51
C PRO G 37 6.42 66.08 30.14
N ARG G 38 7.36 65.43 29.48
CA ARG G 38 7.85 64.13 29.93
C ARG G 38 9.37 64.11 30.04
N LYS G 39 9.88 63.12 30.76
CA LYS G 39 11.31 62.88 30.82
C LYS G 39 11.62 61.67 29.94
N THR G 40 12.53 61.83 28.98
CA THR G 40 12.90 60.74 28.09
C THR G 40 14.26 60.17 28.43
N PRO G 41 14.57 58.96 27.95
CA PRO G 41 15.97 58.52 28.00
C PRO G 41 16.86 59.61 27.41
N GLY G 42 17.82 60.07 28.19
CA GLY G 42 18.60 61.23 27.80
C GLY G 42 17.73 62.47 27.84
N ASP G 43 17.39 63.01 26.68
CA ASP G 43 16.49 64.15 26.56
C ASP G 43 15.87 64.19 25.17
N LYS G 44 16.37 63.29 24.33
CA LYS G 44 15.93 63.12 22.95
C LYS G 44 14.55 62.45 22.92
N PRO G 45 13.78 62.63 21.83
CA PRO G 45 12.46 61.99 21.80
C PRO G 45 12.56 60.48 21.87
N LEU G 46 11.56 59.83 22.48
CA LEU G 46 11.61 58.38 22.62
C LEU G 46 10.68 57.69 21.64
N ILE G 47 11.17 56.63 21.04
CA ILE G 47 10.45 55.91 20.01
C ILE G 47 9.88 54.64 20.61
N VAL G 48 8.60 54.39 20.38
CA VAL G 48 8.01 53.16 20.89
C VAL G 48 7.26 52.38 19.81
N GLU G 49 7.74 51.19 19.50
CA GLU G 49 7.16 50.40 18.42
C GLU G 49 6.26 49.28 18.90
N ASN G 50 5.18 49.04 18.15
CA ASN G 50 4.34 47.84 18.28
C ASN G 50 4.08 47.25 19.65
N THR G 51 4.72 46.11 19.91
CA THR G 51 4.51 45.39 21.16
C THR G 51 4.62 46.33 22.36
N GLN G 52 5.63 47.21 22.37
CA GLN G 52 5.85 48.06 23.54
C GLN G 52 4.85 49.19 23.73
N ILE G 53 4.00 49.45 22.74
CA ILE G 53 3.06 50.57 22.87
C ILE G 53 2.02 50.38 23.96
N GLU G 54 1.45 49.19 24.02
CA GLU G 54 0.42 48.90 25.00
C GLU G 54 0.92 49.11 26.42
N ARG G 55 2.19 48.80 26.69
CA ARG G 55 2.75 48.95 28.02
C ARG G 55 2.80 50.43 28.45
N TRP G 56 2.99 51.33 27.48
CA TRP G 56 2.97 52.76 27.78
C TRP G 56 1.56 53.19 28.11
N ILE G 57 0.57 52.49 27.57
CA ILE G 57 -0.82 52.85 27.83
C ILE G 57 -1.22 52.56 29.28
N ASN G 58 -0.85 51.40 29.80
CA ASN G 58 -1.09 51.07 31.20
C ASN G 58 -0.40 51.96 32.23
N ASN G 59 0.73 52.54 31.84
CA ASN G 59 1.44 53.49 32.71
C ASN G 59 0.92 54.90 32.46
N GLY G 60 -0.24 54.98 31.80
CA GLY G 60 -1.03 56.21 31.74
C GLY G 60 -0.97 57.08 30.51
N LEU G 61 -0.53 56.53 29.37
CA LEU G 61 -0.48 57.32 28.15
C LEU G 61 -1.81 57.27 27.41
N TRP G 62 -2.36 58.44 27.11
CA TRP G 62 -3.64 58.59 26.42
C TRP G 62 -3.49 58.51 24.92
N VAL G 63 -3.92 57.40 24.32
CA VAL G 63 -3.98 57.32 22.86
C VAL G 63 -5.40 57.10 22.40
N PRO G 64 -5.96 58.14 21.77
CA PRO G 64 -7.35 58.18 21.34
C PRO G 64 -7.59 57.25 20.17
N ALA G 65 -8.73 56.58 20.17
CA ALA G 65 -9.12 55.74 19.06
C ALA G 65 -9.75 56.58 17.95
N LEU G 66 -9.13 56.58 16.78
CA LEU G 66 -9.69 57.25 15.62
C LEU G 66 -10.23 56.21 14.64
N GLU G 67 -11.54 56.23 14.41
CA GLU G 67 -12.19 55.19 13.61
C GLU G 67 -12.40 55.55 12.14
N PHE G 68 -12.10 54.62 11.24
CA PHE G 68 -12.50 54.78 9.84
C PHE G 68 -14.00 54.50 9.73
N ILE G 69 -14.81 55.54 9.60
CA ILE G 69 -16.26 55.37 9.62
C ILE G 69 -16.76 54.43 8.52
N ASN G 70 -16.28 54.59 7.29
CA ASN G 70 -16.83 53.80 6.18
C ASN G 70 -15.98 52.59 5.84
N VAL G 71 -15.18 52.11 6.79
CA VAL G 71 -14.47 50.87 6.56
C VAL G 71 -15.43 49.71 6.86
N VAL G 72 -15.33 48.66 6.07
CA VAL G 72 -16.14 47.47 6.30
C VAL G 72 -15.29 46.40 6.97
N GLY G 73 -15.60 46.13 8.24
CA GLY G 73 -14.80 45.24 9.04
C GLY G 73 -13.57 45.95 9.54
N SER G 74 -12.75 45.26 10.31
CA SER G 74 -11.55 45.87 10.84
C SER G 74 -10.45 45.83 9.81
N PRO G 75 -9.66 46.91 9.71
CA PRO G 75 -8.55 47.02 8.74
C PRO G 75 -7.29 46.29 9.21
N ASP G 76 -6.55 45.68 8.29
CA ASP G 76 -5.31 44.97 8.64
C ASP G 76 -4.22 45.99 8.92
N THR G 77 -3.78 45.98 10.17
CA THR G 77 -2.81 46.92 10.66
C THR G 77 -1.36 46.43 10.59
N GLY G 78 -0.51 47.23 9.94
CA GLY G 78 0.92 46.96 9.79
C GLY G 78 1.62 47.43 11.05
N ASN G 79 2.89 47.81 11.03
CA ASN G 79 3.45 48.14 12.34
C ASN G 79 3.11 49.56 12.72
N LYS G 80 3.12 49.77 14.01
CA LYS G 80 2.82 51.07 14.55
C LYS G 80 3.90 51.61 15.47
N ARG G 81 3.99 52.93 15.48
CA ARG G 81 5.05 53.66 16.15
C ARG G 81 4.47 54.77 17.01
N LEU G 82 4.87 54.84 18.27
CA LEU G 82 4.62 56.01 19.08
C LEU G 82 5.93 56.74 19.28
N MET G 83 5.94 58.01 18.90
CA MET G 83 7.11 58.84 19.13
C MET G 83 6.80 59.88 20.21
N LEU G 84 7.39 59.70 21.39
CA LEU G 84 7.10 60.57 22.52
C LEU G 84 8.22 61.61 22.67
N PHE G 85 7.84 62.88 22.66
CA PHE G 85 8.80 63.98 22.76
C PHE G 85 9.04 64.43 24.20
N PRO G 86 10.18 65.10 24.45
CA PRO G 86 10.46 65.52 25.83
C PRO G 86 9.52 66.62 26.36
N ASP G 87 9.08 67.55 25.52
CA ASP G 87 8.15 68.58 25.99
C ASP G 87 6.73 68.06 26.13
N GLY G 88 6.48 66.86 25.61
CA GLY G 88 5.16 66.26 25.73
C GLY G 88 4.49 65.79 24.46
N ARG G 89 4.63 66.53 23.36
CA ARG G 89 3.86 66.22 22.17
C ARG G 89 4.11 64.79 21.71
N VAL G 90 3.11 64.25 21.02
CA VAL G 90 3.07 62.85 20.72
C VAL G 90 2.77 62.64 19.25
N ILE G 91 3.53 61.75 18.62
CA ILE G 91 3.33 61.44 17.21
C ILE G 91 3.03 59.96 17.00
N TYR G 92 1.85 59.70 16.46
CA TYR G 92 1.40 58.34 16.18
C TYR G 92 1.61 57.98 14.71
N ASN G 93 2.13 56.78 14.45
CA ASN G 93 2.47 56.36 13.09
C ASN G 93 1.97 54.95 12.82
N ALA G 94 1.21 54.81 11.75
CA ALA G 94 0.38 53.64 11.61
C ALA G 94 0.16 53.16 10.18
N ARG G 95 0.48 51.91 9.88
CA ARG G 95 0.13 51.40 8.56
C ARG G 95 -1.21 50.69 8.58
N PHE G 96 -1.98 50.84 7.50
CA PHE G 96 -3.29 50.20 7.40
C PHE G 96 -3.63 49.74 5.99
N LEU G 97 -4.42 48.68 5.92
CA LEU G 97 -5.04 48.25 4.69
C LEU G 97 -6.48 47.89 5.03
N GLY G 98 -7.42 48.52 4.36
CA GLY G 98 -8.81 48.29 4.70
C GLY G 98 -9.75 48.31 3.52
N SER G 99 -10.89 47.65 3.69
CA SER G 99 -11.95 47.67 2.69
C SER G 99 -12.89 48.82 3.01
N PHE G 100 -13.06 49.76 2.09
CA PHE G 100 -13.88 50.92 2.37
C PHE G 100 -15.16 50.98 1.53
N SER G 101 -16.15 51.68 2.07
CA SER G 101 -17.47 51.77 1.44
C SER G 101 -17.82 53.17 0.97
N ASN G 102 -18.61 53.23 -0.09
CA ASN G 102 -19.09 54.49 -0.64
C ASN G 102 -20.18 54.22 -1.66
N ASP G 103 -21.11 55.16 -1.80
CA ASP G 103 -22.12 55.07 -2.83
C ASP G 103 -21.40 55.05 -4.16
N MET G 104 -21.68 54.07 -5.02
CA MET G 104 -20.97 54.03 -6.30
C MET G 104 -21.87 53.74 -7.52
N ASP G 105 -22.13 54.74 -8.34
CA ASP G 105 -23.01 54.58 -9.49
C ASP G 105 -22.23 54.05 -10.68
N PHE G 106 -22.64 52.89 -11.18
CA PHE G 106 -21.94 52.26 -12.29
C PHE G 106 -22.80 52.15 -13.55
N ARG G 107 -23.91 52.86 -13.60
CA ARG G 107 -24.82 52.77 -14.74
C ARG G 107 -24.10 53.22 -16.02
N LEU G 108 -23.07 54.06 -15.85
CA LEU G 108 -22.35 54.69 -16.96
C LEU G 108 -21.20 53.84 -17.52
N PHE G 109 -21.12 52.60 -17.05
CA PHE G 109 -20.07 51.67 -17.42
C PHE G 109 -19.99 51.41 -18.92
N PRO G 110 -18.76 51.31 -19.46
CA PRO G 110 -17.48 51.37 -18.74
C PRO G 110 -16.85 52.77 -18.75
N PHE G 111 -17.67 53.80 -18.70
CA PHE G 111 -17.14 55.15 -18.74
C PHE G 111 -17.45 55.84 -17.43
N ASP G 112 -17.78 55.04 -16.42
CA ASP G 112 -18.23 55.57 -15.14
C ASP G 112 -17.11 56.36 -14.51
N ARG G 113 -17.45 57.40 -13.77
CA ARG G 113 -16.45 58.08 -12.98
C ARG G 113 -16.82 57.91 -11.50
N GLN G 114 -15.82 57.58 -10.69
CA GLN G 114 -16.06 57.27 -9.28
C GLN G 114 -15.22 58.15 -8.38
N GLN G 115 -15.55 58.18 -7.09
CA GLN G 115 -14.70 58.85 -6.13
C GLN G 115 -14.49 58.01 -4.89
N PHE G 116 -13.22 57.75 -4.60
CA PHE G 116 -12.82 56.97 -3.46
C PHE G 116 -12.84 57.86 -2.22
N VAL G 117 -13.49 57.40 -1.16
CA VAL G 117 -13.74 58.25 -0.01
C VAL G 117 -13.19 57.64 1.26
N LEU G 118 -12.56 58.47 2.08
CA LEU G 118 -12.12 58.08 3.41
C LEU G 118 -12.84 58.94 4.44
N GLU G 119 -13.34 58.32 5.51
CA GLU G 119 -13.96 59.11 6.55
C GLU G 119 -13.46 58.72 7.95
N LEU G 120 -12.84 59.69 8.63
CA LEU G 120 -12.24 59.47 9.93
C LEU G 120 -12.94 60.35 10.98
N GLU G 121 -13.28 59.72 12.10
CA GLU G 121 -14.04 60.33 13.18
C GLU G 121 -13.70 59.60 14.47
N PRO G 122 -13.25 60.34 15.50
CA PRO G 122 -12.91 59.74 16.80
C PRO G 122 -14.05 58.91 17.37
N PHE G 123 -13.69 57.85 18.08
CA PHE G 123 -14.68 56.88 18.54
C PHE G 123 -15.38 57.26 19.84
N SER G 124 -14.66 57.89 20.76
CA SER G 124 -15.21 58.10 22.09
C SER G 124 -15.10 59.54 22.56
N TYR G 125 -14.47 60.39 21.76
CA TYR G 125 -14.25 61.76 22.18
C TYR G 125 -14.91 62.79 21.27
N ASN G 126 -15.80 63.59 21.86
CA ASN G 126 -16.55 64.60 21.12
C ASN G 126 -15.70 65.83 20.80
N ASN G 127 -16.30 66.75 20.06
CA ASN G 127 -15.62 67.93 19.55
C ASN G 127 -15.11 68.88 20.62
N GLN G 128 -15.76 68.87 21.77
CA GLN G 128 -15.28 69.65 22.91
C GLN G 128 -14.13 68.96 23.63
N GLN G 129 -13.95 67.67 23.37
CA GLN G 129 -12.82 66.93 23.95
C GLN G 129 -11.67 66.73 22.96
N LEU G 130 -11.96 66.20 21.77
CA LEU G 130 -10.93 65.98 20.73
C LEU G 130 -11.38 66.63 19.42
N ARG G 131 -10.57 67.52 18.89
CA ARG G 131 -10.93 68.25 17.68
C ARG G 131 -9.85 68.16 16.59
N PHE G 132 -10.26 68.05 15.33
CA PHE G 132 -9.31 67.90 14.22
C PHE G 132 -8.79 69.24 13.67
N SER G 133 -7.51 69.53 13.91
CA SER G 133 -6.95 70.83 13.54
C SER G 133 -6.66 70.97 12.05
N ASP G 134 -5.98 70.01 11.45
CA ASP G 134 -5.61 70.08 10.03
C ASP G 134 -5.31 68.69 9.46
N ILE G 135 -5.29 68.57 8.14
CA ILE G 135 -5.13 67.26 7.52
C ILE G 135 -4.43 67.34 6.15
N GLN G 136 -3.29 66.68 6.02
CA GLN G 136 -2.62 66.55 4.72
C GLN G 136 -2.77 65.13 4.19
N VAL G 137 -3.06 64.98 2.90
CA VAL G 137 -3.18 63.65 2.30
C VAL G 137 -2.24 63.45 1.10
N TYR G 138 -1.36 62.46 1.21
CA TYR G 138 -0.32 62.24 0.21
C TYR G 138 -0.54 61.09 -0.75
N THR G 139 -0.92 61.45 -1.97
CA THR G 139 -1.02 60.48 -3.04
C THR G 139 0.30 60.53 -3.84
N GLU G 140 1.23 59.68 -3.41
CA GLU G 140 2.60 59.63 -3.96
C GLU G 140 2.63 59.05 -5.37
N ASN G 141 1.72 59.53 -6.21
CA ASN G 141 1.50 58.92 -7.51
C ASN G 141 1.70 59.87 -8.72
N ALA G 142 2.01 59.28 -9.88
CA ALA G 142 2.15 60.02 -11.15
C ALA G 142 2.38 59.02 -12.30
N ASP G 143 2.45 59.52 -13.54
CA ASP G 143 2.81 58.71 -14.73
C ASP G 143 1.91 57.51 -15.04
N ASN G 144 2.40 56.70 -15.99
CA ASN G 144 1.85 55.39 -16.39
C ASN G 144 0.35 55.14 -16.40
N GLU G 145 -0.48 56.08 -16.83
CA GLU G 145 -1.92 55.84 -16.73
C GLU G 145 -2.39 54.68 -17.61
N GLU G 146 -1.68 54.42 -18.71
CA GLU G 146 -2.10 53.39 -19.66
C GLU G 146 -2.08 51.95 -19.11
N ILE G 147 -1.50 51.75 -17.94
CA ILE G 147 -1.38 50.41 -17.36
C ILE G 147 -2.44 50.14 -16.27
N ASP G 148 -2.96 51.18 -15.64
CA ASP G 148 -3.83 50.98 -14.48
C ASP G 148 -5.32 50.92 -14.83
N GLU G 149 -6.06 50.21 -13.98
CA GLU G 149 -7.51 50.04 -14.13
C GLU G 149 -8.22 51.38 -13.88
N TRP G 150 -7.72 52.13 -12.90
CA TRP G 150 -8.31 53.43 -12.55
C TRP G 150 -7.33 54.60 -12.71
N TRP G 151 -7.85 55.69 -13.26
CA TRP G 151 -7.08 56.92 -13.41
C TRP G 151 -7.47 57.97 -12.37
N ILE G 152 -6.57 58.21 -11.41
CA ILE G 152 -6.70 59.31 -10.49
C ILE G 152 -6.63 60.61 -11.27
N ARG G 153 -7.52 61.55 -10.95
CA ARG G 153 -7.44 62.86 -11.60
C ARG G 153 -7.13 64.00 -10.63
N GLY G 154 -7.77 64.02 -9.46
CA GLY G 154 -7.44 65.04 -8.50
C GLY G 154 -6.11 64.78 -7.79
N LYS G 155 -5.80 65.65 -6.83
CA LYS G 155 -4.69 65.43 -5.92
C LYS G 155 -5.32 65.33 -4.55
N ALA G 156 -6.48 64.67 -4.51
CA ALA G 156 -7.24 64.42 -3.29
C ALA G 156 -7.91 65.67 -2.70
N SER G 157 -9.14 65.48 -2.27
CA SER G 157 -9.97 66.48 -1.62
C SER G 157 -9.95 66.36 -0.09
N THR G 158 -10.44 67.39 0.58
CA THR G 158 -10.42 67.48 2.04
C THR G 158 -11.71 68.13 2.56
N HIS G 159 -12.31 67.54 3.59
CA HIS G 159 -13.47 68.15 4.20
C HIS G 159 -13.51 67.77 5.69
N ILE G 160 -13.08 68.71 6.54
CA ILE G 160 -13.26 68.64 8.00
C ILE G 160 -14.53 69.37 8.45
N SER G 161 -15.41 68.66 9.13
CA SER G 161 -16.66 69.22 9.60
C SER G 161 -16.97 68.66 10.97
N ASP G 162 -17.99 69.20 11.61
CA ASP G 162 -18.49 68.63 12.85
C ASP G 162 -19.88 68.06 12.56
N ILE G 163 -20.06 66.78 12.89
CA ILE G 163 -21.30 66.09 12.61
C ILE G 163 -22.06 65.88 13.91
N ARG G 164 -23.35 66.20 13.88
CA ARG G 164 -24.16 66.17 15.09
C ARG G 164 -25.05 64.93 15.08
N TYR G 165 -25.12 64.28 16.23
CA TYR G 165 -25.95 63.12 16.42
C TYR G 165 -27.16 63.54 17.26
N ASP G 166 -28.37 63.29 16.75
CA ASP G 166 -29.58 63.78 17.41
C ASP G 166 -29.90 63.07 18.71
N HIS G 167 -29.67 61.76 18.73
CA HIS G 167 -30.02 60.96 19.88
C HIS G 167 -29.13 59.72 19.95
N LEU G 168 -28.41 59.58 21.05
CA LEU G 168 -27.60 58.40 21.25
C LEU G 168 -28.04 57.79 22.58
N SER G 169 -27.19 57.84 23.60
CA SER G 169 -27.59 57.39 24.91
C SER G 169 -27.92 58.62 25.75
N SER G 170 -27.96 58.48 27.07
CA SER G 170 -28.40 59.60 27.89
C SER G 170 -27.25 60.47 28.37
N VAL G 171 -26.66 61.17 27.39
CA VAL G 171 -25.81 62.33 27.59
C VAL G 171 -26.35 63.47 26.68
N GLN G 172 -26.93 64.53 27.23
CA GLN G 172 -27.64 65.55 26.43
C GLN G 172 -26.94 66.92 26.12
N PRO G 173 -25.80 67.21 26.77
CA PRO G 173 -25.16 68.47 27.13
C PRO G 173 -24.81 69.36 25.94
N ASN G 174 -23.67 69.09 25.32
CA ASN G 174 -23.39 69.55 23.97
C ASN G 174 -22.33 68.59 23.38
N GLN G 175 -22.18 67.46 24.06
CA GLN G 175 -21.33 66.34 23.66
C GLN G 175 -22.00 65.33 22.72
N ASN G 176 -22.48 65.81 21.58
CA ASN G 176 -23.15 64.98 20.58
C ASN G 176 -22.62 65.33 19.19
N GLU G 177 -21.56 66.14 19.19
CA GLU G 177 -20.93 66.68 17.98
C GLU G 177 -19.54 66.07 17.88
N PHE G 178 -19.28 65.28 16.85
CA PHE G 178 -17.92 64.77 16.63
C PHE G 178 -17.28 65.37 15.39
N SER G 179 -16.00 65.68 15.48
CA SER G 179 -15.29 66.30 14.36
C SER G 179 -14.79 65.23 13.39
N ARG G 180 -15.11 65.43 12.11
CA ARG G 180 -14.89 64.39 11.10
C ARG G 180 -14.11 64.83 9.87
N ILE G 181 -13.06 64.07 9.58
CA ILE G 181 -12.27 64.26 8.35
C ILE G 181 -12.82 63.41 7.23
N THR G 182 -13.12 64.03 6.10
CA THR G 182 -13.59 63.28 4.95
C THR G 182 -12.61 63.55 3.82
N VAL G 183 -12.01 62.49 3.29
CA VAL G 183 -11.04 62.60 2.18
C VAL G 183 -11.61 62.01 0.90
N ARG G 184 -11.57 62.79 -0.17
CA ARG G 184 -12.09 62.38 -1.47
C ARG G 184 -11.01 62.34 -2.55
N ILE G 185 -11.10 61.33 -3.40
CA ILE G 185 -10.19 61.14 -4.53
C ILE G 185 -10.97 60.89 -5.83
N ASP G 186 -10.82 61.78 -6.80
CA ASP G 186 -11.57 61.67 -8.05
C ASP G 186 -10.89 60.67 -8.96
N ALA G 187 -11.66 59.78 -9.58
CA ALA G 187 -11.07 58.76 -10.45
C ALA G 187 -11.97 58.37 -11.63
N VAL G 188 -11.34 57.99 -12.74
CA VAL G 188 -12.08 57.60 -13.93
C VAL G 188 -11.68 56.20 -14.36
N ARG G 189 -12.63 55.44 -14.91
CA ARG G 189 -12.33 54.10 -15.40
C ARG G 189 -11.60 54.14 -16.73
N ASN G 190 -10.58 53.31 -16.84
CA ASN G 190 -9.84 53.12 -18.08
C ASN G 190 -10.68 52.26 -19.01
N PRO G 191 -11.34 52.90 -19.99
CA PRO G 191 -12.39 52.21 -20.76
C PRO G 191 -11.88 51.39 -21.94
N SER G 192 -10.59 51.50 -22.20
CA SER G 192 -9.96 50.91 -23.37
C SER G 192 -10.26 49.42 -23.59
N TYR G 193 -10.08 48.59 -22.58
CA TYR G 193 -10.24 47.17 -22.79
C TYR G 193 -11.67 46.87 -23.21
N TYR G 194 -12.59 47.59 -22.59
CA TYR G 194 -14.02 47.39 -22.82
C TYR G 194 -14.48 47.98 -24.13
N LEU G 195 -13.78 49.01 -24.60
CA LEU G 195 -14.10 49.60 -25.91
C LEU G 195 -13.75 48.70 -27.08
N TRP G 196 -12.47 48.34 -27.16
CA TRP G 196 -11.97 47.62 -28.33
C TRP G 196 -12.40 46.16 -28.34
N SER G 197 -12.55 45.56 -27.16
CA SER G 197 -12.85 44.14 -27.14
C SER G 197 -14.33 43.80 -26.92
N PHE G 198 -15.12 44.79 -26.50
CA PHE G 198 -16.55 44.57 -26.24
C PHE G 198 -17.46 45.45 -27.09
N ILE G 199 -17.25 46.76 -27.01
CA ILE G 199 -18.10 47.69 -27.75
C ILE G 199 -18.03 47.49 -29.27
N LEU G 200 -16.80 47.49 -29.79
CA LEU G 200 -16.52 47.45 -31.24
C LEU G 200 -17.12 46.23 -31.96
N PRO G 201 -16.81 45.01 -31.50
CA PRO G 201 -17.45 43.91 -32.23
C PRO G 201 -18.98 43.94 -32.11
N LEU G 202 -19.50 44.39 -30.98
CA LEU G 202 -20.95 44.44 -30.79
C LEU G 202 -21.55 45.24 -31.93
N GLY G 203 -20.95 46.39 -32.23
CA GLY G 203 -21.43 47.23 -33.32
C GLY G 203 -21.51 46.47 -34.63
N LEU G 204 -20.48 45.70 -34.90
CA LEU G 204 -20.38 44.91 -36.13
C LEU G 204 -21.42 43.78 -36.21
N ILE G 205 -21.75 43.19 -35.07
CA ILE G 205 -22.79 42.17 -35.05
C ILE G 205 -24.07 42.85 -35.52
N ILE G 206 -24.41 43.95 -34.85
CA ILE G 206 -25.64 44.68 -35.15
C ILE G 206 -25.55 45.20 -36.58
N ALA G 207 -24.34 45.56 -37.01
CA ALA G 207 -24.12 45.96 -38.39
C ALA G 207 -24.46 44.83 -39.36
N ALA G 208 -23.77 43.70 -39.21
CA ALA G 208 -24.01 42.54 -40.05
C ALA G 208 -25.44 42.05 -39.87
N SER G 209 -26.04 42.38 -38.73
CA SER G 209 -27.43 42.05 -38.47
C SER G 209 -28.29 42.60 -39.58
N TRP G 210 -27.97 43.83 -39.99
CA TRP G 210 -28.72 44.52 -41.03
C TRP G 210 -28.47 43.97 -42.42
N SER G 211 -27.37 43.24 -42.58
CA SER G 211 -27.01 42.70 -43.90
C SER G 211 -27.85 41.47 -44.25
N VAL G 212 -28.84 41.17 -43.43
CA VAL G 212 -29.78 40.09 -43.70
C VAL G 212 -30.71 40.51 -44.83
N PHE G 213 -30.81 41.82 -45.03
CA PHE G 213 -31.74 42.37 -46.02
C PHE G 213 -31.18 42.31 -47.45
N TRP G 214 -29.89 42.06 -47.59
CA TRP G 214 -29.28 41.85 -48.91
C TRP G 214 -29.37 40.38 -49.36
N LEU G 215 -30.17 39.58 -48.65
CA LEU G 215 -30.49 38.23 -49.09
C LEU G 215 -31.60 38.18 -50.13
N GLU G 216 -31.50 37.24 -51.06
CA GLU G 216 -32.42 37.20 -52.19
C GLU G 216 -33.76 36.54 -51.90
N SER G 217 -33.73 35.28 -51.46
CA SER G 217 -34.96 34.54 -51.17
C SER G 217 -35.57 35.01 -49.85
N PHE G 218 -36.84 34.69 -49.64
CA PHE G 218 -37.51 35.04 -48.40
C PHE G 218 -37.08 34.13 -47.26
N SER G 219 -37.08 32.84 -47.57
CA SER G 219 -36.73 31.83 -46.59
C SER G 219 -35.32 32.03 -46.10
N GLU G 220 -34.42 32.34 -47.03
CA GLU G 220 -33.04 32.68 -46.69
C GLU G 220 -33.00 33.88 -45.78
N ARG G 221 -33.79 34.90 -46.12
CA ARG G 221 -33.85 36.11 -45.33
C ARG G 221 -34.28 35.84 -43.89
N LEU G 222 -35.21 34.91 -43.71
CA LEU G 222 -35.77 34.70 -42.37
C LEU G 222 -34.96 33.79 -41.45
N GLN G 223 -34.56 32.60 -41.93
CA GLN G 223 -33.86 31.68 -41.04
C GLN G 223 -32.56 32.32 -40.59
N THR G 224 -32.02 33.18 -41.45
CA THR G 224 -30.72 33.84 -41.30
C THR G 224 -30.58 34.63 -40.03
N SER G 225 -31.62 35.40 -39.76
CA SER G 225 -31.70 36.28 -38.61
C SER G 225 -31.71 35.46 -37.32
N PHE G 226 -32.04 34.18 -37.46
CA PHE G 226 -32.05 33.27 -36.33
C PHE G 226 -30.65 32.93 -35.89
N THR G 227 -29.74 32.83 -36.84
CA THR G 227 -28.33 32.59 -36.54
C THR G 227 -27.70 33.73 -35.76
N LEU G 228 -27.98 34.95 -36.20
CA LEU G 228 -27.48 36.15 -35.55
C LEU G 228 -28.30 36.57 -34.32
N MET G 229 -29.54 36.10 -34.21
CA MET G 229 -30.25 36.24 -32.94
C MET G 229 -29.48 35.41 -31.92
N LEU G 230 -29.09 34.23 -32.38
CA LEU G 230 -28.25 33.33 -31.63
C LEU G 230 -26.86 33.93 -31.40
N THR G 231 -26.36 34.66 -32.39
CA THR G 231 -25.04 35.25 -32.27
C THR G 231 -25.02 36.32 -31.18
N VAL G 232 -26.07 37.16 -31.17
CA VAL G 232 -26.23 38.16 -30.13
C VAL G 232 -26.45 37.46 -28.80
N VAL G 233 -27.21 36.36 -28.80
CA VAL G 233 -27.35 35.55 -27.59
C VAL G 233 -25.98 35.03 -27.20
N ALA G 234 -25.25 34.53 -28.20
CA ALA G 234 -23.89 34.06 -27.99
C ALA G 234 -22.98 35.17 -27.48
N TYR G 235 -23.20 36.37 -28.01
CA TYR G 235 -22.42 37.53 -27.62
C TYR G 235 -22.80 37.99 -26.23
N ALA G 236 -24.03 37.67 -25.81
CA ALA G 236 -24.45 38.01 -24.47
C ALA G 236 -23.52 37.30 -23.48
N SER G 237 -23.41 35.98 -23.60
CA SER G 237 -22.62 35.15 -22.67
C SER G 237 -21.13 35.48 -22.63
N TYR G 238 -20.52 35.72 -23.79
CA TYR G 238 -19.12 36.14 -23.86
C TYR G 238 -18.89 37.45 -23.10
N THR G 239 -19.77 38.42 -23.29
CA THR G 239 -19.73 39.67 -22.55
C THR G 239 -19.99 39.38 -21.09
N SER G 240 -20.94 38.49 -20.85
CA SER G 240 -21.50 38.27 -19.53
C SER G 240 -20.49 37.79 -18.53
N ASN G 241 -19.49 37.03 -18.95
CA ASN G 241 -18.61 36.44 -17.98
C ASN G 241 -17.82 37.49 -17.24
N ILE G 242 -17.48 38.50 -18.02
CA ILE G 242 -16.40 39.42 -17.73
C ILE G 242 -16.85 40.71 -17.08
N LEU G 243 -17.95 41.27 -17.56
CA LEU G 243 -18.49 42.51 -16.99
C LEU G 243 -18.92 42.29 -15.54
N PRO G 244 -18.69 43.30 -14.68
CA PRO G 244 -19.07 43.19 -13.27
C PRO G 244 -20.58 43.13 -13.08
N ARG G 245 -21.00 42.24 -12.18
CA ARG G 245 -22.40 42.07 -11.83
C ARG G 245 -22.98 43.26 -11.05
N LEU G 246 -24.11 43.77 -11.55
CA LEU G 246 -24.78 44.94 -10.99
C LEU G 246 -26.28 44.71 -10.90
N PRO G 247 -26.99 45.60 -10.18
CA PRO G 247 -28.46 45.51 -10.15
C PRO G 247 -29.14 46.46 -11.14
N TYR G 248 -28.37 46.97 -12.10
CA TYR G 248 -28.91 47.85 -13.14
C TYR G 248 -28.19 47.68 -14.47
N THR G 249 -28.82 48.15 -15.54
CA THR G 249 -28.27 48.03 -16.87
C THR G 249 -27.12 49.00 -17.16
N THR G 250 -26.08 48.52 -17.83
CA THR G 250 -24.99 49.40 -18.24
C THR G 250 -25.23 49.85 -19.68
N VAL G 251 -24.30 50.63 -20.20
CA VAL G 251 -24.34 51.07 -21.58
C VAL G 251 -24.21 49.85 -22.49
N ILE G 252 -23.25 48.99 -22.16
CA ILE G 252 -23.02 47.75 -22.90
C ILE G 252 -24.23 46.84 -22.90
N ASP G 253 -24.77 46.60 -21.71
CA ASP G 253 -25.93 45.75 -21.54
C ASP G 253 -27.09 46.21 -22.43
N GLN G 254 -27.26 47.52 -22.50
CA GLN G 254 -28.28 48.11 -23.36
C GLN G 254 -27.96 47.81 -24.83
N MET G 255 -26.70 48.00 -25.19
CA MET G 255 -26.24 47.75 -26.55
C MET G 255 -26.63 46.36 -27.03
N ILE G 256 -26.55 45.40 -26.12
CA ILE G 256 -26.93 44.04 -26.41
C ILE G 256 -28.42 43.94 -26.67
N ILE G 257 -29.20 44.61 -25.81
CA ILE G 257 -30.65 44.69 -25.97
C ILE G 257 -31.01 45.33 -27.31
N ALA G 258 -30.33 46.41 -27.64
CA ALA G 258 -30.49 47.06 -28.93
C ALA G 258 -30.16 46.07 -30.03
N GLY G 259 -29.21 45.18 -29.74
CA GLY G 259 -28.88 44.11 -30.65
C GLY G 259 -30.04 43.17 -30.85
N TYR G 260 -30.59 42.66 -29.76
CA TYR G 260 -31.76 41.79 -29.81
C TYR G 260 -32.90 42.45 -30.57
N GLY G 261 -33.12 43.73 -30.29
CA GLY G 261 -34.17 44.49 -30.93
C GLY G 261 -33.98 44.65 -32.42
N SER G 262 -32.77 45.05 -32.80
CA SER G 262 -32.45 45.27 -34.22
C SER G 262 -32.77 44.04 -35.04
N ILE G 263 -32.47 42.89 -34.44
CA ILE G 263 -32.69 41.59 -35.04
C ILE G 263 -34.16 41.29 -35.06
N PHE G 264 -34.78 41.51 -33.89
CA PHE G 264 -36.19 41.26 -33.72
C PHE G 264 -37.01 42.15 -34.64
N ALA G 265 -36.55 43.37 -34.85
CA ALA G 265 -37.21 44.29 -35.75
C ALA G 265 -37.04 43.80 -37.18
N ALA G 266 -35.85 43.32 -37.47
CA ALA G 266 -35.54 42.77 -38.80
C ALA G 266 -36.47 41.59 -39.10
N ILE G 267 -36.71 40.76 -38.08
CA ILE G 267 -37.65 39.65 -38.19
C ILE G 267 -39.02 40.17 -38.59
N LEU G 268 -39.47 41.19 -37.87
CA LEU G 268 -40.79 41.79 -38.06
C LEU G 268 -40.98 42.34 -39.45
N LEU G 269 -40.00 43.11 -39.92
CA LEU G 269 -40.03 43.67 -41.26
C LEU G 269 -40.16 42.59 -42.32
N ILE G 270 -39.30 41.59 -42.22
CA ILE G 270 -39.22 40.50 -43.20
C ILE G 270 -40.55 39.75 -43.36
N ILE G 271 -41.20 39.47 -42.22
CA ILE G 271 -42.51 38.83 -42.24
C ILE G 271 -43.58 39.76 -42.80
N PHE G 272 -43.58 41.02 -42.37
CA PHE G 272 -44.52 41.99 -42.93
C PHE G 272 -44.29 42.17 -44.43
N ALA G 273 -43.02 42.29 -44.81
CA ALA G 273 -42.60 42.56 -46.18
C ALA G 273 -43.18 41.58 -47.21
N HIS G 274 -43.21 40.32 -46.84
CA HIS G 274 -43.58 39.24 -47.74
C HIS G 274 -45.09 39.16 -48.03
N HIS G 275 -45.86 39.42 -46.98
CA HIS G 275 -47.26 39.04 -46.78
C HIS G 275 -48.41 40.02 -46.98
N ARG G 276 -48.19 41.32 -46.70
CA ARG G 276 -49.11 42.39 -47.14
C ARG G 276 -48.72 43.12 -48.45
N GLN G 277 -49.71 43.36 -49.31
CA GLN G 277 -49.41 43.60 -50.71
C GLN G 277 -50.55 44.21 -51.55
N ALA G 278 -50.29 44.56 -52.82
CA ALA G 278 -51.36 45.00 -53.71
C ALA G 278 -51.80 44.00 -54.80
N ASN G 279 -51.38 42.74 -54.70
CA ASN G 279 -51.78 41.72 -55.68
C ASN G 279 -51.84 40.33 -55.06
N GLY G 280 -50.69 39.85 -54.60
CA GLY G 280 -50.59 38.51 -54.06
C GLY G 280 -49.16 38.27 -53.60
N VAL G 281 -48.20 38.66 -54.42
CA VAL G 281 -46.79 38.35 -54.19
C VAL G 281 -45.97 39.62 -53.82
N GLU G 282 -46.65 40.74 -53.62
CA GLU G 282 -45.96 42.04 -53.54
C GLU G 282 -44.96 42.14 -52.39
N ASP G 283 -43.75 41.77 -52.75
CA ASP G 283 -42.55 42.01 -52.03
C ASP G 283 -42.42 43.52 -51.97
N ASP G 284 -42.47 44.14 -50.80
CA ASP G 284 -42.31 45.59 -50.83
C ASP G 284 -40.97 46.15 -51.22
N LEU G 285 -41.00 46.60 -52.47
CA LEU G 285 -40.32 47.76 -53.01
C LEU G 285 -38.97 48.12 -52.45
N LEU G 286 -38.99 48.60 -51.24
CA LEU G 286 -38.11 49.63 -50.71
C LEU G 286 -37.96 49.26 -49.27
N ILE G 287 -38.99 48.58 -48.81
CA ILE G 287 -39.00 48.04 -47.47
C ILE G 287 -38.04 46.85 -47.53
N GLN G 288 -37.89 46.24 -48.71
CA GLN G 288 -36.89 45.18 -48.82
C GLN G 288 -35.56 45.86 -49.07
N ARG G 289 -35.63 47.09 -49.57
CA ARG G 289 -34.47 47.94 -49.75
C ARG G 289 -34.34 48.89 -48.54
N CYS G 290 -34.81 48.45 -47.37
CA CYS G 290 -34.56 49.21 -46.16
C CYS G 290 -33.26 48.71 -45.55
N ARG G 291 -32.40 48.19 -46.43
CA ARG G 291 -31.08 47.67 -46.09
C ARG G 291 -30.26 48.74 -45.42
N LEU G 292 -30.49 49.97 -45.83
CA LEU G 292 -29.82 51.13 -45.27
C LEU G 292 -30.80 52.06 -44.55
N ALA G 293 -32.09 51.76 -44.62
CA ALA G 293 -33.08 52.62 -43.96
C ALA G 293 -32.99 52.59 -42.45
N PHE G 294 -33.53 51.56 -41.79
CA PHE G 294 -33.51 51.54 -40.32
C PHE G 294 -32.13 51.30 -39.67
N PRO G 295 -31.06 51.04 -40.46
CA PRO G 295 -29.78 51.20 -39.78
C PRO G 295 -29.53 52.61 -39.25
N LEU G 296 -30.17 53.63 -39.85
CA LEU G 296 -30.09 54.98 -39.32
C LEU G 296 -30.94 55.03 -38.06
N GLY G 297 -31.95 54.19 -38.02
CA GLY G 297 -32.89 54.18 -36.92
C GLY G 297 -32.26 53.57 -35.69
N PHE G 298 -31.23 52.75 -35.88
CA PHE G 298 -30.45 52.23 -34.77
C PHE G 298 -29.48 53.30 -34.32
N LEU G 299 -29.09 54.15 -35.26
CA LEU G 299 -28.22 55.26 -34.94
C LEU G 299 -29.02 56.45 -34.37
N ALA G 300 -30.28 56.58 -34.80
CA ALA G 300 -31.18 57.60 -34.27
C ALA G 300 -31.62 57.23 -32.85
N ILE G 301 -32.05 55.98 -32.70
CA ILE G 301 -32.35 55.41 -31.41
C ILE G 301 -31.02 55.34 -30.63
N GLY G 302 -29.89 55.38 -31.33
CA GLY G 302 -28.60 55.40 -30.67
C GLY G 302 -28.30 56.69 -29.93
N CYS G 303 -28.65 57.82 -30.55
CA CYS G 303 -28.44 59.14 -29.94
C CYS G 303 -29.47 59.56 -28.89
N VAL G 304 -30.35 58.65 -28.50
CA VAL G 304 -31.34 58.93 -27.45
C VAL G 304 -30.77 58.92 -26.03
N LEU G 305 -29.87 57.98 -25.73
CA LEU G 305 -29.28 57.84 -24.39
C LEU G 305 -27.88 58.44 -24.41
N VAL G 306 -27.55 59.07 -25.54
CA VAL G 306 -26.55 60.14 -25.58
C VAL G 306 -26.77 61.10 -24.38
N ILE G 307 -28.03 61.26 -23.98
CA ILE G 307 -28.43 62.22 -22.94
C ILE G 307 -28.19 61.84 -21.46
N PRO H 1 24.92 55.42 14.49
CA PRO H 1 24.68 54.83 13.16
C PRO H 1 24.90 53.32 13.14
N VAL H 2 23.84 52.55 13.37
CA VAL H 2 23.90 51.09 13.50
C VAL H 2 24.13 50.34 12.19
N ASP H 3 25.20 49.54 12.13
CA ASP H 3 25.46 48.69 10.97
C ASP H 3 24.58 47.45 11.02
N VAL H 4 23.71 47.30 10.02
CA VAL H 4 22.78 46.17 9.97
C VAL H 4 22.94 45.30 8.73
N SER H 5 23.29 44.04 8.95
CA SER H 5 23.38 43.07 7.86
C SER H 5 22.02 42.42 7.62
N VAL H 6 21.64 42.29 6.35
CA VAL H 6 20.38 41.67 5.99
C VAL H 6 20.60 40.55 4.98
N SER H 7 19.78 39.51 5.04
CA SER H 7 19.83 38.47 4.04
C SER H 7 18.42 38.00 3.73
N ILE H 8 18.09 37.94 2.44
CA ILE H 8 16.75 37.50 2.04
C ILE H 8 16.81 36.17 1.30
N PHE H 9 16.09 35.17 1.80
CA PHE H 9 16.05 33.87 1.16
C PHE H 9 14.70 33.76 0.46
N ILE H 10 14.67 33.83 -0.86
CA ILE H 10 13.41 33.74 -1.60
C ILE H 10 13.11 32.26 -1.86
N ASN H 11 12.01 31.75 -1.31
CA ASN H 11 11.70 30.32 -1.45
C ASN H 11 10.77 30.04 -2.61
N LYS H 12 9.76 30.87 -2.75
CA LYS H 12 8.80 30.71 -3.83
C LYS H 12 8.20 32.06 -4.18
N ILE H 13 8.10 32.34 -5.48
CA ILE H 13 7.40 33.50 -5.98
C ILE H 13 6.24 32.95 -6.79
N TYR H 14 5.01 33.30 -6.42
CA TYR H 14 3.85 32.72 -7.08
C TYR H 14 2.59 33.57 -6.98
N GLY H 15 1.54 33.12 -7.65
CA GLY H 15 0.22 33.72 -7.52
C GLY H 15 0.13 35.16 -7.97
N VAL H 16 0.58 35.42 -9.18
CA VAL H 16 0.49 36.76 -9.72
C VAL H 16 -0.97 37.16 -9.97
N ASN H 17 -1.37 38.27 -9.37
CA ASN H 17 -2.72 38.83 -9.56
C ASN H 17 -2.67 39.96 -10.59
N THR H 18 -3.16 39.66 -11.80
CA THR H 18 -2.96 40.54 -12.94
C THR H 18 -3.59 41.93 -12.82
N LEU H 19 -4.81 42.03 -12.32
CA LEU H 19 -5.47 43.33 -12.21
C LEU H 19 -4.91 44.15 -11.06
N GLU H 20 -4.60 43.48 -9.95
CA GLU H 20 -4.07 44.17 -8.79
C GLU H 20 -2.59 44.46 -8.89
N GLN H 21 -1.94 43.83 -9.86
CA GLN H 21 -0.51 43.97 -10.00
C GLN H 21 0.14 43.61 -8.67
N THR H 22 0.12 42.31 -8.38
CA THR H 22 0.40 41.76 -7.07
C THR H 22 0.93 40.34 -7.21
N TYR H 23 1.90 39.95 -6.39
CA TYR H 23 2.44 38.59 -6.44
C TYR H 23 2.85 38.18 -5.03
N LYS H 24 2.97 36.87 -4.81
CA LYS H 24 3.29 36.40 -3.48
C LYS H 24 4.73 35.92 -3.39
N VAL H 25 5.31 36.09 -2.21
CA VAL H 25 6.72 35.79 -2.00
C VAL H 25 6.87 35.11 -0.66
N ASP H 26 7.39 33.89 -0.67
CA ASP H 26 7.70 33.20 0.56
C ASP H 26 9.21 33.24 0.74
N GLY H 27 9.64 33.50 1.97
CA GLY H 27 11.05 33.49 2.27
C GLY H 27 11.42 33.77 3.71
N TYR H 28 12.69 34.09 3.93
CA TYR H 28 13.15 34.45 5.25
C TYR H 28 13.87 35.80 5.22
N ILE H 29 13.72 36.57 6.29
CA ILE H 29 14.62 37.69 6.45
C ILE H 29 15.60 37.35 7.54
N VAL H 30 16.82 37.81 7.33
CA VAL H 30 17.89 37.64 8.25
C VAL H 30 18.42 39.02 8.55
N ALA H 31 18.14 39.56 9.74
CA ALA H 31 18.64 40.89 10.07
C ALA H 31 19.49 40.90 11.36
N GLN H 32 20.76 41.31 11.23
CA GLN H 32 21.66 41.45 12.38
C GLN H 32 22.61 42.64 12.39
N TRP H 33 22.91 43.02 13.63
CA TRP H 33 23.68 44.18 13.99
C TRP H 33 24.42 43.88 15.29
N THR H 34 25.38 44.71 15.62
CA THR H 34 26.17 44.45 16.81
C THR H 34 25.68 45.35 17.92
N GLY H 35 25.35 44.73 19.05
CA GLY H 35 24.81 45.44 20.20
C GLY H 35 25.82 45.58 21.33
N LYS H 36 25.32 45.80 22.54
CA LYS H 36 26.20 45.95 23.69
C LYS H 36 26.55 44.60 24.31
N PRO H 37 27.83 44.41 24.67
CA PRO H 37 28.36 43.15 25.21
C PRO H 37 27.48 42.61 26.32
N ARG H 38 27.24 41.30 26.33
CA ARG H 38 26.27 40.75 27.27
C ARG H 38 26.82 39.56 28.05
N LYS H 39 26.12 39.22 29.13
CA LYS H 39 26.46 38.05 29.93
C LYS H 39 25.55 36.91 29.51
N THR H 40 26.13 35.89 28.89
CA THR H 40 25.38 34.72 28.48
C THR H 40 25.84 33.55 29.34
N PRO H 41 25.02 32.48 29.42
CA PRO H 41 25.45 31.21 30.02
C PRO H 41 26.77 30.70 29.41
N GLY H 42 27.79 30.46 30.23
CA GLY H 42 29.11 30.15 29.73
C GLY H 42 29.71 31.35 29.01
N ASP H 43 29.73 31.26 27.69
CA ASP H 43 30.12 32.32 26.77
C ASP H 43 29.42 31.95 25.49
N LYS H 44 28.49 31.01 25.64
CA LYS H 44 27.67 30.51 24.54
C LYS H 44 26.78 31.62 24.00
N PRO H 45 26.47 31.57 22.70
CA PRO H 45 25.40 32.47 22.26
C PRO H 45 24.04 31.91 22.66
N LEU H 46 23.06 32.78 22.94
CA LEU H 46 21.74 32.31 23.36
C LEU H 46 20.66 32.50 22.29
N ILE H 47 19.81 31.47 22.15
CA ILE H 47 18.74 31.44 21.14
C ILE H 47 17.38 31.73 21.78
N VAL H 48 16.60 32.59 21.15
CA VAL H 48 15.26 32.94 21.63
C VAL H 48 14.20 32.77 20.55
N GLU H 49 13.23 31.90 20.79
CA GLU H 49 12.22 31.65 19.77
C GLU H 49 10.91 32.36 20.09
N ASN H 50 10.26 32.86 19.05
CA ASN H 50 8.88 33.38 19.06
C ASN H 50 8.39 34.09 20.32
N THR H 51 7.51 33.42 21.06
CA THR H 51 6.80 33.98 22.20
C THR H 51 7.71 34.75 23.17
N GLN H 52 8.88 34.20 23.46
CA GLN H 52 9.76 34.82 24.46
C GLN H 52 10.48 36.08 23.98
N ILE H 53 10.35 36.42 22.70
CA ILE H 53 10.94 37.66 22.21
C ILE H 53 10.23 38.88 22.83
N GLU H 54 8.90 38.83 22.88
CA GLU H 54 8.14 39.93 23.48
C GLU H 54 8.61 40.15 24.89
N ARG H 55 8.88 39.06 25.59
CA ARG H 55 9.33 39.15 26.97
C ARG H 55 10.71 39.80 27.04
N TRP H 56 11.54 39.56 26.03
CA TRP H 56 12.88 40.16 25.97
C TRP H 56 12.88 41.64 25.62
N ILE H 57 11.95 42.08 24.78
CA ILE H 57 11.90 43.48 24.38
C ILE H 57 11.44 44.37 25.53
N ASN H 58 10.43 43.89 26.26
CA ASN H 58 9.84 44.62 27.37
C ASN H 58 10.83 45.04 28.44
N ASN H 59 11.89 44.25 28.62
CA ASN H 59 12.91 44.62 29.59
C ASN H 59 14.03 45.41 28.95
N GLY H 60 13.77 45.95 27.76
CA GLY H 60 14.65 46.92 27.16
C GLY H 60 15.56 46.45 26.04
N LEU H 61 15.22 45.35 25.38
CA LEU H 61 16.03 44.94 24.23
C LEU H 61 15.54 45.69 23.00
N TRP H 62 16.47 46.33 22.32
CA TRP H 62 16.17 47.07 21.10
C TRP H 62 16.18 46.17 19.88
N VAL H 63 14.99 45.85 19.38
CA VAL H 63 14.89 45.15 18.11
C VAL H 63 14.06 45.97 17.15
N PRO H 64 14.70 46.54 16.12
CA PRO H 64 14.08 47.47 15.18
C PRO H 64 13.06 46.81 14.26
N ALA H 65 11.99 47.53 13.98
CA ALA H 65 10.98 47.06 13.06
C ALA H 65 11.45 47.28 11.62
N LEU H 66 11.57 46.20 10.86
CA LEU H 66 11.88 46.29 9.44
C LEU H 66 10.65 46.02 8.58
N GLU H 67 10.22 47.03 7.83
CA GLU H 67 8.98 46.95 7.03
C GLU H 67 9.20 46.71 5.54
N PHE H 68 8.40 45.82 4.96
CA PHE H 68 8.32 45.67 3.52
C PHE H 68 7.48 46.79 2.90
N ILE H 69 8.13 47.73 2.23
CA ILE H 69 7.44 48.89 1.66
C ILE H 69 6.30 48.49 0.71
N ASN H 70 6.56 47.54 -0.16
CA ASN H 70 5.62 47.20 -1.20
C ASN H 70 4.83 45.95 -0.85
N VAL H 71 4.70 45.65 0.42
CA VAL H 71 3.81 44.57 0.83
C VAL H 71 2.40 45.16 0.87
N VAL H 72 1.39 44.36 0.52
CA VAL H 72 0.01 44.82 0.59
C VAL H 72 -0.67 44.32 1.86
N GLY H 73 -0.82 45.22 2.82
CA GLY H 73 -1.27 44.82 4.14
C GLY H 73 -0.08 44.20 4.84
N SER H 74 -0.26 43.71 6.05
CA SER H 74 0.82 43.09 6.79
C SER H 74 0.93 41.63 6.36
N PRO H 75 2.17 41.09 6.33
CA PRO H 75 2.57 39.73 5.92
C PRO H 75 2.31 38.64 6.96
N ASP H 76 2.13 37.41 6.49
CA ASP H 76 2.03 36.25 7.38
C ASP H 76 3.44 35.92 7.94
N THR H 77 3.63 36.17 9.22
CA THR H 77 4.94 35.94 9.81
C THR H 77 4.97 34.55 10.41
N GLY H 78 5.97 33.77 10.03
CA GLY H 78 6.13 32.41 10.56
C GLY H 78 6.92 32.44 11.86
N ASN H 79 7.91 31.56 11.97
CA ASN H 79 8.73 31.56 13.17
C ASN H 79 9.72 32.72 13.17
N LYS H 80 10.00 33.24 14.35
CA LYS H 80 11.09 34.19 14.49
C LYS H 80 12.08 33.72 15.54
N ARG H 81 13.34 34.08 15.34
CA ARG H 81 14.45 33.61 16.14
C ARG H 81 15.31 34.79 16.50
N LEU H 82 15.60 34.93 17.79
CA LEU H 82 16.61 35.87 18.22
C LEU H 82 17.83 35.08 18.66
N MET H 83 18.96 35.36 18.03
CA MET H 83 20.22 34.78 18.44
C MET H 83 21.12 35.88 19.02
N LEU H 84 21.31 35.81 20.34
CA LEU H 84 22.04 36.83 21.08
C LEU H 84 23.46 36.36 21.36
N PHE H 85 24.44 37.12 20.88
CA PHE H 85 25.85 36.77 21.08
C PHE H 85 26.42 37.42 22.35
N PRO H 86 27.45 36.80 22.95
CA PRO H 86 28.10 37.37 24.13
C PRO H 86 28.85 38.64 23.74
N ASP H 87 29.24 38.71 22.46
CA ASP H 87 29.97 39.87 21.96
C ASP H 87 29.07 41.07 21.97
N GLY H 88 27.76 40.82 21.95
CA GLY H 88 26.78 41.87 21.94
C GLY H 88 25.94 41.66 20.71
N ARG H 89 26.57 41.25 19.60
CA ARG H 89 25.86 41.23 18.33
C ARG H 89 24.61 40.36 18.41
N VAL H 90 23.59 40.73 17.66
CA VAL H 90 22.24 40.18 17.82
C VAL H 90 21.69 39.69 16.49
N ILE H 91 21.11 38.49 16.50
CA ILE H 91 20.60 37.92 15.26
C ILE H 91 19.12 37.68 15.24
N TYR H 92 18.45 38.41 14.35
CA TYR H 92 17.02 38.26 14.15
C TYR H 92 16.74 37.52 12.87
N ASN H 93 15.81 36.57 12.98
CA ASN H 93 15.46 35.66 11.90
C ASN H 93 13.98 35.41 11.83
N ALA H 94 13.38 35.60 10.67
CA ALA H 94 11.95 35.35 10.56
C ALA H 94 11.54 34.93 9.16
N ARG H 95 10.68 33.92 9.11
CA ARG H 95 10.10 33.48 7.86
C ARG H 95 8.80 34.26 7.62
N PHE H 96 8.55 34.57 6.35
CA PHE H 96 7.41 35.38 5.94
C PHE H 96 6.79 34.95 4.63
N LEU H 97 5.50 35.23 4.51
CA LEU H 97 4.81 35.09 3.23
C LEU H 97 3.97 36.33 3.06
N GLY H 98 4.21 37.06 1.97
CA GLY H 98 3.48 38.29 1.77
C GLY H 98 3.09 38.54 0.33
N SER H 99 2.00 39.29 0.16
CA SER H 99 1.57 39.69 -1.16
C SER H 99 2.27 41.00 -1.45
N PHE H 100 3.07 41.03 -2.52
CA PHE H 100 3.82 42.24 -2.81
C PHE H 100 3.28 42.90 -4.07
N SER H 101 3.49 44.20 -4.16
CA SER H 101 2.94 44.99 -5.24
C SER H 101 4.08 45.57 -6.08
N ASN H 102 3.80 45.76 -7.36
CA ASN H 102 4.70 46.43 -8.30
C ASN H 102 3.99 46.76 -9.60
N ASP H 103 4.45 47.82 -10.27
CA ASP H 103 3.94 48.19 -11.57
C ASP H 103 4.23 47.05 -12.54
N MET H 104 3.19 46.49 -13.14
CA MET H 104 3.33 45.30 -14.00
C MET H 104 2.55 45.39 -15.32
N ASP H 105 3.28 45.56 -16.42
CA ASP H 105 2.70 45.72 -17.75
C ASP H 105 2.43 44.36 -18.38
N PHE H 106 1.20 44.13 -18.79
CA PHE H 106 0.85 42.83 -19.37
C PHE H 106 0.38 42.92 -20.82
N ARG H 107 0.63 44.04 -21.50
CA ARG H 107 0.12 44.23 -22.87
C ARG H 107 0.64 43.26 -23.91
N LEU H 108 1.91 42.91 -23.81
CA LEU H 108 2.55 42.08 -24.83
C LEU H 108 2.41 40.59 -24.44
N PHE H 109 1.43 40.35 -23.58
CA PHE H 109 0.99 39.01 -23.17
C PHE H 109 0.63 38.17 -24.39
N PRO H 110 0.94 36.88 -24.36
CA PRO H 110 1.53 36.12 -23.25
C PRO H 110 3.04 36.05 -23.28
N PHE H 111 3.67 37.12 -23.74
CA PHE H 111 5.11 37.12 -23.92
C PHE H 111 5.78 38.10 -22.96
N ASP H 112 5.04 38.48 -21.91
CA ASP H 112 5.49 39.52 -20.99
C ASP H 112 6.69 39.14 -20.13
N ARG H 113 7.48 40.16 -19.85
CA ARG H 113 8.61 40.12 -18.94
C ARG H 113 8.23 40.91 -17.70
N GLN H 114 8.54 40.39 -16.53
CA GLN H 114 8.13 41.08 -15.31
C GLN H 114 9.31 41.31 -14.39
N GLN H 115 9.09 42.06 -13.32
CA GLN H 115 10.11 42.23 -12.33
C GLN H 115 9.55 41.97 -10.94
N PHE H 116 10.03 40.95 -10.25
CA PHE H 116 9.58 40.75 -8.89
C PHE H 116 10.46 41.56 -7.96
N VAL H 117 9.83 42.44 -7.20
CA VAL H 117 10.55 43.40 -6.38
C VAL H 117 10.12 43.35 -4.92
N LEU H 118 11.13 43.39 -4.05
CA LEU H 118 10.95 43.53 -2.63
C LEU H 118 11.65 44.80 -2.25
N GLU H 119 11.01 45.65 -1.44
CA GLU H 119 11.66 46.86 -0.93
C GLU H 119 11.57 46.91 0.58
N LEU H 120 12.71 46.88 1.26
CA LEU H 120 12.73 46.80 2.70
C LEU H 120 13.30 48.09 3.29
N GLU H 121 12.65 48.60 4.32
CA GLU H 121 12.98 49.90 4.92
C GLU H 121 12.51 49.94 6.37
N PRO H 122 13.41 50.33 7.30
CA PRO H 122 13.12 50.47 8.74
C PRO H 122 11.92 51.39 8.99
N PHE H 123 11.13 51.07 10.00
CA PHE H 123 9.87 51.78 10.19
C PHE H 123 10.01 53.07 11.01
N SER H 124 10.95 53.08 11.95
CA SER H 124 11.00 54.17 12.91
C SER H 124 12.37 54.81 13.06
N TYR H 125 13.36 54.23 12.40
CA TYR H 125 14.74 54.68 12.56
C TYR H 125 15.40 55.15 11.26
N ASN H 126 15.84 56.40 11.24
CA ASN H 126 16.45 57.02 10.06
C ASN H 126 17.88 56.54 9.76
N ASN H 127 18.45 57.04 8.67
CA ASN H 127 19.76 56.57 8.21
C ASN H 127 20.93 56.90 9.15
N GLN H 128 20.80 57.98 9.92
CA GLN H 128 21.83 58.30 10.88
C GLN H 128 21.71 57.48 12.15
N GLN H 129 20.58 56.79 12.29
CA GLN H 129 20.36 55.92 13.45
C GLN H 129 20.60 54.45 13.10
N LEU H 130 19.88 53.98 12.07
CA LEU H 130 19.96 52.60 11.56
C LEU H 130 20.18 52.59 10.06
N ARG H 131 21.28 51.98 9.62
CA ARG H 131 21.59 51.95 8.20
C ARG H 131 22.03 50.56 7.74
N PHE H 132 21.65 50.20 6.52
CA PHE H 132 21.86 48.86 5.98
C PHE H 132 23.28 48.69 5.44
N SER H 133 24.09 47.86 6.08
CA SER H 133 25.50 47.75 5.69
C SER H 133 25.72 46.98 4.38
N ASP H 134 25.09 45.80 4.23
CA ASP H 134 25.25 44.98 3.03
C ASP H 134 24.11 43.95 2.93
N ILE H 135 23.86 43.41 1.73
CA ILE H 135 22.71 42.53 1.52
C ILE H 135 22.88 41.45 0.45
N GLN H 136 22.74 40.19 0.88
CA GLN H 136 22.74 39.04 -0.03
C GLN H 136 21.32 38.51 -0.24
N VAL H 137 20.98 38.13 -1.47
CA VAL H 137 19.69 37.50 -1.71
C VAL H 137 19.90 36.13 -2.32
N TYR H 138 19.44 35.13 -1.60
CA TYR H 138 19.65 33.76 -2.00
C TYR H 138 18.37 33.23 -2.58
N THR H 139 18.33 33.12 -3.90
CA THR H 139 17.18 32.51 -4.54
C THR H 139 17.58 31.07 -4.87
N GLU H 140 17.29 30.16 -3.93
CA GLU H 140 17.67 28.75 -4.08
C GLU H 140 16.82 28.06 -5.13
N ASN H 141 16.84 28.61 -6.33
CA ASN H 141 16.03 28.13 -7.42
C ASN H 141 16.90 27.46 -8.48
N ALA H 142 16.29 26.59 -9.27
CA ALA H 142 16.99 25.95 -10.38
C ALA H 142 16.06 25.12 -11.25
N ASP H 143 16.40 25.07 -12.53
CA ASP H 143 15.84 24.13 -13.51
C ASP H 143 14.33 24.17 -13.70
N ASN H 144 13.85 23.13 -14.39
CA ASN H 144 12.43 22.87 -14.63
C ASN H 144 11.53 24.06 -14.95
N GLU H 145 12.02 25.01 -15.73
CA GLU H 145 11.21 26.15 -16.14
C GLU H 145 10.07 25.61 -17.00
N GLU H 146 10.38 24.50 -17.66
CA GLU H 146 9.46 23.70 -18.46
C GLU H 146 8.10 23.48 -17.80
N ILE H 147 8.12 23.30 -16.48
CA ILE H 147 6.94 22.95 -15.70
C ILE H 147 6.33 24.15 -14.98
N ASP H 148 7.14 25.18 -14.73
CA ASP H 148 6.68 26.33 -13.95
C ASP H 148 6.11 27.43 -14.83
N GLU H 149 5.19 28.21 -14.26
CA GLU H 149 4.49 29.26 -14.98
C GLU H 149 5.43 30.38 -15.39
N TRP H 150 6.38 30.68 -14.50
CA TRP H 150 7.33 31.80 -14.66
C TRP H 150 8.76 31.32 -14.74
N TRP H 151 9.54 31.92 -15.63
CA TRP H 151 10.93 31.56 -15.77
C TRP H 151 11.86 32.62 -15.19
N ILE H 152 12.37 32.34 -14.00
CA ILE H 152 13.37 33.19 -13.35
C ILE H 152 14.61 33.19 -14.24
N ARG H 153 15.19 34.36 -14.49
CA ARG H 153 16.36 34.36 -15.34
C ARG H 153 17.61 34.93 -14.68
N GLY H 154 17.45 36.03 -13.95
CA GLY H 154 18.56 36.62 -13.24
C GLY H 154 19.00 35.92 -11.98
N LYS H 155 19.92 36.53 -11.25
CA LYS H 155 20.28 36.06 -9.92
C LYS H 155 19.90 37.17 -8.96
N ALA H 156 18.82 37.87 -9.30
CA ALA H 156 18.26 38.94 -8.49
C ALA H 156 19.20 40.15 -8.38
N SER H 157 18.64 41.35 -8.52
CA SER H 157 19.47 42.52 -8.35
C SER H 157 19.33 43.02 -6.93
N THR H 158 20.30 43.79 -6.49
CA THR H 158 20.33 44.19 -5.10
C THR H 158 20.83 45.61 -5.09
N HIS H 159 20.16 46.47 -4.35
CA HIS H 159 20.52 47.87 -4.35
C HIS H 159 20.20 48.59 -3.05
N ILE H 160 21.22 48.88 -2.28
CA ILE H 160 21.07 49.69 -1.10
C ILE H 160 21.15 51.15 -1.49
N SER H 161 20.13 51.92 -1.11
CA SER H 161 20.10 53.34 -1.42
C SER H 161 19.59 54.13 -0.23
N ASP H 162 19.73 55.45 -0.28
CA ASP H 162 19.15 56.29 0.75
C ASP H 162 18.00 57.15 0.19
N ILE H 163 16.84 57.03 0.83
CA ILE H 163 15.60 57.65 0.38
C ILE H 163 15.27 58.86 1.24
N ARG H 164 14.99 59.98 0.60
CA ARG H 164 14.67 61.20 1.34
C ARG H 164 13.20 61.61 1.20
N TYR H 165 12.61 61.98 2.32
CA TYR H 165 11.20 62.37 2.37
C TYR H 165 11.03 63.90 2.52
N ASP H 166 10.24 64.48 1.62
CA ASP H 166 10.03 65.92 1.49
C ASP H 166 9.56 66.69 2.72
N HIS H 167 8.52 66.14 3.33
CA HIS H 167 7.75 66.71 4.40
C HIS H 167 7.58 65.66 5.46
N LEU H 168 7.91 66.00 6.70
CA LEU H 168 7.86 64.99 7.74
C LEU H 168 7.02 65.54 8.90
N SER H 169 7.23 64.88 10.02
CA SER H 169 7.38 65.44 11.36
C SER H 169 7.14 66.93 11.66
N SER H 170 7.76 67.31 12.77
CA SER H 170 8.33 68.63 13.03
C SER H 170 9.83 68.49 13.37
N VAL H 171 10.55 67.63 12.63
CA VAL H 171 12.01 67.65 12.68
C VAL H 171 12.47 67.96 11.26
N GLN H 172 13.46 68.85 11.20
CA GLN H 172 13.95 69.44 9.96
C GLN H 172 15.45 69.25 9.65
N PRO H 173 16.34 69.24 10.69
CA PRO H 173 17.79 69.31 10.36
C PRO H 173 18.24 68.40 9.22
N ASN H 174 18.19 67.09 9.39
CA ASN H 174 18.41 66.15 8.29
C ASN H 174 17.92 64.73 8.59
N GLN H 175 16.98 64.60 9.51
CA GLN H 175 16.42 63.29 9.81
C GLN H 175 15.30 62.96 8.82
N ASN H 176 15.61 62.97 7.53
CA ASN H 176 14.60 62.74 6.49
C ASN H 176 15.04 61.67 5.47
N GLU H 177 16.15 61.00 5.77
CA GLU H 177 16.71 59.96 4.90
C GLU H 177 16.71 58.58 5.56
N PHE H 178 16.03 57.62 4.93
CA PHE H 178 16.07 56.22 5.39
C PHE H 178 16.81 55.32 4.40
N SER H 179 17.60 54.35 4.88
CA SER H 179 18.33 53.49 3.94
C SER H 179 17.40 52.34 3.50
N ARG H 180 17.33 52.13 2.18
CA ARG H 180 16.37 51.19 1.64
C ARG H 180 17.00 50.12 0.79
N ILE H 181 16.64 48.88 1.09
CA ILE H 181 17.05 47.74 0.30
C ILE H 181 16.05 47.52 -0.79
N THR H 182 16.51 47.44 -2.02
CA THR H 182 15.62 47.14 -3.11
C THR H 182 16.11 45.88 -3.79
N VAL H 183 15.29 44.83 -3.77
CA VAL H 183 15.68 43.59 -4.40
C VAL H 183 14.76 43.30 -5.57
N ARG H 184 15.36 43.03 -6.73
CA ARG H 184 14.61 42.77 -7.95
C ARG H 184 14.91 41.38 -8.47
N ILE H 185 13.90 40.72 -9.02
CA ILE H 185 14.07 39.39 -9.58
C ILE H 185 13.46 39.33 -10.99
N ASP H 186 14.29 39.12 -12.01
CA ASP H 186 13.78 39.11 -13.39
C ASP H 186 13.19 37.76 -13.78
N ALA H 187 12.03 37.81 -14.43
CA ALA H 187 11.32 36.60 -14.79
C ALA H 187 10.62 36.72 -16.15
N VAL H 188 10.47 35.59 -16.83
CA VAL H 188 9.83 35.54 -18.14
C VAL H 188 8.65 34.56 -18.11
N ARG H 189 7.60 34.88 -18.86
CA ARG H 189 6.41 34.02 -18.92
C ARG H 189 6.56 32.80 -19.82
N ASN H 190 6.04 31.65 -19.36
CA ASN H 190 5.94 30.44 -20.16
C ASN H 190 4.78 30.52 -21.16
N PRO H 191 5.09 30.73 -22.44
CA PRO H 191 4.05 31.03 -23.43
C PRO H 191 3.37 29.79 -24.02
N SER H 192 3.88 28.61 -23.68
CA SER H 192 3.48 27.36 -24.29
C SER H 192 1.98 27.10 -24.36
N TYR H 193 1.32 27.13 -23.21
CA TYR H 193 -0.11 26.81 -23.17
C TYR H 193 -0.91 27.83 -23.96
N TYR H 194 -0.48 29.09 -23.86
CA TYR H 194 -1.19 30.16 -24.53
C TYR H 194 -0.91 30.11 -26.02
N LEU H 195 0.26 29.62 -26.41
CA LEU H 195 0.57 29.54 -27.83
C LEU H 195 -0.30 28.52 -28.54
N TRP H 196 -0.22 27.28 -28.07
CA TRP H 196 -0.79 26.14 -28.78
C TRP H 196 -2.29 25.98 -28.60
N SER H 197 -2.82 26.41 -27.46
CA SER H 197 -4.24 26.24 -27.23
C SER H 197 -5.00 27.51 -27.57
N PHE H 198 -4.27 28.61 -27.79
CA PHE H 198 -4.92 29.87 -28.11
C PHE H 198 -4.52 30.46 -29.46
N ILE H 199 -3.24 30.71 -29.67
CA ILE H 199 -2.83 31.33 -30.92
C ILE H 199 -3.12 30.44 -32.14
N LEU H 200 -2.64 29.19 -32.08
CA LEU H 200 -2.75 28.25 -33.21
C LEU H 200 -4.19 28.00 -33.66
N PRO H 201 -5.09 27.60 -32.75
CA PRO H 201 -6.43 27.40 -33.29
C PRO H 201 -7.02 28.72 -33.82
N LEU H 202 -6.68 29.84 -33.18
CA LEU H 202 -7.12 31.15 -33.65
C LEU H 202 -6.68 31.32 -35.10
N GLY H 203 -5.42 30.98 -35.36
CA GLY H 203 -4.85 31.07 -36.69
C GLY H 203 -5.61 30.26 -37.73
N LEU H 204 -6.01 29.06 -37.34
CA LEU H 204 -6.78 28.22 -38.24
C LEU H 204 -8.19 28.77 -38.52
N ILE H 205 -8.79 29.45 -37.56
CA ILE H 205 -10.12 30.03 -37.76
C ILE H 205 -10.11 31.05 -38.91
N ILE H 206 -9.21 32.02 -38.78
CA ILE H 206 -9.09 33.14 -39.71
C ILE H 206 -8.72 32.64 -41.11
N ALA H 207 -7.88 31.61 -41.13
CA ALA H 207 -7.55 30.95 -42.38
C ALA H 207 -8.86 30.42 -42.94
N ALA H 208 -9.56 29.61 -42.15
CA ALA H 208 -10.84 29.05 -42.54
C ALA H 208 -11.90 30.13 -42.77
N SER H 209 -11.73 31.28 -42.13
CA SER H 209 -12.60 32.40 -42.41
C SER H 209 -12.52 32.73 -43.89
N TRP H 210 -11.30 32.72 -44.41
CA TRP H 210 -11.02 33.09 -45.80
C TRP H 210 -11.54 32.07 -46.80
N SER H 211 -11.80 30.86 -46.33
CA SER H 211 -12.25 29.80 -47.24
C SER H 211 -13.73 29.97 -47.58
N VAL H 212 -14.31 31.08 -47.13
CA VAL H 212 -15.69 31.43 -47.45
C VAL H 212 -15.85 31.79 -48.92
N PHE H 213 -14.75 32.24 -49.52
CA PHE H 213 -14.76 32.74 -50.89
C PHE H 213 -14.66 31.66 -51.94
N TRP H 214 -14.26 30.46 -51.55
CA TRP H 214 -14.20 29.36 -52.50
C TRP H 214 -15.58 28.71 -52.62
N LEU H 215 -16.57 29.37 -52.01
CA LEU H 215 -17.96 29.00 -52.21
C LEU H 215 -18.41 29.60 -53.55
N GLU H 216 -19.27 28.90 -54.28
CA GLU H 216 -19.62 29.37 -55.61
C GLU H 216 -20.72 30.42 -55.62
N SER H 217 -21.86 30.12 -55.00
CA SER H 217 -22.99 31.06 -54.96
C SER H 217 -22.78 32.21 -53.98
N PHE H 218 -23.56 33.27 -54.16
CA PHE H 218 -23.55 34.45 -53.30
C PHE H 218 -24.32 34.13 -52.02
N SER H 219 -25.46 33.51 -52.21
CA SER H 219 -26.35 33.13 -51.12
C SER H 219 -25.60 32.20 -50.17
N GLU H 220 -24.84 31.27 -50.74
CA GLU H 220 -23.95 30.45 -49.92
C GLU H 220 -22.95 31.31 -49.17
N ARG H 221 -22.32 32.21 -49.90
CA ARG H 221 -21.25 33.04 -49.35
C ARG H 221 -21.67 33.94 -48.20
N LEU H 222 -22.88 34.49 -48.23
CA LEU H 222 -23.29 35.40 -47.16
C LEU H 222 -23.74 34.64 -45.92
N GLN H 223 -24.53 33.59 -46.13
CA GLN H 223 -25.07 32.80 -45.03
C GLN H 223 -23.98 32.20 -44.20
N THR H 224 -22.96 31.75 -44.91
CA THR H 224 -21.81 31.08 -44.35
C THR H 224 -21.03 31.96 -43.38
N SER H 225 -20.77 33.18 -43.82
CA SER H 225 -19.92 34.06 -43.06
C SER H 225 -20.55 34.38 -41.71
N PHE H 226 -21.86 34.14 -41.60
CA PHE H 226 -22.57 34.36 -40.34
C PHE H 226 -22.23 33.28 -39.34
N THR H 227 -22.05 32.07 -39.84
CA THR H 227 -21.58 30.97 -39.01
C THR H 227 -20.15 31.24 -38.59
N LEU H 228 -19.38 31.87 -39.48
CA LEU H 228 -18.01 32.22 -39.16
C LEU H 228 -17.98 33.37 -38.15
N MET H 229 -18.93 34.30 -38.28
CA MET H 229 -19.09 35.38 -37.31
C MET H 229 -19.49 34.82 -35.96
N LEU H 230 -20.38 33.83 -35.99
CA LEU H 230 -20.80 33.15 -34.80
C LEU H 230 -19.60 32.40 -34.19
N THR H 231 -18.73 31.88 -35.05
CA THR H 231 -17.58 31.10 -34.58
C THR H 231 -16.58 31.95 -33.81
N VAL H 232 -16.33 33.15 -34.30
CA VAL H 232 -15.43 34.05 -33.61
C VAL H 232 -15.94 34.45 -32.22
N VAL H 233 -17.25 34.66 -32.10
CA VAL H 233 -17.86 34.95 -30.80
C VAL H 233 -17.59 33.81 -29.82
N ALA H 234 -17.77 32.59 -30.30
CA ALA H 234 -17.52 31.40 -29.49
C ALA H 234 -16.07 31.31 -29.05
N TYR H 235 -15.15 31.62 -29.96
CA TYR H 235 -13.73 31.52 -29.64
C TYR H 235 -13.30 32.65 -28.71
N ALA H 236 -14.01 33.77 -28.80
CA ALA H 236 -13.73 34.90 -27.93
C ALA H 236 -13.95 34.48 -26.49
N SER H 237 -15.11 33.87 -26.22
CA SER H 237 -15.50 33.50 -24.87
C SER H 237 -14.49 32.55 -24.26
N TYR H 238 -14.14 31.51 -25.01
CA TYR H 238 -13.15 30.54 -24.57
C TYR H 238 -11.86 31.23 -24.16
N THR H 239 -11.42 32.20 -24.95
CA THR H 239 -10.24 32.98 -24.60
C THR H 239 -10.41 33.82 -23.34
N SER H 240 -11.46 34.65 -23.33
CA SER H 240 -11.66 35.62 -22.27
C SER H 240 -11.93 35.02 -20.90
N ASN H 241 -12.56 33.85 -20.86
CA ASN H 241 -12.82 33.19 -19.58
C ASN H 241 -11.53 32.71 -18.91
N ILE H 242 -10.55 32.33 -19.72
CA ILE H 242 -9.34 31.70 -19.19
C ILE H 242 -8.25 32.74 -19.02
N LEU H 243 -8.13 33.61 -20.00
CA LEU H 243 -7.18 34.71 -19.92
C LEU H 243 -7.47 35.64 -18.74
N PRO H 244 -6.40 36.22 -18.18
CA PRO H 244 -6.48 37.14 -17.05
C PRO H 244 -7.22 38.44 -17.37
N ARG H 245 -8.11 38.86 -16.46
CA ARG H 245 -8.79 40.13 -16.60
C ARG H 245 -7.75 41.24 -16.52
N LEU H 246 -7.78 42.13 -17.50
CA LEU H 246 -6.87 43.27 -17.57
C LEU H 246 -7.66 44.50 -17.93
N PRO H 247 -7.03 45.67 -17.81
CA PRO H 247 -7.72 46.87 -18.29
C PRO H 247 -7.29 47.30 -19.68
N TYR H 248 -6.57 46.43 -20.40
CA TYR H 248 -6.10 46.72 -21.76
C TYR H 248 -6.03 45.47 -22.62
N THR H 249 -5.97 45.66 -23.94
CA THR H 249 -5.93 44.54 -24.87
C THR H 249 -4.56 43.87 -24.92
N THR H 250 -4.55 42.54 -24.99
CA THR H 250 -3.31 41.81 -25.19
C THR H 250 -3.13 41.49 -26.68
N VAL H 251 -2.06 40.78 -27.00
CA VAL H 251 -1.83 40.31 -28.36
C VAL H 251 -2.93 39.38 -28.82
N ILE H 252 -3.23 38.41 -27.97
CA ILE H 252 -4.29 37.46 -28.23
C ILE H 252 -5.63 38.18 -28.37
N ASP H 253 -5.91 39.10 -27.45
CA ASP H 253 -7.12 39.92 -27.51
C ASP H 253 -7.21 40.67 -28.84
N GLN H 254 -6.06 41.17 -29.30
CA GLN H 254 -5.96 41.83 -30.58
C GLN H 254 -6.27 40.86 -31.71
N MET H 255 -5.74 39.65 -31.58
CA MET H 255 -5.94 38.62 -32.56
C MET H 255 -7.42 38.35 -32.81
N ILE H 256 -8.23 38.41 -31.76
CA ILE H 256 -9.68 38.19 -31.85
C ILE H 256 -10.35 39.27 -32.68
N ILE H 257 -9.90 40.50 -32.49
CA ILE H 257 -10.39 41.63 -33.25
C ILE H 257 -10.17 41.42 -34.74
N ALA H 258 -8.96 40.99 -35.10
CA ALA H 258 -8.63 40.71 -36.50
C ALA H 258 -9.58 39.68 -37.12
N GLY H 259 -10.06 38.75 -36.29
CA GLY H 259 -11.06 37.78 -36.73
C GLY H 259 -12.36 38.43 -37.17
N TYR H 260 -12.89 39.29 -36.30
CA TYR H 260 -14.11 40.04 -36.59
C TYR H 260 -13.98 40.89 -37.87
N GLY H 261 -12.87 41.60 -37.98
CA GLY H 261 -12.62 42.48 -39.11
C GLY H 261 -12.54 41.72 -40.40
N SER H 262 -11.82 40.61 -40.35
CA SER H 262 -11.66 39.71 -41.49
C SER H 262 -13.03 39.26 -42.00
N ILE H 263 -13.90 38.90 -41.06
CA ILE H 263 -15.22 38.41 -41.41
C ILE H 263 -16.19 39.48 -41.88
N PHE H 264 -16.31 40.57 -41.13
CA PHE H 264 -17.23 41.62 -41.49
C PHE H 264 -16.87 42.24 -42.83
N ALA H 265 -15.57 42.34 -43.12
CA ALA H 265 -15.12 42.90 -44.38
C ALA H 265 -15.54 41.98 -45.51
N ALA H 266 -15.44 40.68 -45.26
CA ALA H 266 -15.87 39.67 -46.21
C ALA H 266 -17.35 39.79 -46.52
N ILE H 267 -18.14 40.11 -45.49
CA ILE H 267 -19.59 40.30 -45.63
C ILE H 267 -19.85 41.37 -46.67
N LEU H 268 -19.14 42.49 -46.51
CA LEU H 268 -19.29 43.63 -47.42
C LEU H 268 -18.89 43.25 -48.84
N LEU H 269 -17.72 42.66 -49.02
CA LEU H 269 -17.28 42.25 -50.36
C LEU H 269 -18.31 41.34 -51.00
N ILE H 270 -18.78 40.34 -50.26
CA ILE H 270 -19.76 39.39 -50.77
C ILE H 270 -21.05 40.09 -51.20
N ILE H 271 -21.51 41.06 -50.41
CA ILE H 271 -22.61 41.92 -50.86
C ILE H 271 -22.15 42.96 -51.89
N PHE H 272 -20.96 43.54 -51.66
CA PHE H 272 -20.36 44.52 -52.59
C PHE H 272 -20.31 43.76 -53.88
N ALA H 273 -19.86 42.51 -53.82
CA ALA H 273 -19.83 41.63 -54.99
C ALA H 273 -21.10 41.75 -55.82
N HIS H 274 -22.24 41.72 -55.12
CA HIS H 274 -23.52 41.51 -55.76
C HIS H 274 -24.18 42.81 -56.21
N HIS H 275 -24.07 43.85 -55.40
CA HIS H 275 -24.86 45.03 -55.68
C HIS H 275 -24.02 46.22 -56.17
N ARG H 276 -22.72 46.03 -56.35
CA ARG H 276 -21.93 47.14 -56.90
C ARG H 276 -21.99 47.01 -58.42
N GLN H 277 -22.64 47.95 -59.11
CA GLN H 277 -23.07 47.57 -60.45
C GLN H 277 -23.09 48.61 -61.59
N ALA H 278 -23.29 48.03 -62.76
CA ALA H 278 -23.63 48.66 -64.02
C ALA H 278 -24.82 47.81 -64.49
N ASN H 279 -25.43 47.09 -63.56
CA ASN H 279 -26.16 45.85 -63.84
C ASN H 279 -27.43 45.60 -63.02
N GLY H 280 -27.12 44.95 -61.91
CA GLY H 280 -28.03 44.41 -60.94
C GLY H 280 -27.13 43.43 -60.21
N VAL H 281 -26.30 42.72 -60.98
CA VAL H 281 -25.53 41.56 -60.51
C VAL H 281 -24.09 41.38 -61.11
N GLU H 282 -23.34 42.43 -61.45
CA GLU H 282 -22.07 42.13 -62.11
C GLU H 282 -21.02 41.68 -61.12
N ASP H 283 -20.76 40.38 -61.25
CA ASP H 283 -19.52 39.81 -60.80
C ASP H 283 -18.40 40.85 -60.94
N ASP H 284 -17.62 41.06 -59.88
CA ASP H 284 -16.22 41.40 -60.11
C ASP H 284 -15.60 40.03 -60.06
N LEU H 285 -15.23 39.52 -61.22
CA LEU H 285 -14.67 38.18 -61.24
C LEU H 285 -13.42 38.13 -60.36
N LEU H 286 -12.79 39.28 -60.13
CA LEU H 286 -11.61 39.32 -59.25
C LEU H 286 -11.86 39.68 -57.79
N ILE H 287 -12.95 40.35 -57.45
CA ILE H 287 -13.17 40.57 -56.03
C ILE H 287 -13.60 39.23 -55.44
N GLN H 288 -14.30 38.41 -56.22
CA GLN H 288 -14.56 37.06 -55.78
C GLN H 288 -13.31 36.18 -56.00
N ARG H 289 -12.35 36.69 -56.79
CA ARG H 289 -11.04 36.04 -56.93
C ARG H 289 -10.13 36.64 -55.88
N CYS H 290 -10.74 37.04 -54.75
CA CYS H 290 -9.95 37.47 -53.60
C CYS H 290 -9.71 36.30 -52.67
N ARG H 291 -9.87 35.11 -53.20
CA ARG H 291 -9.61 33.92 -52.44
C ARG H 291 -8.14 33.90 -52.11
N LEU H 292 -7.34 34.34 -53.08
CA LEU H 292 -5.92 34.38 -52.91
C LEU H 292 -5.41 35.81 -52.92
N ALA H 293 -6.31 36.78 -53.08
CA ALA H 293 -5.89 38.16 -52.96
C ALA H 293 -5.50 38.39 -51.52
N PHE H 294 -6.34 39.07 -50.73
CA PHE H 294 -5.97 39.46 -49.34
C PHE H 294 -5.61 38.44 -48.23
N PRO H 295 -5.54 37.11 -48.52
CA PRO H 295 -4.76 36.42 -47.49
C PRO H 295 -3.38 37.02 -47.56
N LEU H 296 -3.05 37.55 -48.74
CA LEU H 296 -1.73 38.11 -49.00
C LEU H 296 -1.30 39.25 -48.05
N GLY H 297 -2.22 40.10 -47.57
CA GLY H 297 -1.91 41.48 -47.19
C GLY H 297 -1.95 41.73 -45.71
N PHE H 298 -2.64 40.81 -45.06
CA PHE H 298 -2.64 40.78 -43.64
C PHE H 298 -1.30 40.06 -43.32
N LEU H 299 -0.52 39.72 -44.38
CA LEU H 299 0.81 39.10 -44.15
C LEU H 299 1.60 40.15 -43.45
N ALA H 300 1.42 41.35 -43.98
CA ALA H 300 2.35 42.46 -43.83
C ALA H 300 2.00 43.27 -42.61
N ILE H 301 0.69 43.40 -42.39
CA ILE H 301 0.09 44.02 -41.22
C ILE H 301 0.52 43.26 -39.96
N GLY H 302 0.98 42.02 -40.18
CA GLY H 302 1.51 41.21 -39.10
C GLY H 302 2.84 41.77 -38.62
N CYS H 303 3.72 42.14 -39.56
CA CYS H 303 5.01 42.74 -39.24
C CYS H 303 4.86 44.23 -38.93
N VAL H 304 3.61 44.68 -38.88
CA VAL H 304 3.30 46.06 -38.48
C VAL H 304 3.50 46.22 -36.97
N LEU H 305 3.11 45.19 -36.22
CA LEU H 305 3.19 45.22 -34.77
C LEU H 305 4.62 45.09 -34.18
N VAL H 306 5.64 44.98 -35.02
CA VAL H 306 7.01 44.91 -34.50
C VAL H 306 7.60 46.27 -34.05
N ILE H 307 7.18 47.37 -34.68
CA ILE H 307 7.68 48.69 -34.29
C ILE H 307 6.54 49.56 -33.76
N PRO I 1 23.78 16.81 22.01
CA PRO I 1 23.06 16.50 20.77
C PRO I 1 21.78 15.73 21.04
N VAL I 2 20.67 16.44 21.21
CA VAL I 2 19.41 15.86 21.66
C VAL I 2 18.67 14.96 20.67
N ASP I 3 18.40 13.74 21.13
CA ASP I 3 17.66 12.75 20.38
C ASP I 3 16.15 13.06 20.39
N VAL I 4 15.58 13.26 19.20
CA VAL I 4 14.14 13.55 19.08
C VAL I 4 13.38 12.53 18.22
N SER I 5 12.42 11.85 18.84
CA SER I 5 11.54 10.96 18.11
C SER I 5 10.41 11.81 17.56
N VAL I 6 10.03 11.54 16.31
CA VAL I 6 8.93 12.26 15.70
C VAL I 6 7.91 11.30 15.15
N SER I 7 6.65 11.70 15.20
CA SER I 7 5.60 10.91 14.60
C SER I 7 4.62 11.86 13.93
N ILE I 8 4.31 11.59 12.67
CA ILE I 8 3.37 12.42 11.92
C ILE I 8 2.14 11.59 11.60
N PHE I 9 0.96 12.10 11.95
CA PHE I 9 -0.25 11.36 11.60
C PHE I 9 -0.94 12.10 10.46
N ILE I 10 -0.98 11.55 9.26
CA ILE I 10 -1.64 12.19 8.11
C ILE I 10 -3.15 11.86 8.10
N ASN I 11 -4.02 12.86 8.20
CA ASN I 11 -5.45 12.59 8.27
C ASN I 11 -6.21 12.65 6.98
N LYS I 12 -5.92 13.65 6.15
CA LYS I 12 -6.53 13.73 4.84
C LYS I 12 -5.60 14.51 3.93
N ILE I 13 -5.45 14.08 2.68
CA ILE I 13 -4.76 14.93 1.72
C ILE I 13 -5.79 15.29 0.65
N TYR I 14 -6.07 16.58 0.50
CA TYR I 14 -7.13 17.06 -0.38
C TYR I 14 -6.83 18.46 -0.89
N GLY I 15 -7.65 18.93 -1.83
CA GLY I 15 -7.56 20.31 -2.27
C GLY I 15 -6.23 20.62 -2.94
N VAL I 16 -5.92 19.88 -3.98
CA VAL I 16 -4.75 20.17 -4.80
C VAL I 16 -4.93 21.44 -5.62
N ASN I 17 -3.95 22.34 -5.55
CA ASN I 17 -3.94 23.55 -6.37
C ASN I 17 -2.95 23.42 -7.54
N THR I 18 -3.47 23.18 -8.74
CA THR I 18 -2.62 22.87 -9.89
C THR I 18 -1.66 24.00 -10.27
N LEU I 19 -2.15 25.23 -10.23
CA LEU I 19 -1.33 26.37 -10.64
C LEU I 19 -0.27 26.78 -9.64
N GLU I 20 -0.60 26.71 -8.36
CA GLU I 20 0.34 27.09 -7.32
C GLU I 20 1.33 25.97 -7.04
N GLN I 21 0.99 24.78 -7.52
CA GLN I 21 1.68 23.55 -7.16
C GLN I 21 1.68 23.44 -5.64
N THR I 22 0.48 23.17 -5.13
CA THR I 22 0.11 23.27 -3.73
C THR I 22 -1.00 22.27 -3.42
N TYR I 23 -0.92 21.61 -2.27
CA TYR I 23 -1.93 20.63 -1.87
C TYR I 23 -2.06 20.63 -0.36
N LYS I 24 -3.16 20.13 0.21
CA LYS I 24 -3.14 20.03 1.66
C LYS I 24 -3.68 18.82 2.41
N VAL I 25 -3.16 18.84 3.63
CA VAL I 25 -2.78 17.74 4.47
C VAL I 25 -3.15 18.02 5.93
N ASP I 26 -4.10 17.30 6.49
CA ASP I 26 -4.49 17.51 7.88
C ASP I 26 -3.86 16.39 8.68
N GLY I 27 -3.38 16.69 9.88
CA GLY I 27 -2.84 15.65 10.73
C GLY I 27 -2.33 16.04 12.09
N TYR I 28 -1.53 15.17 12.70
CA TYR I 28 -0.89 15.43 14.00
C TYR I 28 0.62 15.28 13.97
N ILE I 29 1.30 16.09 14.77
CA ILE I 29 2.71 15.85 15.04
C ILE I 29 2.88 15.44 16.48
N VAL I 30 3.78 14.49 16.68
CA VAL I 30 4.15 14.07 18.01
C VAL I 30 5.64 14.16 18.12
N ALA I 31 6.12 14.95 19.06
CA ALA I 31 7.55 15.11 19.26
C ALA I 31 7.91 14.62 20.63
N GLN I 32 8.98 13.86 20.73
CA GLN I 32 9.41 13.45 22.05
C GLN I 32 10.94 13.54 22.14
N TRP I 33 11.40 13.88 23.33
CA TRP I 33 12.79 14.00 23.66
C TRP I 33 12.90 13.74 25.15
N THR I 34 14.07 13.37 25.62
CA THR I 34 14.22 13.06 27.02
C THR I 34 14.99 14.20 27.64
N GLY I 35 14.41 14.80 28.67
CA GLY I 35 15.05 15.92 29.32
C GLY I 35 15.58 15.44 30.66
N LYS I 36 15.80 16.37 31.57
CA LYS I 36 16.27 16.00 32.88
C LYS I 36 15.07 15.63 33.71
N PRO I 37 15.22 14.57 34.53
CA PRO I 37 14.13 14.05 35.35
C PRO I 37 13.46 15.19 36.10
N ARG I 38 12.15 15.18 36.15
CA ARG I 38 11.42 16.31 36.68
C ARG I 38 10.54 15.80 37.79
N LYS I 39 10.11 16.70 38.66
CA LYS I 39 9.18 16.26 39.69
C LYS I 39 7.76 16.73 39.34
N THR I 40 6.88 15.76 39.16
CA THR I 40 5.49 16.01 38.80
C THR I 40 4.68 15.78 40.07
N PRO I 41 3.42 16.23 40.11
CA PRO I 41 2.56 15.82 41.22
C PRO I 41 2.57 14.29 41.41
N GLY I 42 2.92 13.81 42.61
CA GLY I 42 3.12 12.38 42.83
C GLY I 42 4.35 11.81 42.17
N ASP I 43 4.16 11.13 41.06
CA ASP I 43 5.24 10.67 40.19
C ASP I 43 4.53 10.41 38.87
N LYS I 44 3.26 10.82 38.88
CA LYS I 44 2.36 10.73 37.76
C LYS I 44 2.85 11.55 36.57
N PRO I 45 2.46 11.13 35.35
CA PRO I 45 2.82 11.99 34.22
C PRO I 45 2.05 13.30 34.35
N LEU I 46 2.64 14.42 33.94
CA LEU I 46 1.93 15.68 34.03
C LEU I 46 1.51 16.14 32.63
N ILE I 47 0.23 16.44 32.46
CA ILE I 47 -0.27 16.82 31.15
C ILE I 47 -0.60 18.31 31.13
N VAL I 48 -0.16 19.00 30.07
CA VAL I 48 -0.40 20.44 29.94
C VAL I 48 -1.04 20.76 28.59
N GLU I 49 -2.25 21.29 28.61
CA GLU I 49 -2.98 21.57 27.38
C GLU I 49 -2.95 23.05 26.99
N ASN I 50 -2.89 23.30 25.68
CA ASN I 50 -3.02 24.62 25.05
C ASN I 50 -2.41 25.79 25.78
N THR I 51 -3.28 26.62 26.33
CA THR I 51 -2.89 27.88 26.96
C THR I 51 -1.71 27.78 27.93
N GLN I 52 -1.73 26.78 28.83
CA GLN I 52 -0.78 26.71 29.93
C GLN I 52 0.62 26.29 29.56
N ILE I 53 0.79 25.88 28.30
CA ILE I 53 2.05 25.47 27.76
C ILE I 53 3.01 26.65 27.59
N GLU I 54 2.47 27.75 27.08
CA GLU I 54 3.26 28.95 26.87
C GLU I 54 3.90 29.40 28.18
N ARG I 55 3.14 29.34 29.27
CA ARG I 55 3.69 29.70 30.56
C ARG I 55 4.70 28.68 31.10
N TRP I 56 4.59 27.42 30.67
CA TRP I 56 5.59 26.40 31.06
C TRP I 56 6.93 26.72 30.42
N ILE I 57 6.88 27.32 29.23
CA ILE I 57 8.07 27.75 28.53
C ILE I 57 8.63 28.97 29.27
N ASN I 58 7.72 29.84 29.72
CA ASN I 58 8.08 31.03 30.50
C ASN I 58 8.86 30.70 31.78
N ASN I 59 8.62 29.51 32.34
CA ASN I 59 9.38 29.09 33.52
C ASN I 59 10.62 28.30 33.13
N GLY I 60 10.95 28.34 31.84
CA GLY I 60 12.22 27.78 31.37
C GLY I 60 12.14 26.42 30.70
N LEU I 61 10.96 26.04 30.21
CA LEU I 61 10.84 24.79 29.49
C LEU I 61 11.28 24.92 28.06
N TRP I 62 12.18 24.05 27.65
CA TRP I 62 12.68 24.04 26.29
C TRP I 62 11.81 23.20 25.36
N VAL I 63 11.02 23.87 24.54
CA VAL I 63 10.29 23.20 23.48
C VAL I 63 10.70 23.81 22.16
N PRO I 64 11.51 23.10 21.39
CA PRO I 64 12.12 23.60 20.15
C PRO I 64 11.10 23.81 19.04
N ALA I 65 11.31 24.88 18.28
CA ALA I 65 10.44 25.17 17.15
C ALA I 65 10.84 24.27 16.01
N LEU I 66 9.89 23.42 15.63
CA LEU I 66 10.04 22.49 14.54
C LEU I 66 9.29 23.01 13.32
N GLU I 67 10.03 23.38 12.28
CA GLU I 67 9.48 24.03 11.09
C GLU I 67 9.24 23.08 9.90
N PHE I 68 8.08 23.19 9.28
CA PHE I 68 7.81 22.50 8.03
C PHE I 68 8.42 23.25 6.85
N ILE I 69 9.53 22.75 6.30
CA ILE I 69 10.27 23.46 5.26
C ILE I 69 9.38 23.84 4.08
N ASN I 70 8.53 22.92 3.65
CA ASN I 70 7.76 23.13 2.43
C ASN I 70 6.32 23.55 2.68
N VAL I 71 6.06 24.13 3.85
CA VAL I 71 4.74 24.70 4.11
C VAL I 71 4.64 26.14 3.53
N VAL I 72 3.45 26.51 3.06
CA VAL I 72 3.22 27.85 2.55
C VAL I 72 2.49 28.70 3.58
N GLY I 73 3.22 29.60 4.24
CA GLY I 73 2.63 30.38 5.31
C GLY I 73 2.50 29.54 6.57
N SER I 74 1.91 30.11 7.60
CA SER I 74 1.75 29.35 8.84
C SER I 74 0.52 28.43 8.76
N PRO I 75 0.67 27.23 9.31
CA PRO I 75 -0.37 26.20 9.35
C PRO I 75 -1.39 26.48 10.44
N ASP I 76 -2.63 26.05 10.23
CA ASP I 76 -3.67 26.16 11.24
C ASP I 76 -3.37 25.15 12.34
N THR I 77 -2.95 25.69 13.49
CA THR I 77 -2.52 24.85 14.60
C THR I 77 -3.71 24.63 15.50
N GLY I 78 -4.02 23.35 15.75
CA GLY I 78 -5.16 23.00 16.59
C GLY I 78 -4.81 23.01 18.06
N ASN I 79 -5.22 21.97 18.80
CA ASN I 79 -4.91 21.88 20.23
C ASN I 79 -3.51 21.35 20.46
N LYS I 80 -2.85 21.86 21.49
CA LYS I 80 -1.53 21.36 21.72
C LYS I 80 -1.47 20.77 23.14
N ARG I 81 -0.67 19.73 23.33
CA ARG I 81 -0.55 18.99 24.58
C ARG I 81 0.90 18.73 24.92
N LEU I 82 1.28 19.10 26.14
CA LEU I 82 2.55 18.68 26.66
C LEU I 82 2.35 17.55 27.65
N MET I 83 2.98 16.40 27.38
CA MET I 83 2.98 15.34 28.36
C MET I 83 4.40 15.28 28.92
N LEU I 84 4.53 15.70 30.17
CA LEU I 84 5.84 15.78 30.81
C LEU I 84 6.03 14.58 31.70
N PHE I 85 7.06 13.81 31.43
CA PHE I 85 7.26 12.61 32.19
C PHE I 85 8.18 12.80 33.38
N PRO I 86 7.96 12.01 34.43
CA PRO I 86 8.73 12.16 35.67
C PRO I 86 10.17 11.76 35.49
N ASP I 87 10.41 10.76 34.65
CA ASP I 87 11.75 10.28 34.36
C ASP I 87 12.52 11.30 33.52
N GLY I 88 11.83 12.32 33.04
CA GLY I 88 12.47 13.38 32.28
C GLY I 88 11.91 13.62 30.90
N ARG I 89 11.60 12.54 30.19
CA ARG I 89 11.19 12.65 28.80
C ARG I 89 9.91 13.48 28.66
N VAL I 90 9.77 14.12 27.49
CA VAL I 90 8.68 15.05 27.24
C VAL I 90 8.06 14.75 25.89
N ILE I 91 6.74 14.82 25.81
CA ILE I 91 6.03 14.55 24.56
C ILE I 91 5.23 15.75 24.06
N TYR I 92 5.60 16.25 22.89
CA TYR I 92 4.88 17.37 22.30
C TYR I 92 3.84 16.82 21.33
N ASN I 93 2.64 17.39 21.40
CA ASN I 93 1.52 16.95 20.59
C ASN I 93 0.74 18.12 20.03
N ALA I 94 0.57 18.13 18.73
CA ALA I 94 -0.17 19.19 18.08
C ALA I 94 -0.87 18.70 16.84
N ARG I 95 -2.10 19.15 16.65
CA ARG I 95 -2.81 18.92 15.41
C ARG I 95 -2.54 20.11 14.45
N PHE I 96 -2.45 19.85 13.15
CA PHE I 96 -2.13 20.91 12.21
C PHE I 96 -2.82 20.81 10.85
N LEU I 97 -3.12 21.97 10.27
CA LEU I 97 -3.58 22.08 8.88
C LEU I 97 -3.07 23.37 8.25
N GLY I 98 -2.26 23.32 7.20
CA GLY I 98 -1.79 24.53 6.54
C GLY I 98 -1.01 24.24 5.28
N SER I 99 -1.51 24.73 4.14
CA SER I 99 -0.92 24.54 2.80
C SER I 99 0.54 24.15 2.62
N PHE I 100 0.77 23.00 1.99
CA PHE I 100 2.12 22.56 1.62
C PHE I 100 2.39 22.54 0.10
N SER I 101 3.66 22.74 -0.25
CA SER I 101 4.11 22.84 -1.63
C SER I 101 5.11 21.75 -2.03
N ASN I 102 5.10 21.43 -3.33
CA ASN I 102 6.08 20.53 -3.94
C ASN I 102 5.99 20.64 -5.46
N ASP I 103 7.09 20.34 -6.14
CA ASP I 103 7.11 20.30 -7.59
C ASP I 103 6.10 19.28 -8.08
N MET I 104 5.20 19.73 -8.97
CA MET I 104 4.15 18.86 -9.49
C MET I 104 4.00 18.98 -11.01
N ASP I 105 4.39 17.93 -11.71
CA ASP I 105 4.29 17.88 -13.16
C ASP I 105 2.90 17.38 -13.52
N PHE I 106 2.16 18.16 -14.31
CA PHE I 106 0.80 17.80 -14.67
C PHE I 106 0.61 17.59 -16.17
N ARG I 107 1.70 17.45 -16.91
CA ARG I 107 1.61 17.44 -18.38
C ARG I 107 0.75 16.33 -18.93
N LEU I 108 0.88 15.15 -18.37
CA LEU I 108 0.21 14.00 -18.93
C LEU I 108 -1.17 13.75 -18.30
N PHE I 109 -1.71 14.84 -17.74
CA PHE I 109 -3.06 14.91 -17.21
C PHE I 109 -4.02 14.44 -18.30
N PRO I 110 -5.07 13.69 -17.93
CA PRO I 110 -5.48 13.32 -16.57
C PRO I 110 -4.89 12.02 -16.09
N PHE I 111 -3.66 11.73 -16.47
CA PHE I 111 -3.08 10.45 -16.10
C PHE I 111 -1.88 10.66 -15.18
N ASP I 112 -1.77 11.86 -14.59
CA ASP I 112 -0.55 12.25 -13.86
C ASP I 112 -0.32 11.43 -12.60
N ARG I 113 0.96 11.26 -12.28
CA ARG I 113 1.35 10.68 -11.01
C ARG I 113 2.11 11.73 -10.22
N GLN I 114 1.77 11.81 -8.94
CA GLN I 114 2.38 12.79 -8.05
C GLN I 114 2.92 12.15 -6.79
N GLN I 115 3.72 12.91 -6.05
CA GLN I 115 4.09 12.50 -4.71
C GLN I 115 3.98 13.70 -3.80
N PHE I 116 3.17 13.55 -2.75
CA PHE I 116 2.96 14.55 -1.72
C PHE I 116 4.08 14.50 -0.71
N VAL I 117 4.65 15.66 -0.40
CA VAL I 117 5.85 15.70 0.41
C VAL I 117 5.68 16.57 1.65
N LEU I 118 6.20 16.08 2.77
CA LEU I 118 6.37 16.87 4.00
C LEU I 118 7.82 16.88 4.44
N GLU I 119 8.35 18.06 4.74
CA GLU I 119 9.70 18.12 5.29
C GLU I 119 9.76 18.99 6.54
N LEU I 120 10.26 18.38 7.61
CA LEU I 120 10.32 18.98 8.92
C LEU I 120 11.80 19.20 9.29
N GLU I 121 12.09 20.40 9.80
CA GLU I 121 13.47 20.79 10.10
C GLU I 121 13.48 21.90 11.13
N PRO I 122 14.27 21.73 12.19
CA PRO I 122 14.39 22.72 13.28
C PRO I 122 14.60 24.15 12.77
N PHE I 123 14.05 25.12 13.50
CA PHE I 123 14.15 26.50 13.05
C PHE I 123 15.45 27.10 13.58
N SER I 124 15.90 26.63 14.75
CA SER I 124 17.03 27.29 15.39
C SER I 124 18.13 26.35 15.83
N TYR I 125 17.90 25.05 15.72
CA TYR I 125 18.85 24.10 16.26
C TYR I 125 19.43 23.13 15.24
N ASN I 126 20.75 23.19 15.07
CA ASN I 126 21.40 22.26 14.18
C ASN I 126 21.49 20.91 14.88
N ASN I 127 21.98 19.89 14.18
CA ASN I 127 21.95 18.51 14.66
C ASN I 127 22.86 18.25 15.84
N GLN I 128 23.93 19.05 15.96
CA GLN I 128 24.83 18.88 17.07
C GLN I 128 24.12 19.31 18.32
N GLN I 129 23.04 20.07 18.11
CA GLN I 129 22.16 20.51 19.18
C GLN I 129 20.90 19.63 19.19
N LEU I 130 20.22 19.54 18.04
CA LEU I 130 19.01 18.74 17.93
C LEU I 130 19.08 17.81 16.71
N ARG I 131 18.98 16.51 16.97
CA ARG I 131 19.12 15.51 15.91
C ARG I 131 17.88 14.63 15.90
N PHE I 132 17.43 14.24 14.71
CA PHE I 132 16.24 13.42 14.59
C PHE I 132 16.59 11.94 14.74
N SER I 133 16.17 11.33 15.85
CA SER I 133 16.56 9.96 16.15
C SER I 133 15.79 8.97 15.27
N ASP I 134 14.49 9.17 15.15
CA ASP I 134 13.66 8.27 14.34
C ASP I 134 12.34 8.92 14.00
N ILE I 135 11.64 8.30 13.07
CA ILE I 135 10.33 8.77 12.65
C ILE I 135 9.40 7.70 12.12
N GLN I 136 8.21 7.59 12.70
CA GLN I 136 7.17 6.82 12.04
C GLN I 136 6.06 7.76 11.54
N VAL I 137 5.49 7.41 10.39
CA VAL I 137 4.38 8.18 9.83
C VAL I 137 3.16 7.28 9.62
N TYR I 138 2.04 7.68 10.22
CA TYR I 138 0.83 6.87 10.17
C TYR I 138 -0.19 7.39 9.18
N THR I 139 -0.34 6.66 8.10
CA THR I 139 -1.32 6.97 7.07
C THR I 139 -2.65 6.24 7.28
N GLU I 140 -3.61 6.88 7.94
CA GLU I 140 -4.87 6.21 8.23
C GLU I 140 -5.71 5.97 6.96
N ASN I 141 -5.08 5.40 5.94
CA ASN I 141 -5.73 5.19 4.66
C ASN I 141 -5.70 3.72 4.25
N ALA I 142 -6.66 3.32 3.42
CA ALA I 142 -6.73 1.97 2.86
C ALA I 142 -7.87 1.87 1.84
N ASP I 143 -7.49 1.66 0.58
CA ASP I 143 -8.39 1.31 -0.52
C ASP I 143 -9.46 2.42 -0.75
N ASN I 144 -10.74 2.05 -0.81
CA ASN I 144 -11.85 2.96 -1.13
C ASN I 144 -11.51 3.87 -2.31
N GLU I 145 -10.78 3.31 -3.26
CA GLU I 145 -10.18 4.07 -4.35
C GLU I 145 -11.09 4.69 -5.43
N GLU I 146 -11.92 3.88 -6.08
CA GLU I 146 -12.69 4.36 -7.23
C GLU I 146 -13.75 5.43 -6.93
N ILE I 147 -13.87 5.85 -5.67
CA ILE I 147 -14.74 6.96 -5.32
C ILE I 147 -13.84 8.17 -5.09
N ASP I 148 -12.57 7.90 -4.77
CA ASP I 148 -11.63 8.94 -4.40
C ASP I 148 -10.90 9.51 -5.61
N GLU I 149 -10.49 10.77 -5.48
CA GLU I 149 -9.80 11.51 -6.52
C GLU I 149 -8.42 10.90 -6.72
N TRP I 150 -7.80 10.51 -5.61
CA TRP I 150 -6.43 10.00 -5.62
C TRP I 150 -6.28 8.59 -5.11
N TRP I 151 -5.46 7.79 -5.81
CA TRP I 151 -5.15 6.44 -5.35
C TRP I 151 -3.74 6.45 -4.77
N ILE I 152 -3.63 6.42 -3.44
CA ILE I 152 -2.35 6.20 -2.80
C ILE I 152 -1.89 4.79 -3.16
N ARG I 153 -0.62 4.61 -3.50
CA ARG I 153 -0.14 3.28 -3.84
C ARG I 153 0.85 2.77 -2.82
N GLY I 154 1.77 3.63 -2.38
CA GLY I 154 2.66 3.27 -1.30
C GLY I 154 2.07 3.46 0.07
N LYS I 155 2.91 3.29 1.07
CA LYS I 155 2.61 3.69 2.43
C LYS I 155 3.62 4.81 2.62
N ALA I 156 3.59 5.51 3.75
CA ALA I 156 4.54 6.57 4.01
C ALA I 156 5.98 6.13 3.77
N SER I 157 6.71 6.90 2.97
CA SER I 157 8.15 6.69 2.78
C SER I 157 8.92 7.74 3.60
N THR I 158 10.17 7.46 3.91
CA THR I 158 10.89 8.28 4.87
C THR I 158 12.38 8.39 4.61
N HIS I 159 12.90 9.60 4.81
CA HIS I 159 14.31 9.87 4.65
C HIS I 159 14.76 10.99 5.59
N ILE I 160 15.47 10.62 6.65
CA ILE I 160 16.16 11.57 7.52
C ILE I 160 17.55 11.81 6.97
N SER I 161 17.86 13.08 6.74
CA SER I 161 19.15 13.43 6.18
C SER I 161 19.64 14.66 6.91
N ASP I 162 20.89 15.01 6.69
CA ASP I 162 21.42 16.22 7.26
C ASP I 162 21.61 17.18 6.11
N ILE I 163 21.09 18.39 6.28
CA ILE I 163 21.12 19.40 5.23
C ILE I 163 22.20 20.38 5.63
N ARG I 164 23.16 20.64 4.74
CA ARG I 164 24.17 21.59 5.12
C ARG I 164 24.04 22.83 4.25
N TYR I 165 24.16 23.97 4.92
CA TYR I 165 24.04 25.29 4.33
C TYR I 165 25.44 25.91 4.18
N ASP I 166 25.82 26.26 2.95
CA ASP I 166 27.18 26.77 2.73
C ASP I 166 27.37 28.20 3.22
N HIS I 167 26.34 29.04 3.13
CA HIS I 167 26.47 30.44 3.54
C HIS I 167 25.38 30.80 4.54
N LEU I 168 25.79 31.24 5.72
CA LEU I 168 24.88 31.51 6.83
C LEU I 168 25.04 32.90 7.46
N SER I 169 24.61 33.00 8.72
CA SER I 169 24.98 34.09 9.64
C SER I 169 26.51 34.19 9.71
N SER I 170 27.11 34.53 10.85
CA SER I 170 28.48 34.04 10.98
C SER I 170 28.67 33.26 12.29
N VAL I 171 28.00 32.10 12.38
CA VAL I 171 28.35 31.05 13.31
C VAL I 171 29.43 30.28 12.59
N GLN I 172 30.50 29.93 13.30
CA GLN I 172 31.58 29.39 12.51
C GLN I 172 31.77 27.89 12.63
N PRO I 173 31.84 27.31 13.85
CA PRO I 173 32.33 25.92 13.91
C PRO I 173 31.81 24.97 12.85
N ASN I 174 30.51 24.69 12.89
CA ASN I 174 29.97 23.42 12.42
C ASN I 174 28.43 23.42 12.46
N GLN I 175 27.87 24.61 12.71
CA GLN I 175 26.43 24.85 12.75
C GLN I 175 25.80 25.14 11.39
N ASN I 176 25.94 24.24 10.43
CA ASN I 176 25.38 24.47 9.11
C ASN I 176 24.63 23.23 8.67
N GLU I 177 24.60 22.27 9.56
CA GLU I 177 24.02 20.97 9.30
C GLU I 177 22.75 20.83 10.16
N PHE I 178 21.60 20.82 9.51
CA PHE I 178 20.35 20.64 10.25
C PHE I 178 19.77 19.27 9.94
N SER I 179 19.20 18.60 10.94
CA SER I 179 18.65 17.28 10.66
C SER I 179 17.25 17.49 10.12
N ARG I 180 16.95 16.84 9.00
CA ARG I 180 15.69 17.06 8.32
C ARG I 180 14.94 15.77 8.04
N ILE I 181 13.68 15.75 8.44
CA ILE I 181 12.82 14.65 8.07
C ILE I 181 12.06 14.97 6.80
N THR I 182 12.11 14.06 5.83
CA THR I 182 11.33 14.22 4.62
C THR I 182 10.40 13.02 4.44
N VAL I 183 9.10 13.27 4.37
CA VAL I 183 8.14 12.18 4.18
C VAL I 183 7.41 12.29 2.85
N ARG I 184 7.44 11.22 2.06
CA ARG I 184 6.80 11.22 0.74
C ARG I 184 5.72 10.16 0.63
N ILE I 185 4.65 10.53 -0.07
CA ILE I 185 3.48 9.68 -0.27
C ILE I 185 3.18 9.59 -1.76
N ASP I 186 3.28 8.38 -2.31
CA ASP I 186 3.11 8.19 -3.75
C ASP I 186 1.63 8.13 -4.07
N ALA I 187 1.19 8.86 -5.10
CA ALA I 187 -0.24 8.91 -5.43
C ALA I 187 -0.52 9.02 -6.93
N VAL I 188 -1.60 8.40 -7.38
CA VAL I 188 -1.98 8.40 -8.80
C VAL I 188 -3.38 8.96 -9.02
N ARG I 189 -3.58 9.75 -10.08
CA ARG I 189 -4.91 10.30 -10.30
C ARG I 189 -5.82 9.25 -10.90
N ASN I 190 -7.05 9.19 -10.39
CA ASN I 190 -8.08 8.32 -10.92
C ASN I 190 -8.63 8.91 -12.22
N PRO I 191 -8.24 8.32 -13.37
CA PRO I 191 -8.52 8.94 -14.66
C PRO I 191 -9.90 8.64 -15.20
N SER I 192 -10.67 7.83 -14.47
CA SER I 192 -11.98 7.37 -14.92
C SER I 192 -12.89 8.50 -15.41
N TYR I 193 -13.04 9.51 -14.58
CA TYR I 193 -14.00 10.59 -14.84
C TYR I 193 -13.62 11.37 -16.09
N TYR I 194 -12.34 11.67 -16.23
CA TYR I 194 -11.90 12.47 -17.38
C TYR I 194 -11.92 11.63 -18.64
N LEU I 195 -11.73 10.34 -18.47
CA LEU I 195 -11.74 9.45 -19.61
C LEU I 195 -13.13 9.31 -20.19
N TRP I 196 -14.07 8.87 -19.34
CA TRP I 196 -15.38 8.45 -19.84
C TRP I 196 -16.29 9.65 -20.15
N SER I 197 -16.14 10.74 -19.42
CA SER I 197 -17.03 11.89 -19.65
C SER I 197 -16.38 13.03 -20.45
N PHE I 198 -15.08 12.97 -20.68
CA PHE I 198 -14.41 14.03 -21.45
C PHE I 198 -13.73 13.53 -22.73
N ILE I 199 -12.84 12.55 -22.61
CA ILE I 199 -12.13 12.08 -23.78
C ILE I 199 -13.13 11.55 -24.81
N LEU I 200 -14.07 10.74 -24.33
CA LEU I 200 -15.05 10.05 -25.19
C LEU I 200 -15.87 10.97 -26.09
N PRO I 201 -16.54 12.00 -25.53
CA PRO I 201 -17.31 12.83 -26.45
C PRO I 201 -16.44 13.58 -27.45
N LEU I 202 -15.23 13.98 -27.03
CA LEU I 202 -14.29 14.65 -27.91
C LEU I 202 -14.11 13.79 -29.14
N GLY I 203 -13.86 12.50 -28.90
CA GLY I 203 -13.69 11.52 -29.96
C GLY I 203 -14.89 11.42 -30.89
N LEU I 204 -16.09 11.41 -30.31
CA LEU I 204 -17.31 11.28 -31.11
C LEU I 204 -17.45 12.47 -32.06
N ILE I 205 -17.02 13.64 -31.59
CA ILE I 205 -17.03 14.82 -32.44
C ILE I 205 -16.08 14.61 -33.62
N ILE I 206 -14.84 14.23 -33.33
CA ILE I 206 -13.84 14.02 -34.36
C ILE I 206 -14.31 12.92 -35.31
N ALA I 207 -15.02 11.94 -34.77
CA ALA I 207 -15.64 10.91 -35.59
C ALA I 207 -16.65 11.54 -36.53
N ALA I 208 -17.64 12.25 -35.97
CA ALA I 208 -18.63 12.91 -36.80
C ALA I 208 -17.96 13.96 -37.68
N SER I 209 -16.79 14.43 -37.25
CA SER I 209 -15.98 15.32 -38.07
C SER I 209 -15.64 14.61 -39.37
N TRP I 210 -15.25 13.35 -39.24
CA TRP I 210 -14.88 12.55 -40.39
C TRP I 210 -16.11 12.18 -41.21
N SER I 211 -17.29 12.28 -40.60
CA SER I 211 -18.53 11.86 -41.25
C SER I 211 -18.98 12.89 -42.29
N VAL I 212 -18.14 13.89 -42.51
CA VAL I 212 -18.39 14.89 -43.55
C VAL I 212 -18.12 14.32 -44.95
N PHE I 213 -17.28 13.31 -45.03
CA PHE I 213 -16.89 12.76 -46.33
C PHE I 213 -17.94 11.80 -46.90
N TRP I 214 -18.86 11.35 -46.05
CA TRP I 214 -19.98 10.53 -46.52
C TRP I 214 -21.14 11.42 -47.01
N LEU I 215 -20.86 12.72 -47.13
CA LEU I 215 -21.75 13.65 -47.82
C LEU I 215 -21.46 13.66 -49.32
N GLU I 216 -22.50 13.77 -50.13
CA GLU I 216 -22.35 13.69 -51.59
C GLU I 216 -21.99 15.02 -52.30
N SER I 217 -22.79 16.06 -52.10
CA SER I 217 -22.58 17.36 -52.77
C SER I 217 -21.45 18.19 -52.18
N PHE I 218 -20.94 19.18 -52.93
CA PHE I 218 -19.84 20.02 -52.43
C PHE I 218 -20.21 21.17 -51.49
N SER I 219 -21.25 21.93 -51.83
CA SER I 219 -21.61 23.09 -51.00
C SER I 219 -21.84 22.68 -49.56
N GLU I 220 -22.57 21.57 -49.40
CA GLU I 220 -22.69 20.96 -48.09
C GLU I 220 -21.35 20.44 -47.56
N ARG I 221 -20.43 19.95 -48.40
CA ARG I 221 -19.16 19.47 -47.85
C ARG I 221 -18.48 20.55 -47.09
N LEU I 222 -18.51 21.74 -47.68
CA LEU I 222 -17.75 22.84 -47.15
C LEU I 222 -18.48 23.53 -46.02
N GLN I 223 -19.75 23.84 -46.25
CA GLN I 223 -20.57 24.53 -45.26
C GLN I 223 -20.79 23.71 -43.98
N THR I 224 -20.99 22.41 -44.11
CA THR I 224 -21.14 21.57 -42.93
C THR I 224 -19.85 21.66 -42.13
N SER I 225 -18.72 21.63 -42.83
CA SER I 225 -17.42 21.61 -42.16
C SER I 225 -17.13 22.86 -41.32
N PHE I 226 -17.84 23.95 -41.58
CA PHE I 226 -17.74 25.15 -40.75
C PHE I 226 -18.50 25.01 -39.44
N THR I 227 -19.64 24.31 -39.50
CA THR I 227 -20.45 24.01 -38.32
C THR I 227 -19.71 23.11 -37.32
N LEU I 228 -18.93 22.18 -37.86
CA LEU I 228 -18.09 21.33 -37.05
C LEU I 228 -16.92 22.12 -36.50
N MET I 229 -16.48 23.11 -37.27
CA MET I 229 -15.43 24.00 -36.82
C MET I 229 -15.89 24.76 -35.59
N LEU I 230 -17.14 25.23 -35.65
CA LEU I 230 -17.83 25.91 -34.57
C LEU I 230 -18.03 25.00 -33.36
N THR I 231 -18.27 23.72 -33.63
CA THR I 231 -18.53 22.74 -32.59
C THR I 231 -17.27 22.40 -31.76
N VAL I 232 -16.13 22.22 -32.40
CA VAL I 232 -14.90 21.95 -31.65
C VAL I 232 -14.56 23.15 -30.77
N VAL I 233 -14.76 24.35 -31.32
CA VAL I 233 -14.60 25.58 -30.56
C VAL I 233 -15.55 25.55 -29.37
N ALA I 234 -16.76 25.07 -29.62
CA ALA I 234 -17.78 24.95 -28.57
C ALA I 234 -17.31 24.04 -27.45
N TYR I 235 -16.62 22.97 -27.81
CA TYR I 235 -16.11 22.01 -26.85
C TYR I 235 -14.87 22.55 -26.12
N ALA I 236 -14.11 23.40 -26.79
CA ALA I 236 -12.91 23.98 -26.21
C ALA I 236 -13.24 24.82 -24.98
N SER I 237 -14.18 25.76 -25.14
CA SER I 237 -14.58 26.66 -24.07
C SER I 237 -15.14 25.88 -22.89
N TYR I 238 -16.03 24.96 -23.23
CA TYR I 238 -16.67 24.06 -22.28
C TYR I 238 -15.68 23.24 -21.44
N THR I 239 -14.66 22.71 -22.11
CA THR I 239 -13.59 21.96 -21.46
C THR I 239 -12.76 22.78 -20.47
N SER I 240 -12.29 23.92 -20.93
CA SER I 240 -11.37 24.78 -20.18
C SER I 240 -11.94 25.37 -18.90
N ASN I 241 -13.25 25.60 -18.84
CA ASN I 241 -13.81 26.17 -17.63
C ASN I 241 -13.70 25.18 -16.47
N ILE I 242 -13.74 23.88 -16.79
CA ILE I 242 -13.78 22.81 -15.79
C ILE I 242 -12.40 22.15 -15.52
N LEU I 243 -11.65 21.88 -16.58
CA LEU I 243 -10.30 21.35 -16.44
C LEU I 243 -9.40 22.35 -15.69
N PRO I 244 -8.42 21.84 -14.93
CA PRO I 244 -7.54 22.69 -14.11
C PRO I 244 -6.67 23.60 -14.94
N ARG I 245 -6.60 24.88 -14.57
CA ARG I 245 -5.71 25.80 -15.26
C ARG I 245 -4.25 25.43 -15.00
N LEU I 246 -3.52 25.31 -16.10
CA LEU I 246 -2.13 24.91 -16.08
C LEU I 246 -1.32 25.85 -16.96
N PRO I 247 0.00 25.84 -16.78
CA PRO I 247 0.87 26.66 -17.63
C PRO I 247 1.44 25.89 -18.82
N TYR I 248 0.84 24.74 -19.12
CA TYR I 248 1.22 23.95 -20.30
C TYR I 248 0.04 23.12 -20.78
N THR I 249 0.16 22.59 -21.99
CA THR I 249 -0.93 21.80 -22.57
C THR I 249 -1.02 20.43 -21.92
N THR I 250 -2.25 19.95 -21.73
CA THR I 250 -2.47 18.62 -21.20
C THR I 250 -2.62 17.69 -22.38
N VAL I 251 -2.88 16.42 -22.09
CA VAL I 251 -3.19 15.46 -23.14
C VAL I 251 -4.48 15.85 -23.86
N ILE I 252 -5.48 16.22 -23.08
CA ILE I 252 -6.73 16.68 -23.65
C ILE I 252 -6.52 17.89 -24.55
N ASP I 253 -5.73 18.85 -24.06
CA ASP I 253 -5.46 20.07 -24.80
C ASP I 253 -5.03 19.79 -26.20
N GLN I 254 -4.11 18.83 -26.36
CA GLN I 254 -3.58 18.54 -27.68
C GLN I 254 -4.63 17.88 -28.51
N MET I 255 -5.43 17.00 -27.89
CA MET I 255 -6.52 16.29 -28.59
C MET I 255 -7.46 17.25 -29.28
N ILE I 256 -7.65 18.40 -28.66
CA ILE I 256 -8.43 19.47 -29.23
C ILE I 256 -7.71 20.01 -30.45
N ILE I 257 -6.40 20.19 -30.31
CA ILE I 257 -5.59 20.68 -31.41
C ILE I 257 -5.69 19.74 -32.61
N ALA I 258 -5.43 18.46 -32.38
CA ALA I 258 -5.55 17.44 -33.42
C ALA I 258 -6.98 17.41 -33.94
N GLY I 259 -7.92 17.75 -33.07
CA GLY I 259 -9.31 17.89 -33.44
C GLY I 259 -9.46 18.98 -34.49
N TYR I 260 -8.88 20.14 -34.21
CA TYR I 260 -8.88 21.26 -35.15
C TYR I 260 -8.22 20.88 -36.47
N GLY I 261 -7.08 20.20 -36.40
CA GLY I 261 -6.34 19.82 -37.58
C GLY I 261 -7.14 18.92 -38.50
N SER I 262 -7.81 17.93 -37.92
CA SER I 262 -8.64 17.01 -38.69
C SER I 262 -9.70 17.75 -39.51
N ILE I 263 -10.33 18.75 -38.90
CA ILE I 263 -11.33 19.50 -39.63
C ILE I 263 -10.64 20.41 -40.64
N PHE I 264 -9.58 21.08 -40.20
CA PHE I 264 -8.86 22.03 -41.06
C PHE I 264 -8.27 21.37 -42.30
N ALA I 265 -7.76 20.14 -42.14
CA ALA I 265 -7.23 19.37 -43.25
C ALA I 265 -8.34 18.91 -44.18
N ALA I 266 -9.48 18.52 -43.59
CA ALA I 266 -10.64 18.12 -44.36
C ALA I 266 -11.11 19.27 -45.25
N ILE I 267 -11.07 20.49 -44.73
CA ILE I 267 -11.42 21.67 -45.52
C ILE I 267 -10.54 21.77 -46.75
N LEU I 268 -9.24 21.65 -46.52
CA LEU I 268 -8.24 21.82 -47.58
C LEU I 268 -8.47 20.80 -48.66
N LEU I 269 -8.60 19.53 -48.29
CA LEU I 269 -8.87 18.48 -49.28
C LEU I 269 -10.21 18.73 -49.98
N ILE I 270 -11.25 19.08 -49.22
CA ILE I 270 -12.58 19.30 -49.80
C ILE I 270 -12.57 20.34 -50.92
N ILE I 271 -11.86 21.44 -50.69
CA ILE I 271 -11.68 22.46 -51.71
C ILE I 271 -10.78 21.91 -52.83
N PHE I 272 -9.71 21.22 -52.42
CA PHE I 272 -8.78 20.59 -53.35
C PHE I 272 -9.55 19.59 -54.21
N ALA I 273 -10.42 18.84 -53.54
CA ALA I 273 -11.28 17.82 -54.16
C ALA I 273 -12.16 18.37 -55.27
N HIS I 274 -12.75 19.53 -55.02
CA HIS I 274 -13.75 20.07 -55.91
C HIS I 274 -13.17 20.65 -57.19
N HIS I 275 -12.01 21.27 -57.09
CA HIS I 275 -11.45 21.98 -58.22
C HIS I 275 -10.37 21.17 -58.96
N ARG I 276 -10.10 19.95 -58.49
CA ARG I 276 -9.31 19.01 -59.28
C ARG I 276 -10.24 18.09 -60.09
N GLN I 277 -10.32 18.38 -61.39
CA GLN I 277 -11.31 17.73 -62.25
C GLN I 277 -10.87 17.75 -63.71
N ALA I 278 -11.68 17.16 -64.58
CA ALA I 278 -11.46 17.28 -66.02
C ALA I 278 -12.70 17.86 -66.70
N ASN I 279 -13.60 18.42 -65.90
CA ASN I 279 -14.82 19.06 -66.40
C ASN I 279 -15.26 20.21 -65.49
N GLY I 280 -15.38 19.93 -64.19
CA GLY I 280 -15.84 20.93 -63.24
C GLY I 280 -16.30 20.27 -61.97
N VAL I 281 -16.92 19.11 -62.15
CA VAL I 281 -17.62 18.50 -61.04
C VAL I 281 -16.88 17.30 -60.43
N GLU I 282 -16.08 16.61 -61.23
CA GLU I 282 -15.67 15.27 -60.84
C GLU I 282 -14.59 15.21 -59.75
N ASP I 283 -15.12 15.31 -58.54
CA ASP I 283 -14.64 14.67 -57.34
C ASP I 283 -13.89 13.34 -57.54
N ASP I 284 -12.62 13.29 -57.17
CA ASP I 284 -11.92 12.03 -57.13
C ASP I 284 -12.69 11.19 -56.15
N LEU I 285 -13.47 10.24 -56.63
CA LEU I 285 -14.34 9.51 -55.72
C LEU I 285 -13.50 8.81 -54.66
N LEU I 286 -12.19 8.70 -54.84
CA LEU I 286 -11.36 8.11 -53.79
C LEU I 286 -11.03 9.20 -52.75
N ILE I 287 -10.86 10.45 -53.15
CA ILE I 287 -10.60 11.45 -52.13
C ILE I 287 -11.93 11.82 -51.47
N GLN I 288 -13.06 11.65 -52.15
CA GLN I 288 -14.31 11.92 -51.45
C GLN I 288 -14.64 10.68 -50.61
N ARG I 289 -14.12 9.52 -51.03
CA ARG I 289 -14.18 8.31 -50.21
C ARG I 289 -12.86 8.11 -49.49
N CYS I 290 -12.25 9.22 -49.04
CA CYS I 290 -11.15 9.11 -48.09
C CYS I 290 -11.82 9.10 -46.71
N ARG I 291 -13.09 8.66 -46.76
CA ARG I 291 -13.93 8.37 -45.62
C ARG I 291 -13.24 7.27 -44.85
N LEU I 292 -12.54 6.43 -45.61
CA LEU I 292 -11.73 5.34 -45.06
C LEU I 292 -10.29 5.74 -44.83
N ALA I 293 -9.82 6.72 -45.57
CA ALA I 293 -8.40 7.02 -45.59
C ALA I 293 -7.88 7.58 -44.28
N PHE I 294 -8.20 8.83 -43.95
CA PHE I 294 -7.56 9.32 -42.75
C PHE I 294 -8.45 9.35 -41.49
N PRO I 295 -9.49 8.48 -41.41
CA PRO I 295 -9.82 8.27 -40.00
C PRO I 295 -8.69 7.47 -39.34
N LEU I 296 -8.15 6.50 -40.08
CA LEU I 296 -7.01 5.71 -39.64
C LEU I 296 -5.73 6.49 -39.85
N GLY I 297 -5.75 7.39 -40.83
CA GLY I 297 -4.59 8.19 -41.16
C GLY I 297 -4.45 9.23 -40.07
N PHE I 298 -5.56 9.47 -39.36
CA PHE I 298 -5.55 10.30 -38.16
C PHE I 298 -5.15 9.45 -36.96
N LEU I 299 -5.46 8.15 -37.04
CA LEU I 299 -5.08 7.22 -35.99
C LEU I 299 -3.60 6.91 -36.10
N ALA I 300 -3.07 7.02 -37.31
CA ALA I 300 -1.64 6.87 -37.51
C ALA I 300 -0.99 8.07 -36.85
N ILE I 301 -1.59 9.23 -37.07
CA ILE I 301 -1.12 10.48 -36.47
C ILE I 301 -1.19 10.40 -34.96
N GLY I 302 -2.27 9.79 -34.49
CA GLY I 302 -2.50 9.67 -33.07
C GLY I 302 -1.57 8.70 -32.38
N CYS I 303 -1.32 7.55 -33.02
CA CYS I 303 -0.51 6.53 -32.40
C CYS I 303 0.97 6.87 -32.48
N VAL I 304 1.29 7.88 -33.28
CA VAL I 304 2.64 8.39 -33.37
C VAL I 304 2.97 9.23 -32.12
N LEU I 305 1.98 9.98 -31.65
CA LEU I 305 2.18 10.91 -30.53
C LEU I 305 2.41 10.22 -29.19
N VAL I 306 2.18 8.91 -29.12
CA VAL I 306 2.43 8.20 -27.88
C VAL I 306 3.92 7.94 -27.65
N ILE I 307 4.67 7.80 -28.74
CA ILE I 307 6.10 7.52 -28.64
C ILE I 307 6.92 8.78 -28.35
N PRO J 1 -11.77 8.07 37.23
CA PRO J 1 -12.41 7.93 35.91
C PRO J 1 -13.69 8.77 35.76
N VAL J 2 -13.51 10.00 35.30
CA VAL J 2 -14.57 11.02 35.25
C VAL J 2 -15.68 10.83 34.21
N ASP J 3 -16.92 10.69 34.70
CA ASP J 3 -18.10 10.63 33.83
C ASP J 3 -18.47 12.01 33.35
N VAL J 4 -18.48 12.19 32.02
CA VAL J 4 -18.76 13.49 31.43
C VAL J 4 -20.01 13.45 30.55
N SER J 5 -21.02 14.21 30.95
CA SER J 5 -22.25 14.33 30.16
C SER J 5 -22.08 15.47 29.17
N VAL J 6 -22.50 15.22 27.93
CA VAL J 6 -22.37 16.21 26.87
C VAL J 6 -23.74 16.42 26.24
N SER J 7 -23.94 17.61 25.68
CA SER J 7 -25.13 17.90 24.91
C SER J 7 -24.73 18.76 23.71
N ILE J 8 -25.20 18.39 22.53
CA ILE J 8 -24.90 19.16 21.32
C ILE J 8 -26.16 19.78 20.75
N PHE J 9 -26.11 21.09 20.51
CA PHE J 9 -27.23 21.80 19.88
C PHE J 9 -26.94 22.12 18.42
N ILE J 10 -27.68 21.48 17.51
CA ILE J 10 -27.49 21.75 16.09
C ILE J 10 -28.38 22.89 15.60
N ASN J 11 -27.75 24.01 15.23
CA ASN J 11 -28.46 25.19 14.75
C ASN J 11 -28.51 25.33 13.23
N LYS J 12 -27.38 25.09 12.56
CA LYS J 12 -27.37 25.20 11.11
C LYS J 12 -26.34 24.26 10.48
N ILE J 13 -26.78 23.53 9.47
CA ILE J 13 -25.89 22.76 8.62
C ILE J 13 -26.09 23.28 7.21
N TYR J 14 -24.99 23.76 6.62
CA TYR J 14 -25.00 24.38 5.31
C TYR J 14 -23.62 24.25 4.70
N GLY J 15 -23.49 24.65 3.44
CA GLY J 15 -22.20 24.70 2.77
C GLY J 15 -21.52 23.38 2.49
N VAL J 16 -22.20 22.51 1.77
CA VAL J 16 -21.58 21.29 1.32
C VAL J 16 -20.49 21.59 0.28
N ASN J 17 -19.24 21.25 0.57
CA ASN J 17 -18.15 21.37 -0.42
C ASN J 17 -17.81 20.00 -0.99
N THR J 18 -18.29 19.77 -2.20
CA THR J 18 -18.30 18.44 -2.79
C THR J 18 -16.95 17.75 -3.02
N LEU J 19 -15.93 18.46 -3.48
CA LEU J 19 -14.66 17.78 -3.74
C LEU J 19 -13.92 17.49 -2.44
N GLU J 20 -14.00 18.43 -1.50
CA GLU J 20 -13.25 18.29 -0.26
C GLU J 20 -13.97 17.31 0.66
N GLN J 21 -15.20 16.97 0.27
CA GLN J 21 -16.07 16.12 1.08
C GLN J 21 -16.17 16.80 2.44
N THR J 22 -16.92 17.89 2.46
CA THR J 22 -16.92 18.89 3.53
C THR J 22 -18.28 19.60 3.67
N TYR J 23 -18.69 19.82 4.91
CA TYR J 23 -19.90 20.58 5.20
C TYR J 23 -19.63 21.30 6.52
N LYS J 24 -20.32 22.41 6.78
CA LYS J 24 -20.10 23.12 8.04
C LYS J 24 -21.33 23.19 8.92
N VAL J 25 -21.09 23.24 10.23
CA VAL J 25 -22.17 23.14 11.21
C VAL J 25 -22.01 24.15 12.36
N ASP J 26 -23.06 24.95 12.56
CA ASP J 26 -23.11 25.92 13.66
C ASP J 26 -24.03 25.43 14.78
N GLY J 27 -23.58 25.61 16.01
CA GLY J 27 -24.34 25.20 17.18
C GLY J 27 -23.62 25.49 18.48
N TYR J 28 -24.04 24.81 19.55
CA TYR J 28 -23.42 24.97 20.87
C TYR J 28 -22.98 23.61 21.43
N ILE J 29 -21.89 23.59 22.19
CA ILE J 29 -21.49 22.39 22.95
C ILE J 29 -21.70 22.57 24.44
N VAL J 30 -22.14 21.50 25.09
CA VAL J 30 -22.29 21.51 26.53
C VAL J 30 -21.59 20.31 27.18
N ALA J 31 -20.60 20.58 28.03
CA ALA J 31 -19.89 19.51 28.72
C ALA J 31 -20.09 19.70 30.20
N GLN J 32 -20.49 18.63 30.88
CA GLN J 32 -20.66 18.75 32.30
C GLN J 32 -20.12 17.53 33.04
N TRP J 33 -19.50 17.81 34.19
CA TRP J 33 -18.87 16.82 35.05
C TRP J 33 -18.85 17.39 36.45
N THR J 34 -18.60 16.55 37.44
CA THR J 34 -18.59 17.04 38.82
C THR J 34 -17.18 17.07 39.40
N GLY J 35 -16.80 18.21 39.95
CA GLY J 35 -15.48 18.35 40.54
C GLY J 35 -15.58 18.42 42.04
N LYS J 36 -14.53 18.90 42.68
CA LYS J 36 -14.52 19.03 44.15
C LYS J 36 -15.07 20.39 44.58
N PRO J 37 -15.89 20.39 45.66
CA PRO J 37 -16.65 21.53 46.22
C PRO J 37 -15.90 22.84 46.45
N ARG J 38 -16.54 23.94 46.08
CA ARG J 38 -15.91 25.26 46.17
C ARG J 38 -16.86 26.24 46.87
N LYS J 39 -16.32 27.39 47.22
CA LYS J 39 -17.07 28.45 47.85
C LYS J 39 -17.57 29.37 46.75
N THR J 40 -18.88 29.46 46.58
CA THR J 40 -19.44 30.38 45.60
C THR J 40 -20.10 31.50 46.39
N PRO J 41 -20.25 32.69 45.76
CA PRO J 41 -21.02 33.77 46.36
C PRO J 41 -22.41 33.33 46.82
N GLY J 42 -22.68 33.48 48.11
CA GLY J 42 -23.88 32.92 48.70
C GLY J 42 -23.76 31.40 48.62
N ASP J 43 -24.57 30.80 47.76
CA ASP J 43 -24.46 29.37 47.49
C ASP J 43 -25.03 29.11 46.12
N LYS J 44 -25.56 30.18 45.52
CA LYS J 44 -25.95 30.14 44.12
C LYS J 44 -24.69 30.03 43.27
N PRO J 45 -24.82 29.44 42.08
CA PRO J 45 -23.68 29.20 41.19
C PRO J 45 -22.97 30.46 40.73
N LEU J 46 -21.67 30.32 40.45
CA LEU J 46 -20.85 31.43 39.96
C LEU J 46 -20.64 31.25 38.47
N ILE J 47 -20.80 32.33 37.72
CA ILE J 47 -20.71 32.29 36.27
C ILE J 47 -19.44 32.98 35.78
N VAL J 48 -18.73 32.36 34.83
CA VAL J 48 -17.52 32.95 34.25
C VAL J 48 -17.56 32.98 32.71
N GLU J 49 -17.55 34.17 32.11
CA GLU J 49 -17.65 34.30 30.65
C GLU J 49 -16.29 34.59 29.97
N ASN J 50 -16.12 34.03 28.77
CA ASN J 50 -14.99 34.29 27.86
C ASN J 50 -13.60 34.51 28.46
N THR J 51 -13.14 35.75 28.38
CA THR J 51 -11.79 36.15 28.76
C THR J 51 -11.31 35.58 30.08
N GLN J 52 -12.18 35.61 31.09
CA GLN J 52 -11.79 35.27 32.45
C GLN J 52 -11.51 33.80 32.76
N ILE J 53 -11.82 32.93 31.81
CA ILE J 53 -11.71 31.50 32.02
C ILE J 53 -10.30 30.99 32.09
N GLU J 54 -9.51 31.47 31.16
CA GLU J 54 -8.12 31.09 31.08
C GLU J 54 -7.48 31.42 32.41
N ARG J 55 -7.93 32.53 33.00
CA ARG J 55 -7.40 33.02 34.28
C ARG J 55 -7.73 32.07 35.43
N TRP J 56 -8.87 31.40 35.33
CA TRP J 56 -9.23 30.39 36.31
C TRP J 56 -8.33 29.21 36.14
N ILE J 57 -7.94 28.99 34.90
CA ILE J 57 -7.08 27.88 34.60
C ILE J 57 -5.67 28.15 35.11
N ASN J 58 -5.14 29.37 35.04
CA ASN J 58 -3.79 29.52 35.63
C ASN J 58 -3.82 29.19 37.12
N ASN J 59 -4.96 29.40 37.78
CA ASN J 59 -5.04 29.09 39.19
C ASN J 59 -5.46 27.64 39.41
N GLY J 60 -5.41 26.84 38.34
CA GLY J 60 -5.50 25.40 38.49
C GLY J 60 -6.83 24.70 38.23
N LEU J 61 -7.71 25.31 37.45
CA LEU J 61 -8.98 24.64 37.17
C LEU J 61 -8.79 23.67 36.01
N TRP J 62 -9.23 22.43 36.23
CA TRP J 62 -9.16 21.39 35.21
C TRP J 62 -10.33 21.50 34.26
N VAL J 63 -10.09 22.02 33.07
CA VAL J 63 -11.09 21.98 32.03
C VAL J 63 -10.47 21.23 30.86
N PRO J 64 -10.90 19.98 30.67
CA PRO J 64 -10.29 19.13 29.67
C PRO J 64 -10.59 19.59 28.25
N ALA J 65 -9.57 19.55 27.40
CA ALA J 65 -9.73 19.93 26.01
C ALA J 65 -10.37 18.79 25.25
N LEU J 66 -11.54 19.04 24.68
CA LEU J 66 -12.22 18.05 23.85
C LEU J 66 -12.09 18.43 22.38
N GLU J 67 -11.46 17.57 21.60
CA GLU J 67 -11.21 17.90 20.19
C GLU J 67 -12.29 17.29 19.28
N PHE J 68 -12.77 18.07 18.32
CA PHE J 68 -13.61 17.54 17.25
C PHE J 68 -12.69 16.78 16.29
N ILE J 69 -12.79 15.46 16.30
CA ILE J 69 -11.91 14.60 15.48
C ILE J 69 -11.96 14.91 14.00
N ASN J 70 -13.16 15.09 13.46
CA ASN J 70 -13.30 15.26 12.00
C ASN J 70 -13.41 16.71 11.55
N VAL J 71 -12.90 17.64 12.36
CA VAL J 71 -12.89 19.04 11.98
C VAL J 71 -11.71 19.34 11.05
N VAL J 72 -11.92 20.28 10.12
CA VAL J 72 -10.89 20.73 9.20
C VAL J 72 -10.35 22.10 9.68
N GLY J 73 -9.16 22.10 10.30
CA GLY J 73 -8.65 23.33 10.88
C GLY J 73 -9.34 23.65 12.19
N SER J 74 -8.97 24.76 12.82
CA SER J 74 -9.57 25.12 14.09
C SER J 74 -10.93 25.75 13.86
N PRO J 75 -11.92 25.39 14.69
CA PRO J 75 -13.31 25.84 14.59
C PRO J 75 -13.48 27.26 15.13
N ASP J 76 -14.42 28.00 14.56
CA ASP J 76 -14.69 29.36 14.99
C ASP J 76 -15.43 29.32 16.31
N THR J 77 -14.74 29.75 17.37
CA THR J 77 -15.31 29.72 18.69
C THR J 77 -15.94 31.06 19.05
N GLY J 78 -17.22 31.05 19.38
CA GLY J 78 -17.93 32.26 19.76
C GLY J 78 -17.80 32.55 21.24
N ASN J 79 -18.91 32.88 21.89
CA ASN J 79 -18.84 33.13 23.33
C ASN J 79 -18.68 31.84 24.08
N LYS J 80 -17.95 31.92 25.20
CA LYS J 80 -17.74 30.78 26.06
C LYS J 80 -18.12 31.08 27.53
N ARG J 81 -18.68 30.10 28.23
CA ARG J 81 -19.15 30.27 29.61
C ARG J 81 -18.79 29.09 30.53
N LEU J 82 -18.15 29.38 31.67
CA LEU J 82 -18.03 28.35 32.71
C LEU J 82 -18.98 28.62 33.87
N MET J 83 -19.81 27.64 34.18
CA MET J 83 -20.70 27.75 35.33
C MET J 83 -20.23 26.84 36.47
N LEU J 84 -19.76 27.46 37.54
CA LEU J 84 -19.17 26.73 38.67
C LEU J 84 -20.16 26.55 39.83
N PHE J 85 -20.44 25.30 40.18
CA PHE J 85 -21.33 24.96 41.29
C PHE J 85 -20.56 24.75 42.59
N PRO J 86 -21.22 25.00 43.73
CA PRO J 86 -20.60 24.88 45.06
C PRO J 86 -20.29 23.44 45.47
N ASP J 87 -21.12 22.51 45.02
CA ASP J 87 -20.95 21.08 45.29
C ASP J 87 -19.87 20.38 44.47
N GLY J 88 -19.33 21.08 43.48
CA GLY J 88 -18.34 20.48 42.60
C GLY J 88 -18.68 20.58 41.12
N ARG J 89 -19.97 20.50 40.81
CA ARG J 89 -20.49 20.38 39.43
C ARG J 89 -19.89 21.47 38.56
N VAL J 90 -19.60 21.17 37.29
CA VAL J 90 -19.07 22.18 36.37
C VAL J 90 -19.74 22.05 35.01
N ILE J 91 -20.20 23.17 34.47
CA ILE J 91 -20.85 23.15 33.17
C ILE J 91 -20.16 24.03 32.15
N TYR J 92 -19.66 23.40 31.10
CA TYR J 92 -18.97 24.09 30.04
C TYR J 92 -19.90 24.32 28.83
N ASN J 93 -19.92 25.56 28.35
CA ASN J 93 -20.84 26.01 27.30
C ASN J 93 -20.18 26.91 26.26
N ALA J 94 -20.24 26.50 25.00
CA ALA J 94 -19.53 27.25 23.96
C ALA J 94 -20.25 27.19 22.62
N ARG J 95 -20.22 28.30 21.89
CA ARG J 95 -20.76 28.29 20.54
C ARG J 95 -19.62 27.96 19.56
N PHE J 96 -19.94 27.24 18.50
CA PHE J 96 -18.92 26.85 17.53
C PHE J 96 -19.42 26.83 16.09
N LEU J 97 -18.52 27.15 15.18
CA LEU J 97 -18.77 26.98 13.76
C LEU J 97 -17.54 26.32 13.17
N GLY J 98 -17.71 25.12 12.64
CA GLY J 98 -16.57 24.35 12.21
C GLY J 98 -16.69 23.56 10.93
N SER J 99 -15.53 23.31 10.30
CA SER J 99 -15.47 22.55 9.05
C SER J 99 -15.44 21.07 9.34
N PHE J 100 -16.46 20.34 8.90
CA PHE J 100 -16.47 18.92 9.22
C PHE J 100 -16.32 18.09 7.94
N SER J 101 -15.68 16.94 8.08
CA SER J 101 -15.36 16.08 6.94
C SER J 101 -16.04 14.74 7.08
N ASN J 102 -16.34 14.10 5.95
CA ASN J 102 -16.86 12.74 5.94
C ASN J 102 -16.84 12.18 4.51
N ASP J 103 -16.71 10.86 4.38
CA ASP J 103 -16.80 10.23 3.05
C ASP J 103 -18.14 10.51 2.40
N MET J 104 -18.08 11.01 1.17
CA MET J 104 -19.30 11.39 0.48
C MET J 104 -19.37 10.93 -0.97
N ASP J 105 -20.29 10.00 -1.20
CA ASP J 105 -20.64 9.47 -2.50
C ASP J 105 -21.70 10.38 -3.12
N PHE J 106 -21.40 10.93 -4.28
CA PHE J 106 -22.34 11.80 -4.96
C PHE J 106 -22.70 11.22 -6.32
N ARG J 107 -22.41 9.93 -6.52
CA ARG J 107 -22.63 9.32 -7.83
C ARG J 107 -24.10 9.39 -8.21
N LEU J 108 -24.96 9.31 -7.21
CA LEU J 108 -26.39 9.29 -7.46
C LEU J 108 -27.00 10.70 -7.45
N PHE J 109 -26.13 11.72 -7.56
CA PHE J 109 -26.56 13.11 -7.66
C PHE J 109 -27.49 13.27 -8.86
N PRO J 110 -28.54 14.10 -8.75
CA PRO J 110 -28.92 14.94 -7.61
C PRO J 110 -29.88 14.22 -6.69
N PHE J 111 -29.73 12.92 -6.58
CA PHE J 111 -30.62 12.13 -5.77
C PHE J 111 -29.80 11.54 -4.66
N ASP J 112 -28.60 12.08 -4.49
CA ASP J 112 -27.70 11.53 -3.50
C ASP J 112 -28.35 11.83 -2.18
N ARG J 113 -28.19 10.88 -1.29
CA ARG J 113 -28.62 11.03 0.05
C ARG J 113 -27.44 10.82 0.99
N GLN J 114 -27.04 11.84 1.73
CA GLN J 114 -25.90 11.61 2.61
C GLN J 114 -26.01 12.06 4.06
N GLN J 115 -25.07 11.59 4.87
CA GLN J 115 -25.12 11.78 6.32
C GLN J 115 -23.98 12.62 6.90
N PHE J 116 -24.39 13.68 7.60
CA PHE J 116 -23.49 14.60 8.29
C PHE J 116 -23.09 14.04 9.65
N VAL J 117 -21.80 14.01 9.96
CA VAL J 117 -21.33 13.31 11.15
C VAL J 117 -20.48 14.24 12.04
N LEU J 118 -20.63 14.17 13.36
CA LEU J 118 -19.76 14.90 14.30
C LEU J 118 -19.04 13.95 15.25
N GLU J 119 -17.75 14.13 15.46
CA GLU J 119 -17.02 13.26 16.40
C GLU J 119 -16.24 14.00 17.45
N LEU J 120 -16.51 13.71 18.71
CA LEU J 120 -15.84 14.39 19.80
C LEU J 120 -15.03 13.36 20.62
N GLU J 121 -13.82 13.72 21.00
CA GLU J 121 -12.88 12.85 21.71
C GLU J 121 -11.86 13.69 22.48
N PRO J 122 -11.64 13.37 23.76
CA PRO J 122 -10.62 14.09 24.52
C PRO J 122 -9.25 14.09 23.82
N PHE J 123 -8.52 15.18 23.97
CA PHE J 123 -7.24 15.36 23.28
C PHE J 123 -6.10 14.76 24.08
N SER J 124 -6.25 14.76 25.40
CA SER J 124 -5.14 14.41 26.27
C SER J 124 -5.51 13.40 27.35
N TYR J 125 -6.79 13.09 27.49
CA TYR J 125 -7.25 12.19 28.56
C TYR J 125 -8.00 10.96 28.05
N ASN J 126 -7.46 9.78 28.34
CA ASN J 126 -8.08 8.53 27.92
C ASN J 126 -9.29 8.23 28.79
N ASN J 127 -9.98 7.13 28.50
CA ASN J 127 -11.25 6.86 29.20
C ASN J 127 -11.12 6.59 30.70
N GLN J 128 -9.97 6.09 31.14
CA GLN J 128 -9.78 5.82 32.56
C GLN J 128 -9.60 7.14 33.29
N GLN J 129 -9.32 8.18 32.53
CA GLN J 129 -9.15 9.52 33.08
C GLN J 129 -10.44 10.32 32.82
N LEU J 130 -10.88 10.33 31.57
CA LEU J 130 -12.11 11.01 31.13
C LEU J 130 -12.99 10.13 30.23
N ARG J 131 -14.21 9.80 30.67
CA ARG J 131 -15.09 9.04 29.79
C ARG J 131 -16.50 9.65 29.73
N PHE J 132 -17.11 9.53 28.56
CA PHE J 132 -18.37 10.16 28.24
C PHE J 132 -19.53 9.31 28.73
N SER J 133 -20.29 9.84 29.69
CA SER J 133 -21.36 9.05 30.29
C SER J 133 -22.58 8.93 29.35
N ASP J 134 -23.04 10.05 28.77
CA ASP J 134 -24.21 10.04 27.88
C ASP J 134 -24.22 11.29 27.01
N ILE J 135 -25.02 11.28 25.93
CA ILE J 135 -25.07 12.42 25.01
C ILE J 135 -26.43 12.52 24.29
N GLN J 136 -27.12 13.64 24.48
CA GLN J 136 -28.31 13.97 23.67
C GLN J 136 -27.94 15.09 22.70
N VAL J 137 -28.49 15.01 21.50
CA VAL J 137 -28.25 16.01 20.46
C VAL J 137 -29.56 16.68 20.11
N TYR J 138 -29.58 18.00 20.28
CA TYR J 138 -30.84 18.70 20.11
C TYR J 138 -30.93 19.36 18.75
N THR J 139 -31.79 18.76 17.93
CA THR J 139 -32.08 19.22 16.59
C THR J 139 -33.31 20.14 16.58
N GLU J 140 -33.04 21.44 16.70
CA GLU J 140 -34.09 22.47 16.74
C GLU J 140 -34.71 22.66 15.36
N ASN J 141 -35.24 21.55 14.85
CA ASN J 141 -35.70 21.39 13.48
C ASN J 141 -37.22 21.22 13.38
N ALA J 142 -37.77 21.71 12.25
CA ALA J 142 -39.18 21.57 11.87
C ALA J 142 -39.42 22.28 10.55
N ASP J 143 -40.37 21.77 9.77
CA ASP J 143 -40.97 22.52 8.65
C ASP J 143 -39.94 22.96 7.58
N ASN J 144 -40.35 23.84 6.65
CA ASN J 144 -39.50 24.41 5.60
C ASN J 144 -38.48 23.53 4.87
N GLU J 145 -38.83 22.28 4.59
CA GLU J 145 -37.97 21.42 3.78
C GLU J 145 -38.00 21.95 2.35
N GLU J 146 -39.16 22.52 1.99
CA GLU J 146 -39.44 23.02 0.65
C GLU J 146 -38.58 24.21 0.22
N ILE J 147 -37.93 24.85 1.17
CA ILE J 147 -37.09 26.01 0.87
C ILE J 147 -35.60 25.65 0.98
N ASP J 148 -35.26 24.67 1.82
CA ASP J 148 -33.83 24.37 2.05
C ASP J 148 -33.28 23.29 1.13
N GLU J 149 -31.97 23.34 0.92
CA GLU J 149 -31.25 22.48 -0.02
C GLU J 149 -31.28 21.02 0.42
N TRP J 150 -31.27 20.81 1.74
CA TRP J 150 -31.25 19.47 2.31
C TRP J 150 -32.48 19.15 3.14
N TRP J 151 -32.98 17.94 2.98
CA TRP J 151 -34.10 17.48 3.76
C TRP J 151 -33.73 16.48 4.85
N ILE J 152 -33.68 16.94 6.09
CA ILE J 152 -33.47 16.07 7.25
C ILE J 152 -34.63 15.08 7.40
N ARG J 153 -34.31 13.80 7.62
CA ARG J 153 -35.36 12.79 7.82
C ARG J 153 -35.27 12.05 9.17
N GLY J 154 -34.07 11.73 9.64
CA GLY J 154 -33.89 11.15 10.97
C GLY J 154 -34.11 12.23 12.00
N LYS J 155 -33.79 11.97 13.27
CA LYS J 155 -33.82 13.06 14.24
C LYS J 155 -32.42 13.33 14.80
N ALA J 156 -31.73 12.26 15.20
CA ALA J 156 -30.35 12.33 15.66
C ALA J 156 -29.87 10.96 16.10
N SER J 157 -28.72 10.54 15.61
CA SER J 157 -28.14 9.29 16.09
C SER J 157 -27.04 9.59 17.09
N THR J 158 -26.72 8.59 17.90
CA THR J 158 -25.79 8.78 19.00
C THR J 158 -25.10 7.46 19.33
N HIS J 159 -23.80 7.50 19.54
CA HIS J 159 -23.07 6.29 19.92
C HIS J 159 -21.82 6.61 20.73
N ILE J 160 -21.86 6.34 22.03
CA ILE J 160 -20.64 6.47 22.81
C ILE J 160 -19.83 5.17 22.73
N SER J 161 -18.57 5.30 22.34
CA SER J 161 -17.70 4.14 22.13
C SER J 161 -16.28 4.39 22.62
N ASP J 162 -15.50 3.32 22.69
CA ASP J 162 -14.08 3.41 23.04
C ASP J 162 -13.20 2.98 21.87
N ILE J 163 -12.21 3.80 21.55
CA ILE J 163 -11.31 3.54 20.44
C ILE J 163 -9.91 3.16 20.95
N ARG J 164 -9.32 2.13 20.36
CA ARG J 164 -7.98 1.71 20.78
C ARG J 164 -6.95 2.15 19.74
N TYR J 165 -5.88 2.74 20.24
CA TYR J 165 -4.76 3.15 19.42
C TYR J 165 -3.62 2.19 19.67
N ASP J 166 -3.14 1.55 18.60
CA ASP J 166 -2.13 0.54 18.75
C ASP J 166 -0.78 1.15 19.03
N HIS J 167 -0.48 2.27 18.38
CA HIS J 167 0.76 2.94 18.73
C HIS J 167 0.45 4.40 19.03
N LEU J 168 1.18 4.90 20.00
CA LEU J 168 0.69 5.81 21.01
C LEU J 168 1.50 7.09 21.19
N SER J 169 1.57 7.47 22.46
CA SER J 169 2.63 8.32 23.00
C SER J 169 3.72 7.25 23.23
N SER J 170 4.62 7.39 24.21
CA SER J 170 5.29 6.15 24.64
C SER J 170 5.26 5.86 26.18
N VAL J 171 4.06 5.70 26.73
CA VAL J 171 3.71 4.69 27.77
C VAL J 171 2.41 4.13 27.25
N GLN J 172 2.35 2.81 27.31
CA GLN J 172 1.34 1.99 26.69
C GLN J 172 0.34 1.19 27.56
N PRO J 173 0.75 0.72 28.76
CA PRO J 173 0.02 -0.32 29.50
C PRO J 173 -1.49 -0.27 29.37
N ASN J 174 -2.13 0.84 29.75
CA ASN J 174 -3.58 0.87 29.62
C ASN J 174 -4.11 2.24 29.24
N GLN J 175 -3.20 3.10 28.80
CA GLN J 175 -3.61 4.39 28.24
C GLN J 175 -3.74 4.35 26.72
N ASN J 176 -4.57 3.46 26.22
CA ASN J 176 -4.67 3.30 24.78
C ASN J 176 -6.11 3.34 24.31
N GLU J 177 -7.03 3.56 25.23
CA GLU J 177 -8.44 3.61 24.88
C GLU J 177 -9.03 4.98 25.22
N PHE J 178 -9.46 5.72 24.19
CA PHE J 178 -10.13 7.01 24.38
C PHE J 178 -11.64 6.90 24.09
N SER J 179 -12.45 7.59 24.89
CA SER J 179 -13.91 7.56 24.74
C SER J 179 -14.39 8.60 23.73
N ARG J 180 -15.24 8.15 22.81
CA ARG J 180 -15.65 8.97 21.66
C ARG J 180 -17.16 9.14 21.45
N ILE J 181 -17.60 10.38 21.32
CA ILE J 181 -18.99 10.69 21.00
C ILE J 181 -19.21 10.70 19.50
N THR J 182 -20.19 9.95 19.03
CA THR J 182 -20.49 9.91 17.61
C THR J 182 -21.93 10.33 17.29
N VAL J 183 -22.06 11.41 16.53
CA VAL J 183 -23.37 11.91 16.15
C VAL J 183 -23.57 11.88 14.65
N ARG J 184 -24.65 11.25 14.17
CA ARG J 184 -24.90 11.19 12.73
C ARG J 184 -26.25 11.85 12.43
N ILE J 185 -26.32 12.62 11.34
CA ILE J 185 -27.54 13.33 10.97
C ILE J 185 -27.98 13.11 9.52
N ASP J 186 -29.16 12.52 9.38
CA ASP J 186 -29.69 12.10 8.09
C ASP J 186 -30.43 13.16 7.25
N ALA J 187 -30.05 13.30 5.97
CA ALA J 187 -30.69 14.26 5.04
C ALA J 187 -30.63 13.83 3.56
N VAL J 188 -31.59 14.28 2.75
CA VAL J 188 -31.62 13.96 1.32
C VAL J 188 -31.48 15.26 0.55
N ARG J 189 -30.90 15.22 -0.64
CA ARG J 189 -30.81 16.43 -1.43
C ARG J 189 -32.14 16.74 -2.05
N ASN J 190 -32.46 18.03 -2.04
CA ASN J 190 -33.67 18.55 -2.66
C ASN J 190 -33.49 18.56 -4.17
N PRO J 191 -34.12 17.57 -4.85
CA PRO J 191 -33.92 17.34 -6.28
C PRO J 191 -34.83 18.22 -7.11
N SER J 192 -35.65 19.03 -6.43
CA SER J 192 -36.66 19.85 -7.08
C SER J 192 -36.12 20.64 -8.26
N TYR J 193 -35.07 21.42 -8.03
CA TYR J 193 -34.52 22.25 -9.09
C TYR J 193 -33.86 21.43 -10.20
N TYR J 194 -33.14 20.39 -9.81
CA TYR J 194 -32.37 19.60 -10.77
C TYR J 194 -33.30 18.73 -11.62
N LEU J 195 -34.46 18.38 -11.08
CA LEU J 195 -35.46 17.60 -11.80
C LEU J 195 -36.06 18.42 -12.94
N TRP J 196 -36.59 19.59 -12.60
CA TRP J 196 -37.31 20.43 -13.56
C TRP J 196 -36.42 21.21 -14.53
N SER J 197 -35.22 21.57 -14.10
CA SER J 197 -34.32 22.37 -14.94
C SER J 197 -33.18 21.62 -15.65
N PHE J 198 -32.93 20.37 -15.27
CA PHE J 198 -31.87 19.61 -15.94
C PHE J 198 -32.45 18.38 -16.59
N ILE J 199 -33.12 17.56 -15.78
CA ILE J 199 -33.66 16.30 -16.28
C ILE J 199 -34.73 16.50 -17.36
N LEU J 200 -35.74 17.33 -17.08
CA LEU J 200 -36.84 17.55 -18.01
C LEU J 200 -36.43 18.07 -19.40
N PRO J 201 -35.67 19.19 -19.47
CA PRO J 201 -35.30 19.66 -20.80
C PRO J 201 -34.36 18.70 -21.53
N LEU J 202 -33.45 18.04 -20.80
CA LEU J 202 -32.52 17.09 -21.40
C LEU J 202 -33.35 16.06 -22.15
N GLY J 203 -34.44 15.62 -21.51
CA GLY J 203 -35.37 14.69 -22.13
C GLY J 203 -35.92 15.26 -23.42
N LEU J 204 -36.28 16.54 -23.41
CA LEU J 204 -36.81 17.22 -24.59
C LEU J 204 -35.78 17.41 -25.70
N ILE J 205 -34.52 17.63 -25.33
CA ILE J 205 -33.43 17.69 -26.32
C ILE J 205 -33.28 16.36 -27.05
N ILE J 206 -33.06 15.31 -26.27
CA ILE J 206 -32.87 13.99 -26.81
C ILE J 206 -34.13 13.53 -27.53
N ALA J 207 -35.30 13.93 -27.03
CA ALA J 207 -36.54 13.67 -27.74
C ALA J 207 -36.52 14.33 -29.12
N ALA J 208 -36.34 15.65 -29.15
CA ALA J 208 -36.28 16.38 -30.41
C ALA J 208 -35.08 15.93 -31.25
N SER J 209 -34.06 15.40 -30.58
CA SER J 209 -32.90 14.88 -31.28
C SER J 209 -33.33 13.77 -32.25
N TRP J 210 -34.15 12.85 -31.75
CA TRP J 210 -34.56 11.70 -32.55
C TRP J 210 -35.55 12.04 -33.64
N SER J 211 -36.24 13.18 -33.52
CA SER J 211 -37.28 13.51 -34.47
C SER J 211 -36.69 13.98 -35.81
N VAL J 212 -35.37 13.93 -35.90
CA VAL J 212 -34.65 14.30 -37.10
C VAL J 212 -34.90 13.28 -38.22
N PHE J 213 -35.30 12.08 -37.84
CA PHE J 213 -35.49 10.99 -38.80
C PHE J 213 -36.77 11.13 -39.62
N TRP J 214 -37.66 12.03 -39.21
CA TRP J 214 -38.85 12.32 -40.00
C TRP J 214 -38.59 13.34 -41.11
N LEU J 215 -37.32 13.63 -41.35
CA LEU J 215 -36.92 14.48 -42.48
C LEU J 215 -36.98 13.69 -43.79
N GLU J 216 -37.27 14.39 -44.87
CA GLU J 216 -37.53 13.74 -46.15
C GLU J 216 -36.24 13.32 -46.87
N SER J 217 -35.34 14.28 -47.07
CA SER J 217 -34.07 14.02 -47.74
C SER J 217 -33.05 13.30 -46.86
N PHE J 218 -31.99 12.78 -47.47
CA PHE J 218 -30.88 12.19 -46.74
C PHE J 218 -29.93 13.26 -46.19
N SER J 219 -29.61 14.23 -47.03
CA SER J 219 -28.67 15.28 -46.68
C SER J 219 -29.19 16.11 -45.51
N GLU J 220 -30.47 16.46 -45.55
CA GLU J 220 -31.10 17.21 -44.48
C GLU J 220 -30.96 16.50 -43.15
N ARG J 221 -31.19 15.19 -43.17
CA ARG J 221 -31.10 14.35 -41.99
C ARG J 221 -29.69 14.39 -41.43
N LEU J 222 -28.68 14.43 -42.28
CA LEU J 222 -27.31 14.37 -41.80
C LEU J 222 -26.77 15.70 -41.26
N GLN J 223 -26.91 16.78 -42.02
CA GLN J 223 -26.41 18.07 -41.54
C GLN J 223 -27.10 18.50 -40.28
N THR J 224 -28.40 18.23 -40.23
CA THR J 224 -29.22 18.66 -39.12
C THR J 224 -28.68 18.13 -37.82
N SER J 225 -28.28 16.87 -37.81
CA SER J 225 -27.82 16.22 -36.58
C SER J 225 -26.59 16.91 -35.99
N PHE J 226 -25.92 17.73 -36.79
CA PHE J 226 -24.78 18.50 -36.31
C PHE J 226 -25.27 19.62 -35.41
N THR J 227 -26.43 20.16 -35.75
CA THR J 227 -27.10 21.17 -34.94
C THR J 227 -27.42 20.56 -33.60
N LEU J 228 -27.80 19.29 -33.65
CA LEU J 228 -28.11 18.49 -32.47
C LEU J 228 -26.86 18.15 -31.70
N MET J 229 -25.78 17.87 -32.43
CA MET J 229 -24.50 17.61 -31.80
C MET J 229 -23.96 18.87 -31.14
N LEU J 230 -24.14 19.99 -31.83
CA LEU J 230 -23.77 21.30 -31.31
C LEU J 230 -24.67 21.65 -30.12
N THR J 231 -25.94 21.26 -30.21
CA THR J 231 -26.94 21.54 -29.17
C THR J 231 -26.65 20.86 -27.84
N VAL J 232 -26.34 19.58 -27.88
CA VAL J 232 -25.97 18.85 -26.66
C VAL J 232 -24.67 19.42 -26.08
N VAL J 233 -23.75 19.84 -26.94
CA VAL J 233 -22.53 20.49 -26.47
C VAL J 233 -22.87 21.73 -25.65
N ALA J 234 -23.79 22.54 -26.17
CA ALA J 234 -24.24 23.72 -25.46
C ALA J 234 -24.91 23.36 -24.13
N TYR J 235 -25.70 22.28 -24.16
CA TYR J 235 -26.41 21.84 -22.96
C TYR J 235 -25.43 21.26 -21.96
N ALA J 236 -24.32 20.73 -22.44
CA ALA J 236 -23.29 20.20 -21.57
C ALA J 236 -22.74 21.30 -20.67
N SER J 237 -22.34 22.42 -21.29
CA SER J 237 -21.75 23.54 -20.55
C SER J 237 -22.71 24.08 -19.49
N TYR J 238 -23.97 24.28 -19.90
CA TYR J 238 -25.03 24.74 -19.00
C TYR J 238 -25.12 23.82 -17.79
N THR J 239 -25.07 22.52 -18.01
CA THR J 239 -25.04 21.55 -16.91
C THR J 239 -23.76 21.70 -16.10
N SER J 240 -22.63 21.72 -16.80
CA SER J 240 -21.30 21.73 -16.17
C SER J 240 -21.01 22.97 -15.34
N ASN J 241 -21.62 24.09 -15.69
CA ASN J 241 -21.45 25.30 -14.92
C ASN J 241 -22.07 25.17 -13.53
N ILE J 242 -23.16 24.41 -13.44
CA ILE J 242 -24.00 24.40 -12.24
C ILE J 242 -23.70 23.27 -11.26
N LEU J 243 -23.56 22.06 -11.79
CA LEU J 243 -23.26 20.91 -10.96
C LEU J 243 -21.93 21.08 -10.25
N PRO J 244 -21.87 20.60 -9.01
CA PRO J 244 -20.66 20.72 -8.19
C PRO J 244 -19.52 19.90 -8.78
N ARG J 245 -18.33 20.48 -8.85
CA ARG J 245 -17.18 19.78 -9.40
C ARG J 245 -16.87 18.55 -8.54
N LEU J 246 -16.76 17.41 -9.22
CA LEU J 246 -16.53 16.11 -8.61
C LEU J 246 -15.45 15.33 -9.37
N PRO J 247 -14.93 14.26 -8.75
CA PRO J 247 -14.00 13.37 -9.46
C PRO J 247 -14.63 12.11 -10.05
N TYR J 248 -15.95 12.06 -10.19
CA TYR J 248 -16.64 10.91 -10.80
C TYR J 248 -17.92 11.32 -11.51
N THR J 249 -18.46 10.44 -12.36
CA THR J 249 -19.66 10.77 -13.12
C THR J 249 -20.88 10.79 -12.23
N THR J 250 -21.78 11.73 -12.51
CA THR J 250 -23.08 11.75 -11.85
C THR J 250 -24.12 11.09 -12.74
N VAL J 251 -25.36 11.05 -12.25
CA VAL J 251 -26.49 10.57 -13.03
C VAL J 251 -26.69 11.45 -14.25
N ILE J 252 -26.66 12.76 -14.01
CA ILE J 252 -26.76 13.74 -15.08
C ILE J 252 -25.63 13.56 -16.08
N ASP J 253 -24.41 13.43 -15.57
CA ASP J 253 -23.23 13.24 -16.40
C ASP J 253 -23.41 12.05 -17.34
N GLN J 254 -24.00 10.98 -16.83
CA GLN J 254 -24.29 9.82 -17.66
C GLN J 254 -25.33 10.19 -18.72
N MET J 255 -26.38 10.88 -18.32
CA MET J 255 -27.42 11.31 -19.26
C MET J 255 -26.86 12.11 -20.42
N ILE J 256 -25.87 12.94 -20.12
CA ILE J 256 -25.21 13.74 -21.15
C ILE J 256 -24.42 12.89 -22.15
N ILE J 257 -23.66 11.93 -21.66
CA ILE J 257 -22.94 11.01 -22.54
C ILE J 257 -23.96 10.31 -23.41
N ALA J 258 -25.04 9.88 -22.77
CA ALA J 258 -26.15 9.26 -23.45
C ALA J 258 -26.72 10.16 -24.53
N GLY J 259 -26.66 11.47 -24.31
CA GLY J 259 -27.04 12.44 -25.31
C GLY J 259 -26.15 12.34 -26.54
N TYR J 260 -24.83 12.40 -26.29
CA TYR J 260 -23.83 12.24 -27.34
C TYR J 260 -24.00 10.93 -28.11
N GLY J 261 -24.20 9.86 -27.36
CA GLY J 261 -24.34 8.55 -27.95
C GLY J 261 -25.57 8.48 -28.84
N SER J 262 -26.68 9.00 -28.32
CA SER J 262 -27.94 9.02 -29.06
C SER J 262 -27.82 9.71 -30.41
N ILE J 263 -27.14 10.85 -30.43
CA ILE J 263 -26.96 11.63 -31.63
C ILE J 263 -25.91 11.02 -32.56
N PHE J 264 -24.81 10.53 -31.99
CA PHE J 264 -23.77 9.88 -32.78
C PHE J 264 -24.29 8.65 -33.53
N ALA J 265 -25.22 7.94 -32.91
CA ALA J 265 -25.83 6.78 -33.56
C ALA J 265 -26.72 7.22 -34.73
N ALA J 266 -27.44 8.31 -34.55
CA ALA J 266 -28.30 8.87 -35.59
C ALA J 266 -27.47 9.22 -36.82
N ILE J 267 -26.25 9.73 -36.60
CA ILE J 267 -25.31 10.02 -37.68
C ILE J 267 -25.05 8.73 -38.44
N LEU J 268 -24.75 7.67 -37.70
CA LEU J 268 -24.46 6.37 -38.29
C LEU J 268 -25.68 5.79 -39.03
N LEU J 269 -26.84 5.82 -38.38
CA LEU J 269 -28.07 5.34 -39.00
C LEU J 269 -28.40 6.09 -40.29
N ILE J 270 -28.31 7.41 -40.25
CA ILE J 270 -28.58 8.26 -41.40
C ILE J 270 -27.63 7.99 -42.56
N ILE J 271 -26.33 7.83 -42.26
CA ILE J 271 -25.32 7.46 -43.27
C ILE J 271 -25.60 6.06 -43.77
N PHE J 272 -26.06 5.20 -42.87
CA PHE J 272 -26.39 3.84 -43.23
C PHE J 272 -27.32 3.78 -44.45
N ALA J 273 -28.38 4.60 -44.45
CA ALA J 273 -29.46 4.48 -45.42
C ALA J 273 -29.01 4.56 -46.88
N HIS J 274 -28.19 5.56 -47.17
CA HIS J 274 -27.83 5.94 -48.53
C HIS J 274 -26.79 4.99 -49.15
N HIS J 275 -25.77 4.61 -48.39
CA HIS J 275 -24.68 3.88 -49.02
C HIS J 275 -24.65 2.37 -48.83
N ARG J 276 -25.64 1.80 -48.16
CA ARG J 276 -25.94 0.38 -48.35
C ARG J 276 -26.90 0.34 -49.55
N GLN J 277 -26.53 -0.41 -50.60
CA GLN J 277 -27.43 -0.97 -51.66
C GLN J 277 -26.62 -1.28 -52.95
N ALA J 278 -27.26 -1.91 -53.96
CA ALA J 278 -26.66 -2.16 -55.29
C ALA J 278 -26.39 -1.08 -56.42
N ASN J 279 -26.39 0.23 -56.18
CA ASN J 279 -26.08 1.15 -57.30
C ASN J 279 -25.49 2.50 -56.89
N GLY J 280 -26.30 3.26 -56.21
CA GLY J 280 -25.97 4.59 -55.81
C GLY J 280 -27.09 4.91 -54.86
N VAL J 281 -28.27 4.44 -55.21
CA VAL J 281 -29.49 5.10 -54.82
C VAL J 281 -30.48 4.41 -53.83
N GLU J 282 -30.52 3.08 -53.71
CA GLU J 282 -31.60 2.44 -52.94
C GLU J 282 -31.42 2.52 -51.41
N ASP J 283 -31.91 3.61 -50.83
CA ASP J 283 -32.03 3.78 -49.38
C ASP J 283 -32.95 2.73 -48.74
N ASP J 284 -32.40 1.96 -47.80
CA ASP J 284 -33.12 0.93 -47.04
C ASP J 284 -34.32 1.52 -46.27
N LEU J 285 -35.56 1.22 -46.69
CA LEU J 285 -36.75 1.79 -46.03
C LEU J 285 -37.13 1.15 -44.67
N LEU J 286 -36.61 -0.04 -44.35
CA LEU J 286 -36.89 -0.59 -43.02
C LEU J 286 -36.34 0.25 -41.86
N ILE J 287 -35.16 0.86 -42.04
CA ILE J 287 -34.60 1.80 -41.08
C ILE J 287 -35.12 3.23 -41.02
N GLN J 288 -35.55 3.78 -42.15
CA GLN J 288 -35.88 5.20 -42.19
C GLN J 288 -37.19 5.40 -41.46
N ARG J 289 -37.84 4.27 -41.24
CA ARG J 289 -38.96 4.19 -40.33
C ARG J 289 -38.42 3.70 -38.97
N CYS J 290 -37.23 4.14 -38.58
CA CYS J 290 -36.79 3.86 -37.21
C CYS J 290 -37.27 4.96 -36.29
N ARG J 291 -38.32 5.68 -36.68
CA ARG J 291 -38.88 6.69 -35.78
C ARG J 291 -39.55 6.07 -34.56
N LEU J 292 -40.32 5.01 -34.75
CA LEU J 292 -41.10 4.46 -33.64
C LEU J 292 -40.35 3.32 -32.96
N ALA J 293 -39.20 3.03 -33.53
CA ALA J 293 -38.26 2.04 -33.02
C ALA J 293 -37.61 2.42 -31.69
N PHE J 294 -36.76 3.46 -31.69
CA PHE J 294 -35.90 3.73 -30.53
C PHE J 294 -36.26 4.80 -29.44
N PRO J 295 -37.27 5.68 -29.66
CA PRO J 295 -37.71 6.44 -28.48
C PRO J 295 -38.30 5.56 -27.37
N LEU J 296 -38.94 4.47 -27.76
CA LEU J 296 -39.55 3.53 -26.82
C LEU J 296 -38.50 2.68 -26.09
N GLY J 297 -37.36 2.48 -26.76
CA GLY J 297 -36.31 1.55 -26.36
C GLY J 297 -35.30 1.79 -25.25
N PHE J 298 -35.16 3.06 -24.80
CA PHE J 298 -34.18 3.50 -23.76
C PHE J 298 -34.47 3.28 -22.25
N LEU J 299 -35.73 3.16 -21.80
CA LEU J 299 -35.97 2.90 -20.36
C LEU J 299 -35.51 1.51 -19.93
N ALA J 300 -35.09 0.72 -20.90
CA ALA J 300 -34.39 -0.51 -20.61
C ALA J 300 -33.03 -0.12 -20.04
N ILE J 301 -32.35 0.79 -20.75
CA ILE J 301 -31.11 1.38 -20.29
C ILE J 301 -31.39 2.35 -19.13
N GLY J 302 -32.64 2.80 -19.05
CA GLY J 302 -33.05 3.72 -18.00
C GLY J 302 -33.11 3.04 -16.65
N CYS J 303 -33.65 1.83 -16.60
CA CYS J 303 -33.66 1.04 -15.38
C CYS J 303 -32.32 0.34 -15.22
N VAL J 304 -31.25 0.95 -15.70
CA VAL J 304 -29.92 0.37 -15.51
C VAL J 304 -29.43 0.54 -14.09
N LEU J 305 -29.63 1.70 -13.48
CA LEU J 305 -29.20 1.85 -12.11
C LEU J 305 -30.14 1.11 -11.15
N VAL J 306 -31.19 0.51 -11.73
CA VAL J 306 -32.07 -0.41 -11.03
C VAL J 306 -31.35 -1.77 -10.87
N ILE J 307 -30.33 -2.01 -11.69
CA ILE J 307 -29.58 -3.27 -11.59
C ILE J 307 -28.67 -3.21 -10.36
#